data_5N6U
#
_entry.id   5N6U
#
_cell.length_a   139.250
_cell.length_b   75.560
_cell.length_c   217.880
_cell.angle_alpha   90.00
_cell.angle_beta   92.52
_cell.angle_gamma   90.00
#
_symmetry.space_group_name_H-M   'P 1 21 1'
#
loop_
_entity.id
_entity.type
_entity.pdbx_description
1 polymer Beta-mannosidase
2 non-polymer beta-D-mannopyranose
3 water water
#
_entity_poly.entity_id   1
_entity_poly.type   'polypeptide(L)'
_entity_poly.pdbx_seq_one_letter_code
;MGSSHHHHHHSSGLVPRGSHMASMEILKLDGEWEFKAVKDKKWRKAKVPGCVHLDLMENGLIPDPFVGENELEVQWVEKE
DWIYRKKFQVGKEFLKYSSIYLEFEGIDTFSEIYLNGKKIGETDNMFIAWEFNVKDLLVEGENELEVRLFSPSKVLEERA
KNYPYKLHGGDYSPRVFGRKAQYSFGWDWGPRLATSGIWKSVKLKGWNKARLLDVWVPVRSLGENAQINIELDIELQESI
PVDVAFRISHKKPVLEQRLRFTLPEGRVFLKIPLTIKNPKLWFPRGYGEQNLYTLQLVLLDEKGEVLDKVEERFGIRKVE
LFTQEDNKGESFVFKINNIPVFAKGANWIPADSFLPRIKEEDYRLLLIRAKEAGVNMLRVWGGGIYENDIFYELCDELGI
MVWQDFMFACAEYPDDENFLNDVQKEAEFVIKRLRNHPSIVLWCGNNCNHWGYYAKWWGEREKFWGEEIYSRVLPDVCAR
LDLTRPYWPSSPYGGKDPNSQEVGDRHNWEVWHGWIDFNGYLKDNGRFISEFGMQAPPVAETIRKFITSEKEYYPQSREM
EFHNKAREGTERIIRYIAGHFKITEDMNEYIYLSQIIQGLALKTGIEHWRNNKFHTSGSLIWQWNDCWPVVSWSIIDYYK
KLKPSYYFVKRAFRDIKVNIEPRNGKLLVFGVNDTLEKFYGKIEYAISTFRGKRRGKKEVDIEIPANSSVILGEFNLEDV
DKFKEFFYVQLYNEKDELIDQNEYFFAPFRHLELPNAVVVYSVKEIEENSYLLNIESDFLALWVSLKLENAEWEDNFVNI
YPKTKYSIRFKAPYTLKEVESKLKLEGYNLKKVIKS
;
_entity_poly.pdbx_strand_id   A,B,C,D
#
loop_
_chem_comp.id
_chem_comp.type
_chem_comp.name
_chem_comp.formula
BMA D-saccharide, beta linking beta-D-mannopyranose 'C6 H12 O6'
#
# COMPACT_ATOMS: atom_id res chain seq x y z
N MET A 24 44.46 0.72 46.02
CA MET A 24 43.98 2.11 45.73
C MET A 24 43.05 2.62 46.84
N GLU A 25 43.25 3.87 47.25
CA GLU A 25 42.47 4.50 48.32
C GLU A 25 41.44 5.49 47.75
N ILE A 26 40.26 5.53 48.36
CA ILE A 26 39.12 6.35 47.90
C ILE A 26 38.73 7.35 48.98
N LEU A 27 39.02 8.64 48.73
CA LEU A 27 38.42 9.75 49.49
C LEU A 27 37.15 10.14 48.77
N LYS A 28 36.00 9.92 49.40
CA LYS A 28 34.73 10.21 48.74
C LYS A 28 34.12 11.53 49.21
N LEU A 29 33.75 12.36 48.23
CA LEU A 29 33.29 13.73 48.50
C LEU A 29 31.76 13.82 48.70
N ASP A 30 31.13 12.68 49.01
CA ASP A 30 29.74 12.67 49.47
C ASP A 30 29.67 13.39 50.83
N GLY A 31 28.48 13.84 51.24
CA GLY A 31 28.32 14.68 52.43
C GLY A 31 27.55 15.97 52.16
N GLU A 32 28.03 17.10 52.67
CA GLU A 32 27.37 18.38 52.40
C GLU A 32 28.22 19.26 51.47
N TRP A 33 27.55 19.91 50.51
CA TRP A 33 28.13 20.89 49.61
C TRP A 33 27.43 22.24 49.81
N GLU A 34 28.03 23.28 49.24
CA GLU A 34 27.40 24.60 49.17
C GLU A 34 26.90 24.76 47.77
N PHE A 35 25.81 25.52 47.61
CA PHE A 35 25.22 25.71 46.29
C PHE A 35 24.45 27.04 46.16
N LYS A 36 24.39 27.55 44.93
CA LYS A 36 23.61 28.76 44.65
C LYS A 36 23.20 28.83 43.19
N ALA A 37 22.22 29.70 42.89
CA ALA A 37 21.80 29.95 41.51
C ALA A 37 22.98 30.55 40.79
N VAL A 38 23.07 30.33 39.48
CA VAL A 38 24.24 30.77 38.69
C VAL A 38 24.64 32.16 39.12
N LYS A 39 23.66 33.02 39.37
CA LYS A 39 23.93 34.35 39.89
C LYS A 39 22.95 34.72 41.01
N ASP A 40 23.40 34.37 42.21
CA ASP A 40 22.87 34.85 43.47
C ASP A 40 24.11 35.04 44.34
N LYS A 41 23.94 35.71 45.48
CA LYS A 41 25.05 36.05 46.38
C LYS A 41 25.25 34.97 47.50
N LYS A 42 24.13 34.50 48.06
CA LYS A 42 24.15 33.53 49.17
C LYS A 42 24.61 32.14 48.69
N TRP A 43 25.49 31.51 49.46
CA TRP A 43 25.76 30.10 49.33
C TRP A 43 24.98 29.40 50.44
N ARG A 44 24.02 28.54 50.07
CA ARG A 44 23.27 27.76 51.05
C ARG A 44 23.79 26.30 51.12
N LYS A 45 23.39 25.58 52.17
CA LYS A 45 23.80 24.18 52.38
C LYS A 45 23.07 23.22 51.46
N ALA A 46 23.75 22.13 51.10
CA ALA A 46 23.24 21.14 50.15
C ALA A 46 23.78 19.74 50.43
N LYS A 47 23.07 18.72 49.98
CA LYS A 47 23.48 17.33 50.17
C LYS A 47 23.85 16.77 48.80
N VAL A 48 24.80 15.83 48.77
CA VAL A 48 25.61 15.62 47.56
C VAL A 48 25.13 14.62 46.57
N PRO A 49 24.74 13.40 47.01
CA PRO A 49 23.70 12.80 46.19
C PRO A 49 22.45 13.66 46.39
N GLY A 50 22.10 14.45 45.37
CA GLY A 50 21.12 15.53 45.52
C GLY A 50 20.41 15.97 44.25
N CYS A 51 19.41 16.81 44.45
CA CYS A 51 18.73 17.55 43.39
C CYS A 51 18.79 18.98 43.79
N VAL A 52 18.67 19.87 42.81
CA VAL A 52 18.44 21.27 43.10
C VAL A 52 17.17 21.36 43.92
N HIS A 53 16.10 20.75 43.42
CA HIS A 53 14.78 20.84 44.07
C HIS A 53 14.86 20.46 45.55
N LEU A 54 15.49 19.32 45.83
CA LEU A 54 15.72 18.81 47.20
C LEU A 54 16.35 19.85 48.11
N ASP A 55 17.40 20.46 47.61
CA ASP A 55 18.19 21.39 48.41
C ASP A 55 17.40 22.68 48.63
N LEU A 56 16.63 23.10 47.63
CA LEU A 56 15.74 24.26 47.78
C LEU A 56 14.59 23.97 48.76
N MET A 57 13.99 22.79 48.64
CA MET A 57 13.00 22.31 49.61
C MET A 57 13.56 22.35 51.04
N GLU A 58 14.70 21.69 51.22
CA GLU A 58 15.41 21.62 52.53
C GLU A 58 15.74 23.00 53.10
N ASN A 59 16.16 23.94 52.26
CA ASN A 59 16.39 25.33 52.72
C ASN A 59 15.10 26.17 52.85
N GLY A 60 13.95 25.60 52.48
CA GLY A 60 12.65 26.28 52.63
C GLY A 60 12.31 27.28 51.53
N LEU A 61 13.10 27.29 50.45
CA LEU A 61 12.96 28.28 49.37
C LEU A 61 11.82 28.04 48.38
N ILE A 62 11.19 26.85 48.42
CA ILE A 62 10.12 26.47 47.48
C ILE A 62 9.18 25.39 48.08
N PRO A 63 7.88 25.42 47.73
CA PRO A 63 6.92 24.51 48.38
C PRO A 63 7.09 23.04 47.97
N ASP A 64 6.40 22.14 48.66
CA ASP A 64 6.44 20.71 48.29
C ASP A 64 5.76 20.58 46.92
N PRO A 65 6.54 20.31 45.86
CA PRO A 65 5.92 20.22 44.52
C PRO A 65 4.82 19.19 44.38
N PHE A 66 4.96 18.10 45.14
CA PHE A 66 3.95 17.04 45.20
C PHE A 66 2.60 17.43 45.81
N VAL A 67 2.52 18.55 46.53
CA VAL A 67 1.29 18.99 47.14
C VAL A 67 0.47 19.93 46.23
N GLY A 68 -0.82 19.61 46.07
CA GLY A 68 -1.77 20.45 45.35
C GLY A 68 -1.30 20.88 43.98
N GLU A 69 -1.36 22.17 43.70
CA GLU A 69 -0.88 22.71 42.43
C GLU A 69 0.46 23.43 42.56
N ASN A 70 1.36 22.87 43.36
CA ASN A 70 2.68 23.46 43.54
C ASN A 70 3.64 23.19 42.40
N GLU A 71 3.47 22.07 41.69
CA GLU A 71 4.17 21.84 40.42
C GLU A 71 4.31 23.15 39.63
N LEU A 72 3.20 23.88 39.50
CA LEU A 72 3.17 25.16 38.82
C LEU A 72 4.09 26.21 39.45
N GLU A 73 4.03 26.36 40.77
CA GLU A 73 4.92 27.28 41.49
C GLU A 73 6.40 27.08 41.12
N VAL A 74 6.85 25.83 41.08
CA VAL A 74 8.29 25.52 41.02
C VAL A 74 8.92 25.39 39.59
N GLN A 75 8.23 25.83 38.53
CA GLN A 75 8.76 25.71 37.16
C GLN A 75 9.99 26.56 36.87
N TRP A 76 10.20 27.62 37.64
CA TRP A 76 11.38 28.48 37.47
C TRP A 76 12.74 27.79 37.75
N VAL A 77 12.74 26.84 38.70
CA VAL A 77 13.96 26.09 39.09
C VAL A 77 14.63 25.48 37.85
N GLU A 78 13.80 24.77 37.08
CA GLU A 78 14.14 24.17 35.80
C GLU A 78 14.89 25.12 34.86
N LYS A 79 14.45 26.38 34.84
CA LYS A 79 14.95 27.39 33.90
C LYS A 79 16.29 27.98 34.30
N GLU A 80 16.60 27.98 35.60
CA GLU A 80 17.84 28.57 36.10
C GLU A 80 19.05 27.62 35.96
N ASP A 81 20.22 28.21 35.72
CA ASP A 81 21.52 27.54 35.84
C ASP A 81 21.93 27.52 37.31
N TRP A 82 22.76 26.56 37.69
CA TRP A 82 23.07 26.23 39.10
C TRP A 82 24.53 25.96 39.33
N ILE A 83 25.03 26.28 40.53
CA ILE A 83 26.43 26.03 40.86
C ILE A 83 26.44 25.28 42.18
N TYR A 84 27.18 24.18 42.18
CA TYR A 84 27.47 23.42 43.38
C TYR A 84 28.97 23.51 43.60
N ARG A 85 29.38 23.52 44.86
CA ARG A 85 30.79 23.68 45.23
C ARG A 85 31.05 22.90 46.50
N LYS A 86 32.15 22.15 46.52
CA LYS A 86 32.69 21.58 47.77
C LYS A 86 34.15 21.97 47.92
N LYS A 87 34.52 22.23 49.17
CA LYS A 87 35.91 22.39 49.58
C LYS A 87 36.31 21.13 50.35
N PHE A 88 37.48 20.56 50.05
CA PHE A 88 37.91 19.33 50.72
C PHE A 88 39.38 19.36 51.08
N GLN A 89 39.74 18.51 52.05
CA GLN A 89 41.08 18.46 52.63
C GLN A 89 41.80 17.19 52.15
N VAL A 90 42.90 17.33 51.42
CA VAL A 90 43.72 16.17 50.94
C VAL A 90 45.15 16.08 51.54
N GLY A 91 45.51 14.87 52.01
CA GLY A 91 46.80 14.65 52.67
C GLY A 91 48.02 14.73 51.76
N LYS A 92 49.20 14.69 52.38
CA LYS A 92 50.47 14.54 51.68
C LYS A 92 50.64 13.06 51.32
N GLU A 93 50.24 12.19 52.25
CA GLU A 93 50.04 10.74 52.01
C GLU A 93 49.28 10.42 50.73
N PHE A 94 48.20 11.15 50.49
CA PHE A 94 47.30 10.85 49.37
C PHE A 94 47.84 11.21 48.00
N LEU A 95 48.55 12.34 47.90
CA LEU A 95 49.22 12.72 46.64
C LEU A 95 50.33 11.74 46.21
N LYS A 96 50.87 10.97 47.16
CA LYS A 96 51.86 9.89 46.89
C LYS A 96 51.43 8.94 45.76
N TYR A 97 50.13 8.67 45.69
CA TYR A 97 49.53 7.84 44.64
C TYR A 97 49.81 8.43 43.26
N SER A 98 50.37 7.61 42.38
CA SER A 98 50.95 8.09 41.12
C SER A 98 49.91 8.51 40.09
N SER A 99 48.67 8.07 40.26
CA SER A 99 47.55 8.63 39.52
C SER A 99 46.33 8.81 40.37
N ILE A 100 45.73 10.00 40.24
CA ILE A 100 44.49 10.34 40.89
C ILE A 100 43.47 10.76 39.82
N TYR A 101 42.34 10.05 39.81
CA TYR A 101 41.19 10.36 38.93
C TYR A 101 40.00 10.71 39.81
N LEU A 102 39.20 11.68 39.35
CA LEU A 102 37.96 12.07 40.02
C LEU A 102 36.79 11.46 39.29
N GLU A 103 35.87 10.85 40.04
CA GLU A 103 34.80 10.03 39.48
C GLU A 103 33.47 10.53 39.96
N PHE A 104 32.71 11.09 39.03
CA PHE A 104 31.31 11.39 39.25
C PHE A 104 30.53 10.17 38.81
N GLU A 105 29.99 9.43 39.78
CA GLU A 105 29.25 8.18 39.50
C GLU A 105 28.01 8.45 38.67
N GLY A 106 27.37 9.58 38.94
CA GLY A 106 26.25 10.06 38.14
C GLY A 106 26.11 11.55 38.32
N ILE A 107 25.64 12.22 37.29
CA ILE A 107 25.46 13.66 37.32
C ILE A 107 24.31 14.07 36.39
N ASP A 108 23.38 14.90 36.86
CA ASP A 108 22.16 15.16 36.09
C ASP A 108 22.44 16.10 34.91
N THR A 109 22.93 15.45 33.86
CA THR A 109 23.18 16.01 32.55
C THR A 109 24.26 17.05 32.45
N PHE A 110 23.88 18.28 32.13
CA PHE A 110 24.77 19.20 31.45
C PHE A 110 25.53 20.01 32.43
N SER A 111 26.84 19.82 32.46
CA SER A 111 27.68 20.43 33.49
C SER A 111 29.06 20.82 32.99
N GLU A 112 29.63 21.79 33.70
CA GLU A 112 31.00 22.23 33.53
C GLU A 112 31.59 22.04 34.90
N ILE A 113 32.76 21.41 34.97
CA ILE A 113 33.32 21.07 36.28
C ILE A 113 34.76 21.56 36.46
N TYR A 114 34.95 22.46 37.43
CA TYR A 114 36.22 23.12 37.68
C TYR A 114 36.88 22.60 38.96
N LEU A 115 38.18 22.34 38.89
CA LEU A 115 38.97 22.00 40.08
C LEU A 115 40.08 23.02 40.28
N ASN A 116 40.07 23.66 41.45
CA ASN A 116 40.90 24.82 41.74
C ASN A 116 40.85 25.88 40.61
N GLY A 117 39.63 26.29 40.27
CA GLY A 117 39.38 27.30 39.23
C GLY A 117 39.88 26.98 37.82
N LYS A 118 39.96 25.69 37.48
CA LYS A 118 40.42 25.24 36.16
C LYS A 118 39.52 24.12 35.64
N LYS A 119 39.07 24.24 34.39
CA LYS A 119 38.18 23.23 33.75
C LYS A 119 38.77 21.83 33.70
N ILE A 120 37.86 20.88 33.56
CA ILE A 120 38.19 19.46 33.57
C ILE A 120 37.36 18.69 32.52
N GLY A 121 36.07 19.02 32.35
CA GLY A 121 35.28 18.57 31.17
C GLY A 121 33.80 18.96 31.20
N GLU A 122 33.11 18.86 30.05
CA GLU A 122 31.65 18.90 30.06
C GLU A 122 31.15 17.47 30.40
N THR A 123 29.89 17.39 30.80
CA THR A 123 29.14 16.13 30.84
C THR A 123 27.81 16.26 30.03
N ASP A 124 27.58 15.30 29.14
CA ASP A 124 26.39 15.24 28.32
C ASP A 124 25.34 14.35 28.94
N ASN A 125 25.64 13.67 30.05
CA ASN A 125 24.91 12.41 30.35
C ASN A 125 24.71 11.99 31.83
N MET A 126 23.45 11.69 32.12
CA MET A 126 22.96 11.35 33.44
C MET A 126 23.15 9.87 33.77
N PHE A 127 23.07 9.07 32.73
CA PHE A 127 23.02 7.62 32.82
C PHE A 127 24.39 6.94 32.94
N ILE A 128 25.48 7.69 32.92
CA ILE A 128 26.82 7.10 33.03
C ILE A 128 27.75 7.84 33.99
N ALA A 129 28.80 7.12 34.37
CA ALA A 129 29.88 7.64 35.20
C ALA A 129 30.73 8.54 34.35
N TRP A 130 31.30 9.54 34.99
CA TRP A 130 32.22 10.46 34.34
C TRP A 130 33.45 10.54 35.21
N GLU A 131 34.59 10.37 34.58
CA GLU A 131 35.86 10.17 35.25
C GLU A 131 36.87 11.17 34.71
N PHE A 132 37.72 11.73 35.58
CA PHE A 132 38.60 12.82 35.19
C PHE A 132 39.97 12.79 35.85
N ASN A 133 41.02 12.97 35.04
CA ASN A 133 42.39 12.90 35.52
C ASN A 133 42.78 14.23 36.10
N VAL A 134 43.27 14.23 37.33
CA VAL A 134 43.44 15.48 38.11
C VAL A 134 44.75 15.63 38.88
N LYS A 135 45.61 14.60 38.89
CA LYS A 135 46.83 14.60 39.73
C LYS A 135 47.59 15.93 39.71
N ASP A 136 47.82 16.48 38.51
CA ASP A 136 48.52 17.76 38.36
C ASP A 136 47.74 18.95 38.92
N LEU A 137 46.44 19.03 38.63
CA LEU A 137 45.60 20.13 39.15
C LEU A 137 45.37 20.11 40.67
N LEU A 138 45.56 18.95 41.32
CA LEU A 138 45.43 18.84 42.77
C LEU A 138 46.59 19.51 43.51
N VAL A 139 46.25 20.15 44.63
CA VAL A 139 47.23 20.77 45.56
C VAL A 139 46.99 20.16 46.95
N GLU A 140 47.98 20.25 47.84
CA GLU A 140 47.86 19.72 49.21
C GLU A 140 47.01 20.66 50.08
N GLY A 141 46.28 20.07 51.02
CA GLY A 141 45.43 20.81 51.95
C GLY A 141 44.07 21.09 51.35
N GLU A 142 43.61 22.34 51.44
CA GLU A 142 42.27 22.72 50.96
C GLU A 142 42.23 22.71 49.43
N ASN A 143 41.13 22.20 48.89
CA ASN A 143 40.86 22.21 47.44
C ASN A 143 39.45 22.70 47.14
N GLU A 144 39.19 23.04 45.88
CA GLU A 144 37.88 23.56 45.48
C GLU A 144 37.34 22.91 44.20
N LEU A 145 36.33 22.06 44.39
CA LEU A 145 35.59 21.43 43.29
C LEU A 145 34.32 22.23 43.04
N GLU A 146 34.10 22.67 41.80
CA GLU A 146 32.98 23.53 41.45
C GLU A 146 32.29 22.92 40.23
N VAL A 147 30.97 22.73 40.33
CA VAL A 147 30.19 22.04 39.29
C VAL A 147 29.06 22.97 38.83
N ARG A 148 29.22 23.53 37.63
CA ARG A 148 28.20 24.46 37.10
C ARG A 148 27.20 23.60 36.35
N LEU A 149 25.96 23.59 36.83
CA LEU A 149 24.88 22.77 36.27
C LEU A 149 23.96 23.61 35.43
N PHE A 150 23.86 23.29 34.15
CA PHE A 150 23.12 24.11 33.22
C PHE A 150 21.65 23.71 33.22
N SER A 151 20.78 24.72 33.17
CA SER A 151 19.36 24.57 32.91
C SER A 151 19.14 23.65 31.74
N PRO A 152 18.53 22.48 31.97
CA PRO A 152 18.35 21.54 30.86
C PRO A 152 17.37 22.07 29.81
N SER A 153 16.36 22.80 30.30
CA SER A 153 15.34 23.41 29.45
C SER A 153 16.03 24.25 28.40
N LYS A 154 16.84 25.21 28.87
CA LYS A 154 17.56 26.15 28.00
C LYS A 154 18.52 25.41 27.06
N VAL A 155 19.38 24.56 27.61
CA VAL A 155 20.33 23.73 26.84
C VAL A 155 19.70 22.88 25.73
N LEU A 156 18.56 22.25 25.99
CA LEU A 156 17.93 21.37 25.00
C LEU A 156 17.24 22.14 23.89
N GLU A 157 16.52 23.18 24.26
CA GLU A 157 15.79 24.01 23.28
C GLU A 157 16.78 24.74 22.33
N GLU A 158 17.98 25.08 22.84
CA GLU A 158 19.12 25.49 21.99
C GLU A 158 19.49 24.40 21.00
N ARG A 159 19.75 23.20 21.54
CA ARG A 159 20.15 22.02 20.73
C ARG A 159 19.16 21.65 19.62
N ALA A 160 17.87 21.82 19.90
CA ALA A 160 16.81 21.59 18.92
C ALA A 160 16.74 22.70 17.89
N LYS A 161 16.89 23.94 18.34
CA LYS A 161 16.94 25.14 17.46
C LYS A 161 18.10 25.06 16.45
N ASN A 162 19.26 24.62 16.92
CA ASN A 162 20.43 24.34 16.07
C ASN A 162 20.25 23.20 15.03
N TYR A 163 19.27 22.31 15.24
CA TYR A 163 19.17 21.07 14.48
C TYR A 163 18.50 21.27 13.10
N PRO A 164 19.05 20.64 12.02
CA PRO A 164 18.47 20.66 10.67
C PRO A 164 16.94 20.55 10.56
N TYR A 165 16.35 19.59 11.26
CA TYR A 165 14.90 19.35 11.27
C TYR A 165 14.28 19.58 12.67
N LYS A 166 12.97 19.77 12.71
CA LYS A 166 12.21 19.70 13.96
C LYS A 166 11.75 18.26 14.19
N LEU A 167 11.96 17.78 15.42
CA LEU A 167 11.60 16.41 15.83
C LEU A 167 10.45 16.45 16.84
N HIS A 168 9.48 15.54 16.67
CA HIS A 168 8.25 15.50 17.49
C HIS A 168 8.39 14.51 18.64
N GLY A 169 8.42 15.04 19.86
CA GLY A 169 8.38 14.23 21.07
C GLY A 169 6.93 13.97 21.46
N GLY A 170 6.58 14.36 22.68
CA GLY A 170 5.23 14.16 23.22
C GLY A 170 4.75 15.45 23.86
N ASP A 171 4.67 15.47 25.21
CA ASP A 171 4.49 16.71 25.98
C ASP A 171 5.61 17.68 25.59
N TYR A 172 6.85 17.23 25.83
CA TYR A 172 8.05 18.06 25.67
C TYR A 172 8.99 17.50 24.59
N SER A 173 9.00 18.14 23.42
CA SER A 173 9.76 17.70 22.24
C SER A 173 11.30 17.68 22.38
N PRO A 174 11.93 18.80 22.86
CA PRO A 174 13.41 18.91 22.85
C PRO A 174 14.16 17.99 23.83
N ARG A 175 13.40 17.45 24.79
CA ARG A 175 13.71 16.22 25.51
C ARG A 175 14.66 15.24 24.80
N VAL A 176 14.38 14.99 23.53
CA VAL A 176 15.08 13.96 22.74
C VAL A 176 16.55 14.26 22.50
N PHE A 177 16.90 15.56 22.42
CA PHE A 177 18.26 16.00 22.06
C PHE A 177 19.28 15.90 23.18
N GLY A 178 18.85 15.49 24.38
CA GLY A 178 19.77 15.28 25.47
C GLY A 178 19.59 13.90 26.04
N ARG A 179 20.64 13.46 26.72
CA ARG A 179 20.65 12.19 27.41
C ARG A 179 20.24 12.41 28.86
N LYS A 180 18.94 12.54 29.10
CA LYS A 180 18.43 12.46 30.48
C LYS A 180 17.09 11.75 30.63
N ALA A 181 16.78 11.43 31.88
CA ALA A 181 15.58 10.70 32.22
C ALA A 181 14.34 11.36 31.62
N GLN A 182 13.78 10.70 30.63
CA GLN A 182 12.78 11.32 29.74
C GLN A 182 11.51 11.68 30.49
N TYR A 183 11.22 10.92 31.54
CA TYR A 183 10.05 11.19 32.38
C TYR A 183 10.15 12.52 33.12
N SER A 184 11.38 12.97 33.44
CA SER A 184 11.59 14.14 34.30
C SER A 184 10.95 15.42 33.77
N PHE A 185 10.79 15.52 32.45
CA PHE A 185 10.10 16.65 31.81
C PHE A 185 8.56 16.53 31.80
N GLY A 186 8.02 15.55 32.53
CA GLY A 186 6.59 15.33 32.60
C GLY A 186 6.17 14.15 31.74
N TRP A 187 5.21 13.37 32.24
CA TRP A 187 4.66 12.22 31.52
C TRP A 187 3.14 12.11 31.80
N ASP A 188 2.53 11.04 31.28
CA ASP A 188 1.15 10.61 31.59
C ASP A 188 0.81 10.51 33.10
N TRP A 189 1.83 10.24 33.92
CA TRP A 189 1.71 9.97 35.35
C TRP A 189 2.72 10.75 36.22
N GLY A 190 3.76 11.30 35.60
CA GLY A 190 4.74 12.19 36.24
C GLY A 190 4.42 13.66 35.98
N PRO A 191 5.05 14.60 36.73
CA PRO A 191 4.91 16.02 36.45
C PRO A 191 6.20 16.63 35.91
N ARG A 192 6.12 17.88 35.48
CA ARG A 192 7.30 18.57 34.98
C ARG A 192 8.18 19.08 36.14
N LEU A 193 9.00 18.18 36.67
CA LEU A 193 10.01 18.54 37.65
C LEU A 193 11.35 18.15 37.06
N ALA A 194 11.79 18.97 36.12
CA ALA A 194 12.98 18.71 35.31
C ALA A 194 14.24 19.05 36.09
N THR A 195 14.53 18.21 37.07
CA THR A 195 15.54 18.51 38.06
C THR A 195 16.93 18.32 37.50
N SER A 196 17.84 19.18 37.94
CA SER A 196 19.28 19.00 37.77
C SER A 196 19.80 18.59 39.13
N GLY A 197 21.08 18.23 39.20
CA GLY A 197 21.69 17.78 40.46
C GLY A 197 22.78 16.74 40.25
N ILE A 198 23.69 16.65 41.21
CA ILE A 198 24.75 15.63 41.24
C ILE A 198 24.12 14.38 41.84
N TRP A 199 23.39 13.63 41.02
CA TRP A 199 22.43 12.63 41.55
C TRP A 199 23.01 11.28 42.04
N LYS A 200 24.33 11.10 41.98
CA LYS A 200 25.00 9.92 42.56
C LYS A 200 26.37 10.29 43.14
N SER A 201 26.96 9.35 43.87
CA SER A 201 28.23 9.54 44.60
C SER A 201 29.31 10.24 43.80
N VAL A 202 30.14 11.00 44.49
CA VAL A 202 31.33 11.65 43.89
C VAL A 202 32.54 11.16 44.67
N LYS A 203 33.42 10.45 43.97
CA LYS A 203 34.56 9.80 44.57
C LYS A 203 35.83 10.38 43.99
N LEU A 204 36.80 10.60 44.85
CA LEU A 204 38.16 10.87 44.43
C LEU A 204 38.90 9.56 44.58
N LYS A 205 39.47 9.08 43.49
CA LYS A 205 40.18 7.79 43.45
C LYS A 205 41.67 8.01 43.15
N GLY A 206 42.52 7.43 43.99
CA GLY A 206 43.97 7.42 43.77
C GLY A 206 44.50 6.00 43.75
N TRP A 207 45.30 5.67 42.73
CA TRP A 207 45.94 4.35 42.59
C TRP A 207 47.30 4.46 41.92
N ASN A 208 48.18 3.50 42.20
CA ASN A 208 49.56 3.51 41.68
C ASN A 208 49.72 2.97 40.25
N LYS A 209 49.74 1.65 40.11
CA LYS A 209 50.29 1.01 38.90
C LYS A 209 49.26 0.54 37.87
N ALA A 210 48.25 -0.18 38.33
CA ALA A 210 47.23 -0.79 37.48
C ALA A 210 45.89 -0.87 38.18
N ARG A 211 44.81 -1.05 37.42
CA ARG A 211 43.47 -1.18 38.01
C ARG A 211 42.55 -2.06 37.20
N LEU A 212 41.86 -2.99 37.88
CA LEU A 212 40.75 -3.71 37.27
C LEU A 212 39.73 -2.69 36.85
N LEU A 213 39.39 -2.73 35.56
CA LEU A 213 38.60 -1.71 34.90
C LEU A 213 37.18 -2.20 34.76
N ASP A 214 37.05 -3.46 34.33
CA ASP A 214 35.78 -4.17 34.36
C ASP A 214 36.05 -5.63 34.70
N VAL A 215 35.04 -6.30 35.27
CA VAL A 215 35.05 -7.76 35.44
C VAL A 215 33.67 -8.33 35.17
N TRP A 216 33.65 -9.48 34.51
CA TRP A 216 32.42 -10.10 33.98
C TRP A 216 32.60 -11.60 34.04
N VAL A 217 31.54 -12.35 34.29
CA VAL A 217 31.63 -13.81 34.33
C VAL A 217 30.55 -14.49 33.46
N PRO A 218 30.73 -14.45 32.13
CA PRO A 218 29.73 -15.06 31.27
C PRO A 218 29.74 -16.58 31.34
N VAL A 219 28.57 -17.20 31.32
CA VAL A 219 28.48 -18.63 31.09
C VAL A 219 28.66 -18.87 29.59
N ARG A 220 29.69 -19.63 29.21
CA ARG A 220 30.03 -19.84 27.79
C ARG A 220 29.11 -20.86 27.19
N SER A 221 28.96 -21.99 27.88
CA SER A 221 27.95 -23.00 27.53
C SER A 221 27.70 -23.92 28.70
N LEU A 222 26.50 -24.50 28.72
CA LEU A 222 25.99 -25.20 29.90
C LEU A 222 25.58 -26.66 29.63
N GLY A 223 25.55 -27.45 30.69
CA GLY A 223 25.15 -28.85 30.61
C GLY A 223 25.28 -29.47 31.98
N GLU A 224 25.27 -30.79 32.06
CA GLU A 224 25.42 -31.48 33.35
C GLU A 224 26.63 -30.93 34.12
N ASN A 225 27.61 -30.43 33.36
CA ASN A 225 28.66 -29.58 33.87
C ASN A 225 28.64 -28.19 33.19
N ALA A 226 29.15 -27.15 33.89
CA ALA A 226 29.12 -25.74 33.41
C ALA A 226 30.49 -25.12 33.03
N GLN A 227 30.65 -24.77 31.75
CA GLN A 227 31.84 -24.06 31.24
C GLN A 227 31.63 -22.56 31.37
N ILE A 228 32.66 -21.84 31.78
CA ILE A 228 32.57 -20.41 32.13
C ILE A 228 33.87 -19.70 31.77
N ASN A 229 33.77 -18.43 31.38
CA ASN A 229 34.93 -17.54 31.23
C ASN A 229 34.93 -16.49 32.32
N ILE A 230 36.06 -15.83 32.49
CA ILE A 230 36.15 -14.64 33.34
C ILE A 230 36.81 -13.58 32.48
N GLU A 231 36.07 -12.53 32.16
CA GLU A 231 36.57 -11.50 31.26
C GLU A 231 37.07 -10.33 32.09
N LEU A 232 38.38 -10.12 32.06
CA LEU A 232 39.00 -8.97 32.71
C LEU A 232 39.44 -7.94 31.72
N ASP A 233 38.96 -6.69 31.90
CA ASP A 233 39.67 -5.50 31.42
C ASP A 233 40.66 -5.15 32.50
N ILE A 234 41.82 -4.63 32.11
CA ILE A 234 42.80 -4.06 33.05
C ILE A 234 43.54 -2.90 32.40
N GLU A 235 43.62 -1.78 33.12
CA GLU A 235 44.34 -0.57 32.67
C GLU A 235 45.69 -0.44 33.41
N LEU A 236 46.75 -0.85 32.73
CA LEU A 236 48.13 -0.73 33.25
C LEU A 236 48.74 0.58 32.80
N GLN A 237 49.37 1.31 33.73
CA GLN A 237 50.08 2.56 33.41
C GLN A 237 51.55 2.34 33.11
N GLU A 238 52.22 1.54 33.93
CA GLU A 238 53.54 1.02 33.59
C GLU A 238 53.41 -0.40 33.03
N SER A 239 54.33 -0.79 32.16
CA SER A 239 54.41 -2.18 31.67
C SER A 239 54.99 -3.11 32.76
N ILE A 240 54.12 -3.83 33.47
CA ILE A 240 54.46 -4.47 34.74
C ILE A 240 54.05 -5.94 34.83
N PRO A 241 54.84 -6.78 35.52
CA PRO A 241 54.37 -8.12 35.93
C PRO A 241 53.21 -8.09 36.94
N VAL A 242 52.15 -8.83 36.64
CA VAL A 242 50.99 -8.91 37.53
C VAL A 242 50.57 -10.36 37.80
N ASP A 243 49.99 -10.56 38.99
CA ASP A 243 49.32 -11.80 39.36
C ASP A 243 47.84 -11.49 39.53
N VAL A 244 46.96 -12.28 38.92
CA VAL A 244 45.54 -12.25 39.27
C VAL A 244 45.26 -13.53 40.02
N ALA A 245 44.54 -13.42 41.14
CA ALA A 245 44.20 -14.57 41.94
C ALA A 245 42.76 -14.40 42.33
N PHE A 246 41.97 -15.47 42.18
CA PHE A 246 40.53 -15.43 42.45
C PHE A 246 40.00 -16.65 43.19
N ARG A 247 38.83 -16.47 43.81
CA ARG A 247 38.05 -17.52 44.42
C ARG A 247 36.59 -17.35 44.08
N ILE A 248 36.03 -18.30 43.34
CA ILE A 248 34.58 -18.38 43.15
C ILE A 248 33.99 -19.15 44.32
N SER A 249 32.90 -18.64 44.87
CA SER A 249 32.29 -19.17 46.09
C SER A 249 30.75 -19.22 45.98
N HIS A 250 30.13 -20.32 46.44
CA HIS A 250 28.68 -20.44 46.44
C HIS A 250 28.10 -20.12 47.81
N LYS A 251 28.47 -20.97 48.74
CA LYS A 251 28.18 -20.90 50.18
C LYS A 251 29.55 -21.14 50.84
N LYS A 252 30.12 -22.27 50.46
CA LYS A 252 31.49 -22.65 50.72
C LYS A 252 32.28 -22.57 49.40
N PRO A 253 33.56 -22.12 49.44
CA PRO A 253 34.29 -21.89 48.17
C PRO A 253 34.47 -23.10 47.23
N VAL A 254 33.74 -23.11 46.12
CA VAL A 254 33.79 -24.21 45.13
C VAL A 254 35.10 -24.23 44.32
N LEU A 255 35.76 -23.08 44.17
CA LEU A 255 36.91 -22.98 43.26
C LEU A 255 37.86 -21.82 43.57
N GLU A 256 39.12 -22.02 43.24
CA GLU A 256 40.20 -21.09 43.56
C GLU A 256 41.33 -21.25 42.56
N GLN A 257 42.05 -20.17 42.26
CA GLN A 257 43.12 -20.21 41.28
C GLN A 257 43.92 -18.91 41.23
N ARG A 258 45.17 -19.07 40.81
CA ARG A 258 46.10 -17.97 40.64
C ARG A 258 46.75 -18.08 39.28
N LEU A 259 47.03 -16.92 38.70
CA LEU A 259 47.58 -16.81 37.37
C LEU A 259 48.52 -15.61 37.37
N ARG A 260 49.40 -15.57 36.38
CA ARG A 260 50.42 -14.55 36.32
C ARG A 260 50.60 -14.07 34.90
N PHE A 261 50.74 -12.75 34.74
CA PHE A 261 50.92 -12.12 33.43
C PHE A 261 52.01 -11.07 33.51
N THR A 262 52.61 -10.79 32.36
CA THR A 262 53.52 -9.66 32.21
C THR A 262 53.01 -8.92 31.02
N LEU A 263 52.33 -7.81 31.31
CA LEU A 263 51.53 -7.09 30.35
C LEU A 263 52.13 -5.69 30.09
N PRO A 264 51.87 -5.12 28.91
CA PRO A 264 52.43 -3.83 28.53
C PRO A 264 51.47 -2.71 28.88
N GLU A 265 51.94 -1.47 28.96
CA GLU A 265 51.05 -0.37 29.38
C GLU A 265 49.85 -0.21 28.42
N GLY A 266 48.70 0.17 28.95
CA GLY A 266 47.46 0.33 28.19
C GLY A 266 46.34 -0.56 28.69
N ARG A 267 45.26 -0.65 27.92
CA ARG A 267 44.10 -1.40 28.33
C ARG A 267 44.21 -2.84 27.87
N VAL A 268 44.51 -3.74 28.79
CA VAL A 268 44.63 -5.17 28.45
C VAL A 268 43.29 -5.91 28.72
N PHE A 269 42.96 -6.92 27.92
CA PHE A 269 41.74 -7.70 28.11
C PHE A 269 42.03 -9.21 28.07
N LEU A 270 41.40 -10.00 28.95
CA LEU A 270 41.64 -11.46 29.02
C LEU A 270 40.39 -12.29 29.24
N LYS A 271 40.22 -13.39 28.49
CA LYS A 271 39.15 -14.36 28.76
C LYS A 271 39.79 -15.60 29.32
N ILE A 272 39.55 -15.86 30.59
CA ILE A 272 40.21 -16.96 31.33
C ILE A 272 39.18 -18.08 31.57
N PRO A 273 39.31 -19.21 30.86
CA PRO A 273 38.33 -20.27 30.98
C PRO A 273 38.49 -20.98 32.28
N LEU A 274 37.37 -21.44 32.83
CA LEU A 274 37.38 -22.36 33.94
C LEU A 274 36.07 -23.12 34.01
N THR A 275 36.00 -24.12 34.90
CA THR A 275 34.88 -25.02 34.94
C THR A 275 34.33 -25.15 36.35
N ILE A 276 32.99 -25.22 36.43
CA ILE A 276 32.28 -25.42 37.68
C ILE A 276 31.51 -26.71 37.57
N LYS A 277 31.85 -27.65 38.44
CA LYS A 277 31.25 -28.97 38.39
C LYS A 277 29.95 -28.93 39.16
N ASN A 278 28.91 -29.52 38.57
CA ASN A 278 27.57 -29.53 39.17
C ASN A 278 27.15 -28.15 39.63
N PRO A 279 26.85 -27.26 38.67
CA PRO A 279 26.60 -25.86 38.99
C PRO A 279 25.21 -25.70 39.57
N LYS A 280 25.11 -24.92 40.64
CA LYS A 280 23.85 -24.66 41.29
C LYS A 280 23.27 -23.42 40.59
N LEU A 281 22.13 -23.65 39.97
CA LEU A 281 21.71 -22.92 38.77
C LEU A 281 20.67 -21.89 39.14
N TRP A 282 20.82 -20.66 38.67
CA TRP A 282 19.82 -19.61 38.94
C TRP A 282 18.53 -19.85 38.15
N PHE A 283 17.41 -19.69 38.86
CA PHE A 283 16.08 -19.77 38.26
C PHE A 283 15.25 -18.60 38.79
N PRO A 284 14.23 -18.15 38.05
CA PRO A 284 13.28 -17.18 38.62
C PRO A 284 12.32 -17.78 39.63
N ARG A 285 11.76 -16.93 40.50
CA ARG A 285 10.87 -17.36 41.59
C ARG A 285 9.79 -18.26 41.03
N GLY A 286 9.58 -19.39 41.67
CA GLY A 286 8.52 -20.33 41.28
C GLY A 286 8.97 -21.51 40.42
N TYR A 287 10.09 -21.37 39.72
CA TYR A 287 10.61 -22.41 38.85
C TYR A 287 11.97 -22.95 39.33
N GLY A 288 12.34 -22.74 40.59
CA GLY A 288 13.59 -23.26 41.11
C GLY A 288 14.18 -22.45 42.25
N GLU A 289 15.50 -22.50 42.38
CA GLU A 289 16.24 -21.77 43.42
C GLU A 289 17.04 -20.59 42.84
N GLN A 290 17.22 -19.54 43.65
CA GLN A 290 18.01 -18.35 43.25
C GLN A 290 19.46 -18.45 43.73
N ASN A 291 20.15 -19.48 43.24
CA ASN A 291 21.56 -19.72 43.60
C ASN A 291 22.41 -18.65 42.94
N LEU A 292 23.26 -18.03 43.74
CA LEU A 292 24.18 -17.00 43.25
C LEU A 292 25.58 -17.33 43.72
N TYR A 293 26.47 -17.52 42.76
CA TYR A 293 27.89 -17.59 43.05
C TYR A 293 28.44 -16.17 43.29
N THR A 294 29.51 -16.08 44.08
CA THR A 294 30.28 -14.86 44.25
C THR A 294 31.69 -15.09 43.73
N LEU A 295 32.18 -14.12 42.98
CA LEU A 295 33.54 -14.12 42.44
C LEU A 295 34.32 -13.11 43.27
N GLN A 296 35.52 -13.51 43.70
CA GLN A 296 36.42 -12.66 44.50
C GLN A 296 37.77 -12.69 43.87
N LEU A 297 38.25 -11.54 43.43
CA LEU A 297 39.41 -11.48 42.54
C LEU A 297 40.29 -10.32 42.91
N VAL A 298 41.58 -10.61 43.09
CA VAL A 298 42.55 -9.62 43.50
C VAL A 298 43.57 -9.53 42.40
N LEU A 299 43.69 -8.35 41.84
CA LEU A 299 44.78 -7.99 40.98
C LEU A 299 45.90 -7.66 41.92
N LEU A 300 47.09 -8.12 41.62
CA LEU A 300 48.23 -7.73 42.43
C LEU A 300 49.59 -7.88 41.80
N ASP A 301 50.45 -7.14 42.48
CA ASP A 301 51.84 -6.86 42.12
C ASP A 301 52.76 -8.07 42.08
N GLU A 302 53.95 -7.83 41.55
CA GLU A 302 55.10 -8.69 41.72
C GLU A 302 55.63 -8.80 43.15
N LYS A 303 55.37 -7.81 43.99
CA LYS A 303 55.86 -7.83 45.36
C LYS A 303 54.76 -8.41 46.28
N GLY A 304 53.57 -8.77 45.77
CA GLY A 304 52.54 -9.43 46.58
C GLY A 304 51.49 -8.39 47.03
N GLU A 305 51.78 -7.11 46.76
CA GLU A 305 50.95 -5.96 47.13
C GLU A 305 49.71 -5.91 46.24
N VAL A 306 48.54 -5.78 46.86
CA VAL A 306 47.26 -5.79 46.16
C VAL A 306 47.03 -4.40 45.57
N LEU A 307 46.52 -4.34 44.35
CA LEU A 307 46.32 -3.11 43.60
C LEU A 307 44.84 -2.78 43.44
N ASP A 308 44.06 -3.77 43.02
CA ASP A 308 42.62 -3.68 43.04
C ASP A 308 41.97 -5.02 43.42
N LYS A 309 41.00 -4.99 44.35
CA LYS A 309 40.09 -6.10 44.60
C LYS A 309 38.78 -5.81 43.87
N VAL A 310 38.01 -6.86 43.59
CA VAL A 310 36.61 -6.67 43.20
C VAL A 310 35.79 -7.93 43.65
N GLU A 311 34.72 -7.73 44.46
CA GLU A 311 33.68 -8.78 44.64
C GLU A 311 32.76 -8.47 43.53
N GLU A 312 32.17 -9.53 43.02
CA GLU A 312 31.13 -9.43 42.04
C GLU A 312 30.31 -10.71 42.15
N ARG A 313 28.98 -10.55 42.12
CA ARG A 313 28.07 -11.69 42.26
C ARG A 313 27.55 -12.02 40.88
N PHE A 314 27.22 -13.29 40.69
CA PHE A 314 26.66 -13.75 39.43
C PHE A 314 25.92 -15.04 39.60
N GLY A 315 25.11 -15.35 38.59
CA GLY A 315 24.33 -16.57 38.58
C GLY A 315 24.81 -17.40 37.41
N ILE A 316 24.36 -18.66 37.36
CA ILE A 316 24.62 -19.52 36.22
C ILE A 316 23.27 -19.92 35.66
N ARG A 317 22.99 -19.50 34.41
CA ARG A 317 21.66 -19.67 33.76
C ARG A 317 21.72 -19.51 32.25
N LYS A 318 21.04 -20.38 31.50
CA LYS A 318 20.72 -20.10 30.08
C LYS A 318 19.60 -19.08 30.07
N VAL A 319 19.56 -18.29 29.01
CA VAL A 319 18.35 -17.60 28.63
C VAL A 319 18.22 -17.65 27.12
N GLU A 320 17.02 -17.95 26.65
CA GLU A 320 16.73 -18.03 25.24
C GLU A 320 15.43 -17.31 25.05
N LEU A 321 15.30 -16.58 23.95
CA LEU A 321 14.05 -15.89 23.60
C LEU A 321 13.44 -16.61 22.41
N PHE A 322 12.67 -17.67 22.71
CA PHE A 322 12.11 -18.59 21.72
C PHE A 322 11.18 -17.85 20.76
N THR A 323 11.58 -17.81 19.48
CA THR A 323 10.98 -16.95 18.46
C THR A 323 10.74 -17.80 17.23
N GLN A 324 9.94 -18.85 17.41
CA GLN A 324 9.71 -19.86 16.37
C GLN A 324 8.30 -19.84 15.80
N GLU A 325 8.22 -19.82 14.47
CA GLU A 325 6.96 -19.68 13.74
C GLU A 325 6.02 -20.82 14.07
N ASP A 326 4.72 -20.55 13.96
CA ASP A 326 3.66 -21.56 14.15
C ASP A 326 2.46 -21.18 13.28
N ASN A 327 1.24 -21.62 13.61
CA ASN A 327 0.08 -21.30 12.77
C ASN A 327 -0.20 -19.80 12.77
N LYS A 328 -0.65 -19.28 13.91
CA LYS A 328 -1.08 -17.87 14.00
C LYS A 328 -0.07 -16.70 13.84
N GLY A 329 1.23 -16.99 13.70
CA GLY A 329 2.31 -15.99 13.66
C GLY A 329 3.62 -16.60 14.13
N GLU A 330 4.17 -16.04 15.20
CA GLU A 330 5.46 -16.47 15.72
C GLU A 330 5.50 -16.39 17.25
N SER A 331 6.05 -17.41 17.89
CA SER A 331 6.17 -17.41 19.35
C SER A 331 6.93 -16.22 19.88
N PHE A 332 6.80 -15.99 21.18
CA PHE A 332 7.65 -15.02 21.88
C PHE A 332 7.63 -15.42 23.35
N VAL A 333 8.59 -16.25 23.74
CA VAL A 333 8.57 -16.93 25.04
C VAL A 333 9.98 -16.94 25.63
N PHE A 334 10.08 -16.68 26.92
CA PHE A 334 11.34 -16.77 27.58
C PHE A 334 11.53 -18.20 28.01
N LYS A 335 12.77 -18.67 27.88
CA LYS A 335 13.17 -20.00 28.29
C LYS A 335 14.45 -19.92 29.11
N ILE A 336 14.29 -19.84 30.42
CA ILE A 336 15.43 -19.92 31.34
C ILE A 336 15.77 -21.40 31.56
N ASN A 337 17.05 -21.74 31.44
CA ASN A 337 17.49 -23.14 31.60
C ASN A 337 16.62 -24.16 30.85
N ASN A 338 16.19 -23.80 29.65
CA ASN A 338 15.31 -24.61 28.83
C ASN A 338 13.86 -24.78 29.29
N ILE A 339 13.50 -24.35 30.50
CA ILE A 339 12.08 -24.35 30.90
C ILE A 339 11.41 -23.03 30.45
N PRO A 340 10.28 -23.12 29.73
CA PRO A 340 9.63 -21.90 29.28
C PRO A 340 8.76 -21.28 30.38
N VAL A 341 9.13 -20.07 30.85
CA VAL A 341 8.35 -19.40 31.91
C VAL A 341 7.41 -18.37 31.35
N PHE A 342 6.14 -18.46 31.75
CA PHE A 342 5.16 -17.41 31.46
C PHE A 342 5.56 -16.27 32.39
N ALA A 343 5.77 -15.08 31.83
CA ALA A 343 6.24 -13.94 32.61
C ALA A 343 5.09 -13.18 33.26
N LYS A 344 4.79 -13.50 34.52
CA LYS A 344 3.84 -12.71 35.29
C LYS A 344 4.61 -11.50 35.77
N GLY A 345 4.06 -10.30 35.56
CA GLY A 345 4.84 -9.08 35.82
C GLY A 345 4.24 -7.69 35.81
N ALA A 346 5.14 -6.71 35.73
CA ALA A 346 4.76 -5.30 35.75
C ALA A 346 5.87 -4.40 35.30
N ASN A 347 5.48 -3.27 34.74
CA ASN A 347 6.43 -2.25 34.28
C ASN A 347 6.90 -1.38 35.45
N TRP A 348 8.21 -1.23 35.59
CA TRP A 348 8.83 -0.49 36.69
C TRP A 348 9.28 0.92 36.22
N ILE A 349 9.03 1.92 37.06
CA ILE A 349 9.29 3.31 36.70
C ILE A 349 9.87 4.01 37.92
N PRO A 350 10.57 5.12 37.72
CA PRO A 350 11.42 5.61 38.82
C PRO A 350 10.58 5.90 40.07
N ALA A 351 11.10 5.58 41.27
CA ALA A 351 10.23 5.59 42.49
C ALA A 351 10.07 6.96 43.17
N ASP A 352 10.71 7.98 42.60
CA ASP A 352 10.56 9.35 43.06
C ASP A 352 10.88 10.23 41.88
N SER A 353 10.32 11.44 41.85
CA SER A 353 10.61 12.40 40.78
C SER A 353 12.00 12.98 40.97
N PHE A 354 12.43 13.03 42.22
CA PHE A 354 13.80 13.40 42.56
C PHE A 354 14.50 12.14 43.05
N LEU A 355 15.48 11.72 42.26
CA LEU A 355 15.97 10.39 42.39
C LEU A 355 16.76 10.15 43.68
N PRO A 356 17.58 11.12 44.13
CA PRO A 356 18.38 10.73 45.29
C PRO A 356 17.60 10.40 46.60
N ARG A 357 16.32 10.77 46.74
CA ARG A 357 15.56 10.35 47.94
C ARG A 357 15.27 8.87 48.05
N ILE A 358 15.09 8.19 46.93
CA ILE A 358 14.92 6.74 46.96
C ILE A 358 16.11 6.13 47.71
N LYS A 359 15.80 5.39 48.77
CA LYS A 359 16.78 4.76 49.65
C LYS A 359 16.64 3.27 49.43
N GLU A 360 17.66 2.48 49.78
CA GLU A 360 17.51 1.02 49.60
C GLU A 360 16.23 0.51 50.26
N GLU A 361 15.91 1.03 51.44
CA GLU A 361 14.61 0.80 52.09
C GLU A 361 13.46 0.72 51.09
N ASP A 362 13.35 1.73 50.24
CA ASP A 362 12.22 1.90 49.29
C ASP A 362 12.22 0.82 48.21
N TYR A 363 13.31 0.72 47.44
CA TYR A 363 13.47 -0.38 46.48
C TYR A 363 13.15 -1.74 47.11
N ARG A 364 13.68 -1.97 48.32
CA ARG A 364 13.47 -3.24 49.04
C ARG A 364 12.00 -3.52 49.32
N LEU A 365 11.27 -2.50 49.73
CA LEU A 365 9.85 -2.63 50.03
C LEU A 365 9.00 -2.91 48.77
N LEU A 366 9.25 -2.16 47.70
CA LEU A 366 8.47 -2.33 46.47
C LEU A 366 8.74 -3.68 45.83
N LEU A 367 9.99 -4.17 45.92
CA LEU A 367 10.39 -5.42 45.25
C LEU A 367 9.99 -6.65 46.03
N ILE A 368 10.11 -6.61 47.37
CA ILE A 368 9.59 -7.71 48.18
C ILE A 368 8.08 -7.75 48.00
N ARG A 369 7.42 -6.60 47.92
CA ARG A 369 5.93 -6.60 47.68
C ARG A 369 5.56 -7.20 46.34
N ALA A 370 6.43 -7.00 45.35
CA ALA A 370 6.27 -7.65 44.06
C ALA A 370 6.45 -9.14 44.21
N LYS A 371 7.52 -9.54 44.89
CA LYS A 371 7.85 -10.96 45.06
C LYS A 371 6.64 -11.74 45.57
N GLU A 372 6.08 -11.24 46.67
CA GLU A 372 5.01 -11.94 47.38
C GLU A 372 3.64 -11.81 46.73
N ALA A 373 3.51 -10.84 45.82
CA ALA A 373 2.38 -10.78 44.92
C ALA A 373 2.51 -11.85 43.83
N GLY A 374 3.72 -12.36 43.65
CA GLY A 374 3.95 -13.53 42.78
C GLY A 374 4.44 -13.17 41.38
N VAL A 375 5.46 -12.32 41.31
CA VAL A 375 5.84 -11.62 40.11
C VAL A 375 7.10 -12.27 39.52
N ASN A 376 7.01 -12.81 38.30
CA ASN A 376 8.20 -13.33 37.61
C ASN A 376 9.12 -12.26 37.12
N MET A 377 8.58 -11.13 36.67
CA MET A 377 9.34 -10.18 35.86
C MET A 377 9.00 -8.71 36.11
N LEU A 378 10.01 -7.86 35.95
CA LEU A 378 9.80 -6.39 35.87
C LEU A 378 10.49 -5.80 34.65
N ARG A 379 9.74 -5.04 33.87
CA ARG A 379 10.33 -4.31 32.76
C ARG A 379 10.75 -2.96 33.25
N VAL A 380 12.05 -2.75 33.34
CA VAL A 380 12.59 -1.43 33.67
C VAL A 380 12.35 -0.53 32.47
N TRP A 381 11.32 0.29 32.57
CA TRP A 381 10.79 1.03 31.44
C TRP A 381 11.75 2.09 30.96
N GLY A 382 11.97 2.11 29.65
CA GLY A 382 13.04 2.92 29.06
C GLY A 382 12.83 4.42 29.00
N GLY A 383 12.05 4.98 29.92
CA GLY A 383 11.88 6.42 30.03
C GLY A 383 12.28 6.97 31.39
N GLY A 384 12.43 6.12 32.39
CA GLY A 384 12.99 6.52 33.68
C GLY A 384 14.50 6.52 33.65
N ILE A 385 15.11 5.54 34.31
CA ILE A 385 16.57 5.37 34.36
C ILE A 385 17.04 3.92 34.40
N TYR A 386 18.34 3.73 34.15
CA TYR A 386 19.01 2.48 34.47
C TYR A 386 19.16 2.50 36.00
N GLU A 387 18.67 1.46 36.67
CA GLU A 387 18.48 1.53 38.12
C GLU A 387 19.74 1.50 38.98
N ASN A 388 19.52 1.83 40.24
CA ASN A 388 20.53 1.64 41.25
C ASN A 388 20.82 0.15 41.41
N ASP A 389 22.07 -0.15 41.77
CA ASP A 389 22.51 -1.53 41.83
C ASP A 389 21.63 -2.33 42.80
N ILE A 390 21.17 -1.67 43.87
CA ILE A 390 20.23 -2.27 44.80
C ILE A 390 18.99 -2.88 44.12
N PHE A 391 18.49 -2.26 43.06
CA PHE A 391 17.32 -2.80 42.36
C PHE A 391 17.71 -4.13 41.73
N TYR A 392 18.75 -4.10 40.90
CA TYR A 392 19.13 -5.31 40.18
C TYR A 392 19.67 -6.40 41.09
N GLU A 393 20.27 -6.05 42.23
CA GLU A 393 20.75 -7.11 43.12
C GLU A 393 19.62 -7.73 43.98
N LEU A 394 18.49 -7.04 44.13
CA LEU A 394 17.35 -7.68 44.79
C LEU A 394 16.62 -8.55 43.77
N CYS A 395 16.36 -8.00 42.59
CA CYS A 395 15.81 -8.80 41.51
C CYS A 395 16.58 -10.12 41.34
N ASP A 396 17.92 -10.06 41.47
CA ASP A 396 18.79 -11.24 41.43
C ASP A 396 18.43 -12.27 42.53
N GLU A 397 18.33 -11.77 43.77
CA GLU A 397 18.05 -12.60 44.97
C GLU A 397 16.67 -13.17 44.98
N LEU A 398 15.70 -12.34 44.59
CA LEU A 398 14.29 -12.69 44.72
C LEU A 398 13.77 -13.43 43.51
N GLY A 399 14.62 -13.69 42.53
CA GLY A 399 14.22 -14.44 41.33
C GLY A 399 13.31 -13.69 40.35
N ILE A 400 13.39 -12.37 40.37
CA ILE A 400 12.56 -11.51 39.55
C ILE A 400 13.38 -11.15 38.32
N MET A 401 13.13 -11.85 37.22
CA MET A 401 13.83 -11.56 35.95
C MET A 401 13.49 -10.13 35.53
N VAL A 402 14.41 -9.42 34.87
CA VAL A 402 14.10 -8.08 34.37
C VAL A 402 14.29 -7.98 32.86
N TRP A 403 13.47 -7.10 32.29
CA TRP A 403 13.46 -6.76 30.88
C TRP A 403 14.04 -5.36 30.90
N GLN A 404 15.30 -5.23 30.54
CA GLN A 404 15.97 -3.93 30.58
C GLN A 404 15.80 -3.18 29.29
N ASP A 405 15.13 -2.03 29.35
CA ASP A 405 15.07 -1.10 28.19
C ASP A 405 16.29 -0.23 28.18
N PHE A 406 16.76 0.11 27.00
CA PHE A 406 17.67 1.23 26.84
C PHE A 406 16.82 2.48 26.89
N MET A 407 17.35 3.52 27.50
CA MET A 407 16.56 4.69 27.86
C MET A 407 16.23 5.62 26.66
N PHE A 408 15.23 5.17 25.88
CA PHE A 408 14.61 5.92 24.76
C PHE A 408 13.13 5.58 24.78
N ALA A 409 12.24 6.57 24.74
CA ALA A 409 10.81 6.27 24.83
C ALA A 409 9.84 7.24 24.15
N CYS A 410 9.01 6.69 23.26
CA CYS A 410 7.87 7.39 22.65
C CYS A 410 8.25 8.74 22.06
N ALA A 411 9.31 8.76 21.24
CA ALA A 411 9.71 9.97 20.47
C ALA A 411 10.63 9.77 19.25
N GLU A 412 10.71 10.81 18.42
CA GLU A 412 11.65 10.85 17.30
C GLU A 412 12.99 11.33 17.86
N TYR A 413 13.96 10.42 17.99
CA TYR A 413 15.31 10.79 18.49
C TYR A 413 16.19 11.26 17.36
N PRO A 414 17.22 12.08 17.64
CA PRO A 414 18.22 12.40 16.61
C PRO A 414 19.02 11.18 16.15
N ASP A 415 19.52 11.22 14.92
CA ASP A 415 20.34 10.11 14.40
C ASP A 415 21.49 10.58 13.49
N ASP A 416 22.13 11.66 13.90
CA ASP A 416 23.42 12.10 13.31
C ASP A 416 24.59 11.41 14.01
N GLU A 417 25.73 11.34 13.33
CA GLU A 417 26.93 10.68 13.88
C GLU A 417 27.25 11.17 15.28
N ASN A 418 27.33 12.49 15.44
CA ASN A 418 27.66 13.09 16.74
C ASN A 418 26.85 12.49 17.90
N PHE A 419 25.56 12.32 17.66
CA PHE A 419 24.64 11.71 18.64
C PHE A 419 24.83 10.20 18.79
N LEU A 420 24.92 9.49 17.68
CA LEU A 420 25.10 8.04 17.71
C LEU A 420 26.32 7.61 18.52
N ASN A 421 27.38 8.41 18.48
CA ASN A 421 28.57 8.15 19.31
C ASN A 421 28.28 8.27 20.79
N ASP A 422 27.63 9.37 21.19
CA ASP A 422 27.17 9.56 22.58
C ASP A 422 26.35 8.36 23.06
N VAL A 423 25.40 7.91 22.21
CA VAL A 423 24.53 6.75 22.48
C VAL A 423 25.31 5.47 22.64
N GLN A 424 26.23 5.22 21.72
CA GLN A 424 27.02 3.98 21.77
C GLN A 424 27.95 3.99 22.97
N LYS A 425 28.48 5.16 23.31
CA LYS A 425 29.29 5.33 24.49
C LYS A 425 28.51 4.92 25.74
N GLU A 426 27.24 5.35 25.82
CA GLU A 426 26.41 5.05 27.02
C GLU A 426 26.02 3.59 27.04
N ALA A 427 25.74 3.03 25.88
CA ALA A 427 25.29 1.63 25.80
C ALA A 427 26.38 0.69 26.26
N GLU A 428 27.63 0.99 25.86
CA GLU A 428 28.80 0.26 26.33
C GLU A 428 28.84 0.24 27.86
N PHE A 429 28.70 1.41 28.47
CA PHE A 429 28.85 1.53 29.92
C PHE A 429 27.79 0.75 30.66
N VAL A 430 26.55 1.06 30.30
CA VAL A 430 25.37 0.45 30.87
C VAL A 430 25.42 -1.06 30.84
N ILE A 431 25.66 -1.62 29.66
CA ILE A 431 25.77 -3.06 29.55
C ILE A 431 26.94 -3.52 30.43
N LYS A 432 28.14 -2.99 30.19
CA LYS A 432 29.30 -3.40 30.99
C LYS A 432 29.01 -3.45 32.51
N ARG A 433 28.16 -2.53 32.99
CA ARG A 433 27.75 -2.47 34.39
C ARG A 433 26.78 -3.61 34.77
N LEU A 434 25.65 -3.66 34.07
CA LEU A 434 24.57 -4.60 34.34
C LEU A 434 24.77 -6.07 33.87
N ARG A 435 25.72 -6.35 32.96
CA ARG A 435 25.94 -7.73 32.42
C ARG A 435 25.90 -8.84 33.48
N ASN A 436 26.47 -8.58 34.65
CA ASN A 436 26.64 -9.65 35.63
C ASN A 436 25.39 -10.13 36.32
N HIS A 437 24.31 -9.35 36.23
CA HIS A 437 23.10 -9.60 37.00
C HIS A 437 22.27 -10.67 36.31
N PRO A 438 22.17 -11.87 36.92
CA PRO A 438 21.41 -12.94 36.25
C PRO A 438 19.90 -12.65 36.07
N SER A 439 19.36 -11.77 36.90
CA SER A 439 18.01 -11.27 36.74
C SER A 439 17.78 -10.67 35.37
N ILE A 440 18.72 -9.87 34.88
CA ILE A 440 18.50 -9.18 33.58
C ILE A 440 18.42 -10.21 32.47
N VAL A 441 17.27 -10.26 31.82
CA VAL A 441 16.97 -11.32 30.87
C VAL A 441 16.88 -10.87 29.40
N LEU A 442 16.74 -9.56 29.17
CA LEU A 442 16.66 -9.04 27.81
C LEU A 442 17.06 -7.57 27.75
N TRP A 443 17.62 -7.20 26.60
CA TRP A 443 17.98 -5.81 26.30
C TRP A 443 16.95 -5.39 25.29
N CYS A 444 16.38 -4.20 25.49
CA CYS A 444 15.31 -3.70 24.61
C CYS A 444 15.69 -2.33 24.09
N GLY A 445 15.43 -2.10 22.81
CA GLY A 445 15.91 -0.91 22.14
C GLY A 445 15.24 0.38 22.60
N ASN A 446 13.92 0.35 22.70
CA ASN A 446 13.14 1.55 22.97
C ASN A 446 11.78 1.19 23.53
N ASN A 447 11.01 2.21 23.88
CA ASN A 447 9.60 2.06 24.19
C ASN A 447 8.81 2.72 23.04
N CYS A 448 7.93 1.96 22.41
CA CYS A 448 6.88 2.42 21.47
C CYS A 448 7.25 3.10 20.12
N ASN A 449 8.53 3.29 19.80
CA ASN A 449 8.92 4.08 18.61
C ASN A 449 8.63 3.43 17.26
N HIS A 450 8.94 2.14 17.15
CA HIS A 450 8.64 1.39 15.93
C HIS A 450 7.13 1.35 15.70
N TRP A 451 6.36 1.07 16.76
CA TRP A 451 4.90 1.20 16.73
C TRP A 451 4.48 2.61 16.31
N GLY A 452 5.10 3.63 16.90
CA GLY A 452 4.75 5.03 16.62
C GLY A 452 4.90 5.44 15.17
N TYR A 453 6.07 5.21 14.60
CA TYR A 453 6.34 5.49 13.19
C TYR A 453 5.45 4.62 12.24
N TYR A 454 5.21 3.35 12.61
CA TYR A 454 4.36 2.42 11.83
C TYR A 454 2.88 2.79 11.89
N ALA A 455 2.43 3.30 13.04
CA ALA A 455 1.12 3.96 13.19
C ALA A 455 1.22 5.41 12.67
N LYS A 456 0.17 6.20 12.85
CA LYS A 456 0.16 7.58 12.33
C LYS A 456 0.78 8.63 13.26
N TRP A 457 0.85 8.38 14.57
CA TRP A 457 1.32 9.41 15.51
C TRP A 457 2.81 9.77 15.18
N TRP A 458 3.10 11.08 15.18
CA TRP A 458 4.23 11.77 14.46
C TRP A 458 4.35 11.60 12.91
N GLY A 459 3.20 11.41 12.26
CA GLY A 459 3.01 11.82 10.87
C GLY A 459 3.54 10.90 9.78
N GLU A 460 3.37 11.34 8.53
CA GLU A 460 3.76 10.62 7.33
C GLU A 460 5.14 11.12 6.98
N ARG A 461 6.17 10.67 7.72
CA ARG A 461 7.57 10.97 7.39
C ARG A 461 8.24 9.67 6.94
N GLU A 462 9.06 9.79 5.89
CA GLU A 462 9.80 8.65 5.35
C GLU A 462 10.88 8.18 6.31
N LYS A 463 11.66 9.13 6.86
CA LYS A 463 12.71 8.79 7.85
C LYS A 463 12.08 8.43 9.18
N PHE A 464 12.19 7.17 9.57
CA PHE A 464 11.93 6.77 10.95
C PHE A 464 13.08 7.34 11.76
N TRP A 465 12.80 8.41 12.52
CA TRP A 465 13.84 9.27 13.06
C TRP A 465 14.35 8.58 14.33
N GLY A 466 15.51 7.94 14.23
CA GLY A 466 16.06 7.13 15.31
C GLY A 466 16.37 5.70 14.90
N GLU A 467 15.84 5.23 13.77
CA GLU A 467 15.91 3.80 13.37
C GLU A 467 17.28 3.16 13.53
N GLU A 468 18.31 3.90 13.12
CA GLU A 468 19.69 3.43 13.15
C GLU A 468 20.20 3.08 14.57
N ILE A 469 19.71 3.79 15.58
CA ILE A 469 19.96 3.46 17.00
C ILE A 469 19.46 2.03 17.28
N TYR A 470 18.21 1.81 16.93
CA TYR A 470 17.52 0.55 17.15
C TYR A 470 18.03 -0.58 16.24
N SER A 471 18.41 -0.23 14.99
CA SER A 471 18.79 -1.20 13.93
C SER A 471 20.27 -1.61 13.90
N ARG A 472 21.17 -0.63 14.00
CA ARG A 472 22.61 -0.89 14.04
C ARG A 472 23.20 -0.68 15.45
N VAL A 473 23.10 0.54 15.98
CA VAL A 473 24.02 0.98 17.05
C VAL A 473 24.01 0.05 18.23
N LEU A 474 22.81 -0.15 18.75
CA LEU A 474 22.56 -0.90 19.96
C LEU A 474 22.78 -2.41 19.79
N PRO A 475 22.23 -3.03 18.71
CA PRO A 475 22.38 -4.49 18.55
C PRO A 475 23.83 -4.89 18.46
N ASP A 476 24.62 -4.00 17.85
CA ASP A 476 26.04 -4.24 17.64
C ASP A 476 26.83 -4.17 18.97
N VAL A 477 26.65 -3.09 19.72
CA VAL A 477 27.22 -2.99 21.10
C VAL A 477 26.73 -4.13 22.03
N CYS A 478 25.46 -4.53 21.94
CA CYS A 478 24.92 -5.71 22.65
C CYS A 478 25.59 -7.01 22.18
N ALA A 479 25.67 -7.20 20.87
CA ALA A 479 26.30 -8.40 20.28
C ALA A 479 27.77 -8.46 20.60
N ARG A 480 28.38 -7.28 20.69
CA ARG A 480 29.80 -7.14 20.97
C ARG A 480 30.10 -7.61 22.39
N LEU A 481 29.32 -7.12 23.36
CA LEU A 481 29.66 -7.26 24.79
C LEU A 481 28.87 -8.30 25.59
N ASP A 482 27.82 -8.87 25.02
CA ASP A 482 26.98 -9.79 25.76
C ASP A 482 26.26 -10.81 24.89
N LEU A 483 26.96 -11.90 24.62
CA LEU A 483 26.37 -13.05 23.94
C LEU A 483 25.34 -13.80 24.78
N THR A 484 25.24 -13.52 26.09
CA THR A 484 24.42 -14.34 26.97
C THR A 484 22.92 -14.04 26.86
N ARG A 485 22.53 -12.92 26.25
CA ARG A 485 21.14 -12.44 26.30
C ARG A 485 20.64 -11.95 24.95
N PRO A 486 19.33 -12.14 24.69
CA PRO A 486 18.80 -11.64 23.44
C PRO A 486 18.69 -10.12 23.48
N TYR A 487 18.96 -9.50 22.35
CA TYR A 487 18.58 -8.10 22.15
C TYR A 487 17.26 -8.16 21.41
N TRP A 488 16.40 -7.16 21.63
CA TRP A 488 15.10 -7.07 20.98
C TRP A 488 14.81 -5.60 20.73
N PRO A 489 14.59 -5.22 19.47
CA PRO A 489 14.73 -3.83 19.11
C PRO A 489 13.66 -2.86 19.55
N SER A 490 12.50 -3.31 20.05
CA SER A 490 11.41 -2.36 20.40
C SER A 490 10.35 -2.94 21.34
N SER A 491 9.86 -2.11 22.26
CA SER A 491 8.98 -2.58 23.34
C SER A 491 7.65 -3.14 22.91
N PRO A 492 7.07 -2.61 21.84
CA PRO A 492 6.25 -3.43 20.93
C PRO A 492 7.02 -3.63 19.61
N TYR A 493 7.29 -4.89 19.27
CA TYR A 493 7.89 -5.25 17.97
C TYR A 493 7.30 -6.58 17.47
N GLY A 494 6.01 -6.55 17.26
CA GLY A 494 5.23 -7.65 16.71
C GLY A 494 5.05 -7.66 15.21
N GLY A 495 6.05 -8.09 14.45
CA GLY A 495 5.87 -8.27 13.01
C GLY A 495 5.48 -7.05 12.18
N LYS A 496 4.61 -7.26 11.20
CA LYS A 496 4.38 -6.25 10.15
C LYS A 496 3.87 -4.92 10.72
N ASP A 497 2.85 -5.00 11.60
CA ASP A 497 2.39 -3.88 12.41
C ASP A 497 2.95 -4.19 13.79
N PRO A 498 3.94 -3.41 14.26
CA PRO A 498 4.67 -3.79 15.47
C PRO A 498 3.85 -4.15 16.69
N ASN A 499 2.57 -3.80 16.72
CA ASN A 499 1.72 -4.18 17.84
C ASN A 499 0.84 -5.42 17.56
N SER A 500 1.26 -6.28 16.63
CA SER A 500 0.39 -7.38 16.18
C SER A 500 0.29 -8.47 17.23
N GLN A 501 -0.84 -9.17 17.21
CA GLN A 501 -1.08 -10.28 18.13
C GLN A 501 -0.51 -11.58 17.58
N GLU A 502 -0.16 -11.59 16.29
CA GLU A 502 0.38 -12.79 15.65
C GLU A 502 1.86 -13.01 16.05
N VAL A 503 2.65 -11.94 16.00
CA VAL A 503 4.10 -11.99 16.19
C VAL A 503 4.51 -11.09 17.35
N GLY A 504 5.64 -11.47 17.97
CA GLY A 504 6.27 -10.65 18.98
C GLY A 504 5.36 -10.23 20.10
N ASP A 505 5.80 -9.22 20.85
CA ASP A 505 5.03 -8.72 21.97
C ASP A 505 4.03 -7.61 21.57
N ARG A 506 3.23 -7.22 22.55
CA ARG A 506 2.08 -6.36 22.32
C ARG A 506 1.80 -5.44 23.51
N HIS A 507 1.38 -4.21 23.17
CA HIS A 507 0.89 -3.24 24.13
C HIS A 507 -0.60 -3.11 23.94
N ASN A 508 -1.38 -3.50 24.95
CA ASN A 508 -2.82 -3.34 24.83
C ASN A 508 -3.33 -2.11 25.55
N TRP A 509 -3.37 -1.03 24.78
CA TRP A 509 -4.05 0.20 25.21
C TRP A 509 -5.38 0.42 24.51
N GLU A 510 -5.87 -0.62 23.82
CA GLU A 510 -7.28 -0.64 23.41
C GLU A 510 -8.10 -0.26 24.63
N VAL A 511 -7.86 -0.99 25.72
CA VAL A 511 -8.71 -0.91 26.88
C VAL A 511 -8.69 0.45 27.55
N TRP A 512 -7.56 0.95 28.00
CA TRP A 512 -7.60 2.23 28.76
C TRP A 512 -7.69 3.44 27.85
N HIS A 513 -6.75 3.52 26.91
CA HIS A 513 -6.52 4.75 26.16
C HIS A 513 -7.52 4.91 25.05
N GLY A 514 -7.69 3.86 24.25
CA GLY A 514 -8.95 3.69 23.48
C GLY A 514 -9.86 3.43 24.64
N TRP A 515 -11.17 3.54 24.49
CA TRP A 515 -12.02 3.46 25.69
C TRP A 515 -12.64 2.09 25.96
N ILE A 516 -12.49 1.19 25.00
CA ILE A 516 -13.05 -0.18 24.98
C ILE A 516 -13.18 -0.86 26.33
N ASP A 517 -14.35 -1.47 26.56
CA ASP A 517 -14.63 -2.14 27.83
C ASP A 517 -13.54 -3.16 28.16
N PHE A 518 -13.18 -3.27 29.44
CA PHE A 518 -12.02 -4.08 29.82
C PHE A 518 -12.19 -5.59 29.59
N ASN A 519 -13.44 -6.06 29.51
CA ASN A 519 -13.77 -7.40 28.98
C ASN A 519 -13.13 -7.72 27.62
N GLY A 520 -12.83 -6.68 26.86
CA GLY A 520 -12.17 -6.81 25.56
C GLY A 520 -10.78 -7.41 25.58
N TYR A 521 -10.12 -7.43 26.73
CA TYR A 521 -8.84 -8.17 26.89
C TYR A 521 -9.02 -9.65 26.53
N LEU A 522 -10.24 -10.18 26.66
CA LEU A 522 -10.53 -11.55 26.23
C LEU A 522 -10.34 -11.81 24.72
N LYS A 523 -10.49 -10.77 23.90
CA LYS A 523 -10.35 -10.89 22.45
C LYS A 523 -8.96 -10.50 21.96
N ASP A 524 -8.02 -10.37 22.89
CA ASP A 524 -6.61 -10.09 22.56
C ASP A 524 -5.81 -11.36 22.81
N ASN A 525 -5.23 -11.90 21.75
CA ASN A 525 -4.46 -13.16 21.83
C ASN A 525 -2.99 -12.96 21.43
N GLY A 526 -2.42 -11.86 21.88
CA GLY A 526 -1.08 -11.47 21.52
C GLY A 526 -0.06 -12.41 22.09
N ARG A 527 1.06 -12.59 21.40
CA ARG A 527 2.03 -13.59 21.84
C ARG A 527 2.75 -13.23 23.13
N PHE A 528 2.72 -11.96 23.53
CA PHE A 528 3.26 -11.56 24.84
C PHE A 528 2.83 -10.14 25.14
N ILE A 529 1.99 -9.96 26.14
CA ILE A 529 1.49 -8.64 26.49
C ILE A 529 2.46 -7.98 27.46
N SER A 530 3.31 -7.12 26.90
CA SER A 530 4.33 -6.38 27.67
C SER A 530 3.81 -5.07 28.30
N GLU A 531 2.60 -4.67 27.97
CA GLU A 531 2.03 -3.45 28.51
C GLU A 531 0.49 -3.50 28.41
N PHE A 532 -0.17 -3.03 29.46
CA PHE A 532 -1.63 -2.90 29.58
C PHE A 532 -1.90 -2.43 31.00
N GLY A 533 -2.99 -1.70 31.22
CA GLY A 533 -3.29 -1.21 32.57
C GLY A 533 -4.58 -0.44 32.66
N MET A 534 -4.98 -0.16 33.90
CA MET A 534 -6.18 0.68 34.18
C MET A 534 -5.82 1.57 35.35
N GLN A 535 -6.40 2.78 35.38
CA GLN A 535 -6.05 3.76 36.41
C GLN A 535 -6.93 3.54 37.61
N ALA A 536 -6.50 4.14 38.71
CA ALA A 536 -7.21 4.03 39.97
C ALA A 536 -6.54 4.98 40.96
N PRO A 537 -7.32 5.76 41.71
CA PRO A 537 -6.78 6.78 42.62
C PRO A 537 -6.24 6.09 43.87
N PRO A 538 -5.23 6.69 44.53
CA PRO A 538 -4.67 5.96 45.63
C PRO A 538 -5.61 5.88 46.81
N VAL A 539 -5.18 5.08 47.78
CA VAL A 539 -5.74 5.02 49.11
C VAL A 539 -6.01 6.43 49.68
N ALA A 540 -7.08 6.56 50.47
CA ALA A 540 -7.46 7.86 51.04
C ALA A 540 -6.29 8.55 51.77
N GLU A 541 -5.64 7.80 52.66
CA GLU A 541 -4.49 8.29 53.43
C GLU A 541 -3.53 9.05 52.52
N THR A 542 -3.12 8.37 51.44
CA THR A 542 -2.23 8.95 50.42
C THR A 542 -2.86 10.17 49.76
N ILE A 543 -4.11 10.03 49.29
CA ILE A 543 -4.85 11.17 48.72
C ILE A 543 -4.70 12.38 49.65
N ARG A 544 -5.06 12.18 50.92
CA ARG A 544 -5.08 13.25 51.91
C ARG A 544 -3.75 13.98 51.99
N LYS A 545 -2.64 13.27 51.79
CA LYS A 545 -1.30 13.90 51.84
C LYS A 545 -1.03 14.96 50.74
N PHE A 546 -1.77 14.94 49.62
CA PHE A 546 -1.53 15.87 48.52
C PHE A 546 -2.66 16.85 48.20
N ILE A 547 -3.90 16.48 48.50
CA ILE A 547 -4.97 17.49 48.45
C ILE A 547 -4.68 18.47 49.57
N THR A 548 -5.04 19.73 49.37
CA THR A 548 -4.70 20.83 50.30
C THR A 548 -5.86 21.23 51.21
N SER A 549 -6.96 20.49 51.14
CA SER A 549 -8.22 20.94 51.71
C SER A 549 -9.18 19.76 51.74
N GLU A 550 -10.22 19.86 52.55
CA GLU A 550 -11.24 18.83 52.59
C GLU A 550 -12.32 19.16 51.52
N LYS A 551 -12.33 20.40 51.02
CA LYS A 551 -13.24 20.80 49.93
C LYS A 551 -12.83 20.31 48.55
N GLU A 552 -11.57 19.88 48.40
CA GLU A 552 -11.10 19.27 47.16
C GLU A 552 -11.21 17.74 47.21
N TYR A 553 -11.74 17.20 48.31
CA TYR A 553 -11.89 15.74 48.45
C TYR A 553 -13.19 15.22 47.80
N TYR A 554 -13.27 15.40 46.48
CA TYR A 554 -14.35 14.86 45.67
C TYR A 554 -13.83 14.51 44.25
N PRO A 555 -14.32 13.41 43.68
CA PRO A 555 -13.64 12.75 42.57
C PRO A 555 -13.09 13.60 41.41
N GLN A 556 -13.77 14.70 41.08
CA GLN A 556 -13.39 15.54 39.97
C GLN A 556 -13.02 16.95 40.42
N SER A 557 -12.31 17.05 41.54
CA SER A 557 -11.89 18.35 42.07
C SER A 557 -10.71 18.84 41.25
N ARG A 558 -10.40 20.14 41.33
CA ARG A 558 -9.21 20.71 40.64
C ARG A 558 -7.96 19.94 41.02
N GLU A 559 -7.79 19.67 42.31
CA GLU A 559 -6.58 18.99 42.78
C GLU A 559 -6.55 17.49 42.44
N MET A 560 -7.71 16.87 42.26
CA MET A 560 -7.76 15.48 41.84
C MET A 560 -7.42 15.27 40.38
N GLU A 561 -7.92 16.17 39.53
CA GLU A 561 -7.65 16.10 38.09
C GLU A 561 -6.23 16.63 37.84
N PHE A 562 -5.82 17.62 38.63
CA PHE A 562 -4.44 18.11 38.52
C PHE A 562 -3.43 17.04 38.88
N HIS A 563 -3.75 16.21 39.86
CA HIS A 563 -2.94 15.00 40.15
C HIS A 563 -3.39 13.76 39.34
N ASN A 564 -3.70 13.97 38.06
CA ASN A 564 -3.96 12.90 37.11
C ASN A 564 -3.47 13.43 35.78
N LYS A 565 -2.20 13.13 35.49
CA LYS A 565 -1.51 13.64 34.29
C LYS A 565 -1.89 12.93 32.95
N ALA A 566 -2.85 12.00 32.97
CA ALA A 566 -3.43 11.42 31.74
C ALA A 566 -4.51 12.33 31.16
N ARG A 567 -4.52 12.51 29.85
CA ARG A 567 -5.27 13.59 29.23
C ARG A 567 -6.69 13.69 29.80
N GLU A 568 -7.44 12.60 29.77
CA GLU A 568 -8.85 12.63 30.23
C GLU A 568 -9.06 11.49 31.25
N GLY A 569 -8.09 11.37 32.14
CA GLY A 569 -8.01 10.26 33.08
C GLY A 569 -9.21 10.10 33.97
N THR A 570 -9.67 11.17 34.62
CA THR A 570 -10.77 11.02 35.59
C THR A 570 -12.02 10.57 34.82
N GLU A 571 -12.44 11.33 33.83
CA GLU A 571 -13.58 10.87 33.02
C GLU A 571 -13.43 9.45 32.42
N ARG A 572 -12.20 8.96 32.22
CA ARG A 572 -12.03 7.53 31.85
C ARG A 572 -12.39 6.68 33.03
N ILE A 573 -11.80 7.00 34.17
CA ILE A 573 -12.06 6.22 35.39
C ILE A 573 -13.56 6.15 35.61
N ILE A 574 -14.22 7.30 35.50
CA ILE A 574 -15.67 7.43 35.70
C ILE A 574 -16.45 6.67 34.61
N ARG A 575 -15.88 6.56 33.42
CA ARG A 575 -16.48 5.71 32.41
C ARG A 575 -16.48 4.27 32.89
N TYR A 576 -15.35 3.83 33.46
CA TYR A 576 -15.15 2.38 33.69
C TYR A 576 -15.96 1.90 34.85
N ILE A 577 -15.96 2.75 35.86
CA ILE A 577 -16.82 2.56 37.00
C ILE A 577 -18.25 2.40 36.49
N ALA A 578 -18.63 3.20 35.48
CA ALA A 578 -20.00 3.21 34.98
C ALA A 578 -20.31 2.10 33.99
N GLY A 579 -19.34 1.22 33.71
CA GLY A 579 -19.57 0.00 32.96
C GLY A 579 -20.26 -1.02 33.85
N HIS A 580 -19.58 -1.39 34.94
CA HIS A 580 -20.08 -2.39 35.90
C HIS A 580 -20.94 -1.85 37.05
N PHE A 581 -20.93 -0.55 37.32
CA PHE A 581 -21.51 -0.02 38.57
C PHE A 581 -22.46 1.18 38.43
N LYS A 582 -23.17 1.48 39.51
CA LYS A 582 -23.91 2.72 39.64
C LYS A 582 -22.91 3.84 39.91
N ILE A 583 -22.97 4.94 39.16
CA ILE A 583 -22.12 6.08 39.52
C ILE A 583 -22.41 6.61 40.93
N THR A 584 -21.38 7.21 41.53
CA THR A 584 -21.46 7.82 42.85
C THR A 584 -20.86 9.22 42.84
N GLU A 585 -21.51 10.16 43.56
CA GLU A 585 -20.90 11.48 43.79
C GLU A 585 -20.03 11.49 45.03
N ASP A 586 -20.10 10.43 45.83
CA ASP A 586 -19.31 10.30 47.08
C ASP A 586 -17.83 9.96 46.83
N MET A 587 -16.94 10.79 47.36
CA MET A 587 -15.51 10.55 47.20
C MET A 587 -15.06 9.17 47.67
N ASN A 588 -15.52 8.76 48.84
CA ASN A 588 -15.05 7.50 49.42
C ASN A 588 -15.60 6.29 48.69
N GLU A 589 -16.81 6.40 48.14
CA GLU A 589 -17.39 5.30 47.38
C GLU A 589 -16.53 5.15 46.14
N TYR A 590 -16.52 6.20 45.31
CA TYR A 590 -15.70 6.30 44.09
C TYR A 590 -14.35 5.58 44.26
N ILE A 591 -13.62 5.87 45.33
CA ILE A 591 -12.29 5.24 45.55
C ILE A 591 -12.36 3.71 45.62
N TYR A 592 -13.28 3.21 46.43
CA TYR A 592 -13.46 1.76 46.56
C TYR A 592 -13.87 1.13 45.20
N LEU A 593 -14.94 1.69 44.62
CA LEU A 593 -15.46 1.23 43.33
C LEU A 593 -14.44 1.29 42.18
N SER A 594 -13.69 2.37 42.12
CA SER A 594 -12.78 2.59 40.98
C SER A 594 -11.57 1.68 41.11
N GLN A 595 -11.19 1.47 42.36
CA GLN A 595 -10.02 0.64 42.64
C GLN A 595 -10.32 -0.82 42.44
N ILE A 596 -11.58 -1.22 42.60
CA ILE A 596 -11.89 -2.63 42.34
C ILE A 596 -11.98 -2.82 40.83
N ILE A 597 -12.62 -1.88 40.12
CA ILE A 597 -12.60 -1.89 38.66
C ILE A 597 -11.17 -2.17 38.20
N GLN A 598 -10.20 -1.43 38.75
CA GLN A 598 -8.78 -1.66 38.39
C GLN A 598 -8.39 -3.13 38.56
N GLY A 599 -8.74 -3.69 39.72
CA GLY A 599 -8.56 -5.12 39.95
C GLY A 599 -9.18 -6.00 38.87
N LEU A 600 -10.43 -5.70 38.54
CA LEU A 600 -11.16 -6.52 37.59
C LEU A 600 -10.55 -6.41 36.16
N ALA A 601 -10.13 -5.22 35.76
CA ALA A 601 -9.53 -5.01 34.43
C ALA A 601 -8.28 -5.84 34.38
N LEU A 602 -7.41 -5.64 35.36
CA LEU A 602 -6.17 -6.40 35.45
C LEU A 602 -6.44 -7.90 35.58
N LYS A 603 -7.27 -8.29 36.52
CA LYS A 603 -7.65 -9.69 36.70
C LYS A 603 -8.07 -10.34 35.38
N THR A 604 -9.05 -9.73 34.75
CA THR A 604 -9.74 -10.37 33.66
C THR A 604 -8.85 -10.51 32.45
N GLY A 605 -7.86 -9.60 32.37
CA GLY A 605 -6.81 -9.67 31.37
C GLY A 605 -5.82 -10.75 31.80
N ILE A 606 -5.18 -10.56 32.94
CA ILE A 606 -4.14 -11.48 33.39
C ILE A 606 -4.63 -12.90 33.29
N GLU A 607 -5.84 -13.17 33.77
CA GLU A 607 -6.39 -14.53 33.73
C GLU A 607 -6.45 -15.07 32.31
N HIS A 608 -6.99 -14.26 31.39
CA HIS A 608 -7.11 -14.68 30.00
C HIS A 608 -5.74 -14.96 29.34
N TRP A 609 -4.75 -14.10 29.54
CA TRP A 609 -3.48 -14.29 28.86
C TRP A 609 -2.89 -15.61 29.34
N ARG A 610 -2.96 -15.87 30.65
CA ARG A 610 -2.49 -17.14 31.27
C ARG A 610 -3.23 -18.37 30.75
N ASN A 611 -4.51 -18.21 30.42
CA ASN A 611 -5.31 -19.31 29.89
C ASN A 611 -4.81 -19.79 28.54
N ASN A 612 -4.21 -18.88 27.77
CA ASN A 612 -3.50 -19.23 26.54
C ASN A 612 -2.19 -19.94 26.80
N LYS A 613 -1.65 -19.69 27.96
CA LYS A 613 -0.34 -20.18 28.29
C LYS A 613 0.63 -19.85 27.16
N PHE A 614 1.23 -20.80 26.45
CA PHE A 614 2.40 -20.40 25.64
C PHE A 614 2.11 -19.85 24.25
N HIS A 615 0.82 -19.79 23.88
CA HIS A 615 0.39 -18.98 22.74
C HIS A 615 0.65 -17.52 23.10
N THR A 616 0.31 -17.15 24.35
CA THR A 616 0.57 -15.83 24.94
C THR A 616 1.41 -16.06 26.21
N SER A 617 2.69 -15.81 26.16
CA SER A 617 3.60 -16.33 27.19
C SER A 617 4.11 -15.24 28.09
N GLY A 618 3.21 -14.35 28.51
CA GLY A 618 3.62 -13.14 29.22
C GLY A 618 2.53 -12.08 29.39
N SER A 619 2.45 -11.55 30.61
CA SER A 619 1.58 -10.39 30.88
C SER A 619 2.32 -9.43 31.79
N LEU A 620 2.61 -8.22 31.28
CA LEU A 620 3.27 -7.22 32.10
C LEU A 620 2.35 -6.04 32.30
N ILE A 621 1.87 -5.92 33.53
CA ILE A 621 1.00 -4.82 34.02
C ILE A 621 1.65 -3.47 33.71
N TRP A 622 0.87 -2.44 33.31
CA TRP A 622 1.51 -1.17 32.97
C TRP A 622 1.96 -0.39 34.16
N GLN A 623 1.46 -0.54 35.36
CA GLN A 623 2.21 0.21 36.37
C GLN A 623 2.37 -0.40 37.73
N TRP A 624 3.64 -0.71 38.04
CA TRP A 624 3.92 -1.21 39.37
C TRP A 624 3.90 -0.10 40.38
N ASN A 625 4.68 0.95 40.15
CA ASN A 625 4.86 2.01 41.14
C ASN A 625 4.62 3.41 40.60
N ASP A 626 4.62 4.38 41.51
CA ASP A 626 4.50 5.81 41.17
C ASP A 626 5.78 6.55 41.58
N CYS A 627 6.03 7.64 40.88
CA CYS A 627 7.12 8.56 41.24
C CYS A 627 6.65 9.82 42.02
N TRP A 628 5.36 9.89 42.34
CA TRP A 628 4.78 10.93 43.25
C TRP A 628 3.28 10.67 43.48
N PRO A 629 2.67 11.42 44.41
CA PRO A 629 1.34 11.04 44.80
C PRO A 629 0.36 11.37 43.69
N VAL A 630 -0.07 10.36 42.95
CA VAL A 630 -0.85 10.62 41.78
C VAL A 630 -1.87 9.52 41.49
N VAL A 631 -2.95 9.93 40.82
CA VAL A 631 -4.01 9.09 40.33
C VAL A 631 -3.52 8.58 38.95
N SER A 632 -3.34 7.27 38.88
CA SER A 632 -2.58 6.63 37.80
C SER A 632 -2.72 5.10 37.86
N TRP A 633 -2.07 4.45 36.92
CA TRP A 633 -2.15 3.01 36.72
C TRP A 633 -1.49 2.17 37.84
N SER A 634 -0.57 2.78 38.60
CA SER A 634 0.21 2.11 39.65
C SER A 634 -0.60 1.15 40.51
N ILE A 635 -0.02 -0.01 40.81
CA ILE A 635 -0.65 -0.89 41.82
C ILE A 635 -0.09 -0.68 43.25
N ILE A 636 0.94 0.15 43.41
CA ILE A 636 1.44 0.59 44.73
C ILE A 636 1.80 2.09 44.67
N ASP A 637 1.18 2.92 45.51
CA ASP A 637 1.31 4.39 45.36
C ASP A 637 2.66 4.94 45.78
N TYR A 638 2.89 6.25 45.54
CA TYR A 638 4.21 6.86 45.81
C TYR A 638 4.71 6.62 47.21
N TYR A 639 3.80 6.77 48.19
CA TYR A 639 4.06 6.49 49.62
C TYR A 639 3.97 4.99 49.96
N LYS A 640 4.01 4.12 48.97
CA LYS A 640 4.18 2.69 49.15
C LYS A 640 3.01 1.99 49.83
N LYS A 641 1.83 2.59 49.68
CA LYS A 641 0.59 2.07 50.23
C LYS A 641 -0.14 1.32 49.10
N LEU A 642 -0.21 0.01 49.25
CA LEU A 642 -0.91 -0.89 48.31
C LEU A 642 -2.31 -0.42 47.88
N LYS A 643 -2.52 -0.26 46.58
CA LYS A 643 -3.87 -0.11 46.05
C LYS A 643 -4.55 -1.43 46.36
N PRO A 644 -5.89 -1.46 46.36
CA PRO A 644 -6.54 -2.76 46.46
C PRO A 644 -6.21 -3.72 45.31
N SER A 645 -6.05 -3.18 44.11
CA SER A 645 -5.70 -4.00 42.95
C SER A 645 -4.52 -4.90 43.17
N TYR A 646 -3.60 -4.54 44.09
CA TYR A 646 -2.47 -5.40 44.42
C TYR A 646 -2.95 -6.78 44.81
N TYR A 647 -4.02 -6.86 45.61
CA TYR A 647 -4.51 -8.14 46.08
C TYR A 647 -5.16 -8.91 44.94
N PHE A 648 -5.78 -8.20 44.01
CA PHE A 648 -6.30 -8.83 42.78
C PHE A 648 -5.17 -9.42 41.93
N VAL A 649 -4.07 -8.70 41.85
CA VAL A 649 -2.93 -9.09 41.05
C VAL A 649 -2.24 -10.31 41.66
N LYS A 650 -2.13 -10.33 42.98
CA LYS A 650 -1.65 -11.52 43.71
C LYS A 650 -2.52 -12.72 43.38
N ARG A 651 -3.82 -12.50 43.46
CA ARG A 651 -4.82 -13.51 43.10
C ARG A 651 -4.68 -13.95 41.66
N ALA A 652 -4.53 -12.98 40.75
CA ALA A 652 -4.41 -13.29 39.32
C ALA A 652 -3.12 -14.02 39.02
N PHE A 653 -2.13 -13.92 39.89
CA PHE A 653 -0.83 -14.57 39.69
C PHE A 653 -0.65 -15.88 40.44
N ARG A 654 -1.56 -16.21 41.36
CA ARG A 654 -1.52 -17.50 42.07
C ARG A 654 -0.91 -18.61 41.18
N ASP A 655 0.25 -19.14 41.61
CA ASP A 655 1.06 -20.09 40.81
C ASP A 655 0.21 -21.20 40.21
N ILE A 656 -0.75 -21.68 40.98
CA ILE A 656 -1.72 -22.61 40.48
C ILE A 656 -3.14 -22.02 40.62
N LYS A 657 -3.91 -22.07 39.53
CA LYS A 657 -5.10 -21.25 39.39
C LYS A 657 -6.20 -21.82 38.50
N VAL A 658 -7.46 -21.53 38.87
CA VAL A 658 -8.65 -21.78 38.00
C VAL A 658 -9.36 -20.50 37.55
N ASN A 659 -9.58 -20.40 36.24
CA ASN A 659 -10.22 -19.23 35.65
C ASN A 659 -11.45 -19.66 34.90
N ILE A 660 -12.35 -18.71 34.69
CA ILE A 660 -13.57 -18.90 33.94
C ILE A 660 -13.41 -18.01 32.71
N GLU A 661 -14.13 -18.33 31.63
CA GLU A 661 -13.97 -17.61 30.38
C GLU A 661 -15.15 -17.92 29.47
N PRO A 662 -15.96 -16.92 29.08
CA PRO A 662 -17.12 -17.25 28.27
C PRO A 662 -16.74 -17.68 26.87
N ARG A 663 -17.70 -18.35 26.24
CA ARG A 663 -17.67 -18.77 24.85
C ARG A 663 -19.13 -18.83 24.41
N ASN A 664 -19.65 -17.74 23.84
CA ASN A 664 -20.97 -17.78 23.20
C ASN A 664 -22.07 -18.53 23.99
N GLY A 665 -22.42 -18.02 25.17
CA GLY A 665 -23.46 -18.65 26.02
C GLY A 665 -23.07 -19.91 26.79
N LYS A 666 -21.81 -20.35 26.66
CA LYS A 666 -21.30 -21.54 27.36
C LYS A 666 -20.08 -21.07 28.11
N LEU A 667 -20.03 -21.35 29.41
CA LEU A 667 -18.82 -21.02 30.21
C LEU A 667 -17.80 -22.15 30.20
N LEU A 668 -16.55 -21.78 30.43
CA LEU A 668 -15.42 -22.63 30.04
C LEU A 668 -14.29 -22.43 31.02
N VAL A 669 -14.26 -23.22 32.09
CA VAL A 669 -13.23 -23.07 33.14
C VAL A 669 -11.85 -23.54 32.68
N PHE A 670 -10.79 -23.04 33.31
CA PHE A 670 -9.40 -23.31 32.94
C PHE A 670 -8.54 -23.66 34.15
N GLY A 671 -7.39 -24.25 33.88
CA GLY A 671 -6.45 -24.68 34.94
C GLY A 671 -5.04 -24.37 34.54
N VAL A 672 -4.30 -23.71 35.42
CA VAL A 672 -3.00 -23.16 35.05
C VAL A 672 -1.94 -23.48 36.10
N ASN A 673 -0.86 -24.15 35.67
CA ASN A 673 0.32 -24.41 36.52
C ASN A 673 1.52 -23.55 36.13
N ASP A 674 2.02 -22.72 37.05
CA ASP A 674 3.26 -21.96 36.84
C ASP A 674 4.33 -22.60 37.69
N THR A 675 4.36 -23.92 37.61
CA THR A 675 5.09 -24.78 38.54
C THR A 675 5.65 -25.96 37.78
N LEU A 676 6.76 -26.50 38.26
CA LEU A 676 7.47 -27.57 37.55
C LEU A 676 6.98 -28.98 37.85
N GLU A 677 5.79 -29.09 38.45
CA GLU A 677 5.27 -30.39 38.88
C GLU A 677 3.76 -30.44 38.76
N LYS A 678 3.28 -31.59 38.26
CA LYS A 678 1.87 -31.76 37.91
C LYS A 678 1.08 -31.65 39.18
N PHE A 679 -0.15 -31.20 39.05
CA PHE A 679 -0.99 -30.97 40.21
C PHE A 679 -2.24 -31.82 40.07
N TYR A 680 -2.56 -32.50 41.17
CA TYR A 680 -3.80 -33.21 41.34
C TYR A 680 -4.59 -32.46 42.41
N GLY A 681 -5.90 -32.33 42.20
CA GLY A 681 -6.76 -31.62 43.15
C GLY A 681 -8.21 -31.53 42.67
N LYS A 682 -9.12 -31.32 43.62
CA LYS A 682 -10.56 -31.31 43.34
C LYS A 682 -11.03 -29.91 42.96
N ILE A 683 -11.88 -29.82 41.94
CA ILE A 683 -12.63 -28.57 41.66
C ILE A 683 -14.10 -28.72 41.95
N GLU A 684 -14.73 -27.61 42.28
CA GLU A 684 -16.18 -27.55 42.39
C GLU A 684 -16.63 -26.54 41.36
N TYR A 685 -17.61 -26.91 40.54
CA TYR A 685 -18.39 -25.94 39.79
C TYR A 685 -19.52 -25.52 40.71
N ALA A 686 -20.39 -24.62 40.21
CA ALA A 686 -21.71 -24.35 40.77
C ALA A 686 -22.41 -23.30 39.91
N ILE A 687 -23.64 -22.94 40.27
CA ILE A 687 -24.30 -21.76 39.70
C ILE A 687 -25.39 -21.29 40.66
N SER A 688 -24.93 -20.84 41.81
CA SER A 688 -25.81 -20.53 42.94
C SER A 688 -26.52 -19.19 42.76
N THR A 689 -27.60 -18.97 43.53
CA THR A 689 -28.14 -17.62 43.70
C THR A 689 -27.31 -16.96 44.78
N PHE A 690 -27.53 -15.68 44.99
CA PHE A 690 -26.78 -14.92 45.99
C PHE A 690 -27.08 -15.38 47.41
N ARG A 691 -28.25 -15.98 47.59
CA ARG A 691 -28.58 -16.71 48.81
C ARG A 691 -28.34 -18.20 48.63
N GLY A 692 -29.13 -18.73 47.73
CA GLY A 692 -29.47 -20.09 47.69
C GLY A 692 -28.43 -20.85 46.99
N LYS A 693 -28.75 -22.11 46.97
CA LYS A 693 -27.74 -23.10 47.12
C LYS A 693 -27.53 -23.63 45.75
N ARG A 694 -26.44 -24.33 45.45
CA ARG A 694 -25.96 -24.41 44.08
C ARG A 694 -26.87 -25.21 43.15
N ARG A 695 -26.88 -24.82 41.87
CA ARG A 695 -27.47 -25.55 40.78
C ARG A 695 -26.41 -26.28 39.86
N GLY A 696 -25.37 -26.84 40.47
CA GLY A 696 -24.32 -27.54 39.68
C GLY A 696 -23.37 -28.52 40.36
N LYS A 697 -22.56 -29.18 39.54
CA LYS A 697 -21.83 -30.39 39.93
C LYS A 697 -20.46 -30.17 40.57
N LYS A 698 -20.41 -30.42 41.88
CA LYS A 698 -19.16 -30.74 42.58
C LYS A 698 -18.47 -31.84 41.81
N GLU A 699 -17.17 -31.71 41.57
CA GLU A 699 -16.41 -32.66 40.75
C GLU A 699 -15.44 -33.45 41.59
N VAL A 700 -15.03 -34.61 41.08
CA VAL A 700 -14.07 -35.51 41.73
C VAL A 700 -12.64 -34.89 41.44
N ASP A 701 -11.56 -35.66 41.60
CA ASP A 701 -10.18 -35.25 41.24
C ASP A 701 -10.09 -34.68 39.81
N ILE A 702 -9.35 -33.59 39.63
CA ILE A 702 -8.81 -33.22 38.31
C ILE A 702 -7.29 -32.98 38.37
N GLU A 703 -6.62 -33.25 37.26
CA GLU A 703 -5.19 -33.04 37.09
C GLU A 703 -4.97 -31.76 36.28
N ILE A 704 -4.01 -30.94 36.70
CA ILE A 704 -3.44 -29.87 35.85
C ILE A 704 -1.97 -30.25 35.64
N PRO A 705 -1.55 -30.53 34.38
CA PRO A 705 -0.15 -30.92 34.10
C PRO A 705 0.87 -29.82 34.41
N ALA A 706 2.13 -30.21 34.57
CA ALA A 706 3.16 -29.27 35.02
C ALA A 706 3.41 -28.21 33.95
N ASN A 707 3.59 -26.98 34.41
CA ASN A 707 3.87 -25.81 33.56
C ASN A 707 3.04 -25.73 32.28
N SER A 708 1.72 -25.53 32.46
CA SER A 708 0.79 -25.54 31.32
C SER A 708 -0.58 -25.06 31.71
N SER A 709 -1.32 -24.54 30.73
CA SER A 709 -2.76 -24.30 30.87
C SER A 709 -3.52 -25.46 30.25
N VAL A 710 -4.57 -25.90 30.94
CA VAL A 710 -5.42 -26.97 30.46
C VAL A 710 -6.87 -26.54 30.66
N ILE A 711 -7.69 -26.89 29.67
CA ILE A 711 -9.13 -26.71 29.77
C ILE A 711 -9.67 -27.81 30.70
N LEU A 712 -10.33 -27.40 31.78
CA LEU A 712 -10.77 -28.34 32.83
C LEU A 712 -12.24 -28.70 32.74
N GLY A 713 -13.08 -27.76 32.32
CA GLY A 713 -14.51 -27.97 32.27
C GLY A 713 -15.22 -27.03 31.34
N GLU A 714 -16.37 -27.49 30.86
CA GLU A 714 -17.35 -26.69 30.13
C GLU A 714 -18.57 -26.63 31.04
N PHE A 715 -19.48 -25.69 30.79
CA PHE A 715 -20.73 -25.66 31.56
C PHE A 715 -21.78 -24.80 30.83
N ASN A 716 -22.69 -25.45 30.10
CA ASN A 716 -23.71 -24.74 29.31
C ASN A 716 -24.71 -23.97 30.15
N LEU A 717 -25.08 -22.78 29.68
CA LEU A 717 -26.02 -21.90 30.38
C LEU A 717 -27.10 -21.27 29.50
N GLU A 718 -27.88 -22.09 28.79
CA GLU A 718 -28.94 -21.54 27.92
C GLU A 718 -30.26 -21.20 28.65
N ASP A 719 -30.31 -21.37 29.98
CA ASP A 719 -31.39 -20.75 30.77
C ASP A 719 -30.89 -20.33 32.17
N VAL A 720 -30.16 -19.21 32.20
CA VAL A 720 -29.59 -18.65 33.42
C VAL A 720 -30.26 -17.33 33.77
N ASP A 721 -30.56 -17.17 35.06
CA ASP A 721 -31.13 -15.91 35.56
C ASP A 721 -29.96 -14.96 35.85
N LYS A 722 -29.67 -14.11 34.87
CA LYS A 722 -28.48 -13.23 34.88
C LYS A 722 -28.41 -12.29 36.08
N PHE A 723 -29.57 -11.90 36.59
CA PHE A 723 -29.68 -10.93 37.69
C PHE A 723 -29.90 -11.52 39.09
N LYS A 724 -30.16 -12.82 39.18
CA LYS A 724 -30.27 -13.51 40.48
C LYS A 724 -29.16 -14.54 40.73
N GLU A 725 -28.46 -14.97 39.68
CA GLU A 725 -27.49 -16.07 39.77
C GLU A 725 -26.06 -15.68 39.33
N PHE A 726 -25.11 -16.47 39.79
CA PHE A 726 -23.72 -16.31 39.40
C PHE A 726 -22.97 -17.65 39.43
N PHE A 727 -22.28 -17.98 38.34
CA PHE A 727 -21.47 -19.20 38.25
C PHE A 727 -20.18 -19.06 39.08
N TYR A 728 -19.73 -20.13 39.72
CA TYR A 728 -18.48 -20.08 40.47
C TYR A 728 -17.66 -21.35 40.40
N VAL A 729 -16.40 -21.22 40.82
CA VAL A 729 -15.47 -22.35 40.86
C VAL A 729 -14.56 -22.24 42.06
N GLN A 730 -14.30 -23.37 42.70
CA GLN A 730 -13.35 -23.42 43.79
C GLN A 730 -12.38 -24.55 43.54
N LEU A 731 -11.12 -24.31 43.88
CA LEU A 731 -10.03 -25.25 43.63
C LEU A 731 -9.48 -25.70 44.95
N TYR A 732 -9.40 -27.02 45.12
CA TYR A 732 -8.85 -27.63 46.32
C TYR A 732 -7.64 -28.45 45.95
N ASN A 733 -6.60 -28.30 46.74
CA ASN A 733 -5.43 -29.19 46.60
C ASN A 733 -5.73 -30.54 47.24
N GLU A 734 -4.83 -31.51 47.09
CA GLU A 734 -5.02 -32.86 47.66
C GLU A 734 -5.41 -32.82 49.18
N LYS A 735 -4.95 -31.80 49.91
CA LYS A 735 -5.25 -31.56 51.38
C LYS A 735 -6.66 -30.95 51.60
N ASP A 736 -7.02 -30.36 52.79
CA ASP A 736 -8.34 -29.71 53.04
C ASP A 736 -8.57 -28.54 52.08
N GLU A 737 -7.44 -27.96 51.65
CA GLU A 737 -7.33 -26.52 51.41
C GLU A 737 -7.91 -25.91 50.13
N LEU A 738 -8.51 -24.75 50.36
CA LEU A 738 -8.82 -23.83 49.30
C LEU A 738 -7.52 -23.11 48.91
N ILE A 739 -7.14 -23.25 47.64
CA ILE A 739 -5.93 -22.65 47.05
C ILE A 739 -6.26 -21.60 45.98
N ASP A 740 -7.36 -21.79 45.25
CA ASP A 740 -7.96 -20.69 44.48
C ASP A 740 -9.47 -20.86 44.28
N GLN A 741 -10.17 -19.76 44.07
CA GLN A 741 -11.58 -19.76 43.65
C GLN A 741 -11.78 -18.72 42.57
N ASN A 742 -12.95 -18.75 41.96
CA ASN A 742 -13.29 -17.76 40.96
C ASN A 742 -14.76 -17.73 40.64
N GLU A 743 -15.20 -16.63 40.10
CA GLU A 743 -16.63 -16.40 39.91
C GLU A 743 -16.88 -15.69 38.61
N TYR A 744 -18.11 -15.83 38.13
CA TYR A 744 -18.60 -15.14 36.95
C TYR A 744 -19.95 -14.52 37.21
N PHE A 745 -20.23 -13.42 36.55
CA PHE A 745 -21.53 -12.75 36.65
C PHE A 745 -21.97 -12.47 35.24
N PHE A 746 -23.28 -12.42 35.00
CA PHE A 746 -23.82 -12.35 33.63
C PHE A 746 -24.44 -11.00 33.30
N ALA A 747 -24.23 -10.02 34.17
CA ALA A 747 -24.82 -8.69 34.03
C ALA A 747 -24.03 -7.76 34.93
N PRO A 748 -24.02 -6.44 34.64
CA PRO A 748 -23.21 -5.53 35.46
C PRO A 748 -23.73 -5.43 36.90
N PHE A 749 -22.80 -5.47 37.86
CA PHE A 749 -23.13 -5.51 39.30
C PHE A 749 -24.35 -4.66 39.66
N ARG A 750 -24.34 -3.40 39.25
CA ARG A 750 -25.44 -2.48 39.53
C ARG A 750 -26.85 -3.01 39.24
N HIS A 751 -27.02 -3.93 38.29
CA HIS A 751 -28.35 -4.55 38.06
C HIS A 751 -28.60 -5.89 38.74
N LEU A 752 -27.66 -6.39 39.55
CA LEU A 752 -27.83 -7.70 40.17
C LEU A 752 -28.69 -7.58 41.42
N GLU A 753 -29.87 -8.20 41.41
CA GLU A 753 -30.73 -8.24 42.60
C GLU A 753 -29.98 -9.01 43.72
N LEU A 754 -29.05 -8.28 44.32
CA LEU A 754 -28.03 -8.83 45.20
C LEU A 754 -28.32 -8.35 46.62
N PRO A 755 -28.76 -9.26 47.50
CA PRO A 755 -29.08 -8.81 48.85
C PRO A 755 -27.85 -8.34 49.60
N ASN A 756 -28.00 -7.30 50.41
CA ASN A 756 -26.97 -6.91 51.36
C ASN A 756 -26.68 -8.08 52.29
N ALA A 757 -25.42 -8.47 52.40
CA ALA A 757 -25.01 -9.61 53.22
C ALA A 757 -24.71 -9.18 54.65
N VAL A 758 -24.47 -10.17 55.50
CA VAL A 758 -24.01 -9.96 56.88
C VAL A 758 -22.89 -10.96 57.16
N VAL A 759 -21.75 -10.47 57.61
CA VAL A 759 -20.52 -11.26 57.64
C VAL A 759 -20.16 -11.46 59.11
N VAL A 760 -19.54 -12.61 59.40
CA VAL A 760 -19.31 -13.03 60.79
C VAL A 760 -17.88 -13.54 60.98
N TYR A 761 -17.06 -12.63 61.48
CA TYR A 761 -15.63 -12.81 61.50
C TYR A 761 -15.11 -12.94 62.92
N SER A 762 -13.99 -13.65 63.07
CA SER A 762 -13.28 -13.76 64.36
C SER A 762 -11.82 -14.02 64.11
N VAL A 763 -11.01 -13.67 65.10
CA VAL A 763 -9.56 -13.46 64.93
C VAL A 763 -8.74 -14.33 65.88
N LYS A 764 -8.10 -15.37 65.34
CA LYS A 764 -7.12 -16.17 66.10
C LYS A 764 -5.74 -15.49 66.10
N GLU A 765 -4.79 -16.04 66.89
CA GLU A 765 -3.41 -15.50 66.99
C GLU A 765 -2.46 -16.66 66.85
N ILE A 766 -1.73 -16.76 65.74
CA ILE A 766 -0.95 -17.99 65.52
C ILE A 766 0.43 -17.91 66.18
N GLU A 767 1.10 -16.77 66.07
CA GLU A 767 2.42 -16.50 66.69
C GLU A 767 2.42 -15.04 67.15
N GLU A 768 3.46 -14.60 67.86
CA GLU A 768 3.28 -13.37 68.65
C GLU A 768 2.67 -12.23 67.88
N ASN A 769 3.17 -11.92 66.69
CA ASN A 769 2.49 -10.92 65.87
C ASN A 769 1.68 -11.43 64.69
N SER A 770 1.78 -12.72 64.34
CA SER A 770 0.96 -13.29 63.27
C SER A 770 -0.45 -13.57 63.75
N TYR A 771 -1.41 -13.37 62.85
CA TYR A 771 -2.82 -13.57 63.14
C TYR A 771 -3.47 -14.38 62.04
N LEU A 772 -4.70 -14.81 62.30
CA LEU A 772 -5.45 -15.68 61.37
C LEU A 772 -6.89 -15.19 61.45
N LEU A 773 -7.44 -14.80 60.31
CA LEU A 773 -8.75 -14.16 60.26
C LEU A 773 -9.76 -15.13 59.70
N ASN A 774 -10.83 -15.36 60.45
CA ASN A 774 -11.88 -16.31 60.04
C ASN A 774 -13.13 -15.56 59.61
N ILE A 775 -13.68 -15.91 58.44
CA ILE A 775 -14.89 -15.25 57.91
C ILE A 775 -15.92 -16.26 57.43
N GLU A 776 -17.19 -15.97 57.70
CA GLU A 776 -18.30 -16.61 56.99
C GLU A 776 -19.35 -15.54 56.69
N SER A 777 -20.14 -15.79 55.65
CA SER A 777 -21.20 -14.88 55.26
C SER A 777 -22.47 -15.62 54.84
N ASP A 778 -23.61 -15.01 55.14
CA ASP A 778 -24.92 -15.57 54.75
C ASP A 778 -25.10 -15.56 53.23
N PHE A 779 -25.33 -14.39 52.65
CA PHE A 779 -25.48 -14.25 51.21
C PHE A 779 -24.09 -13.94 50.63
N LEU A 780 -23.99 -13.88 49.30
CA LEU A 780 -22.74 -13.45 48.64
C LEU A 780 -22.36 -12.01 49.02
N ALA A 781 -21.30 -11.90 49.81
CA ALA A 781 -20.67 -10.62 50.10
C ALA A 781 -19.52 -10.45 49.11
N LEU A 782 -19.33 -9.22 48.61
CA LEU A 782 -18.33 -8.94 47.58
C LEU A 782 -17.32 -7.88 47.96
N TRP A 783 -16.05 -8.21 47.76
CA TRP A 783 -14.93 -7.30 47.91
C TRP A 783 -14.92 -6.74 49.33
N VAL A 784 -14.96 -7.63 50.33
CA VAL A 784 -14.85 -7.16 51.72
C VAL A 784 -13.45 -6.59 51.88
N SER A 785 -13.34 -5.55 52.71
CA SER A 785 -12.18 -4.68 52.73
C SER A 785 -11.60 -4.65 54.13
N LEU A 786 -10.61 -5.51 54.37
CA LEU A 786 -10.02 -5.65 55.70
C LEU A 786 -9.07 -4.50 56.07
N LYS A 787 -9.57 -3.52 56.85
CA LYS A 787 -8.79 -2.31 57.24
C LYS A 787 -8.10 -2.43 58.59
N LEU A 788 -6.77 -2.28 58.61
CA LEU A 788 -5.99 -2.31 59.86
C LEU A 788 -4.64 -1.64 59.69
N GLU A 789 -4.37 -0.61 60.50
CA GLU A 789 -3.41 0.46 60.13
C GLU A 789 -2.00 0.02 59.64
N ASN A 790 -1.48 -1.12 60.05
CA ASN A 790 -0.18 -1.56 59.54
C ASN A 790 -0.07 -3.05 59.23
N ALA A 791 -1.17 -3.63 58.78
CA ALA A 791 -1.20 -5.07 58.56
C ALA A 791 -0.52 -5.49 57.25
N GLU A 792 -0.08 -6.74 57.19
CA GLU A 792 0.53 -7.31 55.99
C GLU A 792 -0.34 -8.50 55.59
N TRP A 793 -1.47 -8.16 54.99
CA TRP A 793 -2.49 -9.14 54.61
C TRP A 793 -1.94 -10.13 53.57
N GLU A 794 -2.25 -11.42 53.76
CA GLU A 794 -1.87 -12.47 52.81
C GLU A 794 -2.93 -12.49 51.71
N ASP A 795 -4.12 -11.98 52.00
CA ASP A 795 -5.14 -11.73 50.95
C ASP A 795 -6.15 -10.69 51.43
N ASN A 796 -6.84 -10.03 50.49
CA ASN A 796 -7.80 -8.97 50.82
C ASN A 796 -8.76 -8.57 49.70
N PHE A 797 -9.74 -7.68 49.96
CA PHE A 797 -10.71 -7.26 48.94
C PHE A 797 -11.29 -8.48 48.34
N VAL A 798 -11.88 -9.31 49.22
CA VAL A 798 -12.22 -10.69 48.88
C VAL A 798 -13.71 -10.90 48.68
N ASN A 799 -14.04 -11.81 47.77
CA ASN A 799 -15.40 -12.35 47.69
C ASN A 799 -15.55 -13.50 48.68
N ILE A 800 -16.69 -13.51 49.38
CA ILE A 800 -17.03 -14.57 50.37
C ILE A 800 -18.36 -15.23 49.90
N TYR A 801 -18.31 -16.51 49.56
CA TYR A 801 -19.50 -17.22 49.09
C TYR A 801 -20.34 -17.71 50.29
N PRO A 802 -21.67 -17.85 50.08
CA PRO A 802 -22.54 -18.57 51.00
C PRO A 802 -21.98 -19.99 51.19
N LYS A 803 -22.17 -20.62 52.35
CA LYS A 803 -21.77 -22.05 52.52
C LYS A 803 -20.24 -22.35 52.57
N THR A 804 -19.41 -21.30 52.50
CA THR A 804 -17.97 -21.43 52.76
C THR A 804 -17.50 -20.55 53.92
N LYS A 805 -16.61 -21.12 54.73
CA LYS A 805 -15.89 -20.40 55.79
C LYS A 805 -14.43 -20.22 55.34
N TYR A 806 -13.92 -18.99 55.48
CA TYR A 806 -12.60 -18.60 54.98
C TYR A 806 -11.64 -18.35 56.13
N SER A 807 -10.44 -18.94 56.05
CA SER A 807 -9.35 -18.66 56.99
C SER A 807 -8.24 -17.98 56.19
N ILE A 808 -8.27 -16.66 56.10
CA ILE A 808 -7.25 -15.91 55.35
C ILE A 808 -6.31 -15.16 56.29
N ARG A 809 -5.06 -15.58 56.33
CA ARG A 809 -4.11 -15.15 57.36
C ARG A 809 -3.57 -13.76 57.13
N PHE A 810 -3.12 -13.11 58.19
CA PHE A 810 -2.41 -11.85 58.07
C PHE A 810 -1.35 -11.69 59.15
N LYS A 811 -0.80 -10.49 59.26
CA LYS A 811 -0.05 -10.10 60.45
C LYS A 811 -0.08 -8.60 60.63
N ALA A 812 0.28 -8.19 61.83
CA ALA A 812 0.30 -6.80 62.23
C ALA A 812 1.40 -6.85 63.31
N PRO A 813 2.67 -6.78 62.82
CA PRO A 813 3.79 -6.45 63.69
C PRO A 813 3.80 -5.01 64.21
N TYR A 814 2.69 -4.26 64.08
CA TYR A 814 2.51 -3.00 64.80
C TYR A 814 1.60 -3.23 66.03
N THR A 815 0.32 -3.50 65.80
CA THR A 815 -0.71 -3.37 66.86
C THR A 815 -0.79 -4.53 67.86
N LEU A 816 -1.36 -4.21 69.03
CA LEU A 816 -1.44 -5.04 70.26
C LEU A 816 -2.42 -6.20 70.14
N LYS A 817 -2.34 -7.20 71.01
CA LYS A 817 -3.22 -8.40 70.89
C LYS A 817 -4.73 -8.12 70.96
N GLU A 818 -5.13 -7.18 71.80
CA GLU A 818 -6.55 -6.79 71.97
C GLU A 818 -6.96 -5.68 70.98
N VAL A 819 -5.97 -4.95 70.44
CA VAL A 819 -6.18 -3.83 69.52
C VAL A 819 -6.34 -4.30 68.05
N GLU A 820 -5.87 -5.50 67.67
CA GLU A 820 -6.24 -6.03 66.32
C GLU A 820 -7.73 -6.35 66.21
N SER A 821 -8.43 -6.36 67.34
CA SER A 821 -9.90 -6.30 67.37
C SER A 821 -10.39 -4.84 67.47
N LYS A 822 -9.67 -3.91 66.84
CA LYS A 822 -10.17 -2.57 66.44
C LYS A 822 -10.10 -2.36 64.88
N LEU A 823 -9.55 -3.36 64.14
CA LEU A 823 -9.91 -3.78 62.75
C LEU A 823 -11.32 -3.48 62.27
N LYS A 824 -11.46 -2.62 61.25
CA LYS A 824 -12.76 -2.39 60.57
C LYS A 824 -12.91 -3.32 59.37
N LEU A 825 -14.08 -3.33 58.75
CA LEU A 825 -14.19 -3.85 57.40
C LEU A 825 -15.45 -3.42 56.67
N GLU A 826 -15.33 -3.28 55.35
CA GLU A 826 -16.39 -2.77 54.47
C GLU A 826 -16.51 -3.62 53.23
N GLY A 827 -17.62 -3.48 52.51
CA GLY A 827 -17.80 -4.18 51.23
C GLY A 827 -18.93 -3.60 50.39
N TYR A 828 -19.07 -4.09 49.16
CA TYR A 828 -20.13 -3.59 48.26
C TYR A 828 -21.53 -3.74 48.88
N ASN A 829 -21.69 -4.66 49.84
CA ASN A 829 -23.03 -5.00 50.37
C ASN A 829 -23.03 -5.61 51.80
N LEU A 830 -23.16 -4.78 52.84
CA LEU A 830 -22.81 -5.19 54.22
C LEU A 830 -23.72 -4.89 55.49
N LYS A 831 -23.72 -5.85 56.44
CA LYS A 831 -23.71 -5.56 57.92
C LYS A 831 -22.78 -6.58 58.68
N LYS A 832 -22.04 -6.15 59.69
CA LYS A 832 -20.90 -6.95 60.24
C LYS A 832 -21.11 -7.34 61.69
N VAL A 833 -20.55 -8.49 62.10
CA VAL A 833 -20.77 -9.05 63.47
C VAL A 833 -19.55 -9.82 64.09
N ILE A 834 -19.56 -9.87 65.45
CA ILE A 834 -18.74 -10.61 66.46
C ILE A 834 -18.60 -9.74 67.73
N MET B 24 -61.82 6.94 -15.21
CA MET B 24 -61.60 5.65 -14.48
C MET B 24 -62.10 5.78 -13.04
N GLU B 25 -62.78 4.73 -12.57
CA GLU B 25 -63.34 4.70 -11.21
C GLU B 25 -62.48 3.80 -10.28
N ILE B 26 -62.34 4.24 -9.02
CA ILE B 26 -61.50 3.55 -8.02
C ILE B 26 -62.36 3.09 -6.85
N LEU B 27 -62.56 1.78 -6.73
CA LEU B 27 -63.08 1.18 -5.49
C LEU B 27 -61.87 0.85 -4.65
N LYS B 28 -61.71 1.52 -3.51
CA LYS B 28 -60.56 1.29 -2.66
C LYS B 28 -60.86 0.37 -1.48
N LEU B 29 -60.03 -0.66 -1.31
CA LEU B 29 -60.26 -1.71 -0.31
C LEU B 29 -59.60 -1.41 1.04
N ASP B 30 -59.27 -0.13 1.27
CA ASP B 30 -58.88 0.34 2.61
C ASP B 30 -60.09 0.17 3.54
N GLY B 31 -59.85 0.16 4.85
CA GLY B 31 -60.92 -0.09 5.83
C GLY B 31 -60.55 -1.19 6.79
N GLU B 32 -61.46 -2.13 7.05
CA GLU B 32 -61.14 -3.24 7.94
C GLU B 32 -61.01 -4.56 7.16
N TRP B 33 -60.01 -5.35 7.53
CA TRP B 33 -59.78 -6.70 7.01
C TRP B 33 -59.82 -7.70 8.17
N GLU B 34 -59.89 -8.97 7.81
CA GLU B 34 -59.76 -10.05 8.75
C GLU B 34 -58.37 -10.60 8.60
N PHE B 35 -57.79 -11.11 9.69
CA PHE B 35 -56.42 -11.65 9.66
C PHE B 35 -56.17 -12.72 10.72
N LYS B 36 -55.24 -13.62 10.42
CA LYS B 36 -54.84 -14.67 11.35
C LYS B 36 -53.45 -15.19 11.05
N ALA B 37 -52.86 -15.88 12.04
CA ALA B 37 -51.56 -16.51 11.85
C ALA B 37 -51.74 -17.55 10.79
N VAL B 38 -50.67 -17.86 10.05
CA VAL B 38 -50.74 -18.80 8.91
C VAL B 38 -51.59 -19.99 9.30
N LYS B 39 -51.42 -20.50 10.52
CA LYS B 39 -52.27 -21.56 11.03
C LYS B 39 -52.73 -21.28 12.47
N ASP B 40 -53.88 -20.61 12.51
CA ASP B 40 -54.71 -20.48 13.67
C ASP B 40 -56.14 -20.59 13.13
N LYS B 41 -57.13 -20.74 14.00
CA LYS B 41 -58.54 -20.87 13.58
C LYS B 41 -59.31 -19.56 13.57
N LYS B 42 -59.08 -18.72 14.57
CA LYS B 42 -59.79 -17.44 14.72
C LYS B 42 -59.37 -16.45 13.63
N TRP B 43 -60.34 -15.78 13.03
CA TRP B 43 -60.09 -14.61 12.21
C TRP B 43 -60.43 -13.42 13.07
N ARG B 44 -59.44 -12.58 13.35
CA ARG B 44 -59.67 -11.34 14.12
C ARG B 44 -59.72 -10.12 13.20
N LYS B 45 -60.23 -8.99 13.73
CA LYS B 45 -60.34 -7.73 12.97
C LYS B 45 -58.99 -7.05 12.80
N ALA B 46 -58.84 -6.35 11.67
CA ALA B 46 -57.59 -5.69 11.30
C ALA B 46 -57.84 -4.43 10.46
N LYS B 47 -56.88 -3.50 10.47
CA LYS B 47 -56.99 -2.26 9.72
C LYS B 47 -55.96 -2.31 8.59
N VAL B 48 -56.27 -1.65 7.47
CA VAL B 48 -55.69 -2.03 6.18
C VAL B 48 -54.39 -1.42 5.82
N PRO B 49 -54.30 -0.08 5.87
CA PRO B 49 -52.94 0.39 6.09
C PRO B 49 -52.60 -0.05 7.50
N GLY B 50 -51.74 -1.07 7.60
CA GLY B 50 -51.54 -1.79 8.88
C GLY B 50 -50.21 -2.50 9.05
N CYS B 51 -49.99 -2.96 10.27
CA CYS B 51 -48.92 -3.89 10.61
C CYS B 51 -49.57 -5.06 11.26
N VAL B 52 -48.90 -6.21 11.23
CA VAL B 52 -49.30 -7.32 12.07
C VAL B 52 -49.28 -6.83 13.52
N HIS B 53 -48.17 -6.23 13.94
CA HIS B 53 -48.00 -5.80 15.33
C HIS B 53 -49.17 -4.93 15.79
N LEU B 54 -49.50 -3.92 14.99
CA LEU B 54 -50.65 -3.01 15.22
C LEU B 54 -51.94 -3.76 15.51
N ASP B 55 -52.23 -4.73 14.65
CA ASP B 55 -53.50 -5.44 14.71
C ASP B 55 -53.51 -6.38 15.90
N LEU B 56 -52.37 -6.97 16.23
CA LEU B 56 -52.23 -7.76 17.46
C LEU B 56 -52.35 -6.88 18.74
N MET B 57 -51.69 -5.72 18.73
CA MET B 57 -51.85 -4.72 19.80
C MET B 57 -53.32 -4.37 19.99
N GLU B 58 -53.96 -3.94 18.90
CA GLU B 58 -55.39 -3.57 18.89
C GLU B 58 -56.33 -4.67 19.37
N ASN B 59 -56.06 -5.92 19.02
CA ASN B 59 -56.83 -7.06 19.56
C ASN B 59 -56.41 -7.51 20.97
N GLY B 60 -55.37 -6.90 21.53
CA GLY B 60 -54.95 -7.18 22.91
C GLY B 60 -54.09 -8.41 23.06
N LEU B 61 -53.64 -8.97 21.93
CA LEU B 61 -52.84 -10.23 21.93
C LEU B 61 -51.35 -10.12 22.31
N ILE B 62 -50.81 -8.89 22.41
CA ILE B 62 -49.38 -8.65 22.74
C ILE B 62 -49.16 -7.25 23.37
N PRO B 63 -48.17 -7.13 24.27
CA PRO B 63 -48.01 -5.86 25.00
C PRO B 63 -47.46 -4.72 24.12
N ASP B 64 -47.46 -3.50 24.65
CA ASP B 64 -46.89 -2.35 23.92
C ASP B 64 -45.36 -2.57 23.81
N PRO B 65 -44.84 -2.83 22.60
CA PRO B 65 -43.43 -3.18 22.48
C PRO B 65 -42.50 -2.06 22.92
N PHE B 66 -42.97 -0.83 22.76
CA PHE B 66 -42.26 0.37 23.23
C PHE B 66 -42.12 0.53 24.74
N VAL B 67 -42.89 -0.22 25.53
CA VAL B 67 -42.79 -0.14 26.99
C VAL B 67 -41.79 -1.13 27.60
N GLY B 68 -40.90 -0.62 28.44
CA GLY B 68 -39.98 -1.46 29.22
C GLY B 68 -39.23 -2.46 28.38
N GLU B 69 -39.24 -3.72 28.78
CA GLU B 69 -38.57 -4.78 28.04
C GLU B 69 -39.55 -5.67 27.29
N ASN B 70 -40.57 -5.05 26.71
CA ASN B 70 -41.55 -5.79 25.91
C ASN B 70 -41.08 -6.17 24.50
N GLU B 71 -40.18 -5.38 23.92
CA GLU B 71 -39.47 -5.81 22.70
C GLU B 71 -39.18 -7.31 22.73
N LEU B 72 -38.64 -7.78 23.86
CA LEU B 72 -38.31 -9.20 24.06
C LEU B 72 -39.52 -10.12 23.99
N GLU B 73 -40.59 -9.76 24.69
CA GLU B 73 -41.85 -10.51 24.60
C GLU B 73 -42.30 -10.78 23.14
N VAL B 74 -42.26 -9.75 22.30
CA VAL B 74 -42.93 -9.80 20.97
C VAL B 74 -42.09 -10.33 19.78
N GLN B 75 -40.95 -10.98 20.04
CA GLN B 75 -40.08 -11.48 18.95
C GLN B 75 -40.68 -12.62 18.12
N TRP B 76 -41.64 -13.35 18.68
CA TRP B 76 -42.30 -14.44 17.96
C TRP B 76 -43.12 -13.99 16.74
N VAL B 77 -43.70 -12.78 16.80
CA VAL B 77 -44.54 -12.22 15.72
C VAL B 77 -43.78 -12.26 14.39
N GLU B 78 -42.57 -11.72 14.46
CA GLU B 78 -41.58 -11.72 13.39
C GLU B 78 -41.42 -13.07 12.72
N LYS B 79 -41.41 -14.13 13.53
CA LYS B 79 -41.12 -15.50 13.07
C LYS B 79 -42.31 -16.17 12.37
N GLU B 80 -43.53 -15.76 12.70
CA GLU B 80 -44.73 -16.37 12.14
C GLU B 80 -45.06 -15.83 10.76
N ASP B 81 -45.61 -16.71 9.91
CA ASP B 81 -46.30 -16.33 8.65
C ASP B 81 -47.73 -15.86 8.98
N TRP B 82 -48.30 -15.04 8.11
CA TRP B 82 -49.56 -14.29 8.37
C TRP B 82 -50.48 -14.28 7.18
N ILE B 83 -51.77 -14.25 7.43
CA ILE B 83 -52.75 -14.18 6.36
C ILE B 83 -53.69 -13.03 6.65
N TYR B 84 -53.88 -12.19 5.64
CA TYR B 84 -54.84 -11.12 5.67
C TYR B 84 -55.86 -11.42 4.58
N ARG B 85 -57.11 -11.07 4.83
CA ARG B 85 -58.20 -11.37 3.90
C ARG B 85 -59.24 -10.28 3.96
N LYS B 86 -59.71 -9.83 2.81
CA LYS B 86 -60.90 -8.98 2.72
C LYS B 86 -61.88 -9.56 1.76
N LYS B 87 -63.15 -9.41 2.11
CA LYS B 87 -64.28 -9.73 1.22
C LYS B 87 -64.86 -8.39 0.78
N PHE B 88 -65.13 -8.24 -0.52
CA PHE B 88 -65.69 -6.98 -1.02
C PHE B 88 -66.78 -7.18 -2.04
N GLN B 89 -67.61 -6.15 -2.21
CA GLN B 89 -68.81 -6.19 -3.05
C GLN B 89 -68.58 -5.35 -4.31
N VAL B 90 -68.61 -5.98 -5.50
CA VAL B 90 -68.42 -5.27 -6.80
C VAL B 90 -69.67 -5.27 -7.72
N GLY B 91 -70.01 -4.09 -8.24
CA GLY B 91 -71.20 -3.92 -9.07
C GLY B 91 -71.14 -4.57 -10.44
N LYS B 92 -72.27 -4.57 -11.13
CA LYS B 92 -72.35 -4.96 -12.55
C LYS B 92 -71.87 -3.77 -13.39
N GLU B 93 -72.26 -2.57 -12.96
CA GLU B 93 -71.69 -1.30 -13.47
C GLU B 93 -70.16 -1.27 -13.49
N PHE B 94 -69.51 -1.82 -12.47
CA PHE B 94 -68.05 -1.74 -12.35
C PHE B 94 -67.29 -2.67 -13.28
N LEU B 95 -67.80 -3.89 -13.50
CA LEU B 95 -67.19 -4.82 -14.47
C LEU B 95 -67.26 -4.31 -15.91
N LYS B 96 -68.19 -3.39 -16.20
CA LYS B 96 -68.31 -2.71 -17.52
C LYS B 96 -66.97 -2.14 -18.03
N TYR B 97 -66.16 -1.65 -17.10
CA TYR B 97 -64.81 -1.15 -17.39
C TYR B 97 -63.94 -2.23 -18.02
N SER B 98 -63.36 -1.90 -19.18
CA SER B 98 -62.74 -2.91 -20.04
C SER B 98 -61.40 -3.44 -19.56
N SER B 99 -60.73 -2.71 -18.65
CA SER B 99 -59.59 -3.29 -17.89
C SER B 99 -59.66 -2.87 -16.42
N ILE B 100 -59.50 -3.87 -15.54
CA ILE B 100 -59.47 -3.69 -14.10
C ILE B 100 -58.14 -4.25 -13.59
N TYR B 101 -57.38 -3.38 -12.92
CA TYR B 101 -56.11 -3.73 -12.30
C TYR B 101 -56.25 -3.50 -10.81
N LEU B 102 -55.63 -4.37 -10.02
CA LEU B 102 -55.57 -4.23 -8.56
C LEU B 102 -54.20 -3.66 -8.18
N GLU B 103 -54.20 -2.65 -7.32
CA GLU B 103 -53.00 -1.88 -7.01
C GLU B 103 -52.75 -1.89 -5.52
N PHE B 104 -51.68 -2.57 -5.12
CA PHE B 104 -51.15 -2.49 -3.76
C PHE B 104 -50.14 -1.37 -3.78
N GLU B 105 -50.49 -0.23 -3.18
CA GLU B 105 -49.61 0.95 -3.17
C GLU B 105 -48.30 0.63 -2.46
N GLY B 106 -48.40 -0.18 -1.40
CA GLY B 106 -47.22 -0.63 -0.65
C GLY B 106 -47.60 -1.87 0.11
N ILE B 107 -46.63 -2.76 0.30
CA ILE B 107 -46.86 -4.02 0.98
C ILE B 107 -45.56 -4.51 1.63
N ASP B 108 -45.61 -4.89 2.91
CA ASP B 108 -44.36 -5.13 3.64
C ASP B 108 -43.76 -6.46 3.24
N THR B 109 -43.03 -6.37 2.13
CA THR B 109 -42.19 -7.41 1.55
C THR B 109 -42.89 -8.62 0.98
N PHE B 110 -42.65 -9.78 1.61
CA PHE B 110 -42.80 -11.05 0.93
C PHE B 110 -44.18 -11.60 1.08
N SER B 111 -44.89 -11.68 -0.06
CA SER B 111 -46.30 -12.05 -0.06
C SER B 111 -46.72 -12.86 -1.26
N GLU B 112 -47.78 -13.62 -1.05
CA GLU B 112 -48.49 -14.39 -2.08
C GLU B 112 -49.91 -13.84 -2.02
N ILE B 113 -50.48 -13.47 -3.16
CA ILE B 113 -51.78 -12.79 -3.15
C ILE B 113 -52.80 -13.46 -4.06
N TYR B 114 -53.87 -13.96 -3.44
CA TYR B 114 -54.89 -14.74 -4.13
C TYR B 114 -56.18 -13.97 -4.28
N LEU B 115 -56.79 -14.03 -5.46
CA LEU B 115 -58.12 -13.45 -5.69
C LEU B 115 -59.09 -14.54 -6.12
N ASN B 116 -60.15 -14.70 -5.35
CA ASN B 116 -61.08 -15.83 -5.48
C ASN B 116 -60.34 -17.18 -5.56
N GLY B 117 -59.49 -17.42 -4.56
CA GLY B 117 -58.69 -18.66 -4.46
C GLY B 117 -57.75 -18.98 -5.62
N LYS B 118 -57.25 -17.95 -6.31
CA LYS B 118 -56.33 -18.11 -7.47
C LYS B 118 -55.21 -17.08 -7.38
N LYS B 119 -53.96 -17.55 -7.54
CA LYS B 119 -52.77 -16.68 -7.45
C LYS B 119 -52.77 -15.55 -8.47
N ILE B 120 -51.97 -14.53 -8.15
CA ILE B 120 -51.88 -13.31 -8.93
C ILE B 120 -50.42 -12.82 -9.03
N GLY B 121 -49.65 -12.92 -7.93
CA GLY B 121 -48.18 -12.78 -7.98
C GLY B 121 -47.47 -12.79 -6.62
N GLU B 122 -46.15 -12.97 -6.62
CA GLU B 122 -45.37 -12.71 -5.41
C GLU B 122 -45.09 -11.18 -5.38
N THR B 123 -44.68 -10.70 -4.20
CA THR B 123 -44.07 -9.40 -4.04
C THR B 123 -42.72 -9.55 -3.28
N ASP B 124 -41.68 -8.96 -3.85
CA ASP B 124 -40.34 -8.93 -3.26
C ASP B 124 -40.08 -7.66 -2.49
N ASN B 125 -41.02 -6.71 -2.49
CA ASN B 125 -40.64 -5.31 -2.21
C ASN B 125 -41.66 -4.35 -1.50
N MET B 126 -41.15 -3.71 -0.45
CA MET B 126 -41.90 -2.81 0.42
C MET B 126 -41.97 -1.39 -0.15
N PHE B 127 -40.90 -1.03 -0.85
CA PHE B 127 -40.66 0.33 -1.28
C PHE B 127 -41.36 0.73 -2.60
N ILE B 128 -42.10 -0.20 -3.22
CA ILE B 128 -42.79 0.10 -4.48
C ILE B 128 -44.22 -0.43 -4.54
N ALA B 129 -44.96 0.15 -5.49
CA ALA B 129 -46.33 -0.25 -5.78
C ALA B 129 -46.28 -1.55 -6.51
N TRP B 130 -47.32 -2.34 -6.31
CA TRP B 130 -47.48 -3.58 -7.03
C TRP B 130 -48.89 -3.59 -7.62
N GLU B 131 -48.96 -3.92 -8.90
CA GLU B 131 -50.16 -3.76 -9.69
C GLU B 131 -50.46 -5.08 -10.40
N PHE B 132 -51.75 -5.43 -10.50
CA PHE B 132 -52.11 -6.76 -10.99
C PHE B 132 -53.40 -6.76 -11.81
N ASN B 133 -53.33 -7.44 -12.97
CA ASN B 133 -54.46 -7.50 -13.89
C ASN B 133 -55.41 -8.59 -13.43
N VAL B 134 -56.68 -8.25 -13.26
CA VAL B 134 -57.63 -9.16 -12.61
C VAL B 134 -59.01 -9.30 -13.28
N LYS B 135 -59.28 -8.54 -14.36
CA LYS B 135 -60.62 -8.49 -14.98
C LYS B 135 -61.29 -9.87 -15.11
N ASP B 136 -60.52 -10.84 -15.63
CA ASP B 136 -61.02 -12.21 -15.79
C ASP B 136 -61.31 -12.93 -14.47
N LEU B 137 -60.38 -12.84 -13.52
CA LEU B 137 -60.58 -13.47 -12.20
C LEU B 137 -61.69 -12.87 -11.34
N LEU B 138 -62.09 -11.64 -11.63
CA LEU B 138 -63.18 -10.97 -10.90
C LEU B 138 -64.55 -11.58 -11.25
N VAL B 139 -65.41 -11.68 -10.23
CA VAL B 139 -66.82 -12.10 -10.38
C VAL B 139 -67.70 -11.02 -9.78
N GLU B 140 -68.97 -11.00 -10.16
CA GLU B 140 -69.92 -10.00 -9.62
C GLU B 140 -70.34 -10.35 -8.21
N GLY B 141 -70.61 -9.31 -7.40
CA GLY B 141 -71.06 -9.48 -6.02
C GLY B 141 -69.88 -9.67 -5.09
N GLU B 142 -69.96 -10.67 -4.21
CA GLU B 142 -68.92 -10.91 -3.21
C GLU B 142 -67.64 -11.44 -3.86
N ASN B 143 -66.50 -10.94 -3.39
CA ASN B 143 -65.18 -11.40 -3.83
C ASN B 143 -64.26 -11.65 -2.64
N GLU B 144 -63.15 -12.34 -2.87
CA GLU B 144 -62.22 -12.69 -1.80
C GLU B 144 -60.77 -12.45 -2.18
N LEU B 145 -60.19 -11.41 -1.58
CA LEU B 145 -58.78 -11.07 -1.71
C LEU B 145 -58.06 -11.61 -0.50
N GLU B 146 -57.02 -12.42 -0.73
CA GLU B 146 -56.28 -13.08 0.36
C GLU B 146 -54.79 -12.83 0.14
N VAL B 147 -54.11 -12.32 1.18
CA VAL B 147 -52.71 -11.91 1.11
C VAL B 147 -51.91 -12.69 2.15
N ARG B 148 -51.12 -13.67 1.71
CA ARG B 148 -50.32 -14.49 2.63
C ARG B 148 -49.00 -13.77 2.78
N LEU B 149 -48.72 -13.31 4.00
CA LEU B 149 -47.52 -12.54 4.33
C LEU B 149 -46.51 -13.43 5.01
N PHE B 150 -45.35 -13.58 4.38
CA PHE B 150 -44.35 -14.50 4.89
C PHE B 150 -43.48 -13.83 5.93
N SER B 151 -43.16 -14.60 6.99
CA SER B 151 -42.15 -14.23 7.98
C SER B 151 -40.89 -13.77 7.29
N PRO B 152 -40.52 -12.49 7.45
CA PRO B 152 -39.33 -12.03 6.76
C PRO B 152 -38.06 -12.67 7.31
N SER B 153 -38.03 -12.93 8.62
CA SER B 153 -36.93 -13.59 9.28
C SER B 153 -36.62 -14.90 8.58
N LYS B 154 -37.63 -15.77 8.49
CA LYS B 154 -37.51 -17.09 7.86
C LYS B 154 -37.11 -16.98 6.36
N VAL B 155 -37.85 -16.17 5.60
CA VAL B 155 -37.57 -15.90 4.18
C VAL B 155 -36.15 -15.41 3.88
N LEU B 156 -35.63 -14.49 4.67
CA LEU B 156 -34.30 -13.92 4.42
C LEU B 156 -33.18 -14.89 4.76
N GLU B 157 -33.28 -15.56 5.91
CA GLU B 157 -32.26 -16.50 6.36
C GLU B 157 -32.18 -17.72 5.42
N GLU B 158 -33.31 -18.10 4.81
CA GLU B 158 -33.33 -19.02 3.65
C GLU B 158 -32.50 -18.47 2.50
N ARG B 159 -32.83 -17.26 2.08
CA ARG B 159 -32.16 -16.57 0.96
C ARG B 159 -30.66 -16.43 1.13
N ALA B 160 -30.21 -16.21 2.37
CA ALA B 160 -28.78 -16.11 2.69
C ALA B 160 -28.14 -17.48 2.70
N LYS B 161 -28.84 -18.48 3.24
CA LYS B 161 -28.37 -19.88 3.24
C LYS B 161 -28.17 -20.42 1.81
N ASN B 162 -29.10 -20.10 0.91
CA ASN B 162 -28.99 -20.42 -0.52
C ASN B 162 -27.82 -19.73 -1.27
N TYR B 163 -27.27 -18.66 -0.71
CA TYR B 163 -26.35 -17.76 -1.43
C TYR B 163 -24.91 -18.31 -1.44
N PRO B 164 -24.21 -18.25 -2.60
CA PRO B 164 -22.81 -18.65 -2.74
C PRO B 164 -21.87 -18.28 -1.58
N TYR B 165 -21.93 -17.02 -1.14
CA TYR B 165 -21.08 -16.51 -0.03
C TYR B 165 -21.93 -16.08 1.17
N LYS B 166 -21.29 -15.96 2.33
CA LYS B 166 -21.88 -15.29 3.49
C LYS B 166 -21.52 -13.80 3.44
N LEU B 167 -22.53 -12.94 3.64
CA LEU B 167 -22.39 -11.48 3.61
C LEU B 167 -22.62 -10.89 5.01
N HIS B 168 -21.75 -9.93 5.38
CA HIS B 168 -21.75 -9.35 6.73
C HIS B 168 -22.56 -8.06 6.76
N GLY B 169 -23.67 -8.09 7.48
CA GLY B 169 -24.46 -6.89 7.77
C GLY B 169 -23.93 -6.22 9.02
N GLY B 170 -24.80 -6.06 10.02
CA GLY B 170 -24.46 -5.39 11.28
C GLY B 170 -24.98 -6.21 12.44
N ASP B 171 -26.01 -5.71 13.11
CA ASP B 171 -26.81 -6.52 14.05
C ASP B 171 -27.30 -7.79 13.32
N TYR B 172 -28.08 -7.56 12.26
CA TYR B 172 -28.80 -8.61 11.53
C TYR B 172 -28.31 -8.70 10.06
N SER B 173 -27.50 -9.72 9.77
CA SER B 173 -26.86 -9.90 8.45
C SER B 173 -27.81 -10.16 7.27
N PRO B 174 -28.74 -11.13 7.40
CA PRO B 174 -29.58 -11.54 6.23
C PRO B 174 -30.60 -10.49 5.72
N ARG B 175 -30.86 -9.49 6.55
CA ARG B 175 -31.38 -8.18 6.17
C ARG B 175 -31.12 -7.74 4.73
N VAL B 176 -29.88 -7.93 4.30
CA VAL B 176 -29.42 -7.44 3.00
C VAL B 176 -30.10 -8.12 1.80
N PHE B 177 -30.48 -9.38 1.97
CA PHE B 177 -31.00 -10.20 0.85
C PHE B 177 -32.44 -9.90 0.46
N GLY B 178 -33.09 -9.01 1.20
CA GLY B 178 -34.44 -8.61 0.87
C GLY B 178 -34.50 -7.12 0.70
N ARG B 179 -35.52 -6.70 -0.02
CA ARG B 179 -35.86 -5.30 -0.13
C ARG B 179 -36.89 -4.88 0.95
N LYS B 180 -36.42 -4.64 2.17
CA LYS B 180 -37.23 -3.94 3.17
C LYS B 180 -36.47 -2.97 4.05
N ALA B 181 -37.25 -2.15 4.75
CA ALA B 181 -36.73 -1.13 5.62
C ALA B 181 -35.70 -1.70 6.59
N GLN B 182 -34.45 -1.33 6.36
CA GLN B 182 -33.31 -1.99 7.00
C GLN B 182 -33.28 -1.76 8.51
N TYR B 183 -33.84 -0.64 8.95
CA TYR B 183 -33.96 -0.32 10.38
C TYR B 183 -34.89 -1.28 11.13
N SER B 184 -35.91 -1.82 10.44
CA SER B 184 -36.95 -2.62 11.09
C SER B 184 -36.41 -3.84 11.83
N PHE B 185 -35.28 -4.39 11.39
CA PHE B 185 -34.59 -5.51 12.09
C PHE B 185 -33.71 -5.07 13.26
N GLY B 186 -33.80 -3.81 13.66
CA GLY B 186 -33.07 -3.28 14.81
C GLY B 186 -31.92 -2.44 14.33
N TRP B 187 -31.65 -1.34 15.05
CA TRP B 187 -30.53 -0.46 14.77
C TRP B 187 -29.88 0.05 16.09
N ASP B 188 -28.92 0.97 15.96
CA ASP B 188 -28.34 1.75 17.08
C ASP B 188 -29.36 2.48 17.99
N TRP B 189 -30.51 2.79 17.42
CA TRP B 189 -31.57 3.61 18.07
C TRP B 189 -32.97 2.99 17.94
N GLY B 190 -33.14 2.04 17.01
CA GLY B 190 -34.38 1.28 16.81
C GLY B 190 -34.30 -0.09 17.49
N PRO B 191 -35.45 -0.80 17.65
CA PRO B 191 -35.44 -2.15 18.17
C PRO B 191 -35.84 -3.17 17.12
N ARG B 192 -35.71 -4.44 17.45
CA ARG B 192 -36.08 -5.50 16.53
C ARG B 192 -37.58 -5.71 16.51
N LEU B 193 -38.27 -4.89 15.74
CA LEU B 193 -39.69 -5.06 15.49
C LEU B 193 -39.87 -5.20 13.99
N ALA B 194 -39.52 -6.40 13.51
CA ALA B 194 -39.45 -6.69 12.10
C ALA B 194 -40.84 -6.99 11.58
N THR B 195 -41.61 -5.93 11.45
CA THR B 195 -43.03 -6.06 11.17
C THR B 195 -43.27 -6.40 9.71
N SER B 196 -44.29 -7.22 9.48
CA SER B 196 -44.92 -7.39 8.18
C SER B 196 -46.24 -6.64 8.20
N GLY B 197 -46.92 -6.56 7.06
CA GLY B 197 -48.18 -5.81 6.96
C GLY B 197 -48.41 -5.16 5.60
N ILE B 198 -49.67 -4.94 5.27
CA ILE B 198 -50.07 -4.23 4.05
C ILE B 198 -49.95 -2.74 4.38
N TRP B 199 -48.73 -2.20 4.33
CA TRP B 199 -48.43 -0.90 4.97
C TRP B 199 -48.87 0.38 4.20
N LYS B 200 -49.52 0.23 3.04
CA LYS B 200 -50.12 1.38 2.31
C LYS B 200 -51.41 0.96 1.59
N SER B 201 -52.14 1.95 1.10
CA SER B 201 -53.47 1.78 0.49
C SER B 201 -53.56 0.64 -0.51
N VAL B 202 -54.74 0.02 -0.58
CA VAL B 202 -55.02 -1.05 -1.57
C VAL B 202 -56.22 -0.60 -2.39
N LYS B 203 -55.98 -0.40 -3.68
CA LYS B 203 -56.97 0.17 -4.58
C LYS B 203 -57.30 -0.84 -5.63
N LEU B 204 -58.58 -0.94 -5.95
CA LEU B 204 -59.04 -1.61 -7.16
C LEU B 204 -59.31 -0.50 -8.17
N LYS B 205 -58.64 -0.59 -9.33
CA LYS B 205 -58.74 0.42 -10.38
C LYS B 205 -59.33 -0.16 -11.64
N GLY B 206 -60.36 0.49 -12.17
CA GLY B 206 -60.99 0.09 -13.44
C GLY B 206 -61.02 1.28 -14.39
N TRP B 207 -60.56 1.05 -15.62
CA TRP B 207 -60.55 2.09 -16.68
C TRP B 207 -60.78 1.48 -18.06
N ASN B 208 -61.35 2.29 -19.00
CA ASN B 208 -61.70 1.79 -20.37
C ASN B 208 -60.50 1.81 -21.31
N LYS B 209 -60.14 2.98 -21.81
CA LYS B 209 -59.32 3.06 -23.03
C LYS B 209 -57.83 3.31 -22.84
N ALA B 210 -57.50 4.34 -22.06
CA ALA B 210 -56.10 4.79 -21.86
C ALA B 210 -55.91 5.38 -20.49
N ARG B 211 -54.66 5.48 -20.04
CA ARG B 211 -54.36 6.08 -18.72
C ARG B 211 -53.02 6.78 -18.65
N LEU B 212 -52.99 7.99 -18.11
CA LEU B 212 -51.74 8.66 -17.76
C LEU B 212 -51.04 7.79 -16.77
N LEU B 213 -49.81 7.43 -17.12
CA LEU B 213 -49.05 6.41 -16.41
C LEU B 213 -48.03 7.08 -15.51
N ASP B 214 -47.37 8.09 -16.05
CA ASP B 214 -46.53 9.00 -15.26
C ASP B 214 -46.67 10.40 -15.85
N VAL B 215 -46.44 11.43 -15.02
CA VAL B 215 -46.28 12.81 -15.48
C VAL B 215 -45.17 13.51 -14.67
N TRP B 216 -44.40 14.32 -15.37
CA TRP B 216 -43.18 14.94 -14.84
C TRP B 216 -43.02 16.28 -15.51
N VAL B 217 -42.49 17.27 -14.81
CA VAL B 217 -42.26 18.60 -15.41
C VAL B 217 -40.81 19.10 -15.19
N PRO B 218 -39.83 18.53 -15.91
CA PRO B 218 -38.46 18.96 -15.71
C PRO B 218 -38.21 20.35 -16.27
N VAL B 219 -37.41 21.14 -15.57
CA VAL B 219 -36.87 22.38 -16.13
C VAL B 219 -35.70 21.99 -17.06
N ARG B 220 -35.82 22.31 -18.35
CA ARG B 220 -34.82 21.89 -19.35
C ARG B 220 -33.60 22.80 -19.26
N SER B 221 -33.84 24.11 -19.24
CA SER B 221 -32.78 25.09 -18.96
C SER B 221 -33.39 26.42 -18.57
N LEU B 222 -32.64 27.19 -17.80
CA LEU B 222 -33.14 28.36 -17.09
C LEU B 222 -32.38 29.65 -17.44
N GLY B 223 -33.06 30.78 -17.26
CA GLY B 223 -32.50 32.10 -17.53
C GLY B 223 -33.55 33.16 -17.25
N GLU B 224 -33.33 34.39 -17.72
CA GLU B 224 -34.31 35.48 -17.53
C GLU B 224 -35.71 34.99 -17.91
N ASN B 225 -35.75 34.05 -18.85
CA ASN B 225 -36.93 33.27 -19.13
C ASN B 225 -36.66 31.76 -18.91
N ALA B 226 -37.71 30.99 -18.60
CA ALA B 226 -37.61 29.54 -18.26
C ALA B 226 -38.19 28.57 -19.30
N GLN B 227 -37.31 27.73 -19.89
CA GLN B 227 -37.72 26.65 -20.81
C GLN B 227 -38.00 25.37 -20.04
N ILE B 228 -39.07 24.66 -20.41
CA ILE B 228 -39.60 23.54 -19.63
C ILE B 228 -40.20 22.51 -20.58
N ASN B 229 -40.09 21.24 -20.20
CA ASN B 229 -40.79 20.14 -20.89
C ASN B 229 -41.90 19.61 -20.00
N ILE B 230 -42.80 18.86 -20.59
CA ILE B 230 -43.78 18.07 -19.84
C ILE B 230 -43.64 16.66 -20.38
N GLU B 231 -43.19 15.74 -19.54
CA GLU B 231 -42.97 14.37 -19.97
C GLU B 231 -44.16 13.51 -19.59
N LEU B 232 -44.90 13.04 -20.58
CA LEU B 232 -46.01 12.13 -20.36
C LEU B 232 -45.65 10.74 -20.80
N ASP B 233 -45.78 9.77 -19.89
CA ASP B 233 -46.05 8.38 -20.26
C ASP B 233 -47.56 8.28 -20.47
N ILE B 234 -48.00 7.44 -21.40
CA ILE B 234 -49.44 7.07 -21.54
C ILE B 234 -49.59 5.63 -22.03
N GLU B 235 -50.43 4.84 -21.36
CA GLU B 235 -50.69 3.44 -21.71
C GLU B 235 -52.05 3.29 -22.39
N LEU B 236 -52.02 3.21 -23.73
CA LEU B 236 -53.23 3.04 -24.55
C LEU B 236 -53.47 1.56 -24.81
N GLN B 237 -54.71 1.12 -24.63
CA GLN B 237 -55.10 -0.28 -24.89
C GLN B 237 -55.64 -0.48 -26.30
N GLU B 238 -56.49 0.43 -26.74
CA GLU B 238 -56.86 0.52 -28.16
C GLU B 238 -56.04 1.64 -28.83
N SER B 239 -55.76 1.51 -30.13
CA SER B 239 -55.16 2.61 -30.92
C SER B 239 -56.19 3.71 -31.16
N ILE B 240 -56.17 4.77 -30.37
CA ILE B 240 -57.26 5.75 -30.40
C ILE B 240 -56.80 7.23 -30.42
N PRO B 241 -57.65 8.12 -31.00
CA PRO B 241 -57.40 9.56 -30.93
C PRO B 241 -57.57 10.12 -29.52
N VAL B 242 -56.58 10.88 -29.06
CA VAL B 242 -56.63 11.49 -27.76
C VAL B 242 -56.31 12.99 -27.82
N ASP B 243 -56.87 13.73 -26.87
CA ASP B 243 -56.54 15.12 -26.62
C ASP B 243 -55.91 15.18 -25.23
N VAL B 244 -54.76 15.84 -25.10
CA VAL B 244 -54.26 16.21 -23.78
C VAL B 244 -54.44 17.72 -23.68
N ALA B 245 -54.95 18.16 -22.55
CA ALA B 245 -55.17 19.57 -22.33
C ALA B 245 -54.73 19.85 -20.93
N PHE B 246 -53.95 20.94 -20.77
CA PHE B 246 -53.40 21.29 -19.47
C PHE B 246 -53.47 22.78 -19.14
N ARG B 247 -53.37 23.09 -17.85
CA ARG B 247 -53.18 24.44 -17.35
C ARG B 247 -52.12 24.44 -16.24
N ILE B 248 -51.00 25.14 -16.48
CA ILE B 248 -50.01 25.41 -15.45
C ILE B 248 -50.47 26.69 -14.72
N SER B 249 -50.41 26.66 -13.38
CA SER B 249 -50.97 27.73 -12.54
C SER B 249 -50.03 28.04 -11.36
N HIS B 250 -49.85 29.32 -11.06
CA HIS B 250 -49.03 29.73 -9.92
C HIS B 250 -49.79 30.08 -8.62
N LYS B 251 -50.85 30.89 -8.65
CA LYS B 251 -52.13 30.32 -9.02
C LYS B 251 -53.13 31.30 -9.59
N LYS B 252 -52.73 32.43 -10.18
CA LYS B 252 -53.54 32.95 -11.28
C LYS B 252 -52.93 32.13 -12.40
N PRO B 253 -53.74 31.40 -13.21
CA PRO B 253 -53.18 30.52 -14.25
C PRO B 253 -52.27 31.24 -15.26
N VAL B 254 -50.97 30.99 -15.17
CA VAL B 254 -49.98 31.60 -16.08
C VAL B 254 -50.03 31.04 -17.51
N LEU B 255 -50.50 29.81 -17.68
CA LEU B 255 -50.45 29.15 -18.98
C LEU B 255 -51.49 28.04 -19.16
N GLU B 256 -51.92 27.85 -20.40
CA GLU B 256 -52.98 26.87 -20.73
C GLU B 256 -52.80 26.48 -22.20
N GLN B 257 -53.17 25.24 -22.51
CA GLN B 257 -52.94 24.69 -23.86
C GLN B 257 -53.61 23.36 -24.04
N ARG B 258 -53.95 23.09 -25.29
CA ARG B 258 -54.53 21.84 -25.71
C ARG B 258 -53.79 21.28 -26.93
N LEU B 259 -53.71 19.97 -26.98
CA LEU B 259 -52.96 19.27 -28.00
C LEU B 259 -53.74 18.01 -28.32
N ARG B 260 -53.44 17.44 -29.47
CA ARG B 260 -54.17 16.29 -29.93
C ARG B 260 -53.23 15.30 -30.58
N PHE B 261 -53.44 14.02 -30.28
CA PHE B 261 -52.63 12.92 -30.81
C PHE B 261 -53.53 11.80 -31.30
N THR B 262 -53.00 11.01 -32.22
CA THR B 262 -53.62 9.76 -32.60
C THR B 262 -52.53 8.72 -32.46
N LEU B 263 -52.60 7.96 -31.39
CA LEU B 263 -51.52 7.11 -30.95
C LEU B 263 -51.91 5.65 -31.06
N PRO B 264 -50.92 4.73 -31.15
CA PRO B 264 -51.18 3.31 -31.33
C PRO B 264 -51.15 2.60 -29.99
N GLU B 265 -51.74 1.41 -29.88
CA GLU B 265 -51.81 0.73 -28.58
C GLU B 265 -50.40 0.44 -28.01
N GLY B 266 -50.26 0.53 -26.68
CA GLY B 266 -48.99 0.36 -25.98
C GLY B 266 -48.60 1.57 -25.15
N ARG B 267 -47.36 1.58 -24.66
CA ARG B 267 -46.88 2.66 -23.80
C ARG B 267 -46.28 3.78 -24.65
N VAL B 268 -47.02 4.88 -24.80
CA VAL B 268 -46.51 6.02 -25.56
C VAL B 268 -45.86 7.06 -24.62
N PHE B 269 -44.82 7.75 -25.09
CA PHE B 269 -44.11 8.76 -24.28
C PHE B 269 -43.94 10.05 -25.07
N LEU B 270 -44.13 11.21 -24.44
CA LEU B 270 -44.03 12.54 -25.13
C LEU B 270 -43.34 13.59 -24.32
N LYS B 271 -42.40 14.31 -24.93
CA LYS B 271 -41.81 15.50 -24.28
C LYS B 271 -42.38 16.71 -24.99
N ILE B 272 -43.22 17.46 -24.29
CA ILE B 272 -43.92 18.59 -24.89
C ILE B 272 -43.31 19.89 -24.37
N PRO B 273 -42.56 20.62 -25.22
CA PRO B 273 -41.91 21.85 -24.76
C PRO B 273 -42.90 22.94 -24.57
N LEU B 274 -42.62 23.78 -23.59
CA LEU B 274 -43.34 25.04 -23.42
C LEU B 274 -42.50 25.99 -22.60
N THR B 275 -42.96 27.23 -22.51
CA THR B 275 -42.17 28.29 -21.91
C THR B 275 -42.98 29.02 -20.85
N ILE B 276 -42.30 29.40 -19.78
CA ILE B 276 -42.87 30.20 -18.71
C ILE B 276 -42.08 31.49 -18.64
N LYS B 277 -42.77 32.60 -18.87
CA LYS B 277 -42.12 33.89 -18.91
C LYS B 277 -42.03 34.43 -17.48
N ASN B 278 -40.85 34.96 -17.15
CA ASN B 278 -40.54 35.48 -15.81
C ASN B 278 -41.02 34.48 -14.73
N PRO B 279 -40.30 33.37 -14.61
CA PRO B 279 -40.69 32.30 -13.73
C PRO B 279 -40.42 32.68 -12.28
N LYS B 280 -41.39 32.40 -11.41
CA LYS B 280 -41.26 32.63 -10.00
C LYS B 280 -40.65 31.38 -9.37
N LEU B 281 -39.46 31.57 -8.80
CA LEU B 281 -38.43 30.55 -8.76
C LEU B 281 -38.35 29.96 -7.37
N TRP B 282 -38.34 28.63 -7.25
CA TRP B 282 -38.22 28.00 -5.93
C TRP B 282 -36.82 28.21 -5.35
N PHE B 283 -36.78 28.55 -4.08
CA PHE B 283 -35.57 28.65 -3.29
C PHE B 283 -35.79 27.96 -1.94
N PRO B 284 -34.71 27.50 -1.28
CA PRO B 284 -34.87 27.01 0.10
C PRO B 284 -35.05 28.12 1.11
N ARG B 285 -35.61 27.79 2.27
CA ARG B 285 -35.90 28.76 3.33
C ARG B 285 -34.65 29.59 3.62
N GLY B 286 -34.82 30.91 3.66
CA GLY B 286 -33.74 31.84 4.01
C GLY B 286 -33.06 32.51 2.82
N TYR B 287 -33.15 31.90 1.64
CA TYR B 287 -32.50 32.41 0.46
C TYR B 287 -33.50 32.80 -0.64
N GLY B 288 -34.76 33.01 -0.28
CA GLY B 288 -35.76 33.39 -1.27
C GLY B 288 -37.17 32.94 -0.93
N GLU B 289 -37.99 32.75 -1.97
CA GLU B 289 -39.39 32.34 -1.81
C GLU B 289 -39.61 30.89 -2.26
N GLN B 290 -40.58 30.21 -1.64
CA GLN B 290 -40.94 28.83 -2.04
C GLN B 290 -42.12 28.82 -3.04
N ASN B 291 -41.90 29.44 -4.21
CA ASN B 291 -42.89 29.48 -5.27
C ASN B 291 -43.05 28.09 -5.85
N LEU B 292 -44.31 27.65 -5.96
CA LEU B 292 -44.65 26.35 -6.52
C LEU B 292 -45.73 26.53 -7.56
N TYR B 293 -45.42 26.13 -8.78
CA TYR B 293 -46.42 26.03 -9.83
C TYR B 293 -47.19 24.73 -9.65
N THR B 294 -48.44 24.73 -10.11
CA THR B 294 -49.27 23.54 -10.19
C THR B 294 -49.59 23.26 -11.63
N LEU B 295 -49.45 21.99 -12.00
CA LEU B 295 -49.78 21.53 -13.34
C LEU B 295 -51.09 20.77 -13.22
N GLN B 296 -52.02 21.03 -14.15
CA GLN B 296 -53.33 20.37 -14.18
C GLN B 296 -53.55 19.90 -15.57
N LEU B 297 -53.71 18.58 -15.73
CA LEU B 297 -53.64 17.96 -17.06
C LEU B 297 -54.68 16.86 -17.17
N VAL B 298 -55.49 16.94 -18.21
CA VAL B 298 -56.58 15.98 -18.45
C VAL B 298 -56.29 15.29 -19.76
N LEU B 299 -56.16 13.97 -19.67
CA LEU B 299 -56.14 13.12 -20.84
C LEU B 299 -57.60 12.99 -21.17
N LEU B 300 -57.92 13.22 -22.45
CA LEU B 300 -59.28 13.35 -22.97
C LEU B 300 -59.50 12.57 -24.25
N ASP B 301 -60.65 11.88 -24.30
CA ASP B 301 -61.18 11.22 -25.49
C ASP B 301 -61.41 12.16 -26.66
N GLU B 302 -61.67 11.55 -27.81
CA GLU B 302 -62.25 12.26 -28.94
C GLU B 302 -63.66 12.80 -28.72
N LYS B 303 -64.43 12.24 -27.80
CA LYS B 303 -65.79 12.72 -27.59
C LYS B 303 -65.70 13.98 -26.75
N GLY B 304 -64.68 14.09 -25.89
CA GLY B 304 -64.65 15.08 -24.82
C GLY B 304 -64.65 14.47 -23.40
N GLU B 305 -64.84 13.15 -23.32
CA GLU B 305 -64.86 12.44 -22.05
C GLU B 305 -63.48 12.32 -21.48
N VAL B 306 -63.31 12.60 -20.19
CA VAL B 306 -62.01 12.47 -19.52
C VAL B 306 -61.76 11.02 -19.18
N LEU B 307 -60.50 10.64 -19.31
CA LEU B 307 -60.05 9.30 -19.08
C LEU B 307 -59.20 9.25 -17.85
N ASP B 308 -58.24 10.17 -17.76
CA ASP B 308 -57.48 10.36 -16.55
C ASP B 308 -57.13 11.87 -16.33
N LYS B 309 -57.31 12.36 -15.10
CA LYS B 309 -56.78 13.66 -14.63
C LYS B 309 -55.49 13.40 -13.83
N VAL B 310 -54.59 14.40 -13.80
CA VAL B 310 -53.44 14.43 -12.89
C VAL B 310 -53.26 15.87 -12.41
N GLU B 311 -53.32 16.10 -11.10
CA GLU B 311 -52.86 17.34 -10.48
C GLU B 311 -51.47 17.00 -9.95
N GLU B 312 -50.51 17.90 -10.15
CA GLU B 312 -49.13 17.63 -9.80
C GLU B 312 -48.51 18.99 -9.59
N ARG B 313 -47.75 19.12 -8.51
CA ARG B 313 -47.11 20.37 -8.14
C ARG B 313 -45.64 20.27 -8.48
N PHE B 314 -45.04 21.40 -8.77
CA PHE B 314 -43.62 21.46 -9.06
C PHE B 314 -43.06 22.85 -8.87
N GLY B 315 -41.73 22.91 -8.79
CA GLY B 315 -41.04 24.18 -8.62
C GLY B 315 -40.15 24.37 -9.82
N ILE B 316 -39.61 25.59 -9.95
CA ILE B 316 -38.67 25.91 -11.01
C ILE B 316 -37.40 26.33 -10.35
N ARG B 317 -36.32 25.54 -10.52
CA ARG B 317 -35.03 25.73 -9.79
C ARG B 317 -33.87 25.00 -10.44
N LYS B 318 -32.71 25.64 -10.55
CA LYS B 318 -31.45 24.92 -10.85
C LYS B 318 -31.02 24.23 -9.59
N VAL B 319 -30.32 23.13 -9.75
CA VAL B 319 -29.49 22.62 -8.67
C VAL B 319 -28.19 22.10 -9.27
N GLU B 320 -27.09 22.42 -8.60
CA GLU B 320 -25.77 22.03 -9.04
C GLU B 320 -25.06 21.59 -7.80
N LEU B 321 -24.24 20.55 -7.92
CA LEU B 321 -23.41 20.09 -6.80
C LEU B 321 -21.94 20.40 -7.10
N PHE B 322 -21.54 21.61 -6.75
CA PHE B 322 -20.25 22.18 -7.09
C PHE B 322 -19.12 21.33 -6.49
N THR B 323 -18.33 20.70 -7.35
CA THR B 323 -17.29 19.70 -6.98
C THR B 323 -16.01 20.07 -7.70
N GLN B 324 -15.49 21.25 -7.37
CA GLN B 324 -14.32 21.82 -8.05
C GLN B 324 -13.10 21.89 -7.16
N GLU B 325 -11.99 21.38 -7.68
CA GLU B 325 -10.73 21.24 -6.92
C GLU B 325 -10.24 22.58 -6.45
N ASP B 326 -9.51 22.57 -5.34
CA ASP B 326 -8.89 23.80 -4.79
C ASP B 326 -7.59 23.38 -4.08
N ASN B 327 -7.09 24.17 -3.12
CA ASN B 327 -5.82 23.85 -2.46
C ASN B 327 -5.93 22.56 -1.67
N LYS B 328 -6.69 22.61 -0.57
CA LYS B 328 -6.95 21.44 0.25
C LYS B 328 -8.08 20.71 -0.46
N GLY B 329 -7.78 19.66 -1.20
CA GLY B 329 -8.85 18.82 -1.80
C GLY B 329 -9.84 19.32 -2.85
N GLU B 330 -11.13 19.09 -2.63
CA GLU B 330 -12.19 19.41 -3.61
C GLU B 330 -13.46 19.91 -2.94
N SER B 331 -14.09 20.96 -3.49
CA SER B 331 -15.33 21.51 -2.90
C SER B 331 -16.42 20.45 -2.83
N PHE B 332 -17.45 20.75 -2.03
CA PHE B 332 -18.69 19.97 -2.06
C PHE B 332 -19.79 20.86 -1.54
N VAL B 333 -20.47 21.56 -2.45
CA VAL B 333 -21.34 22.66 -2.10
C VAL B 333 -22.58 22.62 -2.97
N PHE B 334 -23.74 22.85 -2.38
CA PHE B 334 -24.97 22.92 -3.16
C PHE B 334 -25.14 24.32 -3.65
N LYS B 335 -25.62 24.46 -4.88
CA LYS B 335 -25.88 25.72 -5.51
C LYS B 335 -27.24 25.69 -6.16
N ILE B 336 -28.23 26.14 -5.41
CA ILE B 336 -29.59 26.32 -5.94
C ILE B 336 -29.67 27.69 -6.66
N ASN B 337 -30.19 27.71 -7.88
CA ASN B 337 -30.26 28.92 -8.69
C ASN B 337 -28.96 29.73 -8.70
N ASN B 338 -27.84 29.05 -8.77
CA ASN B 338 -26.50 29.65 -8.73
C ASN B 338 -26.04 30.25 -7.40
N ILE B 339 -26.91 30.37 -6.39
CA ILE B 339 -26.46 30.83 -5.04
C ILE B 339 -26.02 29.63 -4.21
N PRO B 340 -24.80 29.67 -3.67
CA PRO B 340 -24.32 28.53 -2.91
C PRO B 340 -24.86 28.55 -1.50
N VAL B 341 -25.71 27.58 -1.13
CA VAL B 341 -26.27 27.51 0.22
C VAL B 341 -25.50 26.56 1.15
N PHE B 342 -25.11 27.05 2.32
CA PHE B 342 -24.58 26.20 3.38
C PHE B 342 -25.78 25.45 3.91
N ALA B 343 -25.69 24.12 3.94
CA ALA B 343 -26.83 23.28 4.31
C ALA B 343 -26.88 23.09 5.80
N LYS B 344 -27.66 23.91 6.47
CA LYS B 344 -27.95 23.67 7.90
C LYS B 344 -29.01 22.58 7.94
N GLY B 345 -28.80 21.54 8.75
CA GLY B 345 -29.68 20.37 8.66
C GLY B 345 -29.62 19.23 9.65
N ALA B 346 -30.27 18.13 9.26
CA ALA B 346 -30.37 16.94 10.10
C ALA B 346 -30.79 15.70 9.33
N ASN B 347 -30.35 14.54 9.81
CA ASN B 347 -30.71 13.25 9.24
C ASN B 347 -32.10 12.79 9.69
N TRP B 348 -32.97 12.45 8.74
CA TRP B 348 -34.35 12.09 9.02
C TRP B 348 -34.49 10.56 8.99
N ILE B 349 -35.24 10.01 9.94
CA ILE B 349 -35.39 8.57 10.05
C ILE B 349 -36.87 8.27 10.34
N PRO B 350 -37.36 7.04 10.03
CA PRO B 350 -38.80 6.82 10.08
C PRO B 350 -39.41 7.19 11.43
N ALA B 351 -40.58 7.81 11.44
CA ALA B 351 -41.09 8.42 12.70
C ALA B 351 -41.84 7.47 13.62
N ASP B 352 -41.95 6.20 13.23
CA ASP B 352 -42.52 5.17 14.06
C ASP B 352 -41.88 3.86 13.62
N SER B 353 -41.81 2.87 14.50
CA SER B 353 -41.32 1.55 14.14
C SER B 353 -42.35 0.79 13.32
N PHE B 354 -43.62 1.11 13.55
CA PHE B 354 -44.70 0.61 12.71
C PHE B 354 -45.24 1.77 11.89
N LEU B 355 -45.05 1.66 10.59
CA LEU B 355 -45.15 2.83 9.75
C LEU B 355 -46.57 3.34 9.59
N PRO B 356 -47.58 2.46 9.48
CA PRO B 356 -48.90 3.07 9.23
C PRO B 356 -49.47 4.00 10.31
N ARG B 357 -48.97 3.98 11.56
CA ARG B 357 -49.44 4.98 12.56
C ARG B 357 -49.05 6.43 12.28
N ILE B 358 -47.88 6.68 11.68
CA ILE B 358 -47.51 8.05 11.30
C ILE B 358 -48.65 8.64 10.44
N LYS B 359 -49.19 9.77 10.90
CA LYS B 359 -50.30 10.46 10.30
C LYS B 359 -49.76 11.78 9.79
N GLU B 360 -50.43 12.41 8.83
CA GLU B 360 -49.91 13.70 8.33
C GLU B 360 -49.64 14.68 9.48
N GLU B 361 -50.53 14.70 10.46
CA GLU B 361 -50.31 15.42 11.73
C GLU B 361 -48.86 15.35 12.18
N ASP B 362 -48.31 14.13 12.25
CA ASP B 362 -46.96 13.86 12.80
C ASP B 362 -45.86 14.47 11.91
N TYR B 363 -45.83 14.07 10.64
CA TYR B 363 -44.89 14.68 9.68
C TYR B 363 -44.95 16.19 9.72
N ARG B 364 -46.15 16.73 9.75
CA ARG B 364 -46.37 18.20 9.78
C ARG B 364 -45.72 18.85 11.00
N LEU B 365 -45.87 18.23 12.15
CA LEU B 365 -45.30 18.75 13.39
C LEU B 365 -43.77 18.72 13.40
N LEU B 366 -43.18 17.58 12.98
CA LEU B 366 -41.72 17.42 12.98
C LEU B 366 -41.05 18.33 11.98
N LEU B 367 -41.72 18.55 10.85
CA LEU B 367 -41.16 19.39 9.77
C LEU B 367 -41.31 20.90 9.99
N ILE B 368 -42.48 21.34 10.50
CA ILE B 368 -42.61 22.76 10.89
C ILE B 368 -41.65 23.05 12.03
N ARG B 369 -41.46 22.09 12.95
CA ARG B 369 -40.44 22.31 14.01
C ARG B 369 -39.02 22.44 13.48
N ALA B 370 -38.74 21.71 12.40
CA ALA B 370 -37.46 21.85 11.73
C ALA B 370 -37.37 23.20 11.10
N LYS B 371 -38.42 23.60 10.38
CA LYS B 371 -38.44 24.88 9.67
C LYS B 371 -38.04 26.03 10.58
N GLU B 372 -38.73 26.11 11.71
CA GLU B 372 -38.55 27.22 12.64
C GLU B 372 -37.29 27.13 13.49
N ALA B 373 -36.70 25.94 13.57
CA ALA B 373 -35.35 25.78 14.11
C ALA B 373 -34.31 26.30 13.11
N GLY B 374 -34.73 26.47 11.87
CA GLY B 374 -33.91 27.16 10.86
C GLY B 374 -33.12 26.22 9.95
N VAL B 375 -33.79 25.22 9.41
CA VAL B 375 -33.16 24.04 8.83
C VAL B 375 -33.24 24.13 7.33
N ASN B 376 -32.09 24.18 6.64
CA ASN B 376 -32.08 24.18 5.18
C ASN B 376 -32.43 22.84 4.63
N MET B 377 -32.02 21.77 5.29
CA MET B 377 -31.96 20.44 4.63
C MET B 377 -32.27 19.27 5.55
N LEU B 378 -32.85 18.24 4.97
CA LEU B 378 -32.99 16.94 5.63
C LEU B 378 -32.49 15.83 4.74
N ARG B 379 -31.62 15.00 5.28
CA ARG B 379 -31.21 13.79 4.57
C ARG B 379 -32.13 12.67 4.98
N VAL B 380 -32.96 12.23 4.05
CA VAL B 380 -33.81 11.04 4.26
C VAL B 380 -32.89 9.82 4.22
N TRP B 381 -32.60 9.33 5.41
CA TRP B 381 -31.52 8.35 5.61
C TRP B 381 -31.85 7.03 4.99
N GLY B 382 -30.91 6.48 4.24
CA GLY B 382 -31.15 5.30 3.41
C GLY B 382 -31.29 3.96 4.09
N GLY B 383 -31.73 3.96 5.35
CA GLY B 383 -32.07 2.73 6.07
C GLY B 383 -33.51 2.66 6.54
N GLY B 384 -34.22 3.77 6.56
CA GLY B 384 -35.65 3.77 6.84
C GLY B 384 -36.44 3.44 5.60
N ILE B 385 -37.11 4.45 5.04
CA ILE B 385 -37.90 4.30 3.81
C ILE B 385 -37.86 5.53 2.91
N TYR B 386 -38.33 5.35 1.67
CA TYR B 386 -38.75 6.46 0.83
C TYR B 386 -40.07 6.98 1.40
N GLU B 387 -40.11 8.26 1.75
CA GLU B 387 -41.21 8.78 2.55
C GLU B 387 -42.60 8.88 1.89
N ASN B 388 -43.58 9.10 2.75
CA ASN B 388 -44.92 9.42 2.30
C ASN B 388 -44.88 10.76 1.61
N ASP B 389 -45.77 10.91 0.64
CA ASP B 389 -45.81 12.11 -0.18
C ASP B 389 -45.95 13.37 0.68
N ILE B 390 -46.69 13.26 1.78
CA ILE B 390 -46.79 14.36 2.73
C ILE B 390 -45.45 14.92 3.20
N PHE B 391 -44.43 14.06 3.38
CA PHE B 391 -43.12 14.54 3.82
C PHE B 391 -42.56 15.41 2.75
N TYR B 392 -42.44 14.84 1.55
CA TYR B 392 -41.81 15.61 0.48
C TYR B 392 -42.64 16.86 0.07
N GLU B 393 -43.97 16.84 0.20
CA GLU B 393 -44.73 18.01 -0.19
C GLU B 393 -44.69 19.12 0.88
N LEU B 394 -44.31 18.79 2.10
CA LEU B 394 -44.08 19.85 3.09
C LEU B 394 -42.69 20.41 2.90
N CYS B 395 -41.72 19.53 2.78
CA CYS B 395 -40.37 19.96 2.45
C CYS B 395 -40.38 20.94 1.27
N ASP B 396 -41.23 20.66 0.27
CA ASP B 396 -41.42 21.56 -0.88
C ASP B 396 -41.89 22.95 -0.50
N GLU B 397 -42.97 22.99 0.31
CA GLU B 397 -43.61 24.24 0.79
C GLU B 397 -42.73 25.04 1.71
N LEU B 398 -42.07 24.35 2.62
CA LEU B 398 -41.33 24.99 3.69
C LEU B 398 -39.88 25.30 3.31
N GLY B 399 -39.50 24.99 2.08
CA GLY B 399 -38.16 25.33 1.59
C GLY B 399 -37.03 24.48 2.17
N ILE B 400 -37.38 23.26 2.60
CA ILE B 400 -36.43 22.35 3.21
C ILE B 400 -35.94 21.38 2.14
N MET B 401 -34.76 21.67 1.58
CA MET B 401 -34.18 20.80 0.53
C MET B 401 -33.94 19.43 1.14
N VAL B 402 -34.05 18.36 0.34
CA VAL B 402 -33.77 17.02 0.86
C VAL B 402 -32.66 16.35 0.07
N TRP B 403 -31.93 15.52 0.79
CA TRP B 403 -30.88 14.67 0.30
C TRP B 403 -31.54 13.30 0.37
N GLN B 404 -31.99 12.79 -0.77
CA GLN B 404 -32.65 11.46 -0.83
C GLN B 404 -31.67 10.30 -1.01
N ASP B 405 -31.59 9.41 -0.03
CA ASP B 405 -30.76 8.21 -0.14
C ASP B 405 -31.60 7.18 -0.81
N PHE B 406 -30.97 6.34 -1.62
CA PHE B 406 -31.55 5.06 -2.01
C PHE B 406 -31.36 4.11 -0.83
N MET B 407 -32.37 3.27 -0.60
CA MET B 407 -32.49 2.53 0.65
C MET B 407 -31.50 1.33 0.71
N PHE B 408 -30.24 1.65 1.00
CA PHE B 408 -29.16 0.69 1.29
C PHE B 408 -28.31 1.32 2.39
N ALA B 409 -27.99 0.59 3.46
CA ALA B 409 -27.22 1.19 4.56
C ALA B 409 -26.34 0.26 5.40
N CYS B 410 -25.06 0.61 5.46
CA CYS B 410 -24.08 -0.02 6.37
C CYS B 410 -24.08 -1.54 6.29
N ALA B 411 -23.99 -2.08 5.05
CA ALA B 411 -23.84 -3.54 4.83
C ALA B 411 -23.33 -4.00 3.45
N GLU B 412 -22.89 -5.26 3.40
CA GLU B 412 -22.50 -5.90 2.16
C GLU B 412 -23.77 -6.41 1.50
N TYR B 413 -24.23 -5.74 0.44
CA TYR B 413 -25.44 -6.19 -0.28
C TYR B 413 -25.10 -7.21 -1.34
N PRO B 414 -26.04 -8.08 -1.72
CA PRO B 414 -25.83 -8.94 -2.90
C PRO B 414 -25.61 -8.14 -4.20
N ASP B 415 -24.88 -8.72 -5.14
CA ASP B 415 -24.70 -8.10 -6.46
C ASP B 415 -24.67 -9.12 -7.63
N ASP B 416 -25.59 -10.09 -7.57
CA ASP B 416 -25.91 -10.96 -8.72
C ASP B 416 -26.98 -10.33 -9.62
N GLU B 417 -27.05 -10.74 -10.88
CA GLU B 417 -28.02 -10.20 -11.86
C GLU B 417 -29.45 -10.18 -11.29
N ASN B 418 -29.89 -11.32 -10.78
CA ASN B 418 -31.24 -11.48 -10.23
C ASN B 418 -31.62 -10.34 -9.27
N PHE B 419 -30.68 -10.00 -8.39
CA PHE B 419 -30.84 -8.90 -7.45
C PHE B 419 -30.76 -7.52 -8.09
N LEU B 420 -29.76 -7.29 -8.93
CA LEU B 420 -29.59 -6.00 -9.60
C LEU B 420 -30.82 -5.57 -10.38
N ASN B 421 -31.52 -6.53 -10.99
CA ASN B 421 -32.79 -6.25 -11.67
C ASN B 421 -33.87 -5.74 -10.72
N ASP B 422 -34.06 -6.44 -9.60
CA ASP B 422 -34.98 -6.02 -8.55
C ASP B 422 -34.67 -4.59 -8.12
N VAL B 423 -33.39 -4.30 -7.87
CA VAL B 423 -32.89 -2.97 -7.49
C VAL B 423 -33.17 -1.88 -8.51
N GLN B 424 -32.88 -2.18 -9.77
CA GLN B 424 -33.11 -1.21 -10.84
C GLN B 424 -34.59 -0.97 -11.06
N LYS B 425 -35.38 -2.03 -10.91
CA LYS B 425 -36.83 -1.92 -10.98
C LYS B 425 -37.34 -0.95 -9.92
N GLU B 426 -36.81 -1.05 -8.69
CA GLU B 426 -37.25 -0.15 -7.58
C GLU B 426 -36.76 1.28 -7.78
N ALA B 427 -35.53 1.43 -8.27
CA ALA B 427 -34.96 2.75 -8.47
C ALA B 427 -35.74 3.54 -9.51
N GLU B 428 -36.16 2.87 -10.58
CA GLU B 428 -37.04 3.46 -11.60
C GLU B 428 -38.28 4.03 -10.96
N PHE B 429 -38.95 3.21 -10.14
CA PHE B 429 -40.25 3.59 -9.56
C PHE B 429 -40.13 4.78 -8.64
N VAL B 430 -39.21 4.63 -7.68
CA VAL B 430 -38.90 5.65 -6.70
C VAL B 430 -38.60 6.99 -7.33
N ILE B 431 -37.68 7.02 -8.27
CA ILE B 431 -37.33 8.28 -8.93
C ILE B 431 -38.56 8.77 -9.65
N LYS B 432 -39.14 7.96 -10.54
CA LYS B 432 -40.36 8.37 -11.27
C LYS B 432 -41.40 9.06 -10.36
N ARG B 433 -41.50 8.59 -9.12
CA ARG B 433 -42.43 9.13 -8.11
C ARG B 433 -41.98 10.50 -7.59
N LEU B 434 -40.80 10.52 -7.02
CA LEU B 434 -40.23 11.69 -6.35
C LEU B 434 -39.63 12.79 -7.26
N ARG B 435 -39.34 12.51 -8.53
CA ARG B 435 -38.79 13.53 -9.46
C ARG B 435 -39.41 14.94 -9.35
N ASN B 436 -40.73 15.02 -9.18
CA ASN B 436 -41.41 16.31 -9.28
C ASN B 436 -41.17 17.27 -8.12
N HIS B 437 -40.67 16.74 -7.02
CA HIS B 437 -40.54 17.51 -5.79
C HIS B 437 -39.31 18.40 -5.83
N PRO B 438 -39.48 19.75 -5.93
CA PRO B 438 -38.32 20.61 -5.99
C PRO B 438 -37.42 20.60 -4.75
N SER B 439 -37.99 20.22 -3.61
CA SER B 439 -37.20 19.98 -2.41
C SER B 439 -36.07 18.98 -2.64
N ILE B 440 -36.35 17.88 -3.35
CA ILE B 440 -35.34 16.81 -3.47
C ILE B 440 -34.17 17.34 -4.28
N VAL B 441 -33.01 17.39 -3.65
CA VAL B 441 -31.84 18.06 -4.22
C VAL B 441 -30.70 17.12 -4.65
N LEU B 442 -30.73 15.88 -4.16
CA LEU B 442 -29.71 14.93 -4.52
C LEU B 442 -30.20 13.49 -4.35
N TRP B 443 -29.65 12.61 -5.19
CA TRP B 443 -29.86 11.16 -5.10
C TRP B 443 -28.54 10.59 -4.57
N CYS B 444 -28.63 9.72 -3.56
CA CYS B 444 -27.45 9.18 -2.90
C CYS B 444 -27.51 7.68 -2.88
N GLY B 445 -26.37 7.05 -3.14
CA GLY B 445 -26.34 5.63 -3.42
C GLY B 445 -26.62 4.79 -2.22
N ASN B 446 -25.98 5.12 -1.12
CA ASN B 446 -26.02 4.30 0.09
C ASN B 446 -25.66 5.11 1.31
N ASN B 447 -25.75 4.47 2.47
CA ASN B 447 -25.18 5.01 3.69
C ASN B 447 -23.96 4.17 4.08
N CYS B 448 -22.82 4.81 4.25
CA CYS B 448 -21.58 4.25 4.84
C CYS B 448 -20.82 3.03 4.18
N ASN B 449 -21.30 2.48 3.05
CA ASN B 449 -20.69 1.25 2.49
C ASN B 449 -19.30 1.39 1.88
N HIS B 450 -19.11 2.45 1.08
CA HIS B 450 -17.79 2.75 0.51
C HIS B 450 -16.79 2.99 1.64
N TRP B 451 -17.19 3.80 2.63
CA TRP B 451 -16.41 3.97 3.87
C TRP B 451 -16.13 2.62 4.55
N GLY B 452 -17.16 1.80 4.69
CA GLY B 452 -17.04 0.49 5.35
C GLY B 452 -16.03 -0.46 4.74
N TYR B 453 -16.13 -0.68 3.43
CA TYR B 453 -15.17 -1.50 2.67
C TYR B 453 -13.75 -0.89 2.68
N TYR B 454 -13.66 0.44 2.57
CA TYR B 454 -12.37 1.17 2.60
C TYR B 454 -11.71 1.16 3.99
N ALA B 455 -12.53 1.21 5.04
CA ALA B 455 -12.08 0.95 6.42
C ALA B 455 -12.02 -0.57 6.64
N LYS B 456 -11.78 -1.00 7.88
CA LYS B 456 -11.59 -2.42 8.17
C LYS B 456 -12.88 -3.21 8.42
N TRP B 457 -13.97 -2.57 8.84
CA TRP B 457 -15.19 -3.34 9.20
C TRP B 457 -15.76 -4.06 7.94
N TRP B 458 -16.15 -5.32 8.13
CA TRP B 458 -16.25 -6.39 7.07
C TRP B 458 -15.01 -6.54 6.13
N GLY B 459 -13.85 -6.04 6.57
CA GLY B 459 -12.70 -5.79 5.70
C GLY B 459 -11.91 -7.01 5.30
N GLU B 460 -10.80 -6.80 4.61
CA GLU B 460 -9.95 -7.87 4.01
C GLU B 460 -10.75 -8.77 3.01
N ARG B 461 -11.65 -8.10 2.29
CA ARG B 461 -12.39 -8.66 1.15
C ARG B 461 -11.96 -7.88 -0.08
N GLU B 462 -11.58 -8.59 -1.15
CA GLU B 462 -11.29 -7.95 -2.43
C GLU B 462 -12.58 -7.40 -3.07
N LYS B 463 -13.64 -8.20 -3.10
CA LYS B 463 -14.93 -7.76 -3.66
C LYS B 463 -15.61 -6.81 -2.70
N PHE B 464 -15.75 -5.55 -3.09
CA PHE B 464 -16.65 -4.64 -2.41
C PHE B 464 -18.07 -5.07 -2.78
N TRP B 465 -18.78 -5.69 -1.84
CA TRP B 465 -19.95 -6.57 -2.16
C TRP B 465 -21.26 -6.04 -2.77
N GLY B 466 -21.42 -4.74 -2.87
CA GLY B 466 -22.52 -4.15 -3.63
C GLY B 466 -22.07 -3.10 -4.65
N GLU B 467 -20.76 -2.99 -4.93
CA GLU B 467 -20.18 -1.86 -5.67
C GLU B 467 -20.93 -1.50 -6.93
N GLU B 468 -21.32 -2.53 -7.67
CA GLU B 468 -21.99 -2.37 -8.97
C GLU B 468 -23.34 -1.65 -8.87
N ILE B 469 -24.02 -1.82 -7.76
CA ILE B 469 -25.25 -1.05 -7.45
C ILE B 469 -24.93 0.46 -7.44
N TYR B 470 -23.91 0.78 -6.67
CA TYR B 470 -23.47 2.15 -6.47
C TYR B 470 -22.76 2.73 -7.71
N SER B 471 -22.04 1.89 -8.45
CA SER B 471 -21.20 2.28 -9.60
C SER B 471 -21.92 2.36 -10.94
N ARG B 472 -22.68 1.32 -11.28
CA ARG B 472 -23.43 1.26 -12.55
C ARG B 472 -24.94 1.46 -12.34
N VAL B 473 -25.57 0.57 -11.56
CA VAL B 473 -27.03 0.38 -11.66
C VAL B 473 -27.77 1.66 -11.48
N LEU B 474 -27.50 2.28 -10.33
CA LEU B 474 -28.22 3.47 -9.85
C LEU B 474 -27.89 4.74 -10.63
N PRO B 475 -26.60 5.02 -10.88
CA PRO B 475 -26.26 6.23 -11.64
C PRO B 475 -26.92 6.25 -13.00
N ASP B 476 -27.03 5.07 -13.60
CA ASP B 476 -27.56 4.92 -14.95
C ASP B 476 -29.07 5.19 -14.96
N VAL B 477 -29.81 4.52 -14.07
CA VAL B 477 -31.26 4.81 -13.89
C VAL B 477 -31.52 6.27 -13.48
N CYS B 478 -30.67 6.85 -12.62
CA CYS B 478 -30.72 8.30 -12.31
C CYS B 478 -30.43 9.19 -13.52
N ALA B 479 -29.35 8.87 -14.25
CA ALA B 479 -29.00 9.62 -15.46
C ALA B 479 -30.07 9.48 -16.53
N ARG B 480 -30.72 8.32 -16.55
CA ARG B 480 -31.74 8.00 -17.56
C ARG B 480 -32.97 8.87 -17.34
N LEU B 481 -33.44 8.94 -16.09
CA LEU B 481 -34.76 9.52 -15.77
C LEU B 481 -34.76 10.90 -15.15
N ASP B 482 -33.59 11.41 -14.75
CA ASP B 482 -33.56 12.71 -14.08
C ASP B 482 -32.23 13.45 -14.29
N LEU B 483 -32.19 14.20 -15.39
CA LEU B 483 -31.08 15.12 -15.63
C LEU B 483 -31.05 16.32 -14.67
N THR B 484 -32.11 16.57 -13.90
CA THR B 484 -32.21 17.80 -13.13
C THR B 484 -31.37 17.81 -11.84
N ARG B 485 -30.88 16.64 -11.39
CA ARG B 485 -30.24 16.51 -10.09
C ARG B 485 -28.97 15.68 -10.09
N PRO B 486 -28.00 16.03 -9.23
CA PRO B 486 -26.78 15.22 -9.18
C PRO B 486 -27.05 13.88 -8.50
N TYR B 487 -26.40 12.84 -8.99
CA TYR B 487 -26.33 11.59 -8.26
C TYR B 487 -24.99 11.63 -7.57
N TRP B 488 -24.91 10.98 -6.43
CA TRP B 488 -23.69 10.93 -5.61
C TRP B 488 -23.63 9.58 -4.92
N PRO B 489 -22.55 8.82 -5.16
CA PRO B 489 -22.64 7.40 -4.94
C PRO B 489 -22.62 6.91 -3.50
N SER B 490 -22.31 7.73 -2.51
CA SER B 490 -22.19 7.24 -1.11
C SER B 490 -22.25 8.33 -0.05
N SER B 491 -22.90 8.02 1.07
CA SER B 491 -23.19 9.03 2.10
C SER B 491 -21.99 9.65 2.79
N PRO B 492 -20.91 8.88 2.99
CA PRO B 492 -19.57 9.44 2.93
C PRO B 492 -18.91 8.98 1.64
N TYR B 493 -18.51 9.94 0.79
CA TYR B 493 -17.72 9.64 -0.40
C TYR B 493 -16.71 10.74 -0.67
N GLY B 494 -15.75 10.76 0.21
CA GLY B 494 -14.48 11.32 -0.14
C GLY B 494 -13.75 10.54 -1.23
N GLY B 495 -12.45 10.79 -1.15
CA GLY B 495 -11.47 10.67 -2.23
C GLY B 495 -10.76 9.34 -2.04
N LYS B 496 -9.52 9.41 -1.58
CA LYS B 496 -8.71 8.22 -1.21
C LYS B 496 -9.40 7.39 -0.09
N ASP B 497 -9.69 8.05 1.02
CA ASP B 497 -10.42 7.47 2.15
C ASP B 497 -11.80 8.15 2.18
N PRO B 498 -12.89 7.42 1.91
CA PRO B 498 -14.19 8.06 1.66
C PRO B 498 -14.69 9.01 2.74
N ASN B 499 -14.10 8.95 3.94
CA ASN B 499 -14.46 9.89 4.96
C ASN B 499 -13.52 11.11 5.08
N SER B 500 -12.81 11.49 4.01
CA SER B 500 -11.73 12.46 4.12
C SER B 500 -12.29 13.85 4.28
N GLN B 501 -11.50 14.72 4.91
CA GLN B 501 -11.87 16.09 5.10
C GLN B 501 -11.46 16.95 3.90
N GLU B 502 -10.59 16.40 3.03
CA GLU B 502 -10.13 17.15 1.86
C GLU B 502 -11.19 17.19 0.76
N VAL B 503 -11.82 16.04 0.51
CA VAL B 503 -12.76 15.91 -0.59
C VAL B 503 -14.11 15.40 -0.10
N GLY B 504 -15.15 15.72 -0.87
CA GLY B 504 -16.49 15.22 -0.65
C GLY B 504 -17.00 15.45 0.76
N ASP B 505 -18.04 14.72 1.11
CA ASP B 505 -18.64 14.84 2.45
C ASP B 505 -18.00 13.91 3.49
N ARG B 506 -18.44 14.08 4.72
CA ARG B 506 -17.82 13.45 5.88
C ARG B 506 -18.82 13.13 6.99
N HIS B 507 -18.56 12.00 7.64
CA HIS B 507 -19.28 11.58 8.83
C HIS B 507 -18.33 11.70 9.99
N ASN B 508 -18.63 12.58 10.94
CA ASN B 508 -17.80 12.68 12.13
C ASN B 508 -18.35 11.93 13.32
N TRP B 509 -17.94 10.67 13.41
CA TRP B 509 -18.17 9.85 14.59
C TRP B 509 -16.94 9.67 15.45
N GLU B 510 -15.90 10.47 15.17
CA GLU B 510 -14.82 10.63 16.12
C GLU B 510 -15.45 10.90 17.45
N VAL B 511 -16.30 11.91 17.48
CA VAL B 511 -16.78 12.49 18.74
C VAL B 511 -17.64 11.52 19.56
N TRP B 512 -18.75 11.03 19.03
CA TRP B 512 -19.59 10.16 19.87
C TRP B 512 -19.02 8.72 19.97
N HIS B 513 -18.78 8.10 18.82
CA HIS B 513 -18.58 6.67 18.75
C HIS B 513 -17.15 6.33 19.15
N GLY B 514 -16.17 7.00 18.54
CA GLY B 514 -14.86 7.11 19.15
C GLY B 514 -15.26 7.95 20.32
N TRP B 515 -14.45 8.06 21.36
CA TRP B 515 -14.94 8.76 22.57
C TRP B 515 -14.51 10.23 22.69
N ILE B 516 -13.61 10.64 21.79
CA ILE B 516 -13.01 12.01 21.72
C ILE B 516 -13.91 13.16 22.17
N ASP B 517 -13.33 14.06 22.98
CA ASP B 517 -14.07 15.18 23.56
C ASP B 517 -14.70 16.01 22.45
N PHE B 518 -15.90 16.52 22.68
CA PHE B 518 -16.68 17.12 21.58
C PHE B 518 -16.07 18.44 21.04
N ASN B 519 -15.23 19.10 21.85
CA ASN B 519 -14.34 20.18 21.38
C ASN B 519 -13.52 19.81 20.16
N GLY B 520 -13.29 18.51 19.94
CA GLY B 520 -12.60 17.99 18.76
C GLY B 520 -13.22 18.25 17.41
N TYR B 521 -14.51 18.58 17.36
CA TYR B 521 -15.17 19.02 16.13
C TYR B 521 -14.44 20.26 15.57
N LEU B 522 -13.77 21.03 16.43
CA LEU B 522 -12.99 22.18 15.96
C LEU B 522 -11.84 21.82 15.03
N LYS B 523 -11.30 20.60 15.16
CA LYS B 523 -10.16 20.13 14.37
C LYS B 523 -10.60 19.32 13.15
N ASP B 524 -11.90 19.37 12.85
CA ASP B 524 -12.45 18.71 11.66
C ASP B 524 -12.84 19.79 10.65
N ASN B 525 -12.18 19.75 9.49
CA ASN B 525 -12.39 20.76 8.45
C ASN B 525 -12.93 20.12 7.15
N GLY B 526 -13.85 19.17 7.31
CA GLY B 526 -14.37 18.40 6.19
C GLY B 526 -15.22 19.25 5.27
N ARG B 527 -15.22 18.91 3.98
CA ARG B 527 -15.88 19.81 3.01
C ARG B 527 -17.38 19.83 3.16
N PHE B 528 -17.96 18.84 3.82
CA PHE B 528 -19.38 18.83 4.11
C PHE B 528 -19.67 17.75 5.12
N ILE B 529 -20.04 18.15 6.36
CA ILE B 529 -20.38 17.20 7.42
C ILE B 529 -21.85 16.75 7.31
N SER B 530 -22.03 15.60 6.67
CA SER B 530 -23.38 15.01 6.44
C SER B 530 -23.88 14.16 7.63
N GLU B 531 -23.02 13.91 8.63
CA GLU B 531 -23.39 13.13 9.79
C GLU B 531 -22.46 13.43 10.98
N PHE B 532 -23.04 13.50 12.16
CA PHE B 532 -22.38 13.75 13.44
C PHE B 532 -23.50 13.92 14.48
N GLY B 533 -23.21 13.62 15.73
CA GLY B 533 -24.26 13.74 16.76
C GLY B 533 -23.78 13.36 18.15
N MET B 534 -24.63 13.65 19.14
CA MET B 534 -24.39 13.26 20.56
C MET B 534 -25.74 12.80 21.09
N GLN B 535 -25.72 11.82 22.00
CA GLN B 535 -26.95 11.25 22.55
C GLN B 535 -27.40 12.10 23.71
N ALA B 536 -28.65 11.88 24.07
CA ALA B 536 -29.26 12.57 25.18
C ALA B 536 -30.59 11.91 25.45
N PRO B 537 -30.90 11.59 26.73
CA PRO B 537 -32.18 10.97 27.05
C PRO B 537 -33.38 11.92 26.92
N PRO B 538 -34.58 11.41 26.60
CA PRO B 538 -35.66 12.37 26.38
C PRO B 538 -36.09 13.08 27.63
N VAL B 539 -36.94 14.08 27.40
CA VAL B 539 -37.72 14.75 28.44
C VAL B 539 -38.35 13.75 29.44
N ALA B 540 -38.46 14.14 30.71
CA ALA B 540 -38.96 13.23 31.77
C ALA B 540 -40.32 12.64 31.43
N GLU B 541 -41.25 13.51 31.03
CA GLU B 541 -42.59 13.10 30.60
C GLU B 541 -42.49 11.86 29.69
N THR B 542 -41.71 11.99 28.61
CA THR B 542 -41.49 10.92 27.65
C THR B 542 -40.87 9.71 28.35
N ILE B 543 -39.80 9.93 29.10
CA ILE B 543 -39.16 8.84 29.85
C ILE B 543 -40.22 8.04 30.60
N ARG B 544 -41.03 8.77 31.37
CA ARG B 544 -42.06 8.18 32.22
C ARG B 544 -43.00 7.26 31.45
N LYS B 545 -43.28 7.58 30.18
CA LYS B 545 -44.16 6.75 29.37
C LYS B 545 -43.66 5.33 29.07
N PHE B 546 -42.33 5.10 29.15
CA PHE B 546 -41.75 3.78 28.76
C PHE B 546 -41.10 3.01 29.87
N ILE B 547 -40.60 3.71 30.86
CA ILE B 547 -40.15 3.10 32.09
C ILE B 547 -41.42 2.51 32.74
N THR B 548 -41.30 1.36 33.40
CA THR B 548 -42.48 0.63 33.94
C THR B 548 -42.65 0.80 35.45
N SER B 549 -41.83 1.66 36.05
CA SER B 549 -41.73 1.74 37.50
C SER B 549 -41.02 3.04 37.87
N GLU B 550 -41.15 3.48 39.12
CA GLU B 550 -40.38 4.63 39.57
C GLU B 550 -39.01 4.16 40.08
N LYS B 551 -38.85 2.85 40.31
CA LYS B 551 -37.57 2.29 40.75
C LYS B 551 -36.57 2.16 39.63
N GLU B 552 -37.04 2.24 38.38
CA GLU B 552 -36.14 2.25 37.21
C GLU B 552 -35.79 3.67 36.78
N TYR B 553 -36.28 4.67 37.50
CA TYR B 553 -36.06 6.08 37.14
C TYR B 553 -34.74 6.55 37.74
N TYR B 554 -33.66 5.94 37.26
CA TYR B 554 -32.29 6.37 37.58
C TYR B 554 -31.33 6.07 36.40
N PRO B 555 -30.35 6.96 36.13
CA PRO B 555 -29.66 7.03 34.83
C PRO B 555 -29.21 5.71 34.18
N GLN B 556 -28.82 4.74 34.99
CA GLN B 556 -28.28 3.46 34.50
C GLN B 556 -29.16 2.26 34.91
N SER B 557 -30.47 2.44 34.86
CA SER B 557 -31.39 1.36 35.24
C SER B 557 -31.46 0.37 34.12
N ARG B 558 -31.96 -0.84 34.37
CA ARG B 558 -32.17 -1.85 33.30
C ARG B 558 -33.00 -1.29 32.15
N GLU B 559 -34.09 -0.61 32.48
CA GLU B 559 -34.97 -0.08 31.45
C GLU B 559 -34.39 1.15 30.72
N MET B 560 -33.51 1.91 31.37
CA MET B 560 -32.85 3.06 30.72
C MET B 560 -31.76 2.64 29.74
N GLU B 561 -30.99 1.62 30.09
CA GLU B 561 -30.00 1.09 29.19
C GLU B 561 -30.68 0.21 28.10
N PHE B 562 -31.75 -0.50 28.48
CA PHE B 562 -32.47 -1.31 27.48
C PHE B 562 -33.07 -0.41 26.42
N HIS B 563 -33.53 0.78 26.82
CA HIS B 563 -33.99 1.80 25.85
C HIS B 563 -32.82 2.72 25.40
N ASN B 564 -31.67 2.12 25.16
CA ASN B 564 -30.52 2.79 24.56
C ASN B 564 -29.80 1.75 23.75
N LYS B 565 -30.18 1.66 22.47
CA LYS B 565 -29.70 0.59 21.58
C LYS B 565 -28.26 0.80 21.06
N ALA B 566 -27.57 1.85 21.52
CA ALA B 566 -26.15 2.07 21.21
C ALA B 566 -25.29 1.26 22.16
N ARG B 567 -24.24 0.61 21.66
CA ARG B 567 -23.57 -0.45 22.42
C ARG B 567 -23.29 -0.04 23.86
N GLU B 568 -22.62 1.10 24.06
CA GLU B 568 -22.26 1.53 25.42
C GLU B 568 -22.73 2.97 25.63
N GLY B 569 -23.97 3.22 25.19
CA GLY B 569 -24.54 4.57 25.10
C GLY B 569 -24.56 5.30 26.42
N THR B 570 -25.06 4.65 27.46
CA THR B 570 -25.25 5.32 28.75
C THR B 570 -23.86 5.75 29.27
N GLU B 571 -22.97 4.78 29.46
CA GLU B 571 -21.58 5.13 29.86
C GLU B 571 -20.86 6.16 28.92
N ARG B 572 -21.25 6.28 27.65
CA ARG B 572 -20.76 7.42 26.83
C ARG B 572 -21.35 8.71 27.33
N ILE B 573 -22.67 8.73 27.48
CA ILE B 573 -23.35 9.92 27.92
C ILE B 573 -22.67 10.38 29.19
N ILE B 574 -22.47 9.44 30.12
CA ILE B 574 -21.92 9.71 31.46
C ILE B 574 -20.45 10.15 31.36
N ARG B 575 -19.76 9.66 30.34
CA ARG B 575 -18.42 10.17 30.07
C ARG B 575 -18.50 11.66 29.69
N TYR B 576 -19.45 12.04 28.83
CA TYR B 576 -19.49 13.40 28.27
C TYR B 576 -19.89 14.43 29.28
N ILE B 577 -20.88 14.05 30.06
CA ILE B 577 -21.32 14.84 31.19
C ILE B 577 -20.11 15.09 32.06
N ALA B 578 -19.27 14.09 32.23
CA ALA B 578 -18.13 14.18 33.14
C ALA B 578 -16.93 14.86 32.54
N GLY B 579 -17.03 15.32 31.29
CA GLY B 579 -16.03 16.22 30.68
C GLY B 579 -16.18 17.62 31.28
N HIS B 580 -17.35 18.21 31.07
CA HIS B 580 -17.65 19.57 31.51
C HIS B 580 -18.27 19.71 32.91
N PHE B 581 -18.77 18.63 33.51
CA PHE B 581 -19.59 18.75 34.75
C PHE B 581 -19.22 17.80 35.90
N LYS B 582 -19.80 18.08 37.06
CA LYS B 582 -19.75 17.17 38.20
C LYS B 582 -20.74 16.05 37.91
N ILE B 583 -20.32 14.79 38.04
CA ILE B 583 -21.31 13.70 37.93
C ILE B 583 -22.41 13.85 38.98
N THR B 584 -23.59 13.31 38.62
CA THR B 584 -24.74 13.23 39.49
C THR B 584 -25.33 11.82 39.54
N GLU B 585 -25.75 11.40 40.75
CA GLU B 585 -26.50 10.15 40.93
C GLU B 585 -28.01 10.40 40.74
N ASP B 586 -28.42 11.68 40.73
CA ASP B 586 -29.83 12.08 40.58
C ASP B 586 -30.36 11.99 39.14
N MET B 587 -31.45 11.25 38.95
CA MET B 587 -32.04 11.11 37.61
C MET B 587 -32.38 12.43 36.94
N ASN B 588 -33.00 13.32 37.68
CA ASN B 588 -33.45 14.57 37.09
C ASN B 588 -32.31 15.51 36.76
N GLU B 589 -31.23 15.46 37.54
CA GLU B 589 -30.09 16.31 37.28
C GLU B 589 -29.52 15.81 35.96
N TYR B 590 -29.07 14.56 35.98
CA TYR B 590 -28.54 13.85 34.82
C TYR B 590 -29.24 14.25 33.52
N ILE B 591 -30.57 14.21 33.49
CA ILE B 591 -31.32 14.61 32.28
C ILE B 591 -30.98 16.05 31.82
N TYR B 592 -31.01 17.01 32.74
CA TYR B 592 -30.75 18.42 32.41
C TYR B 592 -29.31 18.60 31.92
N LEU B 593 -28.37 18.10 32.72
CA LEU B 593 -26.94 18.12 32.39
C LEU B 593 -26.56 17.40 31.07
N SER B 594 -27.14 16.23 30.83
CA SER B 594 -26.76 15.44 29.66
C SER B 594 -27.33 16.07 28.41
N GLN B 595 -28.51 16.65 28.57
CA GLN B 595 -29.21 17.23 27.44
C GLN B 595 -28.58 18.54 27.04
N ILE B 596 -27.93 19.24 27.97
CA ILE B 596 -27.25 20.48 27.60
C ILE B 596 -25.94 20.10 26.95
N ILE B 597 -25.23 19.12 27.51
CA ILE B 597 -24.04 18.56 26.82
C ILE B 597 -24.39 18.37 25.35
N GLN B 598 -25.51 17.72 25.07
CA GLN B 598 -25.92 17.48 23.68
C GLN B 598 -25.92 18.78 22.90
N GLY B 599 -26.54 19.80 23.49
CA GLY B 599 -26.57 21.13 22.89
C GLY B 599 -25.18 21.66 22.61
N LEU B 600 -24.29 21.53 23.58
CA LEU B 600 -22.94 22.05 23.46
C LEU B 600 -22.11 21.30 22.38
N ALA B 601 -22.27 19.97 22.32
CA ALA B 601 -21.59 19.17 21.30
C ALA B 601 -22.05 19.66 19.93
N LEU B 602 -23.35 19.64 19.72
CA LEU B 602 -23.94 20.10 18.47
C LEU B 602 -23.58 21.56 18.19
N LYS B 603 -23.78 22.44 19.16
CA LYS B 603 -23.45 23.86 19.01
C LYS B 603 -22.03 24.03 18.52
N THR B 604 -21.10 23.45 19.27
CA THR B 604 -19.69 23.75 19.10
C THR B 604 -19.16 23.24 17.77
N GLY B 605 -19.83 22.19 17.26
CA GLY B 605 -19.59 21.65 15.94
C GLY B 605 -20.24 22.56 14.94
N ILE B 606 -21.56 22.68 15.01
CA ILE B 606 -22.29 23.46 14.01
C ILE B 606 -21.63 24.83 13.82
N GLU B 607 -21.31 25.51 14.93
CA GLU B 607 -20.70 26.84 14.85
C GLU B 607 -19.38 26.79 14.06
N HIS B 608 -18.51 25.84 14.40
CA HIS B 608 -17.25 25.72 13.71
C HIS B 608 -17.40 25.44 12.19
N TRP B 609 -18.28 24.53 11.80
CA TRP B 609 -18.40 24.20 10.37
C TRP B 609 -18.81 25.44 9.62
N ARG B 610 -19.77 26.19 10.17
CA ARG B 610 -20.27 27.47 9.60
C ARG B 610 -19.18 28.55 9.51
N ASN B 611 -18.26 28.54 10.47
CA ASN B 611 -17.16 29.49 10.47
C ASN B 611 -16.24 29.30 9.27
N ASN B 612 -16.16 28.09 8.78
CA ASN B 612 -15.46 27.82 7.52
C ASN B 612 -16.23 28.30 6.33
N LYS B 613 -17.54 28.36 6.49
CA LYS B 613 -18.41 28.65 5.39
C LYS B 613 -18.10 27.73 4.20
N PHE B 614 -17.64 28.20 3.03
CA PHE B 614 -17.70 27.32 1.86
C PHE B 614 -16.54 26.37 1.68
N HIS B 615 -15.57 26.43 2.60
CA HIS B 615 -14.59 25.35 2.72
C HIS B 615 -15.33 24.14 3.21
N THR B 616 -16.25 24.33 4.19
CA THR B 616 -17.11 23.25 4.73
C THR B 616 -18.57 23.06 4.27
N SER B 617 -19.26 24.11 3.90
CA SER B 617 -20.50 24.06 3.17
C SER B 617 -21.69 23.18 3.52
N GLY B 618 -21.72 22.69 4.77
CA GLY B 618 -22.80 21.80 5.21
C GLY B 618 -22.58 21.12 6.55
N SER B 619 -23.64 21.12 7.37
CA SER B 619 -23.65 20.38 8.62
C SER B 619 -24.98 19.71 8.77
N LEU B 620 -24.99 18.38 8.75
CA LEU B 620 -26.21 17.63 8.97
C LEU B 620 -26.10 16.84 10.27
N ILE B 621 -26.84 17.30 11.27
CA ILE B 621 -27.00 16.64 12.58
C ILE B 621 -27.41 15.18 12.43
N TRP B 622 -26.88 14.27 13.24
CA TRP B 622 -27.22 12.87 13.01
C TRP B 622 -28.61 12.51 13.47
N GLN B 623 -29.27 13.21 14.37
CA GLN B 623 -30.62 12.73 14.49
C GLN B 623 -31.69 13.75 14.72
N TRP B 624 -32.57 13.89 13.73
CA TRP B 624 -33.70 14.77 13.92
C TRP B 624 -34.76 14.14 14.78
N ASN B 625 -35.21 12.94 14.44
CA ASN B 625 -36.33 12.29 15.14
C ASN B 625 -36.07 10.89 15.59
N ASP B 626 -37.01 10.34 16.35
CA ASP B 626 -36.97 8.97 16.83
C ASP B 626 -38.14 8.17 16.27
N CYS B 627 -37.96 6.86 16.17
CA CYS B 627 -39.04 5.94 15.76
C CYS B 627 -39.69 5.21 16.95
N TRP B 628 -39.25 5.52 18.18
CA TRP B 628 -39.87 5.01 19.43
C TRP B 628 -39.17 5.65 20.68
N PRO B 629 -39.75 5.46 21.85
CA PRO B 629 -39.28 6.23 22.97
C PRO B 629 -37.91 5.71 23.40
N VAL B 630 -36.87 6.44 23.04
CA VAL B 630 -35.54 5.93 23.26
C VAL B 630 -34.51 7.03 23.53
N VAL B 631 -33.47 6.61 24.26
CA VAL B 631 -32.33 7.43 24.61
C VAL B 631 -31.38 7.31 23.43
N SER B 632 -31.17 8.44 22.75
CA SER B 632 -30.58 8.45 21.42
C SER B 632 -30.25 9.88 20.99
N TRP B 633 -29.68 9.99 19.80
CA TRP B 633 -29.15 11.23 19.26
C TRP B 633 -30.24 12.26 18.96
N SER B 634 -31.48 11.80 18.76
CA SER B 634 -32.60 12.62 18.31
C SER B 634 -32.65 14.00 18.98
N ILE B 635 -32.98 15.04 18.21
CA ILE B 635 -33.28 16.34 18.83
C ILE B 635 -34.79 16.58 19.07
N ILE B 636 -35.66 15.68 18.63
CA ILE B 636 -37.09 15.65 19.00
C ILE B 636 -37.56 14.20 19.24
N ASP B 637 -38.08 13.90 20.45
CA ASP B 637 -38.34 12.45 20.82
C ASP B 637 -39.54 11.83 20.13
N TYR B 638 -39.73 10.50 20.30
CA TYR B 638 -40.80 9.76 19.57
C TYR B 638 -42.17 10.36 19.70
N TYR B 639 -42.49 10.77 20.94
CA TYR B 639 -43.72 11.52 21.25
C TYR B 639 -43.65 13.05 20.92
N LYS B 640 -42.68 13.46 20.12
CA LYS B 640 -42.61 14.81 19.51
C LYS B 640 -42.39 15.94 20.51
N LYS B 641 -41.76 15.57 21.63
CA LYS B 641 -41.41 16.50 22.67
C LYS B 641 -39.94 16.91 22.49
N LEU B 642 -39.74 18.18 22.12
CA LEU B 642 -38.42 18.79 21.96
C LEU B 642 -37.42 18.50 23.08
N LYS B 643 -36.28 17.91 22.74
CA LYS B 643 -35.15 17.88 23.65
C LYS B 643 -34.70 19.32 23.83
N PRO B 644 -33.93 19.61 24.87
CA PRO B 644 -33.45 20.99 25.01
C PRO B 644 -32.49 21.38 23.89
N SER B 645 -31.69 20.41 23.45
CA SER B 645 -30.77 20.64 22.34
C SER B 645 -31.43 21.30 21.14
N TYR B 646 -32.75 21.13 20.95
CA TYR B 646 -33.46 21.78 19.83
C TYR B 646 -33.24 23.27 19.87
N TYR B 647 -33.26 23.83 21.07
CA TYR B 647 -33.09 25.30 21.19
C TYR B 647 -31.64 25.69 20.93
N PHE B 648 -30.71 24.84 21.30
CA PHE B 648 -29.30 25.05 20.94
C PHE B 648 -29.08 25.03 19.42
N VAL B 649 -29.77 24.11 18.76
CA VAL B 649 -29.66 23.94 17.33
C VAL B 649 -30.26 25.13 16.59
N LYS B 650 -31.39 25.63 17.09
CA LYS B 650 -31.99 26.88 16.58
C LYS B 650 -30.99 28.03 16.69
N ARG B 651 -30.42 28.15 17.87
CA ARG B 651 -29.37 29.13 18.13
C ARG B 651 -28.16 28.96 17.22
N ALA B 652 -27.70 27.72 17.06
CA ALA B 652 -26.55 27.44 16.21
C ALA B 652 -26.86 27.72 14.74
N PHE B 653 -28.14 27.74 14.36
CA PHE B 653 -28.54 27.97 12.99
C PHE B 653 -28.97 29.41 12.68
N ARG B 654 -29.14 30.25 13.70
CA ARG B 654 -29.47 31.67 13.50
C ARG B 654 -28.85 32.17 12.18
N ASP B 655 -29.73 32.58 11.24
CA ASP B 655 -29.31 33.00 9.89
C ASP B 655 -28.12 33.95 9.90
N ILE B 656 -28.12 34.89 10.83
CA ILE B 656 -26.97 35.74 11.05
C ILE B 656 -26.43 35.55 12.48
N LYS B 657 -25.10 35.34 12.60
CA LYS B 657 -24.52 34.78 13.81
C LYS B 657 -23.06 35.18 14.09
N VAL B 658 -22.75 35.30 15.38
CA VAL B 658 -21.33 35.45 15.86
C VAL B 658 -20.86 34.27 16.70
N ASN B 659 -19.71 33.72 16.33
CA ASN B 659 -19.13 32.58 17.03
C ASN B 659 -17.75 32.95 17.53
N ILE B 660 -17.30 32.19 18.54
CA ILE B 660 -15.99 32.33 19.13
C ILE B 660 -15.27 31.04 18.80
N GLU B 661 -13.95 31.06 18.80
CA GLU B 661 -13.16 29.89 18.37
C GLU B 661 -11.71 30.10 18.81
N PRO B 662 -11.17 29.22 19.68
CA PRO B 662 -9.81 29.44 20.14
C PRO B 662 -8.78 29.22 19.07
N ARG B 663 -7.62 29.79 19.33
CA ARG B 663 -6.39 29.64 18.56
C ARG B 663 -5.29 29.66 19.63
N ASN B 664 -4.14 29.05 19.38
CA ASN B 664 -3.10 29.01 20.41
C ASN B 664 -2.86 30.34 21.09
N GLY B 665 -3.37 30.49 22.32
CA GLY B 665 -3.15 31.68 23.14
C GLY B 665 -4.06 32.87 22.90
N LYS B 666 -4.97 32.79 21.92
CA LYS B 666 -5.87 33.92 21.61
C LYS B 666 -7.23 33.48 21.08
N LEU B 667 -8.27 34.19 21.48
CA LEU B 667 -9.63 33.93 20.97
C LEU B 667 -9.91 34.71 19.69
N LEU B 668 -10.87 34.22 18.92
CA LEU B 668 -11.01 34.60 17.54
C LEU B 668 -12.48 34.56 17.13
N VAL B 669 -13.18 35.68 17.26
CA VAL B 669 -14.62 35.73 16.92
C VAL B 669 -14.90 35.70 15.42
N PHE B 670 -16.10 35.28 15.04
CA PHE B 670 -16.50 35.08 13.63
C PHE B 670 -17.88 35.67 13.34
N GLY B 671 -18.16 35.86 12.07
CA GLY B 671 -19.43 36.45 11.62
C GLY B 671 -19.97 35.73 10.40
N VAL B 672 -21.23 35.33 10.43
CA VAL B 672 -21.76 34.43 9.43
C VAL B 672 -23.12 34.87 8.92
N ASN B 673 -23.23 35.10 7.60
CA ASN B 673 -24.50 35.43 6.94
C ASN B 673 -25.02 34.24 6.13
N ASP B 674 -26.22 33.74 6.46
CA ASP B 674 -26.91 32.73 5.63
C ASP B 674 -28.06 33.41 4.91
N THR B 675 -27.72 34.55 4.34
CA THR B 675 -28.68 35.54 3.87
C THR B 675 -28.12 36.20 2.63
N LEU B 676 -29.01 36.66 1.76
CA LEU B 676 -28.61 37.20 0.46
C LEU B 676 -28.26 38.70 0.47
N GLU B 677 -28.05 39.27 1.66
CA GLU B 677 -27.86 40.71 1.79
C GLU B 677 -26.93 41.04 2.94
N LYS B 678 -26.02 42.00 2.68
CA LYS B 678 -24.90 42.29 3.58
C LYS B 678 -25.49 42.83 4.82
N PHE B 679 -24.80 42.64 5.92
CA PHE B 679 -25.32 43.05 7.21
C PHE B 679 -24.33 44.01 7.84
N TYR B 680 -24.89 45.11 8.33
CA TYR B 680 -24.17 46.08 9.14
C TYR B 680 -24.76 45.98 10.52
N GLY B 681 -23.89 46.05 11.54
CA GLY B 681 -24.33 45.94 12.94
C GLY B 681 -23.18 45.96 13.92
N LYS B 682 -23.49 46.32 15.17
CA LYS B 682 -22.47 46.51 16.21
C LYS B 682 -22.23 45.21 16.95
N ILE B 683 -20.95 44.90 17.22
CA ILE B 683 -20.60 43.80 18.16
C ILE B 683 -19.99 44.37 19.44
N GLU B 684 -20.18 43.62 20.52
CA GLU B 684 -19.49 43.90 21.77
C GLU B 684 -18.63 42.70 22.08
N TYR B 685 -17.36 42.92 22.35
CA TYR B 685 -16.54 41.91 23.01
C TYR B 685 -16.74 42.13 24.49
N ALA B 686 -16.08 41.31 25.30
CA ALA B 686 -15.89 41.54 26.75
C ALA B 686 -15.05 40.40 27.33
N ILE B 687 -14.76 40.46 28.62
CA ILE B 687 -14.22 39.31 29.35
C ILE B 687 -14.51 39.49 30.83
N SER B 688 -15.80 39.45 31.14
CA SER B 688 -16.32 39.79 32.47
C SER B 688 -16.11 38.66 33.48
N THR B 689 -16.21 38.99 34.76
CA THR B 689 -16.36 37.96 35.79
C THR B 689 -17.82 37.60 35.81
N PHE B 690 -18.16 36.56 36.55
CA PHE B 690 -19.54 36.12 36.67
C PHE B 690 -20.44 37.15 37.37
N ARG B 691 -19.83 38.01 38.18
CA ARG B 691 -20.48 39.22 38.71
C ARG B 691 -20.14 40.45 37.84
N GLY B 692 -18.84 40.76 37.82
CA GLY B 692 -18.28 42.04 37.40
C GLY B 692 -17.95 42.12 35.90
N LYS B 693 -18.12 43.29 35.25
CA LYS B 693 -18.26 43.33 33.78
C LYS B 693 -16.96 43.75 33.05
N ARG B 694 -15.85 43.53 33.71
CA ARG B 694 -14.70 44.40 33.49
C ARG B 694 -14.01 44.43 32.09
N ARG B 695 -13.27 43.39 31.75
CA ARG B 695 -12.03 43.70 30.96
C ARG B 695 -11.97 44.04 29.43
N GLY B 696 -11.45 45.22 29.10
CA GLY B 696 -11.10 45.51 27.72
C GLY B 696 -12.39 45.38 26.90
N LYS B 697 -13.38 46.16 27.30
CA LYS B 697 -14.63 46.27 26.55
C LYS B 697 -14.33 46.97 25.25
N LYS B 698 -14.41 46.21 24.14
CA LYS B 698 -14.08 46.67 22.81
C LYS B 698 -15.27 46.71 21.80
N GLU B 699 -15.97 47.84 21.78
CA GLU B 699 -17.37 47.89 21.41
C GLU B 699 -17.64 48.58 20.04
N VAL B 700 -17.12 47.92 19.00
CA VAL B 700 -17.15 48.39 17.58
C VAL B 700 -18.35 47.99 16.69
N ASP B 701 -18.73 48.89 15.76
CA ASP B 701 -19.48 48.56 14.51
C ASP B 701 -18.76 47.43 13.75
N ILE B 702 -19.52 46.72 12.91
CA ILE B 702 -18.95 45.91 11.85
C ILE B 702 -19.91 45.43 10.73
N GLU B 703 -19.33 45.11 9.58
CA GLU B 703 -20.04 44.57 8.42
C GLU B 703 -19.79 43.05 8.37
N ILE B 704 -20.83 42.26 8.09
CA ILE B 704 -20.70 40.86 7.65
C ILE B 704 -21.26 40.83 6.21
N PRO B 705 -20.42 40.52 5.20
CA PRO B 705 -20.90 40.49 3.80
C PRO B 705 -21.94 39.40 3.51
N ALA B 706 -22.67 39.55 2.42
CA ALA B 706 -23.80 38.67 2.14
C ALA B 706 -23.31 37.25 1.86
N ASN B 707 -24.05 36.28 2.38
CA ASN B 707 -23.76 34.85 2.22
C ASN B 707 -22.29 34.47 2.35
N SER B 708 -21.75 34.63 3.55
CA SER B 708 -20.33 34.40 3.79
C SER B 708 -19.99 34.39 5.27
N SER B 709 -18.91 33.69 5.61
CA SER B 709 -18.27 33.82 6.94
C SER B 709 -17.11 34.79 6.83
N VAL B 710 -16.99 35.66 7.83
CA VAL B 710 -15.91 36.60 7.91
C VAL B 710 -15.36 36.59 9.33
N ILE B 711 -14.04 36.68 9.44
CA ILE B 711 -13.37 36.86 10.72
C ILE B 711 -13.59 38.32 11.16
N LEU B 712 -14.17 38.50 12.34
CA LEU B 712 -14.58 39.84 12.81
C LEU B 712 -13.63 40.43 13.81
N GLY B 713 -13.02 39.59 14.66
CA GLY B 713 -12.16 40.07 15.73
C GLY B 713 -11.23 39.02 16.26
N GLU B 714 -10.12 39.50 16.81
CA GLU B 714 -9.17 38.70 17.58
C GLU B 714 -9.25 39.24 19.02
N PHE B 715 -8.75 38.50 20.00
CA PHE B 715 -8.70 39.02 21.38
C PHE B 715 -7.73 38.22 22.23
N ASN B 716 -6.51 38.72 22.42
CA ASN B 716 -5.48 37.97 23.16
C ASN B 716 -5.89 37.73 24.61
N LEU B 717 -5.72 36.49 25.03
CA LEU B 717 -6.33 36.00 26.27
C LEU B 717 -5.19 36.03 27.28
N GLU B 718 -4.47 37.16 27.32
CA GLU B 718 -3.25 37.18 28.07
C GLU B 718 -3.59 37.37 29.54
N ASP B 719 -3.05 36.43 30.32
CA ASP B 719 -3.30 36.33 31.77
C ASP B 719 -4.81 36.44 32.07
N VAL B 720 -5.50 35.32 31.87
CA VAL B 720 -6.95 35.22 32.12
C VAL B 720 -7.20 34.32 33.32
N ASP B 721 -8.11 34.75 34.21
CA ASP B 721 -8.49 33.93 35.36
C ASP B 721 -9.57 32.94 34.90
N LYS B 722 -9.11 31.73 34.54
CA LYS B 722 -9.95 30.71 33.90
C LYS B 722 -11.17 30.30 34.71
N PHE B 723 -11.07 30.39 36.03
CA PHE B 723 -12.12 29.96 36.96
C PHE B 723 -13.00 31.07 37.53
N LYS B 724 -12.63 32.33 37.31
CA LYS B 724 -13.48 33.48 37.70
C LYS B 724 -14.06 34.28 36.51
N GLU B 725 -13.50 34.11 35.32
CA GLU B 725 -13.85 34.92 34.14
C GLU B 725 -14.33 34.10 32.93
N PHE B 726 -15.03 34.79 32.04
CA PHE B 726 -15.50 34.22 30.79
C PHE B 726 -15.62 35.28 29.69
N PHE B 727 -15.03 35.02 28.53
CA PHE B 727 -15.12 35.90 27.36
C PHE B 727 -16.52 35.83 26.75
N TYR B 728 -17.04 36.94 26.26
CA TYR B 728 -18.35 36.91 25.58
C TYR B 728 -18.44 37.85 24.40
N VAL B 729 -19.49 37.64 23.61
CA VAL B 729 -19.80 38.48 22.45
C VAL B 729 -21.30 38.66 22.31
N GLN B 730 -21.70 39.87 21.96
CA GLN B 730 -23.07 40.13 21.63
C GLN B 730 -23.12 40.83 20.28
N LEU B 731 -24.14 40.49 19.49
CA LEU B 731 -24.33 41.05 18.17
C LEU B 731 -25.61 41.87 18.16
N TYR B 732 -25.49 43.10 17.69
CA TYR B 732 -26.63 44.00 17.54
C TYR B 732 -26.82 44.36 16.09
N ASN B 733 -28.07 44.34 15.65
CA ASN B 733 -28.39 44.82 14.30
C ASN B 733 -28.44 46.36 14.32
N GLU B 734 -28.58 47.00 13.15
CA GLU B 734 -28.62 48.48 13.10
C GLU B 734 -29.62 49.11 14.06
N LYS B 735 -30.71 48.38 14.39
CA LYS B 735 -31.70 48.85 15.41
C LYS B 735 -31.32 48.72 16.92
N ASP B 736 -30.09 48.30 17.19
CA ASP B 736 -29.59 47.99 18.56
C ASP B 736 -30.42 46.90 19.26
N GLU B 737 -31.08 46.06 18.47
CA GLU B 737 -31.70 44.83 18.94
C GLU B 737 -30.61 43.78 19.08
N LEU B 738 -30.75 42.94 20.10
CA LEU B 738 -29.92 41.75 20.21
C LEU B 738 -30.48 40.70 19.28
N ILE B 739 -29.63 40.24 18.35
CA ILE B 739 -29.94 39.20 17.33
C ILE B 739 -29.11 37.89 17.50
N ASP B 740 -27.88 38.00 18.01
CA ASP B 740 -27.18 36.85 18.59
C ASP B 740 -26.15 37.23 19.63
N GLN B 741 -25.84 36.30 20.51
CA GLN B 741 -24.74 36.42 21.48
C GLN B 741 -23.99 35.10 21.59
N ASN B 742 -22.84 35.14 22.26
CA ASN B 742 -22.06 33.93 22.44
C ASN B 742 -21.00 34.10 23.49
N GLU B 743 -20.55 32.98 24.02
CA GLU B 743 -19.70 33.00 25.19
C GLU B 743 -18.66 31.93 25.10
N TYR B 744 -17.58 32.13 25.84
CA TYR B 744 -16.52 31.17 25.97
C TYR B 744 -16.12 30.98 27.41
N PHE B 745 -15.67 29.79 27.76
CA PHE B 745 -15.22 29.49 29.14
C PHE B 745 -13.90 28.81 29.00
N PHE B 746 -13.03 28.93 30.00
CA PHE B 746 -11.63 28.46 29.87
C PHE B 746 -11.31 27.25 30.75
N ALA B 747 -12.35 26.66 31.33
CA ALA B 747 -12.22 25.54 32.26
C ALA B 747 -13.60 24.88 32.35
N PRO B 748 -13.66 23.60 32.75
CA PRO B 748 -14.95 22.92 32.75
C PRO B 748 -15.87 23.45 33.83
N PHE B 749 -17.14 23.64 33.47
CA PHE B 749 -18.13 24.32 34.36
C PHE B 749 -17.94 23.96 35.82
N ARG B 750 -17.89 22.67 36.12
CA ARG B 750 -17.72 22.16 37.50
C ARG B 750 -16.62 22.82 38.31
N HIS B 751 -15.56 23.32 37.69
CA HIS B 751 -14.52 24.08 38.44
C HIS B 751 -14.65 25.61 38.42
N LEU B 752 -15.70 26.16 37.82
CA LEU B 752 -15.86 27.62 37.74
C LEU B 752 -16.42 28.15 39.04
N GLU B 753 -15.64 28.97 39.76
CA GLU B 753 -16.12 29.68 40.95
C GLU B 753 -17.28 30.61 40.54
N LEU B 754 -18.44 30.00 40.34
CA LEU B 754 -19.59 30.61 39.66
C LEU B 754 -20.70 30.79 40.70
N PRO B 755 -21.00 32.05 41.07
CA PRO B 755 -22.01 32.23 42.12
C PRO B 755 -23.39 31.83 41.60
N ASN B 756 -24.20 31.23 42.48
CA ASN B 756 -25.60 31.02 42.20
C ASN B 756 -26.26 32.38 41.93
N ALA B 757 -26.94 32.50 40.78
CA ALA B 757 -27.59 33.75 40.36
C ALA B 757 -29.01 33.84 40.88
N VAL B 758 -29.63 35.00 40.67
CA VAL B 758 -31.06 35.22 40.96
C VAL B 758 -31.64 36.01 39.79
N VAL B 759 -32.74 35.53 39.25
CA VAL B 759 -33.27 36.06 37.99
C VAL B 759 -34.59 36.79 38.27
N VAL B 760 -34.89 37.73 37.39
CA VAL B 760 -35.88 38.78 37.63
C VAL B 760 -36.80 38.86 36.40
N TYR B 761 -37.84 38.01 36.31
CA TYR B 761 -38.61 37.88 35.06
C TYR B 761 -40.02 38.43 35.19
N SER B 762 -40.58 38.87 34.06
CA SER B 762 -41.98 39.32 33.97
C SER B 762 -42.51 39.18 32.57
N VAL B 763 -43.82 39.08 32.46
CA VAL B 763 -44.51 38.53 31.28
C VAL B 763 -45.50 39.52 30.69
N LYS B 764 -45.17 40.09 29.52
CA LYS B 764 -46.12 40.88 28.73
C LYS B 764 -47.00 39.99 27.82
N GLU B 765 -47.98 40.59 27.17
CA GLU B 765 -48.86 39.93 26.19
C GLU B 765 -48.78 40.72 24.87
N ILE B 766 -48.38 40.09 23.77
CA ILE B 766 -48.31 40.83 22.50
C ILE B 766 -49.67 40.81 21.77
N GLU B 767 -50.26 39.63 21.63
CA GLU B 767 -51.52 39.39 20.90
C GLU B 767 -52.23 38.26 21.61
N GLU B 768 -53.44 37.91 21.17
CA GLU B 768 -54.36 37.12 22.00
C GLU B 768 -53.66 36.02 22.75
N ASN B 769 -53.01 35.16 21.99
CA ASN B 769 -52.25 34.09 22.60
C ASN B 769 -50.72 34.24 22.61
N SER B 770 -50.17 35.21 21.88
CA SER B 770 -48.75 35.50 21.93
C SER B 770 -48.33 36.23 23.21
N TYR B 771 -47.16 35.90 23.72
CA TYR B 771 -46.59 36.48 24.93
C TYR B 771 -45.16 36.87 24.71
N LEU B 772 -44.60 37.60 25.67
CA LEU B 772 -43.28 38.20 25.56
C LEU B 772 -42.69 38.13 26.95
N LEU B 773 -41.55 37.46 27.07
CA LEU B 773 -40.99 37.17 28.37
C LEU B 773 -39.77 38.03 28.57
N ASN B 774 -39.75 38.76 29.68
CA ASN B 774 -38.64 39.64 30.03
C ASN B 774 -37.79 39.05 31.14
N ILE B 775 -36.47 39.02 30.96
CA ILE B 775 -35.54 38.48 31.97
C ILE B 775 -34.38 39.44 32.22
N GLU B 776 -33.98 39.55 33.48
CA GLU B 776 -32.67 40.08 33.85
C GLU B 776 -32.10 39.22 34.97
N SER B 777 -30.78 39.21 35.10
CA SER B 777 -30.09 38.47 36.14
C SER B 777 -28.90 39.22 36.73
N ASP B 778 -28.65 39.00 38.02
CA ASP B 778 -27.54 39.66 38.72
C ASP B 778 -26.22 39.12 38.21
N PHE B 779 -25.89 37.89 38.60
CA PHE B 779 -24.66 37.24 38.16
C PHE B 779 -24.99 36.46 36.87
N LEU B 780 -23.97 35.88 36.24
CA LEU B 780 -24.21 34.97 35.10
C LEU B 780 -25.04 33.74 35.51
N ALA B 781 -26.29 33.72 35.02
CA ALA B 781 -27.13 32.53 35.10
C ALA B 781 -26.96 31.77 33.81
N LEU B 782 -26.94 30.43 33.90
CA LEU B 782 -26.71 29.56 32.74
C LEU B 782 -27.79 28.52 32.49
N TRP B 783 -28.21 28.48 31.24
CA TRP B 783 -29.13 27.48 30.74
C TRP B 783 -30.45 27.52 31.56
N VAL B 784 -31.06 28.70 31.67
CA VAL B 784 -32.35 28.80 32.37
C VAL B 784 -33.35 28.06 31.51
N SER B 785 -34.33 27.44 32.17
CA SER B 785 -35.18 26.41 31.56
C SER B 785 -36.64 26.80 31.70
N LEU B 786 -37.16 27.47 30.68
CA LEU B 786 -38.54 27.99 30.70
C LEU B 786 -39.61 26.90 30.50
N LYS B 787 -40.21 26.43 31.60
CA LYS B 787 -41.23 25.35 31.59
C LYS B 787 -42.67 25.84 31.56
N LEU B 788 -43.44 25.45 30.55
CA LEU B 788 -44.87 25.79 30.43
C LEU B 788 -45.63 24.82 29.50
N GLU B 789 -46.67 24.18 30.03
CA GLU B 789 -47.23 22.93 29.50
C GLU B 789 -47.43 22.81 27.99
N ASN B 790 -47.75 23.90 27.28
CA ASN B 790 -47.93 23.77 25.82
C ASN B 790 -47.35 24.94 25.00
N ALA B 791 -46.26 25.50 25.49
CA ALA B 791 -45.74 26.71 24.88
C ALA B 791 -44.96 26.41 23.63
N GLU B 792 -44.82 27.42 22.76
CA GLU B 792 -44.03 27.34 21.55
C GLU B 792 -42.95 28.43 21.63
N TRP B 793 -41.95 28.12 22.43
CA TRP B 793 -40.87 29.06 22.75
C TRP B 793 -40.08 29.42 21.52
N GLU B 794 -39.80 30.72 21.36
CA GLU B 794 -38.98 31.23 20.25
C GLU B 794 -37.53 31.04 20.65
N ASP B 795 -37.25 30.94 21.95
CA ASP B 795 -35.92 30.52 22.45
C ASP B 795 -36.01 29.99 23.91
N ASN B 796 -35.02 29.22 24.39
CA ASN B 796 -34.84 28.93 25.86
C ASN B 796 -33.61 28.06 26.11
N PHE B 797 -33.52 27.49 27.30
CA PHE B 797 -32.26 26.90 27.79
C PHE B 797 -31.20 27.90 27.52
N VAL B 798 -31.43 29.11 28.05
CA VAL B 798 -30.68 30.31 27.63
C VAL B 798 -29.67 30.81 28.69
N ASN B 799 -28.53 31.34 28.22
CA ASN B 799 -27.59 32.06 29.09
C ASN B 799 -28.02 33.51 29.22
N ILE B 800 -27.95 34.04 30.45
CA ILE B 800 -28.31 35.43 30.75
C ILE B 800 -27.09 36.09 31.37
N TYR B 801 -26.60 37.13 30.70
CA TYR B 801 -25.45 37.86 31.23
C TYR B 801 -25.87 38.95 32.23
N PRO B 802 -24.97 39.35 33.13
CA PRO B 802 -25.17 40.46 34.08
C PRO B 802 -25.88 41.78 33.71
N LYS B 803 -25.24 42.64 32.95
CA LYS B 803 -25.82 43.98 32.62
C LYS B 803 -26.78 43.94 31.42
N THR B 804 -27.41 42.80 31.12
CA THR B 804 -28.35 42.71 30.00
C THR B 804 -29.73 42.24 30.39
N LYS B 805 -30.74 42.88 29.78
CA LYS B 805 -32.14 42.50 29.91
C LYS B 805 -32.61 41.89 28.60
N TYR B 806 -33.27 40.72 28.71
CA TYR B 806 -33.63 39.90 27.55
C TYR B 806 -35.13 39.89 27.35
N SER B 807 -35.57 40.12 26.12
CA SER B 807 -36.97 40.01 25.75
C SER B 807 -37.07 38.87 24.75
N ILE B 808 -37.29 37.66 25.26
CA ILE B 808 -37.39 36.47 24.38
C ILE B 808 -38.82 35.97 24.32
N ARG B 809 -39.42 36.08 23.14
CA ARG B 809 -40.85 35.91 22.96
C ARG B 809 -41.29 34.45 22.95
N PHE B 810 -42.55 34.19 23.26
CA PHE B 810 -43.11 32.86 23.12
C PHE B 810 -44.56 32.91 22.75
N LYS B 811 -45.22 31.76 22.79
CA LYS B 811 -46.68 31.72 22.82
C LYS B 811 -47.17 30.47 23.50
N ALA B 812 -48.44 30.51 23.88
CA ALA B 812 -49.11 29.43 24.55
C ALA B 812 -50.56 29.68 24.07
N PRO B 813 -50.84 29.15 22.86
CA PRO B 813 -52.22 28.97 22.42
C PRO B 813 -53.01 27.91 23.19
N TYR B 814 -52.49 27.43 24.33
CA TYR B 814 -53.28 26.63 25.26
C TYR B 814 -53.74 27.53 26.41
N THR B 815 -52.82 27.94 27.27
CA THR B 815 -53.17 28.49 28.60
C THR B 815 -53.63 29.97 28.60
N LEU B 816 -54.34 30.38 29.67
CA LEU B 816 -54.90 31.77 29.83
C LEU B 816 -53.80 32.77 30.12
N LYS B 817 -53.99 34.08 29.93
CA LYS B 817 -52.87 35.01 30.24
C LYS B 817 -52.41 35.05 31.72
N GLU B 818 -53.34 34.88 32.65
CA GLU B 818 -53.02 34.91 34.09
C GLU B 818 -52.47 33.56 34.53
N VAL B 819 -52.77 32.49 33.78
CA VAL B 819 -52.25 31.13 34.02
C VAL B 819 -50.85 30.95 33.37
N GLU B 820 -50.44 31.78 32.38
CA GLU B 820 -49.03 31.81 31.93
C GLU B 820 -48.11 32.25 33.05
N SER B 821 -48.65 32.88 34.09
CA SER B 821 -47.92 33.13 35.34
C SER B 821 -48.13 31.95 36.33
N LYS B 822 -48.23 30.73 35.79
CA LYS B 822 -47.98 29.46 36.54
C LYS B 822 -46.78 28.66 35.91
N LEU B 823 -46.22 29.16 34.79
CA LEU B 823 -44.79 29.05 34.34
C LEU B 823 -43.74 28.89 35.40
N LYS B 824 -43.01 27.76 35.40
CA LYS B 824 -41.82 27.55 36.26
C LYS B 824 -40.54 27.93 35.51
N LEU B 825 -39.41 27.94 36.22
CA LEU B 825 -38.11 27.89 35.54
C LEU B 825 -36.92 27.48 36.43
N GLU B 826 -35.94 26.81 35.80
CA GLU B 826 -34.77 26.25 36.49
C GLU B 826 -33.50 26.56 35.71
N GLY B 827 -32.34 26.40 36.37
CA GLY B 827 -31.03 26.58 35.70
C GLY B 827 -29.87 25.97 36.47
N TYR B 828 -28.68 25.94 35.87
CA TYR B 828 -27.47 25.40 36.51
C TYR B 828 -27.21 26.06 37.88
N ASN B 829 -27.69 27.30 38.07
CA ASN B 829 -27.33 28.09 39.25
C ASN B 829 -28.37 29.17 39.62
N LEU B 830 -29.34 28.81 40.47
CA LEU B 830 -30.54 29.62 40.63
C LEU B 830 -31.07 29.60 42.07
N LYS B 831 -30.68 30.61 42.85
CA LYS B 831 -31.06 30.79 44.27
C LYS B 831 -32.47 31.31 44.30
N LYS B 832 -32.80 32.25 43.42
CA LYS B 832 -34.14 32.91 43.49
C LYS B 832 -34.76 33.33 42.16
N VAL B 833 -36.06 33.62 42.18
CA VAL B 833 -36.82 33.99 40.98
C VAL B 833 -37.86 35.13 41.20
N ILE B 834 -38.11 35.91 40.13
CA ILE B 834 -38.83 37.23 40.14
C ILE B 834 -38.52 38.04 41.41
N MET C 24 55.13 -27.76 16.74
CA MET C 24 54.20 -28.77 16.15
C MET C 24 54.63 -29.15 14.74
N GLU C 25 54.58 -30.44 14.43
CA GLU C 25 55.00 -30.97 13.12
C GLU C 25 53.75 -31.34 12.28
N ILE C 26 53.84 -31.08 10.97
CA ILE C 26 52.74 -31.30 10.01
C ILE C 26 53.15 -32.33 8.96
N LEU C 27 52.56 -33.52 9.02
CA LEU C 27 52.58 -34.47 7.90
C LEU C 27 51.38 -34.16 7.04
N LYS C 28 51.59 -33.69 5.82
CA LYS C 28 50.47 -33.34 4.96
C LYS C 28 50.15 -34.41 3.91
N LEU C 29 48.87 -34.81 3.85
CA LEU C 29 48.42 -35.92 3.01
C LEU C 29 47.99 -35.48 1.61
N ASP C 30 48.44 -34.29 1.18
CA ASP C 30 48.34 -33.88 -0.24
C ASP C 30 49.20 -34.83 -1.08
N GLY C 31 48.94 -34.89 -2.38
CA GLY C 31 49.63 -35.84 -3.27
C GLY C 31 48.67 -36.64 -4.11
N GLU C 32 48.87 -37.96 -4.20
CA GLU C 32 47.92 -38.80 -4.93
C GLU C 32 47.11 -39.68 -3.98
N TRP C 33 45.81 -39.80 -4.27
CA TRP C 33 44.88 -40.70 -3.59
C TRP C 33 44.31 -41.69 -4.60
N GLU C 34 43.66 -42.72 -4.06
CA GLU C 34 42.88 -43.64 -4.87
C GLU C 34 41.43 -43.26 -4.71
N PHE C 35 40.63 -43.49 -5.74
CA PHE C 35 39.21 -43.15 -5.69
C PHE C 35 38.34 -44.03 -6.60
N LYS C 36 37.08 -44.20 -6.21
CA LYS C 36 36.11 -44.93 -7.02
C LYS C 36 34.68 -44.50 -6.73
N ALA C 37 33.76 -44.83 -7.64
CA ALA C 37 32.34 -44.57 -7.41
C ALA C 37 31.93 -45.38 -6.22
N VAL C 38 30.91 -44.91 -5.50
CA VAL C 38 30.49 -45.55 -4.25
C VAL C 38 30.52 -47.05 -4.45
N LYS C 39 30.10 -47.49 -5.64
CA LYS C 39 30.12 -48.88 -6.00
C LYS C 39 30.59 -49.11 -7.41
N ASP C 40 31.89 -49.29 -7.47
CA ASP C 40 32.57 -49.83 -8.59
C ASP C 40 33.68 -50.68 -7.96
N LYS C 41 34.37 -51.48 -8.76
CA LYS C 41 35.44 -52.36 -8.27
C LYS C 41 36.84 -51.75 -8.39
N LYS C 42 37.10 -51.06 -9.50
CA LYS C 42 38.41 -50.47 -9.76
C LYS C 42 38.68 -49.27 -8.83
N TRP C 43 39.89 -49.21 -8.27
CA TRP C 43 40.39 -48.00 -7.65
C TRP C 43 41.33 -47.35 -8.65
N ARG C 44 41.00 -46.14 -9.09
CA ARG C 44 41.84 -45.38 -10.02
C ARG C 44 42.61 -44.29 -9.27
N LYS C 45 43.64 -43.74 -9.93
CA LYS C 45 44.48 -42.70 -9.33
C LYS C 45 43.78 -41.35 -9.30
N ALA C 46 44.10 -40.53 -8.30
CA ALA C 46 43.48 -39.22 -8.08
C ALA C 46 44.44 -38.23 -7.43
N LYS C 47 44.19 -36.94 -7.61
CA LYS C 47 45.01 -35.87 -7.02
C LYS C 47 44.17 -35.16 -5.94
N VAL C 48 44.84 -34.65 -4.90
CA VAL C 48 44.21 -34.48 -3.58
C VAL C 48 43.52 -33.20 -3.36
N PRO C 49 44.21 -32.07 -3.61
CA PRO C 49 43.36 -30.95 -3.97
C PRO C 49 42.77 -31.31 -5.31
N GLY C 50 41.49 -31.66 -5.32
CA GLY C 50 40.86 -32.29 -6.49
C GLY C 50 39.34 -32.12 -6.62
N CYS C 51 38.84 -32.53 -7.77
CA CYS C 51 37.43 -32.73 -8.02
C CYS C 51 37.27 -34.14 -8.49
N VAL C 52 36.05 -34.67 -8.33
CA VAL C 52 35.70 -35.92 -9.00
C VAL C 52 35.90 -35.72 -10.50
N HIS C 53 35.32 -34.65 -11.03
CA HIS C 53 35.38 -34.39 -12.48
C HIS C 53 36.82 -34.41 -13.02
N LEU C 54 37.69 -33.67 -12.34
CA LEU C 54 39.15 -33.63 -12.65
C LEU C 54 39.77 -35.01 -12.77
N ASP C 55 39.51 -35.84 -11.76
CA ASP C 55 40.14 -37.14 -11.68
C ASP C 55 39.56 -38.08 -12.75
N LEU C 56 38.26 -37.94 -13.05
CA LEU C 56 37.65 -38.68 -14.16
C LEU C 56 38.19 -38.23 -15.53
N MET C 57 38.31 -36.91 -15.71
CA MET C 57 38.95 -36.33 -16.91
C MET C 57 40.36 -36.91 -17.08
N GLU C 58 41.17 -36.78 -16.04
CA GLU C 58 42.56 -37.29 -16.02
C GLU C 58 42.68 -38.78 -16.31
N ASN C 59 41.76 -39.60 -15.78
CA ASN C 59 41.72 -41.03 -16.12
C ASN C 59 41.05 -41.35 -17.48
N GLY C 60 40.51 -40.34 -18.17
CA GLY C 60 39.96 -40.51 -19.50
C GLY C 60 38.55 -41.03 -19.52
N LEU C 61 37.90 -41.08 -18.36
CA LEU C 61 36.54 -41.65 -18.21
C LEU C 61 35.36 -40.77 -18.67
N ILE C 62 35.60 -39.49 -18.94
CA ILE C 62 34.56 -38.52 -19.36
C ILE C 62 35.14 -37.35 -20.18
N PRO C 63 34.36 -36.82 -21.14
CA PRO C 63 34.91 -35.80 -22.04
C PRO C 63 35.16 -34.45 -21.36
N ASP C 64 35.83 -33.53 -22.06
CA ASP C 64 36.04 -32.17 -21.53
C ASP C 64 34.69 -31.45 -21.46
N PRO C 65 34.17 -31.21 -20.23
CA PRO C 65 32.80 -30.65 -20.11
C PRO C 65 32.65 -29.29 -20.74
N PHE C 66 33.75 -28.54 -20.74
CA PHE C 66 33.83 -27.23 -21.39
C PHE C 66 33.71 -27.23 -22.93
N VAL C 67 33.89 -28.38 -23.58
CA VAL C 67 33.80 -28.45 -25.04
C VAL C 67 32.40 -28.80 -25.56
N GLY C 68 31.91 -28.01 -26.50
CA GLY C 68 30.64 -28.25 -27.17
C GLY C 68 29.48 -28.50 -26.22
N GLU C 69 28.75 -29.58 -26.46
CA GLU C 69 27.63 -29.94 -25.59
C GLU C 69 27.96 -31.12 -24.67
N ASN C 70 29.18 -31.12 -24.13
CA ASN C 70 29.59 -32.17 -23.24
C ASN C 70 29.02 -32.02 -21.82
N GLU C 71 28.76 -30.79 -21.38
CA GLU C 71 28.02 -30.54 -20.14
C GLU C 71 26.93 -31.60 -19.97
N LEU C 72 26.18 -31.84 -21.03
CA LEU C 72 25.10 -32.83 -21.06
C LEU C 72 25.56 -34.26 -20.82
N GLU C 73 26.61 -34.67 -21.51
CA GLU C 73 27.24 -35.98 -21.26
C GLU C 73 27.53 -36.24 -19.75
N VAL C 74 28.11 -35.27 -19.06
CA VAL C 74 28.68 -35.50 -17.73
C VAL C 74 27.74 -35.28 -16.51
N GLN C 75 26.43 -35.19 -16.72
CA GLN C 75 25.48 -34.95 -15.60
C GLN C 75 25.33 -36.11 -14.61
N TRP C 76 25.67 -37.32 -15.04
CA TRP C 76 25.65 -38.48 -14.15
C TRP C 76 26.64 -38.42 -12.96
N VAL C 77 27.80 -37.80 -13.17
CA VAL C 77 28.86 -37.66 -12.12
C VAL C 77 28.27 -37.08 -10.84
N GLU C 78 27.57 -35.96 -11.03
CA GLU C 78 26.80 -35.23 -10.02
C GLU C 78 25.92 -36.14 -9.16
N LYS C 79 25.26 -37.10 -9.82
CA LYS C 79 24.28 -37.98 -9.19
C LYS C 79 24.91 -39.11 -8.36
N GLU C 80 26.13 -39.51 -8.69
CA GLU C 80 26.80 -40.62 -8.01
C GLU C 80 27.45 -40.18 -6.71
N ASP C 81 27.45 -41.10 -5.73
CA ASP C 81 28.27 -41.00 -4.50
C ASP C 81 29.69 -41.47 -4.84
N TRP C 82 30.67 -40.99 -4.07
CA TRP C 82 32.10 -41.15 -4.36
C TRP C 82 32.93 -41.51 -3.15
N ILE C 83 34.01 -42.26 -3.34
CA ILE C 83 34.87 -42.64 -2.24
C ILE C 83 36.28 -42.28 -2.65
N TYR C 84 36.95 -41.58 -1.76
CA TYR C 84 38.37 -41.26 -1.89
C TYR C 84 39.06 -41.95 -0.74
N ARG C 85 40.29 -42.40 -0.97
CA ARG C 85 41.04 -43.14 0.05
C ARG C 85 42.51 -42.86 -0.13
N LYS C 86 43.21 -42.60 0.98
CA LYS C 86 44.68 -42.59 1.01
C LYS C 86 45.18 -43.50 2.09
N LYS C 87 46.30 -44.16 1.78
CA LYS C 87 47.07 -44.91 2.74
C LYS C 87 48.34 -44.10 3.02
N PHE C 88 48.72 -43.96 4.30
CA PHE C 88 49.90 -43.18 4.66
C PHE C 88 50.74 -43.84 5.75
N GLN C 89 52.01 -43.45 5.81
CA GLN C 89 52.99 -44.03 6.72
C GLN C 89 53.32 -43.05 7.84
N VAL C 90 53.02 -43.41 9.11
CA VAL C 90 53.33 -42.56 10.29
C VAL C 90 54.39 -43.15 11.26
N GLY C 91 55.37 -42.31 11.64
CA GLY C 91 56.47 -42.74 12.49
C GLY C 91 56.11 -43.05 13.94
N LYS C 92 57.08 -43.61 14.68
CA LYS C 92 56.97 -43.77 16.12
C LYS C 92 57.29 -42.41 16.77
N GLU C 93 58.27 -41.71 16.20
CA GLU C 93 58.54 -40.28 16.46
C GLU C 93 57.28 -39.40 16.47
N PHE C 94 56.41 -39.60 15.49
CA PHE C 94 55.25 -38.72 15.28
C PHE C 94 54.11 -38.93 16.28
N LEU C 95 53.87 -40.19 16.70
CA LEU C 95 52.88 -40.47 17.77
C LEU C 95 53.28 -39.90 19.14
N LYS C 96 54.58 -39.63 19.35
CA LYS C 96 55.12 -38.97 20.57
C LYS C 96 54.35 -37.69 20.93
N TYR C 97 53.92 -36.95 19.91
CA TYR C 97 53.11 -35.74 20.07
C TYR C 97 51.79 -36.04 20.81
N SER C 98 51.54 -35.29 21.88
CA SER C 98 50.51 -35.63 22.84
C SER C 98 49.08 -35.37 22.36
N SER C 99 48.92 -34.52 21.34
CA SER C 99 47.62 -34.44 20.62
C SER C 99 47.86 -34.33 19.10
N ILE C 100 47.13 -35.18 18.36
CA ILE C 100 47.16 -35.22 16.91
C ILE C 100 45.72 -34.98 16.43
N TYR C 101 45.57 -33.93 15.62
CA TYR C 101 44.31 -33.57 14.97
C TYR C 101 44.50 -33.66 13.46
N LEU C 102 43.47 -34.11 12.77
CA LEU C 102 43.45 -34.18 11.30
C LEU C 102 42.62 -33.00 10.77
N GLU C 103 43.16 -32.28 9.78
CA GLU C 103 42.61 -31.01 9.32
C GLU C 103 42.36 -31.08 7.84
N PHE C 104 41.08 -31.09 7.48
CA PHE C 104 40.64 -30.91 6.10
C PHE C 104 40.45 -29.41 5.90
N GLU C 105 41.36 -28.77 5.16
CA GLU C 105 41.33 -27.31 4.97
C GLU C 105 40.06 -26.90 4.24
N GLY C 106 39.64 -27.75 3.31
CA GLY C 106 38.38 -27.56 2.59
C GLY C 106 37.95 -28.89 2.01
N ILE C 107 36.64 -29.08 1.92
CA ILE C 107 36.08 -30.33 1.44
C ILE C 107 34.72 -30.07 0.80
N ASP C 108 34.48 -30.59 -0.42
CA ASP C 108 33.28 -30.16 -1.16
C ASP C 108 32.03 -30.84 -0.60
N THR C 109 31.55 -30.20 0.46
CA THR C 109 30.31 -30.49 1.14
C THR C 109 30.21 -31.79 1.87
N PHE C 110 29.35 -32.67 1.40
CA PHE C 110 28.75 -33.70 2.25
C PHE C 110 29.56 -34.94 2.26
N SER C 111 30.13 -35.25 3.42
CA SER C 111 31.07 -36.36 3.51
C SER C 111 30.98 -37.11 4.83
N GLU C 112 31.42 -38.36 4.77
CA GLU C 112 31.64 -39.22 5.92
C GLU C 112 33.08 -39.63 5.87
N ILE C 113 33.80 -39.50 6.97
CA ILE C 113 35.25 -39.69 6.93
C ILE C 113 35.73 -40.70 7.98
N TYR C 114 36.30 -41.79 7.48
CA TYR C 114 36.73 -42.91 8.32
C TYR C 114 38.24 -42.98 8.40
N LEU C 115 38.75 -43.21 9.61
CA LEU C 115 40.19 -43.48 9.81
C LEU C 115 40.37 -44.86 10.43
N ASN C 116 41.13 -45.71 9.73
CA ASN C 116 41.24 -47.14 10.05
C ASN C 116 39.87 -47.80 10.28
N GLY C 117 38.98 -47.63 9.29
CA GLY C 117 37.62 -48.19 9.31
C GLY C 117 36.71 -47.76 10.45
N LYS C 118 36.93 -46.55 10.98
CA LYS C 118 36.13 -46.01 12.11
C LYS C 118 35.79 -44.54 11.85
N LYS C 119 34.50 -44.20 12.02
CA LYS C 119 34.02 -42.82 11.77
C LYS C 119 34.71 -41.76 12.62
N ILE C 120 34.62 -40.53 12.13
CA ILE C 120 35.27 -39.37 12.73
C ILE C 120 34.36 -38.14 12.69
N GLY C 121 33.62 -37.93 11.59
CA GLY C 121 32.50 -36.96 11.55
C GLY C 121 31.86 -36.76 10.18
N GLU C 122 30.68 -36.14 10.15
CA GLU C 122 30.16 -35.63 8.87
C GLU C 122 30.83 -34.26 8.60
N THR C 123 30.74 -33.81 7.35
CA THR C 123 30.95 -32.41 7.00
C THR C 123 29.73 -31.85 6.21
N ASP C 124 29.24 -30.70 6.66
CA ASP C 124 28.12 -30.00 6.02
C ASP C 124 28.60 -28.95 5.03
N ASN C 125 29.91 -28.70 4.95
CA ASN C 125 30.37 -27.38 4.49
C ASN C 125 31.72 -27.28 3.71
N MET C 126 31.63 -26.61 2.58
CA MET C 126 32.72 -26.42 1.62
C MET C 126 33.61 -25.24 1.99
N PHE C 127 32.98 -24.24 2.59
CA PHE C 127 33.59 -22.95 2.81
C PHE C 127 34.46 -22.87 4.08
N ILE C 128 34.57 -23.95 4.86
CA ILE C 128 35.34 -23.93 6.11
C ILE C 128 36.20 -25.16 6.30
N ALA C 129 37.18 -24.99 7.20
CA ALA C 129 38.08 -26.04 7.59
C ALA C 129 37.31 -26.98 8.50
N TRP C 130 37.69 -28.25 8.46
CA TRP C 130 37.13 -29.25 9.34
C TRP C 130 38.29 -30.01 9.97
N GLU C 131 38.22 -30.14 11.29
CA GLU C 131 39.34 -30.56 12.12
C GLU C 131 38.86 -31.69 13.01
N PHE C 132 39.70 -32.70 13.22
CA PHE C 132 39.26 -33.94 13.91
C PHE C 132 40.34 -34.57 14.77
N ASN C 133 39.94 -34.91 15.99
CA ASN C 133 40.86 -35.48 16.97
C ASN C 133 41.01 -36.97 16.72
N VAL C 134 42.25 -37.44 16.56
CA VAL C 134 42.50 -38.80 16.08
C VAL C 134 43.57 -39.60 16.81
N LYS C 135 44.27 -39.00 17.77
CA LYS C 135 45.42 -39.65 18.45
C LYS C 135 45.18 -41.13 18.80
N ASP C 136 44.03 -41.42 19.40
CA ASP C 136 43.68 -42.80 19.77
C ASP C 136 43.45 -43.71 18.58
N LEU C 137 42.70 -43.23 17.59
CA LEU C 137 42.44 -44.04 16.36
C LEU C 137 43.68 -44.31 15.49
N LEU C 138 44.72 -43.49 15.62
CA LEU C 138 45.96 -43.67 14.86
C LEU C 138 46.76 -44.87 15.36
N VAL C 139 47.36 -45.59 14.41
CA VAL C 139 48.27 -46.72 14.67
C VAL C 139 49.61 -46.42 13.98
N GLU C 140 50.68 -47.06 14.41
CA GLU C 140 52.01 -46.87 13.80
C GLU C 140 52.10 -47.60 12.47
N GLY C 141 52.87 -47.03 11.55
CA GLY C 141 53.07 -47.58 10.21
C GLY C 141 51.96 -47.19 9.25
N GLU C 142 51.41 -48.16 8.52
CA GLU C 142 50.41 -47.91 7.50
C GLU C 142 49.08 -47.54 8.14
N ASN C 143 48.41 -46.55 7.56
CA ASN C 143 47.08 -46.09 8.00
C ASN C 143 46.14 -45.95 6.83
N GLU C 144 44.83 -45.86 7.10
CA GLU C 144 43.83 -45.75 6.04
C GLU C 144 42.79 -44.67 6.32
N LEU C 145 42.89 -43.56 5.56
CA LEU C 145 41.92 -42.46 5.58
C LEU C 145 40.96 -42.64 4.42
N GLU C 146 39.66 -42.68 4.71
CA GLU C 146 38.64 -42.96 3.70
C GLU C 146 37.55 -41.89 3.80
N VAL C 147 37.25 -41.24 2.67
CA VAL C 147 36.34 -40.08 2.62
C VAL C 147 35.20 -40.38 1.65
N ARG C 148 34.02 -40.66 2.20
CA ARG C 148 32.86 -41.00 1.37
C ARG C 148 32.18 -39.69 1.06
N LEU C 149 32.17 -39.33 -0.21
CA LEU C 149 31.61 -38.05 -0.69
C LEU C 149 30.24 -38.28 -1.29
N PHE C 150 29.23 -37.66 -0.69
CA PHE C 150 27.85 -37.90 -1.10
C PHE C 150 27.46 -36.99 -2.24
N SER C 151 26.72 -37.57 -3.20
CA SER C 151 26.07 -36.84 -4.28
C SER C 151 25.35 -35.67 -3.71
N PRO C 152 25.76 -34.46 -4.09
CA PRO C 152 25.09 -33.29 -3.51
C PRO C 152 23.64 -33.16 -4.01
N SER C 153 23.42 -33.54 -5.27
CA SER C 153 22.11 -33.52 -5.89
C SER C 153 21.13 -34.31 -5.02
N LYS C 154 21.47 -35.57 -4.76
CA LYS C 154 20.65 -36.48 -3.95
C LYS C 154 20.45 -35.96 -2.50
N VAL C 155 21.55 -35.63 -1.83
CA VAL C 155 21.53 -35.06 -0.48
C VAL C 155 20.66 -33.82 -0.30
N LEU C 156 20.71 -32.90 -1.26
CA LEU C 156 19.98 -31.63 -1.12
C LEU C 156 18.50 -31.81 -1.36
N GLU C 157 18.16 -32.57 -2.40
CA GLU C 157 16.76 -32.81 -2.76
C GLU C 157 16.04 -33.61 -1.64
N GLU C 158 16.78 -34.47 -0.93
CA GLU C 158 16.32 -35.09 0.34
C GLU C 158 16.02 -34.02 1.37
N ARG C 159 17.01 -33.17 1.64
CA ARG C 159 16.90 -32.05 2.62
C ARG C 159 15.74 -31.08 2.37
N ALA C 160 15.45 -30.82 1.10
CA ALA C 160 14.30 -30.00 0.70
C ALA C 160 12.99 -30.74 0.87
N LYS C 161 12.97 -32.03 0.51
CA LYS C 161 11.79 -32.90 0.68
C LYS C 161 11.37 -33.01 2.16
N ASN C 162 12.36 -33.16 3.03
CA ASN C 162 12.15 -33.16 4.48
C ASN C 162 11.62 -31.84 5.07
N TYR C 163 11.77 -30.73 4.34
CA TYR C 163 11.54 -29.39 4.89
C TYR C 163 10.04 -29.02 4.90
N PRO C 164 9.54 -28.41 6.02
CA PRO C 164 8.17 -27.88 6.14
C PRO C 164 7.57 -27.20 4.90
N TYR C 165 8.32 -26.27 4.30
CA TYR C 165 7.87 -25.52 3.10
C TYR C 165 8.75 -25.82 1.88
N LYS C 166 8.24 -25.51 0.69
CA LYS C 166 9.07 -25.47 -0.52
C LYS C 166 9.64 -24.07 -0.68
N LEU C 167 10.95 -23.98 -0.96
CA LEU C 167 11.65 -22.71 -1.13
C LEU C 167 12.11 -22.55 -2.59
N HIS C 168 11.94 -21.34 -3.12
CA HIS C 168 12.20 -21.05 -4.54
C HIS C 168 13.61 -20.47 -4.73
N GLY C 169 14.48 -21.24 -5.39
CA GLY C 169 15.79 -20.77 -5.81
C GLY C 169 15.69 -20.10 -7.16
N GLY C 170 16.44 -20.60 -8.12
CA GLY C 170 16.49 -20.05 -9.49
C GLY C 170 16.39 -21.16 -10.51
N ASP C 171 17.50 -21.45 -11.20
CA ASP C 171 17.65 -22.68 -11.99
C ASP C 171 17.37 -23.89 -11.07
N TYR C 172 18.18 -24.00 -10.02
CA TYR C 172 18.19 -25.14 -9.11
C TYR C 172 17.81 -24.73 -7.67
N SER C 173 16.57 -25.05 -7.27
CA SER C 173 16.01 -24.66 -5.96
C SER C 173 16.71 -25.25 -4.72
N PRO C 174 16.93 -26.59 -4.67
CA PRO C 174 17.41 -27.23 -3.41
C PRO C 174 18.85 -26.90 -3.01
N ARG C 175 19.60 -26.38 -3.98
CA ARG C 175 20.80 -25.55 -3.76
C ARG C 175 20.89 -24.86 -2.38
N VAL C 176 19.78 -24.24 -1.98
CA VAL C 176 19.73 -23.39 -0.80
C VAL C 176 19.96 -24.16 0.51
N PHE C 177 19.54 -25.43 0.54
CA PHE C 177 19.57 -26.24 1.78
C PHE C 177 20.93 -26.77 2.16
N GLY C 178 21.94 -26.52 1.34
CA GLY C 178 23.30 -26.92 1.66
C GLY C 178 24.21 -25.74 1.60
N ARG C 179 25.32 -25.88 2.29
CA ARG C 179 26.39 -24.91 2.25
C ARG C 179 27.40 -25.31 1.17
N LYS C 180 27.09 -25.01 -0.10
CA LYS C 180 28.12 -25.05 -1.16
C LYS C 180 28.01 -23.98 -2.22
N ALA C 181 29.09 -23.86 -2.99
CA ALA C 181 29.23 -22.83 -4.00
C ALA C 181 28.03 -22.83 -4.93
N GLN C 182 27.21 -21.79 -4.80
CA GLN C 182 25.86 -21.77 -5.37
C GLN C 182 25.90 -21.77 -6.89
N TYR C 183 26.98 -21.24 -7.45
CA TYR C 183 27.20 -21.25 -8.91
C TYR C 183 27.37 -22.66 -9.47
N SER C 184 27.92 -23.60 -8.65
CA SER C 184 28.29 -24.93 -9.15
C SER C 184 27.13 -25.71 -9.76
N PHE C 185 25.92 -25.45 -9.31
CA PHE C 185 24.70 -26.06 -9.88
C PHE C 185 24.17 -25.39 -11.15
N GLY C 186 24.96 -24.48 -11.72
CA GLY C 186 24.61 -23.78 -12.94
C GLY C 186 24.17 -22.36 -12.61
N TRP C 187 24.55 -21.43 -13.49
CA TRP C 187 24.14 -20.04 -13.37
C TRP C 187 23.85 -19.44 -14.77
N ASP C 188 23.58 -18.14 -14.79
CA ASP C 188 23.51 -17.33 -16.02
C ASP C 188 24.71 -17.44 -16.98
N TRP C 189 25.87 -17.76 -16.42
CA TRP C 189 27.17 -17.79 -17.14
C TRP C 189 27.98 -19.06 -16.87
N GLY C 190 27.62 -19.81 -15.81
CA GLY C 190 28.20 -21.11 -15.46
C GLY C 190 27.33 -22.26 -15.96
N PRO C 191 27.86 -23.51 -15.96
CA PRO C 191 27.05 -24.68 -16.31
C PRO C 191 26.83 -25.58 -15.09
N ARG C 192 25.98 -26.58 -15.25
CA ARG C 192 25.72 -27.51 -14.17
C ARG C 192 26.84 -28.56 -14.07
N LEU C 193 27.91 -28.18 -13.40
CA LEU C 193 29.00 -29.09 -13.08
C LEU C 193 29.13 -29.09 -11.57
N ALA C 194 28.17 -29.78 -10.95
CA ALA C 194 28.00 -29.78 -9.49
C ALA C 194 28.99 -30.74 -8.86
N THR C 195 30.25 -30.31 -8.88
CA THR C 195 31.34 -31.19 -8.53
C THR C 195 31.42 -31.39 -7.03
N SER C 196 31.81 -32.61 -6.64
CA SER C 196 32.27 -32.93 -5.30
C SER C 196 33.78 -33.07 -5.38
N GLY C 197 34.44 -33.24 -4.23
CA GLY C 197 35.89 -33.36 -4.20
C GLY C 197 36.50 -32.77 -2.94
N ILE C 198 37.68 -33.26 -2.58
CA ILE C 198 38.46 -32.76 -1.45
C ILE C 198 39.19 -31.53 -1.98
N TRP C 199 38.51 -30.39 -2.04
CA TRP C 199 38.98 -29.25 -2.87
C TRP C 199 40.11 -28.37 -2.28
N LYS C 200 40.60 -28.69 -1.08
CA LYS C 200 41.78 -28.02 -0.50
C LYS C 200 42.63 -29.00 0.32
N SER C 201 43.82 -28.54 0.71
CA SER C 201 44.82 -29.35 1.42
C SER C 201 44.26 -30.19 2.56
N VAL C 202 44.87 -31.36 2.77
CA VAL C 202 44.55 -32.24 3.91
C VAL C 202 45.83 -32.44 4.72
N LYS C 203 45.80 -31.96 5.97
CA LYS C 203 46.97 -31.94 6.83
C LYS C 203 46.70 -32.81 8.04
N LEU C 204 47.72 -33.58 8.42
CA LEU C 204 47.74 -34.22 9.73
C LEU C 204 48.64 -33.35 10.60
N LYS C 205 48.09 -32.87 11.72
CA LYS C 205 48.76 -31.95 12.64
C LYS C 205 48.96 -32.60 14.00
N GLY C 206 50.20 -32.60 14.49
CA GLY C 206 50.53 -33.09 15.82
C GLY C 206 51.26 -32.01 16.61
N TRP C 207 50.79 -31.77 17.84
CA TRP C 207 51.39 -30.78 18.75
C TRP C 207 51.27 -31.22 20.20
N ASN C 208 52.18 -30.73 21.04
CA ASN C 208 52.24 -31.16 22.43
C ASN C 208 51.29 -30.37 23.34
N LYS C 209 51.69 -29.15 23.70
CA LYS C 209 51.11 -28.48 24.87
C LYS C 209 50.02 -27.43 24.59
N ALA C 210 50.33 -26.52 23.67
CA ALA C 210 49.45 -25.40 23.35
C ALA C 210 49.60 -25.01 21.88
N ARG C 211 48.62 -24.28 21.35
CA ARG C 211 48.69 -23.78 19.96
C ARG C 211 47.99 -22.45 19.76
N LEU C 212 48.65 -21.54 19.08
CA LEU C 212 47.99 -20.33 18.58
C LEU C 212 46.88 -20.77 17.68
N LEU C 213 45.68 -20.30 18.00
CA LEU C 213 44.43 -20.77 17.40
C LEU C 213 43.96 -19.78 16.36
N ASP C 214 44.03 -18.49 16.72
CA ASP C 214 43.86 -17.40 15.78
C ASP C 214 44.80 -16.27 16.18
N VAL C 215 45.17 -15.43 15.22
CA VAL C 215 45.84 -14.15 15.48
C VAL C 215 45.32 -13.07 14.54
N TRP C 216 45.17 -11.87 15.09
CA TRP C 216 44.52 -10.74 14.42
C TRP C 216 45.19 -9.48 14.89
N VAL C 217 45.30 -8.48 14.02
CA VAL C 217 45.90 -7.19 14.44
C VAL C 217 45.00 -5.99 14.09
N PRO C 218 43.91 -5.77 14.85
CA PRO C 218 43.02 -4.66 14.52
C PRO C 218 43.64 -3.32 14.86
N VAL C 219 43.42 -2.31 14.01
CA VAL C 219 43.71 -0.92 14.38
C VAL C 219 42.58 -0.43 15.27
N ARG C 220 42.90 -0.05 16.51
CA ARG C 220 41.89 0.32 17.52
C ARG C 220 41.40 1.73 17.24
N SER C 221 42.35 2.64 17.06
CA SER C 221 42.05 3.99 16.61
C SER C 221 43.29 4.66 16.07
N LEU C 222 43.09 5.62 15.16
CA LEU C 222 44.16 6.17 14.33
C LEU C 222 44.31 7.69 14.46
N GLY C 223 45.50 8.18 14.14
CA GLY C 223 45.80 9.62 14.17
C GLY C 223 47.25 9.82 13.81
N GLU C 224 47.81 11.01 14.08
CA GLU C 224 49.23 11.29 13.80
C GLU C 224 50.10 10.15 14.31
N ASN C 225 49.63 9.50 15.37
CA ASN C 225 50.14 8.23 15.82
C ASN C 225 49.05 7.15 15.79
N ALA C 226 49.46 5.87 15.65
CA ALA C 226 48.52 4.70 15.52
C ALA C 226 48.47 3.73 16.71
N GLN C 227 47.30 3.65 17.37
CA GLN C 227 47.04 2.67 18.45
C GLN C 227 46.52 1.38 17.86
N ILE C 228 47.01 0.25 18.38
CA ILE C 228 46.76 -1.08 17.81
C ILE C 228 46.68 -2.13 18.93
N ASN C 229 45.84 -3.13 18.72
CA ASN C 229 45.81 -4.32 19.58
C ASN C 229 46.36 -5.51 18.84
N ILE C 230 46.67 -6.56 19.56
CA ILE C 230 47.00 -7.87 18.98
C ILE C 230 46.10 -8.88 19.70
N GLU C 231 45.18 -9.49 18.97
CA GLU C 231 44.20 -10.37 19.58
C GLU C 231 44.65 -11.82 19.36
N LEU C 232 45.04 -12.48 20.43
CA LEU C 232 45.40 -13.87 20.40
C LEU C 232 44.31 -14.71 21.00
N ASP C 233 43.82 -15.69 20.22
CA ASP C 233 43.26 -16.93 20.80
C ASP C 233 44.43 -17.85 21.07
N ILE C 234 44.34 -18.66 22.13
CA ILE C 234 45.29 -19.75 22.39
C ILE C 234 44.58 -20.94 23.07
N GLU C 235 44.82 -22.14 22.55
CA GLU C 235 44.24 -23.39 23.09
C GLU C 235 45.30 -24.17 23.84
N LEU C 236 45.28 -24.05 25.17
CA LEU C 236 46.17 -24.78 26.08
C LEU C 236 45.52 -26.08 26.52
N GLN C 237 46.27 -27.19 26.46
CA GLN C 237 45.79 -28.50 26.93
C GLN C 237 46.16 -28.78 28.38
N GLU C 238 47.40 -28.48 28.74
CA GLU C 238 47.81 -28.42 30.15
C GLU C 238 47.82 -26.94 30.64
N SER C 239 47.56 -26.71 31.93
CA SER C 239 47.71 -25.36 32.54
C SER C 239 49.19 -25.03 32.70
N ILE C 240 49.75 -24.24 31.78
CA ILE C 240 51.19 -24.10 31.62
C ILE C 240 51.67 -22.67 31.54
N PRO C 241 52.90 -22.39 32.03
CA PRO C 241 53.54 -21.09 31.77
C PRO C 241 53.94 -20.92 30.30
N VAL C 242 53.56 -19.81 29.71
CA VAL C 242 53.92 -19.50 28.35
C VAL C 242 54.53 -18.10 28.18
N ASP C 243 55.39 -17.96 27.17
CA ASP C 243 55.93 -16.68 26.72
C ASP C 243 55.41 -16.47 25.30
N VAL C 244 54.86 -15.29 25.02
CA VAL C 244 54.63 -14.87 23.63
C VAL C 244 55.64 -13.79 23.35
N ALA C 245 56.28 -13.88 22.20
CA ALA C 245 57.29 -12.90 21.79
C ALA C 245 57.07 -12.60 20.34
N PHE C 246 57.05 -11.31 20.00
CA PHE C 246 56.71 -10.88 18.63
C PHE C 246 57.60 -9.76 18.12
N ARG C 247 57.65 -9.62 16.78
CA ARG C 247 58.21 -8.44 16.11
C ARG C 247 57.34 -8.02 14.93
N ILE C 248 56.84 -6.80 15.03
CA ILE C 248 56.15 -6.16 13.91
C ILE C 248 57.23 -5.50 13.06
N SER C 249 57.11 -5.69 11.74
CA SER C 249 58.14 -5.27 10.78
C SER C 249 57.51 -4.62 9.54
N HIS C 250 58.08 -3.51 9.06
CA HIS C 250 57.57 -2.85 7.85
C HIS C 250 58.40 -3.24 6.67
N LYS C 251 59.66 -2.85 6.77
CA LYS C 251 60.72 -3.15 5.81
C LYS C 251 61.94 -3.51 6.69
N LYS C 252 62.23 -2.62 7.62
CA LYS C 252 63.09 -2.89 8.77
C LYS C 252 62.21 -2.97 10.02
N PRO C 253 62.52 -3.88 10.96
CA PRO C 253 61.64 -4.06 12.15
C PRO C 253 61.36 -2.81 13.03
N VAL C 254 60.14 -2.27 12.93
CA VAL C 254 59.72 -1.08 13.71
C VAL C 254 59.52 -1.37 15.20
N LEU C 255 59.20 -2.62 15.56
CA LEU C 255 58.82 -2.94 16.94
C LEU C 255 59.00 -4.40 17.33
N GLU C 256 59.25 -4.62 18.61
CA GLU C 256 59.58 -5.93 19.15
C GLU C 256 59.25 -5.97 20.62
N GLN C 257 58.88 -7.15 21.11
CA GLN C 257 58.44 -7.28 22.51
C GLN C 257 58.22 -8.72 22.91
N ARG C 258 58.39 -8.96 24.20
CA ARG C 258 58.15 -10.25 24.80
C ARG C 258 57.26 -10.09 26.04
N LEU C 259 56.45 -11.09 26.27
CA LEU C 259 55.46 -11.08 27.33
C LEU C 259 55.37 -12.50 27.86
N ARG C 260 54.82 -12.62 29.06
CA ARG C 260 54.77 -13.91 29.72
C ARG C 260 53.47 -14.08 30.44
N PHE C 261 52.90 -15.28 30.33
CA PHE C 261 51.61 -15.62 30.94
C PHE C 261 51.70 -16.99 31.61
N THR C 262 50.85 -17.18 32.61
CA THR C 262 50.64 -18.50 33.20
C THR C 262 49.15 -18.70 33.15
N LEU C 263 48.73 -19.52 32.19
CA LEU C 263 47.34 -19.63 31.82
C LEU C 263 46.81 -21.04 32.15
N PRO C 264 45.49 -21.17 32.36
CA PRO C 264 44.88 -22.46 32.68
C PRO C 264 44.41 -23.20 31.42
N GLU C 265 44.20 -24.52 31.49
CA GLU C 265 43.82 -25.29 30.29
C GLU C 265 42.49 -24.78 29.70
N GLY C 266 42.39 -24.82 28.37
CA GLY C 266 41.21 -24.30 27.64
C GLY C 266 41.56 -23.20 26.64
N ARG C 267 40.54 -22.55 26.10
CA ARG C 267 40.75 -21.53 25.07
C ARG C 267 40.93 -20.16 25.70
N VAL C 268 42.16 -19.68 25.74
CA VAL C 268 42.44 -18.36 26.34
C VAL C 268 42.45 -17.29 25.25
N PHE C 269 42.02 -16.07 25.58
CA PHE C 269 42.03 -14.96 24.62
C PHE C 269 42.68 -13.72 25.23
N LEU C 270 43.50 -12.98 24.45
CA LEU C 270 44.18 -11.75 24.96
C LEU C 270 44.18 -10.61 23.99
N LYS C 271 43.85 -9.41 24.43
CA LYS C 271 44.06 -8.19 23.63
C LYS C 271 45.26 -7.45 24.21
N ILE C 272 46.37 -7.43 23.47
CA ILE C 272 47.62 -6.83 23.93
C ILE C 272 47.83 -5.50 23.19
N PRO C 273 47.66 -4.36 23.88
CA PRO C 273 47.84 -3.07 23.23
C PRO C 273 49.27 -2.78 22.94
N LEU C 274 49.50 -2.08 21.83
CA LEU C 274 50.80 -1.51 21.54
C LEU C 274 50.64 -0.36 20.57
N THR C 275 51.73 0.35 20.34
CA THR C 275 51.67 1.57 19.56
C THR C 275 52.72 1.56 18.45
N ILE C 276 52.33 2.11 17.30
CA ILE C 276 53.22 2.27 16.17
C ILE C 276 53.31 3.76 15.85
N LYS C 277 54.53 4.29 15.97
CA LYS C 277 54.74 5.72 15.80
C LYS C 277 54.92 5.99 14.33
N ASN C 278 54.26 7.05 13.86
CA ASN C 278 54.28 7.41 12.44
C ASN C 278 54.01 6.21 11.54
N PRO C 279 52.75 5.72 11.52
CA PRO C 279 52.44 4.50 10.82
C PRO C 279 52.38 4.75 9.33
N LYS C 280 52.97 3.84 8.56
CA LYS C 280 52.95 3.92 7.12
C LYS C 280 51.70 3.18 6.65
N LEU C 281 50.83 3.94 6.01
CA LEU C 281 49.39 3.71 6.04
C LEU C 281 48.94 3.08 4.74
N TRP C 282 48.14 2.01 4.79
CA TRP C 282 47.63 1.38 3.56
C TRP C 282 46.59 2.25 2.88
N PHE C 283 46.72 2.37 1.57
CA PHE C 283 45.77 3.06 0.71
C PHE C 283 45.49 2.19 -0.52
N PRO C 284 44.31 2.34 -1.16
CA PRO C 284 44.10 1.67 -2.45
C PRO C 284 44.85 2.33 -3.60
N ARG C 285 45.07 1.57 -4.69
CA ARG C 285 45.83 2.04 -5.85
C ARG C 285 45.27 3.37 -6.29
N GLY C 286 46.17 4.34 -6.51
CA GLY C 286 45.80 5.65 -7.03
C GLY C 286 45.66 6.74 -5.99
N TYR C 287 45.42 6.35 -4.74
CA TYR C 287 45.24 7.30 -3.65
C TYR C 287 46.33 7.18 -2.58
N GLY C 288 47.48 6.59 -2.90
CA GLY C 288 48.55 6.48 -1.91
C GLY C 288 49.45 5.26 -2.12
N GLU C 289 50.04 4.80 -1.02
CA GLU C 289 50.94 3.63 -1.05
C GLU C 289 50.31 2.40 -0.39
N GLN C 290 50.68 1.20 -0.86
CA GLN C 290 50.19 -0.06 -0.28
C GLN C 290 51.14 -0.63 0.80
N ASN C 291 51.35 0.16 1.86
CA ASN C 291 52.26 -0.22 2.93
C ASN C 291 51.63 -1.36 3.71
N LEU C 292 52.41 -2.42 3.95
CA LEU C 292 51.96 -3.57 4.69
C LEU C 292 52.98 -3.90 5.74
N TYR C 293 52.54 -3.86 6.99
CA TYR C 293 53.34 -4.37 8.09
C TYR C 293 53.23 -5.90 8.11
N THR C 294 54.27 -6.55 8.62
CA THR C 294 54.25 -7.96 8.91
C THR C 294 54.40 -8.17 10.42
N LEU C 295 53.57 -9.05 10.95
CA LEU C 295 53.63 -9.44 12.35
C LEU C 295 54.27 -10.82 12.39
N GLN C 296 55.21 -11.02 13.31
CA GLN C 296 55.89 -12.31 13.50
C GLN C 296 55.83 -12.64 14.96
N LEU C 297 55.19 -13.75 15.29
CA LEU C 297 54.85 -14.03 16.72
C LEU C 297 55.06 -15.50 17.05
N VAL C 298 55.81 -15.76 18.12
CA VAL C 298 56.16 -17.12 18.53
C VAL C 298 55.59 -17.33 19.90
N LEU C 299 54.72 -18.33 19.99
CA LEU C 299 54.25 -18.84 21.26
C LEU C 299 55.38 -19.73 21.69
N LEU C 300 55.84 -19.57 22.94
CA LEU C 300 57.05 -20.22 23.52
C LEU C 300 56.77 -20.78 24.91
N ASP C 301 57.19 -22.01 25.17
CA ASP C 301 57.07 -22.58 26.52
C ASP C 301 58.18 -22.02 27.48
N GLU C 302 58.46 -22.77 28.55
CA GLU C 302 59.63 -22.52 29.43
C GLU C 302 60.96 -22.42 28.68
N LYS C 303 61.13 -23.27 27.67
CA LYS C 303 62.35 -23.35 26.88
C LYS C 303 62.20 -22.94 25.37
N GLY C 304 61.53 -23.81 24.61
CA GLY C 304 61.56 -23.84 23.12
C GLY C 304 60.20 -23.76 22.46
N GLU C 305 60.15 -23.23 21.24
CA GLU C 305 58.90 -22.67 20.70
C GLU C 305 57.74 -23.64 20.38
N VAL C 306 56.59 -23.41 21.03
CA VAL C 306 55.47 -24.41 21.01
C VAL C 306 54.63 -24.16 19.75
N LEU C 307 54.50 -22.89 19.32
CA LEU C 307 53.94 -22.62 17.98
C LEU C 307 54.38 -21.27 17.46
N ASP C 308 54.78 -21.28 16.19
CA ASP C 308 54.96 -20.06 15.42
C ASP C 308 53.64 -19.99 14.67
N LYS C 309 52.99 -18.83 14.70
CA LYS C 309 52.04 -18.47 13.68
C LYS C 309 53.00 -17.67 12.82
N VAL C 310 53.56 -18.36 11.81
CA VAL C 310 54.97 -18.06 11.35
C VAL C 310 54.93 -16.55 11.21
N GLU C 311 53.98 -16.18 10.37
CA GLU C 311 53.71 -14.83 10.01
C GLU C 311 52.25 -14.51 9.74
N GLU C 312 51.98 -13.22 9.78
CA GLU C 312 50.71 -12.70 9.36
C GLU C 312 50.98 -11.27 8.92
N ARG C 313 50.39 -10.89 7.79
CA ARG C 313 50.58 -9.57 7.21
C ARG C 313 49.34 -8.78 7.51
N PHE C 314 49.52 -7.46 7.61
CA PHE C 314 48.40 -6.55 7.82
C PHE C 314 48.74 -5.14 7.40
N GLY C 315 47.71 -4.33 7.24
CA GLY C 315 47.86 -2.94 6.88
C GLY C 315 47.32 -2.11 8.00
N ILE C 316 47.58 -0.81 7.95
CA ILE C 316 47.03 0.14 8.92
C ILE C 316 46.19 1.15 8.14
N ARG C 317 44.86 1.16 8.37
CA ARG C 317 43.90 1.93 7.56
C ARG C 317 42.55 2.12 8.24
N LYS C 318 41.98 3.33 8.20
CA LYS C 318 40.56 3.50 8.54
C LYS C 318 39.76 3.02 7.36
N VAL C 319 38.55 2.56 7.63
CA VAL C 319 37.54 2.46 6.59
C VAL C 319 36.21 2.89 7.19
N GLU C 320 35.48 3.70 6.44
CA GLU C 320 34.20 4.19 6.87
C GLU C 320 33.30 4.06 5.67
N LEU C 321 32.04 3.71 5.90
CA LEU C 321 31.05 3.66 4.82
C LEU C 321 30.02 4.79 4.98
N PHE C 322 30.38 5.95 4.44
CA PHE C 322 29.70 7.20 4.67
C PHE C 322 28.28 7.08 4.15
N THR C 323 27.32 7.18 5.07
CA THR C 323 25.91 6.87 4.83
C THR C 323 25.08 8.02 5.40
N GLN C 324 25.32 9.23 4.86
CA GLN C 324 24.72 10.46 5.39
C GLN C 324 23.71 11.08 4.44
N GLU C 325 22.54 11.41 4.99
CA GLU C 325 21.41 11.91 4.22
C GLU C 325 21.76 13.21 3.52
N ASP C 326 21.12 13.47 2.39
CA ASP C 326 21.27 14.73 1.65
C ASP C 326 19.93 15.04 0.96
N ASN C 327 19.93 15.82 -0.12
CA ASN C 327 18.66 16.19 -0.77
C ASN C 327 17.97 14.97 -1.35
N LYS C 328 18.55 14.42 -2.41
CA LYS C 328 18.03 13.21 -3.04
C LYS C 328 18.58 12.08 -2.18
N GLY C 329 17.77 11.51 -1.31
CA GLY C 329 18.20 10.31 -0.55
C GLY C 329 19.35 10.31 0.46
N GLU C 330 20.27 9.34 0.31
CA GLU C 330 21.35 9.11 1.28
C GLU C 330 22.65 8.69 0.58
N SER C 331 23.78 9.26 0.99
CA SER C 331 25.07 8.88 0.40
C SER C 331 25.37 7.39 0.52
N PHE C 332 26.35 6.94 -0.24
CA PHE C 332 26.91 5.60 -0.05
C PHE C 332 28.31 5.61 -0.64
N VAL C 333 29.30 5.93 0.19
CA VAL C 333 30.66 6.27 -0.26
C VAL C 333 31.68 5.64 0.67
N PHE C 334 32.73 5.06 0.09
CA PHE C 334 33.80 4.53 0.90
C PHE C 334 34.77 5.64 1.20
N LYS C 335 35.28 5.65 2.42
CA LYS C 335 36.26 6.61 2.88
C LYS C 335 37.39 5.87 3.59
N ILE C 336 38.44 5.57 2.82
CA ILE C 336 39.68 5.01 3.37
C ILE C 336 40.55 6.15 3.90
N ASN C 337 41.02 6.03 5.14
CA ASN C 337 41.81 7.09 5.79
C ASN C 337 41.23 8.51 5.64
N ASN C 338 39.90 8.61 5.74
CA ASN C 338 39.17 9.86 5.54
C ASN C 338 39.09 10.43 4.13
N ILE C 339 39.83 9.89 3.15
CA ILE C 339 39.66 10.32 1.74
C ILE C 339 38.57 9.48 1.07
N PRO C 340 37.57 10.15 0.47
CA PRO C 340 36.49 9.39 -0.17
C PRO C 340 36.88 8.90 -1.55
N VAL C 341 36.99 7.59 -1.73
CA VAL C 341 37.37 7.02 -3.05
C VAL C 341 36.16 6.56 -3.84
N PHE C 342 36.08 7.01 -5.10
CA PHE C 342 35.10 6.48 -6.06
C PHE C 342 35.61 5.11 -6.41
N ALA C 343 34.77 4.10 -6.26
CA ALA C 343 35.20 2.71 -6.46
C ALA C 343 35.06 2.31 -7.92
N LYS C 344 36.15 2.42 -8.68
CA LYS C 344 36.18 1.88 -10.04
C LYS C 344 36.41 0.39 -9.87
N GLY C 345 35.61 -0.45 -10.54
CA GLY C 345 35.68 -1.88 -10.26
C GLY C 345 34.94 -2.91 -11.07
N ALA C 346 34.85 -4.11 -10.49
CA ALA C 346 34.20 -5.23 -11.16
C ALA C 346 33.87 -6.36 -10.20
N ASN C 347 32.83 -7.11 -10.53
CA ASN C 347 32.41 -8.27 -9.77
C ASN C 347 33.27 -9.50 -10.10
N TRP C 348 33.81 -10.15 -9.09
CA TRP C 348 34.73 -11.30 -9.24
C TRP C 348 33.98 -12.62 -8.97
N ILE C 349 34.24 -13.61 -9.79
CA ILE C 349 33.51 -14.88 -9.72
C ILE C 349 34.52 -16.01 -9.92
N PRO C 350 34.23 -17.23 -9.41
CA PRO C 350 35.28 -18.24 -9.38
C PRO C 350 35.93 -18.48 -10.76
N ALA C 351 37.25 -18.65 -10.81
CA ALA C 351 37.96 -18.62 -12.13
C ALA C 351 37.99 -19.92 -12.88
N ASP C 352 37.38 -20.96 -12.30
CA ASP C 352 37.22 -22.26 -12.96
C ASP C 352 35.99 -22.91 -12.34
N SER C 353 35.33 -23.77 -13.08
CA SER C 353 34.15 -24.48 -12.57
C SER C 353 34.62 -25.54 -11.60
N PHE C 354 35.83 -26.05 -11.81
CA PHE C 354 36.47 -26.98 -10.89
C PHE C 354 37.60 -26.25 -10.22
N LEU C 355 37.44 -26.05 -8.94
CA LEU C 355 38.21 -25.04 -8.27
C LEU C 355 39.68 -25.41 -8.13
N PRO C 356 40.00 -26.69 -7.88
CA PRO C 356 41.43 -26.91 -7.62
C PRO C 356 42.39 -26.62 -8.79
N ARG C 357 41.92 -26.51 -10.04
CA ARG C 357 42.83 -26.15 -11.15
C ARG C 357 43.36 -24.72 -11.08
N ILE C 358 42.59 -23.78 -10.54
CA ILE C 358 43.08 -22.40 -10.40
C ILE C 358 44.38 -22.45 -9.60
N LYS C 359 45.45 -21.93 -10.19
CA LYS C 359 46.77 -21.96 -9.58
C LYS C 359 47.14 -20.48 -9.36
N GLU C 360 48.08 -20.22 -8.47
CA GLU C 360 48.43 -18.85 -8.16
C GLU C 360 48.68 -18.03 -9.42
N GLU C 361 49.39 -18.64 -10.38
CA GLU C 361 49.55 -18.10 -11.73
C GLU C 361 48.30 -17.37 -12.22
N ASP C 362 47.15 -18.05 -12.12
CA ASP C 362 45.88 -17.58 -12.70
C ASP C 362 45.37 -16.36 -11.96
N TYR C 363 45.15 -16.48 -10.65
CA TYR C 363 44.80 -15.33 -9.82
C TYR C 363 45.71 -14.14 -10.07
N ARG C 364 47.02 -14.39 -10.13
CA ARG C 364 48.02 -13.33 -10.34
C ARG C 364 47.80 -12.61 -11.66
N LEU C 365 47.51 -13.36 -12.71
CA LEU C 365 47.31 -12.78 -14.04
C LEU C 365 46.04 -11.95 -14.13
N LEU C 366 44.94 -12.46 -13.58
CA LEU C 366 43.65 -11.74 -13.61
C LEU C 366 43.68 -10.47 -12.78
N LEU C 367 44.39 -10.52 -11.65
CA LEU C 367 44.44 -9.39 -10.72
C LEU C 367 45.42 -8.31 -11.14
N ILE C 368 46.60 -8.68 -11.66
CA ILE C 368 47.50 -7.69 -12.24
C ILE C 368 46.83 -7.05 -13.44
N ARG C 369 46.09 -7.83 -14.24
CA ARG C 369 45.35 -7.23 -15.40
C ARG C 369 44.27 -6.25 -14.95
N ALA C 370 43.66 -6.51 -13.79
CA ALA C 370 42.75 -5.58 -13.18
C ALA C 370 43.49 -4.34 -12.76
N LYS C 371 44.60 -4.53 -12.06
CA LYS C 371 45.37 -3.40 -11.52
C LYS C 371 45.66 -2.39 -12.61
N GLU C 372 46.22 -2.87 -13.71
CA GLU C 372 46.69 -2.00 -14.79
C GLU C 372 45.58 -1.48 -15.70
N ALA C 373 44.41 -2.10 -15.64
CA ALA C 373 43.19 -1.53 -16.19
C ALA C 373 42.68 -0.37 -15.31
N GLY C 374 43.15 -0.30 -14.07
CA GLY C 374 42.93 0.86 -13.20
C GLY C 374 41.78 0.67 -12.24
N VAL C 375 41.78 -0.45 -11.54
CA VAL C 375 40.62 -0.94 -10.80
C VAL C 375 40.83 -0.68 -9.31
N ASN C 376 39.96 0.12 -8.68
CA ASN C 376 40.00 0.31 -7.22
C ASN C 376 39.53 -0.91 -6.47
N MET C 377 38.54 -1.64 -7.01
CA MET C 377 37.76 -2.57 -6.17
C MET C 377 37.30 -3.81 -6.90
N LEU C 378 37.20 -4.91 -6.17
CA LEU C 378 36.54 -6.12 -6.63
C LEU C 378 35.51 -6.62 -5.62
N ARG C 379 34.30 -6.85 -6.08
CA ARG C 379 33.30 -7.50 -5.22
C ARG C 379 33.37 -8.99 -5.42
N VAL C 380 33.84 -9.69 -4.40
CA VAL C 380 33.86 -11.15 -4.41
C VAL C 380 32.41 -11.58 -4.26
N TRP C 381 31.84 -11.98 -5.37
CA TRP C 381 30.40 -12.18 -5.48
C TRP C 381 29.96 -13.37 -4.66
N GLY C 382 28.90 -13.15 -3.87
CA GLY C 382 28.45 -14.14 -2.90
C GLY C 382 27.77 -15.41 -3.39
N GLY C 383 28.08 -15.83 -4.61
CA GLY C 383 27.60 -17.10 -5.13
C GLY C 383 28.71 -18.06 -5.53
N GLY C 384 29.93 -17.57 -5.66
CA GLY C 384 31.10 -18.43 -5.90
C GLY C 384 31.60 -18.97 -4.58
N ILE C 385 32.75 -18.45 -4.12
CA ILE C 385 33.39 -18.86 -2.86
C ILE C 385 34.11 -17.73 -2.14
N TYR C 386 34.42 -17.95 -0.86
CA TYR C 386 35.42 -17.18 -0.16
C TYR C 386 36.80 -17.61 -0.74
N GLU C 387 37.58 -16.65 -1.25
CA GLU C 387 38.72 -16.98 -2.09
C GLU C 387 39.94 -17.60 -1.40
N ASN C 388 40.83 -18.11 -2.23
CA ASN C 388 42.12 -18.55 -1.80
C ASN C 388 42.90 -17.36 -1.29
N ASP C 389 43.77 -17.62 -0.33
CA ASP C 389 44.50 -16.57 0.35
C ASP C 389 45.30 -15.75 -0.66
N ILE C 390 45.81 -16.43 -1.70
CA ILE C 390 46.47 -15.73 -2.81
C ILE C 390 45.67 -14.57 -3.41
N PHE C 391 44.34 -14.70 -3.50
CA PHE C 391 43.52 -13.64 -4.06
C PHE C 391 43.63 -12.46 -3.11
N TYR C 392 43.27 -12.67 -1.86
CA TYR C 392 43.23 -11.55 -0.93
C TYR C 392 44.62 -10.95 -0.66
N GLU C 393 45.68 -11.75 -0.75
CA GLU C 393 47.01 -11.19 -0.48
C GLU C 393 47.56 -10.44 -1.69
N LEU C 394 47.01 -10.65 -2.88
CA LEU C 394 47.38 -9.79 -4.02
C LEU C 394 46.58 -8.52 -3.94
N CYS C 395 45.28 -8.65 -3.73
CA CYS C 395 44.43 -7.48 -3.55
C CYS C 395 45.06 -6.54 -2.53
N ASP C 396 45.64 -7.13 -1.46
CA ASP C 396 46.35 -6.36 -0.42
C ASP C 396 47.55 -5.55 -0.98
N GLU C 397 48.39 -6.24 -1.75
CA GLU C 397 49.61 -5.66 -2.34
C GLU C 397 49.33 -4.64 -3.43
N LEU C 398 48.35 -4.96 -4.27
CA LEU C 398 48.05 -4.16 -5.46
C LEU C 398 47.08 -3.01 -5.17
N GLY C 399 46.64 -2.86 -3.92
CA GLY C 399 45.76 -1.76 -3.54
C GLY C 399 44.33 -1.87 -4.05
N ILE C 400 43.89 -3.11 -4.28
CA ILE C 400 42.55 -3.38 -4.81
C ILE C 400 41.66 -3.73 -3.64
N MET C 401 40.89 -2.76 -3.16
CA MET C 401 39.96 -2.98 -2.03
C MET C 401 38.95 -4.05 -2.47
N VAL C 402 38.46 -4.87 -1.54
CA VAL C 402 37.43 -5.87 -1.88
C VAL C 402 36.18 -5.69 -1.05
N TRP C 403 35.06 -6.03 -1.69
CA TRP C 403 33.73 -6.01 -1.12
C TRP C 403 33.44 -7.49 -0.97
N GLN C 404 33.56 -8.01 0.26
CA GLN C 404 33.37 -9.45 0.52
C GLN C 404 31.91 -9.79 0.81
N ASP C 405 31.29 -10.58 -0.06
CA ASP C 405 29.93 -11.09 0.19
C ASP C 405 30.05 -12.32 1.03
N PHE C 406 29.10 -12.53 1.92
CA PHE C 406 28.88 -13.84 2.50
C PHE C 406 28.15 -14.65 1.46
N MET C 407 28.48 -15.93 1.38
CA MET C 407 28.08 -16.77 0.27
C MET C 407 26.59 -17.20 0.32
N PHE C 408 25.72 -16.26 -0.07
CA PHE C 408 24.26 -16.44 -0.25
C PHE C 408 23.85 -15.59 -1.44
N ALA C 409 23.12 -16.14 -2.41
CA ALA C 409 22.79 -15.38 -3.62
C ALA C 409 21.50 -15.75 -4.36
N CYS C 410 20.65 -14.74 -4.53
CA CYS C 410 19.45 -14.80 -5.39
C CYS C 410 18.61 -16.02 -5.10
N ALA C 411 18.29 -16.23 -3.81
CA ALA C 411 17.33 -17.30 -3.39
C ALA C 411 16.70 -17.19 -1.98
N GLU C 412 15.64 -17.97 -1.78
CA GLU C 412 15.00 -18.07 -0.48
C GLU C 412 15.78 -19.12 0.30
N TYR C 413 16.57 -18.70 1.29
CA TYR C 413 17.36 -19.65 2.11
C TYR C 413 16.53 -20.11 3.30
N PRO C 414 16.84 -21.32 3.85
CA PRO C 414 16.20 -21.73 5.10
C PRO C 414 16.55 -20.81 6.27
N ASP C 415 15.66 -20.73 7.25
CA ASP C 415 15.92 -19.93 8.46
C ASP C 415 15.38 -20.57 9.74
N ASP C 416 15.58 -21.89 9.87
CA ASP C 416 15.37 -22.61 11.14
C ASP C 416 16.64 -22.59 11.98
N GLU C 417 16.50 -22.80 13.29
CA GLU C 417 17.65 -22.79 14.21
C GLU C 417 18.80 -23.66 13.70
N ASN C 418 18.49 -24.91 13.38
CA ASN C 418 19.50 -25.88 12.92
C ASN C 418 20.42 -25.30 11.84
N PHE C 419 19.80 -24.61 10.87
CA PHE C 419 20.52 -23.94 9.80
C PHE C 419 21.28 -22.70 10.23
N LEU C 420 20.62 -21.82 11.00
CA LEU C 420 21.25 -20.59 11.48
C LEU C 420 22.55 -20.84 12.24
N ASN C 421 22.60 -21.93 12.99
CA ASN C 421 23.83 -22.33 13.69
C ASN C 421 24.96 -22.68 12.73
N ASP C 422 24.65 -23.51 11.72
CA ASP C 422 25.59 -23.84 10.65
C ASP C 422 26.14 -22.57 10.01
N VAL C 423 25.24 -21.64 9.69
CA VAL C 423 25.59 -20.33 9.10
C VAL C 423 26.49 -19.48 9.99
N GLN C 424 26.14 -19.38 11.27
CA GLN C 424 26.91 -18.57 12.20
C GLN C 424 28.28 -19.19 12.43
N LYS C 425 28.32 -20.52 12.47
CA LYS C 425 29.57 -21.25 12.58
C LYS C 425 30.50 -20.90 11.42
N GLU C 426 29.96 -20.84 10.19
CA GLU C 426 30.78 -20.52 8.98
C GLU C 426 31.19 -19.07 8.97
N ALA C 427 30.30 -18.19 9.39
CA ALA C 427 30.60 -16.77 9.37
C ALA C 427 31.75 -16.46 10.32
N GLU C 428 31.75 -17.09 11.49
CA GLU C 428 32.83 -16.95 12.48
C GLU C 428 34.17 -17.29 11.81
N PHE C 429 34.22 -18.43 11.14
CA PHE C 429 35.45 -18.94 10.58
C PHE C 429 35.98 -18.01 9.50
N VAL C 430 35.12 -17.76 8.53
CA VAL C 430 35.40 -16.91 7.39
C VAL C 430 35.95 -15.54 7.80
N ILE C 431 35.24 -14.86 8.69
CA ILE C 431 35.71 -13.58 9.17
C ILE C 431 37.04 -13.78 9.88
N LYS C 432 37.07 -14.64 10.89
CA LYS C 432 38.34 -14.91 11.61
C LYS C 432 39.56 -15.10 10.66
N ARG C 433 39.32 -15.72 9.50
CA ARG C 433 40.34 -15.94 8.47
C ARG C 433 40.74 -14.65 7.74
N LEU C 434 39.75 -14.03 7.13
CA LEU C 434 39.93 -12.85 6.28
C LEU C 434 40.12 -11.48 7.00
N ARG C 435 39.80 -11.37 8.29
CA ARG C 435 39.94 -10.09 9.05
C ARG C 435 41.24 -9.33 8.78
N ASN C 436 42.35 -10.05 8.67
CA ASN C 436 43.65 -9.39 8.61
C ASN C 436 43.97 -8.64 7.33
N HIS C 437 43.21 -8.91 6.28
CA HIS C 437 43.51 -8.41 4.94
C HIS C 437 43.01 -6.99 4.81
N PRO C 438 43.93 -6.00 4.72
CA PRO C 438 43.48 -4.61 4.62
C PRO C 438 42.68 -4.28 3.36
N SER C 439 42.88 -5.08 2.30
CA SER C 439 42.06 -4.99 1.11
C SER C 439 40.56 -5.11 1.41
N ILE C 440 40.18 -6.04 2.28
CA ILE C 440 38.76 -6.30 2.52
C ILE C 440 38.14 -5.10 3.19
N VAL C 441 37.18 -4.50 2.52
CA VAL C 441 36.66 -3.19 2.92
C VAL C 441 35.20 -3.23 3.42
N LEU C 442 34.49 -4.31 3.11
CA LEU C 442 33.11 -4.43 3.56
C LEU C 442 32.68 -5.88 3.63
N TRP C 443 31.77 -6.17 4.56
CA TRP C 443 31.11 -7.46 4.67
C TRP C 443 29.69 -7.25 4.15
N CYS C 444 29.23 -8.16 3.29
CA CYS C 444 27.91 -8.01 2.65
C CYS C 444 27.11 -9.26 2.88
N GLY C 445 25.84 -9.08 3.17
CA GLY C 445 25.00 -10.19 3.63
C GLY C 445 24.66 -11.19 2.57
N ASN C 446 24.27 -10.71 1.40
CA ASN C 446 23.77 -11.55 0.32
C ASN C 446 23.90 -10.86 -1.01
N ASN C 447 23.55 -11.58 -2.07
CA ASN C 447 23.36 -10.99 -3.37
C ASN C 447 21.85 -11.03 -3.66
N CYS C 448 21.27 -9.88 -3.97
CA CYS C 448 19.92 -9.70 -4.53
C CYS C 448 18.64 -10.15 -3.76
N ASN C 449 18.77 -10.73 -2.55
CA ASN C 449 17.59 -11.29 -1.84
C ASN C 449 16.57 -10.29 -1.31
N HIS C 450 17.06 -9.22 -0.69
CA HIS C 450 16.18 -8.14 -0.22
C HIS C 450 15.46 -7.51 -1.41
N TRP C 451 16.20 -7.23 -2.48
CA TRP C 451 15.59 -6.81 -3.77
C TRP C 451 14.57 -7.84 -4.26
N GLY C 452 14.93 -9.11 -4.25
CA GLY C 452 14.05 -10.20 -4.70
C GLY C 452 12.70 -10.30 -4.02
N TYR C 453 12.72 -10.37 -2.68
CA TYR C 453 11.49 -10.38 -1.87
C TYR C 453 10.68 -9.07 -2.02
N TYR C 454 11.37 -7.92 -2.09
CA TYR C 454 10.73 -6.58 -2.25
C TYR C 454 10.13 -6.43 -3.67
N ALA C 455 10.78 -7.00 -4.69
CA ALA C 455 10.22 -7.16 -6.05
C ALA C 455 9.29 -8.38 -6.07
N LYS C 456 8.83 -8.77 -7.26
CA LYS C 456 7.85 -9.87 -7.37
C LYS C 456 8.46 -11.29 -7.47
N TRP C 457 9.71 -11.46 -7.93
CA TRP C 457 10.16 -12.82 -8.38
C TRP C 457 10.30 -14.06 -7.45
N TRP C 458 10.57 -13.97 -6.13
CA TRP C 458 10.12 -15.16 -5.36
C TRP C 458 8.61 -15.21 -4.99
N GLY C 459 7.84 -14.29 -5.56
CA GLY C 459 6.36 -14.28 -5.47
C GLY C 459 5.82 -13.81 -4.14
N GLU C 460 4.49 -13.84 -4.01
CA GLU C 460 3.82 -13.31 -2.83
C GLU C 460 4.14 -14.14 -1.61
N ARG C 461 4.84 -13.67 -0.55
CA ARG C 461 5.11 -14.55 0.61
C ARG C 461 5.10 -13.90 2.03
N GLU C 462 4.72 -14.71 3.02
CA GLU C 462 4.52 -14.22 4.38
C GLU C 462 5.84 -13.86 5.07
N LYS C 463 6.80 -14.77 4.96
CA LYS C 463 8.16 -14.59 5.43
C LYS C 463 9.09 -14.25 4.25
N PHE C 464 9.91 -13.20 4.42
CA PHE C 464 11.12 -13.05 3.64
C PHE C 464 12.03 -14.18 4.13
N TRP C 465 12.18 -15.21 3.29
CA TRP C 465 12.72 -16.50 3.71
C TRP C 465 14.26 -16.35 3.72
N GLY C 466 14.83 -16.17 4.90
CA GLY C 466 16.25 -15.90 5.06
C GLY C 466 16.54 -14.63 5.85
N GLU C 467 15.54 -13.75 6.03
CA GLU C 467 15.75 -12.40 6.60
C GLU C 467 16.63 -12.38 7.86
N GLU C 468 16.40 -13.33 8.74
CA GLU C 468 17.07 -13.40 10.03
C GLU C 468 18.60 -13.60 9.90
N ILE C 469 19.02 -14.29 8.85
CA ILE C 469 20.45 -14.41 8.49
C ILE C 469 21.03 -13.01 8.26
N TYR C 470 20.35 -12.26 7.40
CA TYR C 470 20.76 -10.93 6.99
C TYR C 470 20.57 -9.89 8.11
N SER C 471 19.52 -10.06 8.93
CA SER C 471 19.11 -9.10 10.00
C SER C 471 19.78 -9.26 11.35
N ARG C 472 19.84 -10.49 11.85
CA ARG C 472 20.48 -10.79 13.13
C ARG C 472 21.83 -11.53 12.94
N VAL C 473 21.81 -12.70 12.32
CA VAL C 473 22.89 -13.68 12.51
C VAL C 473 24.22 -13.10 12.18
N LEU C 474 24.30 -12.60 10.95
CA LEU C 474 25.54 -12.13 10.35
C LEU C 474 26.04 -10.80 10.94
N PRO C 475 25.14 -9.80 11.11
CA PRO C 475 25.59 -8.51 11.68
C PRO C 475 26.21 -8.69 13.04
N ASP C 476 25.65 -9.63 13.80
CA ASP C 476 26.06 -9.87 15.16
C ASP C 476 27.44 -10.52 15.19
N VAL C 477 27.62 -11.60 14.44
CA VAL C 477 28.96 -12.22 14.29
C VAL C 477 30.02 -11.24 13.71
N CYS C 478 29.62 -10.39 12.74
CA CYS C 478 30.47 -9.29 12.23
C CYS C 478 30.78 -8.23 13.30
N ALA C 479 29.75 -7.79 14.03
CA ALA C 479 29.92 -6.82 15.11
C ALA C 479 30.76 -7.38 16.24
N ARG C 480 30.62 -8.68 16.45
CA ARG C 480 31.32 -9.40 17.52
C ARG C 480 32.83 -9.40 17.23
N LEU C 481 33.21 -9.79 16.01
CA LEU C 481 34.61 -10.14 15.67
C LEU C 481 35.37 -9.10 14.87
N ASP C 482 34.71 -8.08 14.36
CA ASP C 482 35.40 -7.10 13.51
C ASP C 482 34.74 -5.72 13.54
N LEU C 483 35.17 -4.94 14.51
CA LEU C 483 34.80 -3.52 14.59
C LEU C 483 35.42 -2.67 13.47
N THR C 484 36.38 -3.19 12.70
CA THR C 484 37.15 -2.35 11.78
C THR C 484 36.42 -2.05 10.48
N ARG C 485 35.34 -2.77 10.18
CA ARG C 485 34.69 -2.69 8.86
C ARG C 485 33.17 -2.65 8.93
N PRO C 486 32.54 -1.94 7.99
CA PRO C 486 31.10 -1.89 8.01
C PRO C 486 30.52 -3.21 7.55
N TYR C 487 29.42 -3.61 8.14
CA TYR C 487 28.61 -4.68 7.59
C TYR C 487 27.50 -3.99 6.84
N TRP C 488 27.02 -4.63 5.78
CA TRP C 488 25.96 -4.07 4.92
C TRP C 488 25.10 -5.23 4.42
N PRO C 489 23.80 -5.18 4.72
CA PRO C 489 23.03 -6.40 4.72
C PRO C 489 22.65 -6.99 3.37
N SER C 490 22.82 -6.27 2.26
CA SER C 490 22.38 -6.80 0.94
C SER C 490 23.01 -6.11 -0.28
N SER C 491 23.32 -6.88 -1.31
CA SER C 491 24.12 -6.38 -2.45
C SER C 491 23.46 -5.31 -3.27
N PRO C 492 22.14 -5.32 -3.38
CA PRO C 492 21.37 -4.09 -3.47
C PRO C 492 20.61 -3.90 -2.16
N TYR C 493 20.87 -2.78 -1.47
CA TYR C 493 20.10 -2.38 -0.29
C TYR C 493 19.94 -0.86 -0.25
N GLY C 494 19.26 -0.35 -1.27
CA GLY C 494 18.91 1.05 -1.43
C GLY C 494 17.55 1.47 -0.88
N GLY C 495 17.43 1.65 0.43
CA GLY C 495 16.19 2.21 0.97
C GLY C 495 14.90 1.45 0.73
N LYS C 496 13.82 2.19 0.47
CA LYS C 496 12.45 1.64 0.46
C LYS C 496 12.26 0.48 -0.52
N ASP C 497 12.69 0.71 -1.76
CA ASP C 497 12.81 -0.32 -2.78
C ASP C 497 14.32 -0.57 -2.86
N PRO C 498 14.80 -1.75 -2.42
CA PRO C 498 16.24 -1.94 -2.23
C PRO C 498 17.12 -1.60 -3.42
N ASN C 499 16.55 -1.45 -4.61
CA ASN C 499 17.33 -1.05 -5.76
C ASN C 499 17.23 0.45 -6.09
N SER C 500 16.90 1.29 -5.12
CA SER C 500 16.61 2.70 -5.40
C SER C 500 17.87 3.48 -5.71
N GLN C 501 17.69 4.54 -6.50
CA GLN C 501 18.78 5.42 -6.87
C GLN C 501 18.99 6.50 -5.83
N GLU C 502 18.02 6.67 -4.93
CA GLU C 502 18.10 7.69 -3.87
C GLU C 502 19.05 7.27 -2.73
N VAL C 503 18.92 6.02 -2.28
CA VAL C 503 19.64 5.49 -1.12
C VAL C 503 20.46 4.28 -1.53
N GLY C 504 21.53 4.05 -0.78
CA GLY C 504 22.33 2.85 -0.87
C GLY C 504 22.83 2.56 -2.27
N ASP C 505 23.23 1.30 -2.47
CA ASP C 505 23.72 0.89 -3.78
C ASP C 505 22.62 0.35 -4.71
N ARG C 506 23.03 0.06 -5.94
CA ARG C 506 22.11 -0.23 -7.02
C ARG C 506 22.70 -1.22 -8.02
N HIS C 507 21.80 -2.08 -8.52
CA HIS C 507 22.09 -3.00 -9.60
C HIS C 507 21.34 -2.51 -10.79
N ASN C 508 22.05 -2.10 -11.84
CA ASN C 508 21.37 -1.71 -13.08
C ASN C 508 21.34 -2.80 -14.13
N TRP C 509 20.28 -3.59 -14.06
CA TRP C 509 19.96 -4.55 -15.11
C TRP C 509 18.80 -4.11 -15.97
N GLU C 510 18.41 -2.85 -15.84
CA GLU C 510 17.56 -2.21 -16.84
C GLU C 510 18.17 -2.54 -18.18
N VAL C 511 19.45 -2.21 -18.32
CA VAL C 511 20.10 -2.21 -19.60
C VAL C 511 20.20 -3.60 -20.23
N TRP C 512 20.84 -4.58 -19.60
CA TRP C 512 20.99 -5.88 -20.27
C TRP C 512 19.71 -6.72 -20.20
N HIS C 513 19.21 -6.93 -18.98
CA HIS C 513 18.23 -7.98 -18.70
C HIS C 513 16.84 -7.51 -19.07
N GLY C 514 16.45 -6.32 -18.61
CA GLY C 514 15.43 -5.53 -19.31
C GLY C 514 16.18 -5.22 -20.57
N TRP C 515 15.52 -4.81 -21.65
CA TRP C 515 16.28 -4.70 -22.92
C TRP C 515 16.77 -3.29 -23.26
N ILE C 516 16.32 -2.31 -22.47
CA ILE C 516 16.60 -0.86 -22.61
C ILE C 516 17.97 -0.51 -23.19
N ASP C 517 17.96 0.42 -24.17
CA ASP C 517 19.21 0.83 -24.86
C ASP C 517 20.25 1.30 -23.84
N PHE C 518 21.52 0.98 -24.09
CA PHE C 518 22.56 1.18 -23.07
C PHE C 518 22.85 2.66 -22.76
N ASN C 519 22.50 3.56 -23.68
CA ASN C 519 22.40 5.01 -23.42
C ASN C 519 21.57 5.38 -22.19
N GLY C 520 20.65 4.49 -21.81
CA GLY C 520 19.85 4.66 -20.61
C GLY C 520 20.58 4.69 -19.28
N TYR C 521 21.82 4.20 -19.23
CA TYR C 521 22.67 4.36 -18.05
C TYR C 521 22.79 5.85 -17.68
N LEU C 522 22.66 6.75 -18.67
CA LEU C 522 22.73 8.18 -18.40
C LEU C 522 21.63 8.70 -17.50
N LYS C 523 20.48 8.01 -17.48
CA LYS C 523 19.33 8.41 -16.65
C LYS C 523 19.28 7.65 -15.32
N ASP C 524 20.37 6.96 -14.99
CA ASP C 524 20.51 6.27 -13.71
C ASP C 524 21.49 7.07 -12.84
N ASN C 525 20.99 7.58 -11.72
CA ASN C 525 21.79 8.40 -10.82
C ASN C 525 21.93 7.77 -9.43
N GLY C 526 22.13 6.47 -9.41
CA GLY C 526 22.14 5.71 -8.16
C GLY C 526 23.35 6.05 -7.33
N ARG C 527 23.21 5.96 -6.01
CA ARG C 527 24.31 6.41 -5.15
C ARG C 527 25.56 5.51 -5.21
N PHE C 528 25.44 4.28 -5.70
CA PHE C 528 26.60 3.44 -5.95
C PHE C 528 26.17 2.27 -6.78
N ILE C 529 26.65 2.19 -8.03
CA ILE C 529 26.30 1.08 -8.94
C ILE C 529 27.24 -0.13 -8.74
N SER C 530 26.76 -1.10 -7.95
CA SER C 530 27.52 -2.28 -7.57
C SER C 530 27.39 -3.41 -8.58
N GLU C 531 26.50 -3.25 -9.55
CA GLU C 531 26.31 -4.27 -10.58
C GLU C 531 25.68 -3.64 -11.85
N PHE C 532 26.18 -4.08 -13.01
CA PHE C 532 25.69 -3.68 -14.33
C PHE C 532 26.64 -4.32 -15.33
N GLY C 533 26.18 -4.61 -16.53
CA GLY C 533 27.05 -5.24 -17.53
C GLY C 533 26.38 -5.49 -18.86
N MET C 534 27.19 -5.89 -19.84
CA MET C 534 26.70 -6.27 -21.19
C MET C 534 27.51 -7.47 -21.63
N GLN C 535 26.90 -8.35 -22.43
CA GLN C 535 27.54 -9.60 -22.83
C GLN C 535 28.32 -9.34 -24.09
N ALA C 536 29.19 -10.28 -24.39
CA ALA C 536 30.04 -10.22 -25.54
C ALA C 536 30.78 -11.55 -25.64
N PRO C 537 30.81 -12.16 -26.84
CA PRO C 537 31.46 -13.46 -27.02
C PRO C 537 32.97 -13.34 -26.98
N PRO C 538 33.69 -14.39 -26.57
CA PRO C 538 35.12 -14.19 -26.42
C PRO C 538 35.82 -14.03 -27.76
N VAL C 539 37.09 -13.67 -27.65
CA VAL C 539 38.06 -13.74 -28.73
C VAL C 539 37.95 -15.05 -29.56
N ALA C 540 38.21 -14.96 -30.85
CA ALA C 540 38.05 -16.11 -31.75
C ALA C 540 38.85 -17.33 -31.26
N GLU C 541 40.13 -17.09 -30.93
CA GLU C 541 41.03 -18.14 -30.40
C GLU C 541 40.33 -18.98 -29.32
N THR C 542 39.80 -18.28 -28.31
CA THR C 542 39.02 -18.88 -27.22
C THR C 542 37.77 -19.58 -27.75
N ILE C 543 36.97 -18.88 -28.55
CA ILE C 543 35.80 -19.52 -29.19
C ILE C 543 36.20 -20.87 -29.79
N ARG C 544 37.25 -20.86 -30.63
CA ARG C 544 37.70 -22.04 -31.36
C ARG C 544 38.00 -23.21 -30.44
N LYS C 545 38.49 -22.94 -29.23
CA LYS C 545 38.75 -24.00 -28.26
C LYS C 545 37.52 -24.80 -27.76
N PHE C 546 36.31 -24.25 -27.86
CA PHE C 546 35.09 -24.92 -27.36
C PHE C 546 34.05 -25.32 -28.40
N ILE C 547 33.98 -24.61 -29.52
CA ILE C 547 33.19 -25.11 -30.64
C ILE C 547 33.91 -26.36 -31.12
N THR C 548 33.14 -27.31 -31.63
CA THR C 548 33.66 -28.63 -32.03
C THR C 548 33.83 -28.79 -33.54
N SER C 549 33.64 -27.70 -34.29
CA SER C 549 33.51 -27.78 -35.73
C SER C 549 33.62 -26.38 -36.30
N GLU C 550 33.90 -26.27 -37.58
CA GLU C 550 33.88 -24.95 -38.23
C GLU C 550 32.48 -24.61 -38.71
N LYS C 551 31.62 -25.62 -38.78
CA LYS C 551 30.22 -25.42 -39.19
C LYS C 551 29.37 -24.80 -38.08
N GLU C 552 29.86 -24.85 -36.84
CA GLU C 552 29.19 -24.16 -35.73
C GLU C 552 29.73 -22.74 -35.51
N TYR C 553 30.68 -22.30 -36.34
CA TYR C 553 31.33 -20.98 -36.17
C TYR C 553 30.50 -19.91 -36.86
N TYR C 554 29.27 -19.73 -36.36
CA TYR C 554 28.38 -18.67 -36.80
C TYR C 554 27.48 -18.21 -35.61
N PRO C 555 27.19 -16.90 -35.52
CA PRO C 555 26.74 -16.28 -34.27
C PRO C 555 25.64 -16.98 -33.46
N GLN C 556 24.72 -17.64 -34.15
CA GLN C 556 23.59 -18.31 -33.51
C GLN C 556 23.60 -19.83 -33.72
N SER C 557 24.77 -20.43 -33.64
CA SER C 557 24.89 -21.88 -33.83
C SER C 557 24.43 -22.57 -32.58
N ARG C 558 24.15 -23.88 -32.65
CA ARG C 558 23.80 -24.68 -31.45
C ARG C 558 24.86 -24.53 -30.36
N GLU C 559 26.13 -24.65 -30.74
CA GLU C 559 27.22 -24.57 -29.75
C GLU C 559 27.49 -23.15 -29.23
N MET C 560 27.15 -22.13 -30.00
CA MET C 560 27.27 -20.75 -29.53
C MET C 560 26.22 -20.36 -28.52
N GLU C 561 24.99 -20.80 -28.75
CA GLU C 561 23.88 -20.50 -27.84
C GLU C 561 23.97 -21.45 -26.64
N PHE C 562 24.42 -22.68 -26.88
CA PHE C 562 24.65 -23.59 -25.76
C PHE C 562 25.73 -23.08 -24.81
N HIS C 563 26.76 -22.43 -25.35
CA HIS C 563 27.75 -21.73 -24.52
C HIS C 563 27.35 -20.25 -24.24
N ASN C 564 26.06 -20.04 -23.95
CA ASN C 564 25.53 -18.75 -23.50
C ASN C 564 24.39 -19.07 -22.57
N LYS C 565 24.70 -19.20 -21.28
CA LYS C 565 23.73 -19.65 -20.28
C LYS C 565 22.68 -18.58 -19.82
N ALA C 566 22.68 -17.41 -20.45
CA ALA C 566 21.67 -16.39 -20.21
C ALA C 566 20.47 -16.68 -21.07
N ARG C 567 19.28 -16.50 -20.51
CA ARG C 567 18.07 -17.08 -21.12
C ARG C 567 18.01 -16.79 -22.61
N GLU C 568 18.11 -15.53 -23.00
CA GLU C 568 17.99 -15.14 -24.41
C GLU C 568 19.18 -14.25 -24.78
N GLY C 569 20.36 -14.71 -24.36
CA GLY C 569 21.61 -13.97 -24.47
C GLY C 569 22.02 -13.59 -25.87
N THR C 570 22.04 -14.56 -26.81
CA THR C 570 22.48 -14.22 -28.16
C THR C 570 21.52 -13.17 -28.77
N GLU C 571 20.22 -13.47 -28.86
CA GLU C 571 19.29 -12.46 -29.37
C GLU C 571 19.35 -11.10 -28.62
N ARG C 572 19.82 -11.05 -27.36
CA ARG C 572 20.07 -9.74 -26.72
C ARG C 572 21.27 -9.11 -27.37
N ILE C 573 22.34 -9.87 -27.47
CA ILE C 573 23.56 -9.37 -28.07
C ILE C 573 23.23 -8.79 -29.43
N ILE C 574 22.47 -9.57 -30.23
CA ILE C 574 22.07 -9.21 -31.61
C ILE C 574 21.14 -7.99 -31.62
N ARG C 575 20.36 -7.83 -30.55
CA ARG C 575 19.58 -6.62 -30.40
C ARG C 575 20.51 -5.40 -30.25
N TYR C 576 21.54 -5.53 -29.41
CA TYR C 576 22.38 -4.36 -29.03
C TYR C 576 23.26 -3.91 -30.16
N ILE C 577 23.82 -4.91 -30.84
CA ILE C 577 24.56 -4.69 -32.06
C ILE C 577 23.67 -3.90 -33.00
N ALA C 578 22.38 -4.25 -33.05
CA ALA C 578 21.45 -3.64 -34.00
C ALA C 578 20.91 -2.30 -33.54
N GLY C 579 21.34 -1.80 -32.38
CA GLY C 579 21.05 -0.43 -31.93
C GLY C 579 21.94 0.54 -32.70
N HIS C 580 23.24 0.36 -32.53
CA HIS C 580 24.25 1.22 -33.16
C HIS C 580 24.76 0.78 -34.55
N PHE C 581 24.52 -0.46 -34.97
CA PHE C 581 25.17 -1.01 -36.18
C PHE C 581 24.28 -1.73 -37.18
N LYS C 582 24.85 -1.99 -38.34
CA LYS C 582 24.23 -2.85 -39.34
C LYS C 582 24.40 -4.27 -38.88
N ILE C 583 23.33 -5.07 -38.82
CA ILE C 583 23.54 -6.51 -38.55
C ILE C 583 24.43 -7.20 -39.58
N THR C 584 25.08 -8.26 -39.12
CA THR C 584 25.97 -9.08 -39.95
C THR C 584 25.66 -10.57 -39.78
N GLU C 585 25.72 -11.33 -40.89
CA GLU C 585 25.67 -12.79 -40.78
C GLU C 585 27.05 -13.41 -40.61
N ASP C 586 28.10 -12.60 -40.78
CA ASP C 586 29.48 -13.06 -40.64
C ASP C 586 29.90 -13.22 -39.19
N MET C 587 30.39 -14.42 -38.86
CA MET C 587 30.87 -14.69 -37.49
C MET C 587 31.94 -13.73 -36.99
N ASN C 588 32.92 -13.45 -37.84
CA ASN C 588 34.05 -12.61 -37.41
C ASN C 588 33.65 -11.16 -37.26
N GLU C 589 32.70 -10.70 -38.07
CA GLU C 589 32.25 -9.32 -37.96
C GLU C 589 31.56 -9.21 -36.61
N TYR C 590 30.47 -9.97 -36.48
CA TYR C 590 29.69 -10.09 -35.24
C TYR C 590 30.57 -10.00 -33.98
N ILE C 591 31.64 -10.77 -33.90
CA ILE C 591 32.53 -10.72 -32.75
C ILE C 591 33.11 -9.32 -32.49
N TYR C 592 33.66 -8.69 -33.53
CA TYR C 592 34.28 -7.34 -33.40
C TYR C 592 33.21 -6.33 -32.99
N LEU C 593 32.12 -6.28 -33.76
CA LEU C 593 30.97 -5.41 -33.51
C LEU C 593 30.33 -5.59 -32.12
N SER C 594 30.14 -6.83 -31.68
CA SER C 594 29.42 -7.10 -30.42
C SER C 594 30.30 -6.77 -29.25
N GLN C 595 31.60 -7.00 -29.44
CA GLN C 595 32.58 -6.75 -28.39
C GLN C 595 32.84 -5.28 -28.21
N ILE C 596 32.66 -4.48 -29.27
CA ILE C 596 32.84 -3.04 -29.09
C ILE C 596 31.57 -2.50 -28.44
N ILE C 597 30.39 -2.95 -28.88
CA ILE C 597 29.14 -2.61 -28.18
C ILE C 597 29.37 -2.78 -26.67
N GLN C 598 29.92 -3.91 -26.25
CA GLN C 598 30.22 -4.15 -24.82
C GLN C 598 31.03 -3.01 -24.24
N GLY C 599 32.09 -2.64 -24.93
CA GLY C 599 32.88 -1.48 -24.55
C GLY C 599 32.04 -0.21 -24.40
N LEU C 600 31.19 0.08 -25.38
CA LEU C 600 30.40 1.30 -25.39
C LEU C 600 29.34 1.31 -24.27
N ALA C 601 28.71 0.17 -24.01
CA ALA C 601 27.75 0.05 -22.89
C ALA C 601 28.47 0.36 -21.59
N LEU C 602 29.55 -0.38 -21.34
CA LEU C 602 30.38 -0.16 -20.14
C LEU C 602 30.93 1.26 -20.08
N LYS C 603 31.57 1.71 -21.17
CA LYS C 603 32.11 3.08 -21.24
C LYS C 603 31.06 4.12 -20.86
N THR C 604 29.93 4.08 -21.54
CA THR C 604 28.95 5.17 -21.43
C THR C 604 28.28 5.20 -20.10
N GLY C 605 28.23 4.04 -19.43
CA GLY C 605 27.80 3.94 -18.04
C GLY C 605 28.92 4.45 -17.16
N ILE C 606 30.08 3.79 -17.20
CA ILE C 606 31.18 4.12 -16.28
C ILE C 606 31.45 5.62 -16.31
N GLU C 607 31.52 6.20 -17.52
CA GLU C 607 31.78 7.64 -17.65
C GLU C 607 30.73 8.47 -16.92
N HIS C 608 29.45 8.15 -17.16
CA HIS C 608 28.37 8.88 -16.51
C HIS C 608 28.40 8.78 -14.96
N TRP C 609 28.61 7.59 -14.40
CA TRP C 609 28.57 7.45 -12.95
C TRP C 609 29.68 8.31 -12.35
N ARG C 610 30.88 8.28 -12.96
CA ARG C 610 32.03 9.11 -12.56
C ARG C 610 31.75 10.61 -12.65
N ASN C 611 30.94 11.01 -13.64
CA ASN C 611 30.62 12.41 -13.84
C ASN C 611 29.83 12.96 -12.67
N ASN C 612 29.06 12.10 -12.01
CA ASN C 612 28.41 12.45 -10.76
C ASN C 612 29.37 12.56 -9.61
N LYS C 613 30.46 11.85 -9.72
CA LYS C 613 31.39 11.74 -8.64
C LYS C 613 30.68 11.32 -7.35
N PHE C 614 30.64 12.13 -6.29
CA PHE C 614 30.23 11.52 -5.01
C PHE C 614 28.74 11.44 -4.73
N HIS C 615 27.97 11.94 -5.67
CA HIS C 615 26.58 11.71 -5.67
C HIS C 615 26.36 10.20 -6.01
N THR C 616 27.15 9.69 -6.98
CA THR C 616 27.26 8.26 -7.33
C THR C 616 28.74 7.87 -7.14
N SER C 617 29.07 7.19 -6.07
CA SER C 617 30.48 7.08 -5.66
C SER C 617 31.03 5.68 -5.89
N GLY C 618 30.73 5.11 -7.05
CA GLY C 618 31.05 3.73 -7.32
C GLY C 618 30.43 3.15 -8.58
N SER C 619 31.24 2.43 -9.34
CA SER C 619 30.75 1.63 -10.46
C SER C 619 31.44 0.28 -10.44
N LEU C 620 30.68 -0.79 -10.25
CA LEU C 620 31.23 -2.14 -10.30
C LEU C 620 30.64 -2.92 -11.45
N ILE C 621 31.47 -3.11 -12.47
CA ILE C 621 31.16 -3.90 -13.68
C ILE C 621 30.64 -5.27 -13.29
N TRP C 622 29.65 -5.81 -13.99
CA TRP C 622 29.16 -7.12 -13.55
C TRP C 622 30.13 -8.25 -13.82
N GLN C 623 31.25 -8.00 -14.46
CA GLN C 623 31.86 -9.13 -15.03
C GLN C 623 33.29 -9.12 -15.24
N TRP C 624 34.11 -9.43 -14.23
CA TRP C 624 35.54 -9.42 -14.48
C TRP C 624 36.01 -10.66 -15.19
N ASN C 625 35.68 -11.83 -14.67
CA ASN C 625 36.19 -13.09 -15.25
C ASN C 625 35.12 -14.14 -15.56
N ASP C 626 35.54 -15.22 -16.22
CA ASP C 626 34.71 -16.38 -16.46
C ASP C 626 35.24 -17.62 -15.72
N CYS C 627 34.33 -18.55 -15.42
CA CYS C 627 34.71 -19.86 -14.87
C CYS C 627 34.77 -20.98 -15.93
N TRP C 628 34.54 -20.64 -17.21
CA TRP C 628 34.72 -21.57 -18.38
C TRP C 628 34.49 -20.83 -19.70
N PRO C 629 34.78 -21.50 -20.83
CA PRO C 629 34.74 -20.78 -22.08
C PRO C 629 33.32 -20.46 -22.48
N VAL C 630 32.90 -19.22 -22.27
CA VAL C 630 31.51 -18.91 -22.46
C VAL C 630 31.30 -17.48 -22.93
N VAL C 631 30.17 -17.31 -23.64
CA VAL C 631 29.67 -16.04 -24.12
C VAL C 631 28.89 -15.45 -22.96
N SER C 632 29.40 -14.33 -22.45
CA SER C 632 28.96 -13.79 -21.17
C SER C 632 29.52 -12.38 -20.96
N TRP C 633 29.18 -11.82 -19.82
CA TRP C 633 29.49 -10.43 -19.48
C TRP C 633 30.99 -10.19 -19.30
N SER C 634 31.76 -11.24 -18.99
CA SER C 634 33.18 -11.15 -18.61
C SER C 634 33.96 -10.16 -19.45
N ILE C 635 34.85 -9.39 -18.82
CA ILE C 635 35.83 -8.60 -19.60
C ILE C 635 37.20 -9.30 -19.81
N ILE C 636 37.40 -10.47 -19.20
CA ILE C 636 38.54 -11.37 -19.51
C ILE C 636 38.04 -12.85 -19.55
N ASP C 637 38.24 -13.57 -20.67
CA ASP C 637 37.64 -14.91 -20.82
C ASP C 637 38.29 -16.00 -19.99
N TYR C 638 37.70 -17.20 -19.98
CA TYR C 638 38.17 -18.31 -19.11
C TYR C 638 39.64 -18.61 -19.27
N TYR C 639 40.08 -18.63 -20.54
CA TYR C 639 41.50 -18.78 -20.90
C TYR C 639 42.32 -17.47 -20.82
N LYS C 640 41.80 -16.47 -20.11
CA LYS C 640 42.56 -15.28 -19.69
C LYS C 640 42.95 -14.36 -20.84
N LYS C 641 42.18 -14.44 -21.91
CA LYS C 641 42.38 -13.64 -23.10
C LYS C 641 41.43 -12.46 -23.01
N LEU C 642 42.02 -11.28 -22.84
CA LEU C 642 41.30 -10.00 -22.84
C LEU C 642 40.24 -9.82 -23.95
N LYS C 643 38.99 -9.58 -23.57
CA LYS C 643 38.00 -9.09 -24.52
C LYS C 643 38.49 -7.71 -24.94
N PRO C 644 38.00 -7.18 -26.07
CA PRO C 644 38.35 -5.81 -26.40
C PRO C 644 37.82 -4.79 -25.38
N SER C 645 36.65 -5.06 -24.82
CA SER C 645 36.08 -4.20 -23.77
C SER C 645 37.04 -3.89 -22.63
N TYR C 646 38.01 -4.76 -22.36
CA TYR C 646 39.04 -4.48 -21.34
C TYR C 646 39.72 -3.15 -21.61
N TYR C 647 40.05 -2.88 -22.89
CA TYR C 647 40.73 -1.63 -23.23
C TYR C 647 39.78 -0.44 -23.09
N PHE C 648 38.50 -0.64 -23.36
CA PHE C 648 37.48 0.40 -23.07
C PHE C 648 37.37 0.72 -21.58
N VAL C 649 37.43 -0.32 -20.77
CA VAL C 649 37.31 -0.20 -19.33
C VAL C 649 38.53 0.51 -18.76
N LYS C 650 39.73 0.18 -19.27
CA LYS C 650 40.95 0.91 -18.90
C LYS C 650 40.80 2.39 -19.22
N ARG C 651 40.32 2.65 -20.43
CA ARG C 651 40.00 4.01 -20.88
C ARG C 651 38.96 4.69 -20.01
N ALA C 652 37.90 3.97 -19.69
CA ALA C 652 36.83 4.52 -18.84
C ALA C 652 37.30 4.77 -17.41
N PHE C 653 38.37 4.10 -16.99
CA PHE C 653 38.91 4.28 -15.63
C PHE C 653 40.08 5.23 -15.52
N ARG C 654 40.66 5.66 -16.65
CA ARG C 654 41.78 6.64 -16.65
C ARG C 654 41.64 7.61 -15.44
N ASP C 655 42.62 7.56 -14.53
CA ASP C 655 42.58 8.30 -13.26
C ASP C 655 42.14 9.73 -13.46
N ILE C 656 42.63 10.35 -14.52
CA ILE C 656 42.19 11.68 -14.90
C ILE C 656 41.59 11.63 -16.31
N LYS C 657 40.39 12.20 -16.45
CA LYS C 657 39.53 11.93 -17.60
C LYS C 657 38.54 13.04 -18.00
N VAL C 658 38.29 13.15 -19.31
CA VAL C 658 37.23 14.02 -19.85
C VAL C 658 36.14 13.23 -20.56
N ASN C 659 34.90 13.52 -20.16
CA ASN C 659 33.74 12.84 -20.72
C ASN C 659 32.80 13.87 -21.32
N ILE C 660 31.95 13.39 -22.22
CA ILE C 660 30.93 14.18 -22.87
C ILE C 660 29.62 13.60 -22.36
N GLU C 661 28.55 14.39 -22.41
CA GLU C 661 27.26 13.96 -21.86
C GLU C 661 26.17 14.89 -22.38
N PRO C 662 25.19 14.37 -23.14
CA PRO C 662 24.18 15.27 -23.67
C PRO C 662 23.28 15.85 -22.60
N ARG C 663 22.64 16.95 -22.97
CA ARG C 663 21.62 17.64 -22.19
C ARG C 663 20.72 18.35 -23.19
N ASN C 664 19.67 17.65 -23.62
CA ASN C 664 18.57 18.24 -24.35
C ASN C 664 19.06 19.30 -25.40
N GLY C 665 19.76 18.81 -26.43
CA GLY C 665 20.28 19.65 -27.53
C GLY C 665 21.62 20.36 -27.33
N LYS C 666 22.18 20.29 -26.12
CA LYS C 666 23.46 20.92 -25.78
C LYS C 666 24.37 19.85 -25.22
N LEU C 667 25.61 19.78 -25.71
CA LEU C 667 26.60 18.86 -25.14
C LEU C 667 27.36 19.52 -23.99
N LEU C 668 27.88 18.67 -23.11
CA LEU C 668 28.27 19.10 -21.78
C LEU C 668 29.46 18.28 -21.32
N VAL C 669 30.68 18.75 -21.60
CA VAL C 669 31.90 17.99 -21.23
C VAL C 669 32.17 18.02 -19.73
N PHE C 670 32.91 17.02 -19.25
CA PHE C 670 33.20 16.84 -17.81
C PHE C 670 34.68 16.55 -17.56
N GLY C 671 35.09 16.72 -16.30
CA GLY C 671 36.48 16.53 -15.90
C GLY C 671 36.54 15.81 -14.58
N VAL C 672 37.34 14.76 -14.50
CA VAL C 672 37.29 13.87 -13.35
C VAL C 672 38.69 13.51 -12.85
N ASN C 673 38.97 13.82 -11.58
CA ASN C 673 40.21 13.43 -10.89
C ASN C 673 39.98 12.29 -9.90
N ASP C 674 40.66 11.16 -10.09
CA ASP C 674 40.67 10.07 -9.11
C ASP C 674 42.04 10.05 -8.46
N THR C 675 42.45 11.26 -8.07
CA THR C 675 43.82 11.55 -7.68
C THR C 675 43.79 12.57 -6.56
N LEU C 676 44.81 12.54 -5.70
CA LEU C 676 44.86 13.40 -4.52
C LEU C 676 45.46 14.79 -4.75
N GLU C 677 45.58 15.21 -6.01
CA GLU C 677 46.23 16.47 -6.36
C GLU C 677 45.59 17.09 -7.59
N LYS C 678 45.40 18.42 -7.50
CA LYS C 678 44.64 19.18 -8.50
C LYS C 678 45.40 19.10 -9.79
N PHE C 679 44.68 19.18 -10.88
CA PHE C 679 45.27 19.01 -12.19
C PHE C 679 45.01 20.26 -12.99
N TYR C 680 46.09 20.75 -13.62
CA TYR C 680 46.04 21.81 -14.60
C TYR C 680 46.38 21.16 -15.93
N GLY C 681 45.68 21.58 -16.98
CA GLY C 681 45.91 21.05 -18.32
C GLY C 681 44.96 21.61 -19.37
N LYS C 682 45.37 21.55 -20.64
CA LYS C 682 44.61 22.13 -21.75
C LYS C 682 43.61 21.14 -22.31
N ILE C 683 42.38 21.59 -22.58
CA ILE C 683 41.41 20.81 -23.37
C ILE C 683 41.19 21.42 -24.75
N GLU C 684 40.85 20.58 -25.72
CA GLU C 684 40.37 21.04 -27.00
C GLU C 684 38.96 20.53 -27.15
N TYR C 685 38.04 21.40 -27.51
CA TYR C 685 36.75 20.99 -28.05
C TYR C 685 36.98 20.82 -29.54
N ALA C 686 35.92 20.42 -30.25
CA ALA C 686 35.82 20.53 -31.72
C ALA C 686 34.43 20.05 -32.16
N ILE C 687 34.17 20.10 -33.46
CA ILE C 687 33.01 19.40 -34.03
C ILE C 687 33.26 19.17 -35.51
N SER C 688 34.27 18.33 -35.75
CA SER C 688 34.80 18.10 -37.10
C SER C 688 33.90 17.19 -37.95
N THR C 689 34.10 17.22 -39.26
CA THR C 689 33.57 16.17 -40.13
C THR C 689 34.55 15.02 -40.06
N PHE C 690 34.17 13.89 -40.65
CA PHE C 690 35.02 12.72 -40.64
C PHE C 690 36.29 12.93 -41.44
N ARG C 691 36.25 13.86 -42.40
CA ARG C 691 37.42 14.41 -43.08
C ARG C 691 37.74 15.82 -42.54
N GLY C 692 38.61 15.99 -41.53
CA GLY C 692 39.16 17.37 -41.32
C GLY C 692 38.05 18.23 -40.78
N LYS C 693 38.10 19.50 -41.14
CA LYS C 693 37.01 20.46 -40.99
C LYS C 693 36.54 20.81 -39.55
N ARG C 694 37.46 20.87 -38.60
CA ARG C 694 37.08 21.31 -37.24
C ARG C 694 36.21 22.62 -37.22
N ARG C 695 35.02 22.58 -36.61
CA ARG C 695 34.11 23.73 -36.39
C ARG C 695 34.02 24.21 -34.88
N GLY C 696 35.14 24.20 -34.15
CA GLY C 696 35.12 24.64 -32.72
C GLY C 696 36.40 25.03 -32.00
N LYS C 697 36.23 25.51 -30.76
CA LYS C 697 37.27 26.23 -30.04
C LYS C 697 38.23 25.39 -29.20
N LYS C 698 39.45 25.30 -29.70
CA LYS C 698 40.63 24.96 -28.88
C LYS C 698 40.62 25.89 -27.68
N GLU C 699 40.82 25.34 -26.48
CA GLU C 699 40.75 26.11 -25.23
C GLU C 699 42.11 26.26 -24.60
N VAL C 700 42.24 27.27 -23.74
CA VAL C 700 43.50 27.57 -23.01
C VAL C 700 43.53 26.56 -21.80
N ASP C 701 44.35 26.80 -20.77
CA ASP C 701 44.38 26.00 -19.52
C ASP C 701 42.99 25.79 -18.92
N ILE C 702 42.70 24.57 -18.45
CA ILE C 702 41.62 24.35 -17.47
C ILE C 702 42.14 23.56 -16.26
N GLU C 703 41.53 23.81 -15.10
CA GLU C 703 41.83 23.13 -13.84
C GLU C 703 40.75 22.08 -13.58
N ILE C 704 41.16 20.88 -13.14
CA ILE C 704 40.25 19.90 -12.53
C ILE C 704 40.74 19.74 -11.08
N PRO C 705 39.93 20.14 -10.08
CA PRO C 705 40.36 20.03 -8.68
C PRO C 705 40.61 18.59 -8.21
N ALA C 706 41.35 18.44 -7.11
CA ALA C 706 41.75 17.12 -6.63
C ALA C 706 40.53 16.31 -6.18
N ASN C 707 40.53 15.02 -6.50
CA ASN C 707 39.48 14.08 -6.16
C ASN C 707 38.06 14.61 -6.30
N SER C 708 37.66 14.88 -7.54
CA SER C 708 36.35 15.48 -7.82
C SER C 708 36.00 15.48 -9.29
N SER C 709 34.71 15.51 -9.58
CA SER C 709 34.21 15.77 -10.93
C SER C 709 33.84 17.23 -11.03
N VAL C 710 34.19 17.84 -12.15
CA VAL C 710 33.87 19.22 -12.41
C VAL C 710 33.37 19.33 -13.84
N ILE C 711 32.34 20.16 -14.01
CA ILE C 711 31.82 20.51 -15.33
C ILE C 711 32.81 21.49 -15.97
N LEU C 712 33.34 21.13 -17.12
CA LEU C 712 34.44 21.89 -17.77
C LEU C 712 33.95 22.79 -18.88
N GLY C 713 32.94 22.34 -19.61
CA GLY C 713 32.47 23.07 -20.77
C GLY C 713 31.05 22.70 -21.15
N GLU C 714 30.40 23.65 -21.81
CA GLU C 714 29.14 23.45 -22.50
C GLU C 714 29.44 23.63 -24.00
N PHE C 715 28.56 23.19 -24.89
CA PHE C 715 28.75 23.46 -26.31
C PHE C 715 27.44 23.24 -27.07
N ASN C 716 26.72 24.34 -27.35
CA ASN C 716 25.40 24.24 -28.02
C ASN C 716 25.47 23.73 -29.47
N LEU C 717 24.50 22.90 -29.84
CA LEU C 717 24.44 22.27 -31.16
C LEU C 717 23.05 22.30 -31.81
N GLU C 718 22.47 23.48 -31.97
CA GLU C 718 21.12 23.57 -32.57
C GLU C 718 21.11 23.56 -34.12
N ASP C 719 22.27 23.42 -34.77
CA ASP C 719 22.30 23.06 -36.19
C ASP C 719 23.54 22.20 -36.54
N VAL C 720 23.45 20.92 -36.17
CA VAL C 720 24.54 19.96 -36.38
C VAL C 720 24.17 18.91 -37.43
N ASP C 721 25.10 18.60 -38.32
CA ASP C 721 24.86 17.56 -39.34
C ASP C 721 25.19 16.21 -38.71
N LYS C 722 24.14 15.56 -38.19
CA LYS C 722 24.27 14.34 -37.38
C LYS C 722 24.99 13.18 -38.08
N PHE C 723 24.87 13.14 -39.42
CA PHE C 723 25.41 12.05 -40.24
C PHE C 723 26.74 12.35 -40.94
N LYS C 724 27.19 13.61 -40.91
CA LYS C 724 28.51 13.98 -41.43
C LYS C 724 29.51 14.45 -40.37
N GLU C 725 29.01 14.81 -39.17
CA GLU C 725 29.84 15.43 -38.12
C GLU C 725 29.83 14.66 -36.79
N PHE C 726 30.86 14.93 -35.99
CA PHE C 726 30.98 14.36 -34.67
C PHE C 726 31.76 15.29 -33.74
N PHE C 727 31.20 15.58 -32.57
CA PHE C 727 31.87 16.39 -31.54
C PHE C 727 33.00 15.60 -30.88
N TYR C 728 34.10 16.25 -30.55
CA TYR C 728 35.18 15.57 -29.82
C TYR C 728 35.87 16.43 -28.79
N VAL C 729 36.64 15.77 -27.93
CA VAL C 729 37.43 16.42 -26.90
C VAL C 729 38.75 15.73 -26.70
N GLN C 730 39.80 16.51 -26.51
CA GLN C 730 41.10 15.96 -26.18
C GLN C 730 41.65 16.66 -24.97
N LEU C 731 42.31 15.91 -24.09
CA LEU C 731 42.84 16.42 -22.82
C LEU C 731 44.34 16.31 -22.87
N TYR C 732 44.99 17.42 -22.58
CA TYR C 732 46.44 17.49 -22.52
C TYR C 732 46.85 17.87 -21.13
N ASN C 733 47.84 17.17 -20.62
CA ASN C 733 48.44 17.55 -19.34
C ASN C 733 49.36 18.74 -19.56
N GLU C 734 49.89 19.31 -18.47
CA GLU C 734 50.81 20.48 -18.54
C GLU C 734 51.97 20.22 -19.56
N LYS C 735 52.40 18.92 -19.76
CA LYS C 735 53.44 18.43 -20.76
C LYS C 735 53.01 18.38 -22.30
N ASP C 736 51.77 18.80 -22.60
CA ASP C 736 51.14 18.73 -23.94
C ASP C 736 51.13 17.30 -24.47
N GLU C 737 51.20 16.34 -23.55
CA GLU C 737 50.93 14.95 -23.84
C GLU C 737 49.43 14.74 -23.88
N LEU C 738 48.99 13.86 -24.77
CA LEU C 738 47.63 13.39 -24.78
C LEU C 738 47.49 12.34 -23.69
N ILE C 739 46.58 12.60 -22.76
CA ILE C 739 46.33 11.80 -21.56
C ILE C 739 44.90 11.22 -21.55
N ASP C 740 43.95 11.95 -22.11
CA ASP C 740 42.66 11.35 -22.53
C ASP C 740 42.01 12.11 -23.67
N GLN C 741 41.17 11.42 -24.44
CA GLN C 741 40.30 12.02 -25.45
C GLN C 741 38.92 11.42 -25.37
N ASN C 742 37.97 12.02 -26.07
CA ASN C 742 36.62 11.48 -26.12
C ASN C 742 35.81 12.07 -27.25
N GLU C 743 34.77 11.35 -27.66
CA GLU C 743 34.03 11.69 -28.84
C GLU C 743 32.57 11.43 -28.64
N TYR C 744 31.75 12.11 -29.43
CA TYR C 744 30.31 11.95 -29.43
C TYR C 744 29.80 11.84 -30.85
N PHE C 745 28.73 11.11 -31.03
CA PHE C 745 28.12 10.95 -32.35
C PHE C 745 26.66 11.18 -32.16
N PHE C 746 25.97 11.67 -33.18
CA PHE C 746 24.57 12.11 -33.03
C PHE C 746 23.56 11.20 -33.74
N ALA C 747 24.04 10.05 -34.20
CA ALA C 747 23.22 9.08 -34.93
C ALA C 747 23.94 7.74 -34.88
N PRO C 748 23.22 6.61 -35.03
CA PRO C 748 23.88 5.31 -34.94
C PRO C 748 24.89 5.06 -36.07
N PHE C 749 26.06 4.53 -35.71
CA PHE C 749 27.21 4.38 -36.65
C PHE C 749 26.78 3.98 -38.04
N ARG C 750 25.96 2.94 -38.14
CA ARG C 750 25.46 2.45 -39.43
C ARG C 750 24.89 3.51 -40.37
N HIS C 751 24.33 4.61 -39.86
CA HIS C 751 23.85 5.70 -40.74
C HIS C 751 24.86 6.88 -40.94
N LEU C 752 26.06 6.80 -40.39
CA LEU C 752 27.03 7.89 -40.54
C LEU C 752 27.74 7.81 -41.90
N GLU C 753 27.52 8.81 -42.76
CA GLU C 753 28.26 8.90 -44.02
C GLU C 753 29.76 9.05 -43.71
N LEU C 754 30.36 7.92 -43.36
CA LEU C 754 31.69 7.85 -42.78
C LEU C 754 32.63 7.21 -43.80
N PRO C 755 33.56 8.00 -44.37
CA PRO C 755 34.44 7.40 -45.38
C PRO C 755 35.37 6.37 -44.77
N ASN C 756 35.63 5.31 -45.52
CA ASN C 756 36.69 4.37 -45.16
C ASN C 756 38.02 5.09 -45.07
N ALA C 757 38.70 4.97 -43.94
CA ALA C 757 39.96 5.65 -43.70
C ALA C 757 41.15 4.83 -44.21
N VAL C 758 42.33 5.45 -44.16
CA VAL C 758 43.60 4.79 -44.49
C VAL C 758 44.59 5.23 -43.40
N VAL C 759 45.22 4.26 -42.73
CA VAL C 759 45.98 4.52 -41.49
C VAL C 759 47.44 4.25 -41.82
N VAL C 760 48.33 4.98 -41.15
CA VAL C 760 49.76 4.98 -41.50
C VAL C 760 50.61 4.87 -40.24
N TYR C 761 51.00 3.63 -39.99
CA TYR C 761 51.60 3.26 -38.72
C TYR C 761 53.07 2.85 -38.91
N SER C 762 53.86 3.05 -37.85
CA SER C 762 55.26 2.61 -37.81
C SER C 762 55.69 2.36 -36.39
N VAL C 763 56.71 1.52 -36.24
CA VAL C 763 57.02 0.84 -34.98
C VAL C 763 58.45 1.10 -34.51
N LYS C 764 58.58 1.92 -33.46
CA LYS C 764 59.88 2.11 -32.80
C LYS C 764 60.15 0.99 -31.78
N GLU C 765 61.36 0.97 -31.24
CA GLU C 765 61.79 0.02 -30.20
C GLU C 765 62.41 0.76 -29.02
N ILE C 766 61.98 0.42 -27.82
CA ILE C 766 62.51 0.98 -26.58
C ILE C 766 63.47 -0.05 -25.93
N GLU C 767 63.65 0.04 -24.63
CA GLU C 767 64.54 -0.89 -23.90
C GLU C 767 64.19 -2.34 -23.98
N GLU C 768 65.09 -3.11 -24.60
CA GLU C 768 64.86 -4.51 -24.95
C GLU C 768 63.43 -4.71 -25.49
N ASN C 769 62.63 -5.66 -24.95
CA ASN C 769 61.34 -6.17 -25.58
C ASN C 769 60.18 -5.13 -25.68
N SER C 770 60.36 -3.94 -25.10
CA SER C 770 59.36 -2.88 -25.22
C SER C 770 59.35 -2.26 -26.61
N TYR C 771 58.16 -1.85 -27.06
CA TYR C 771 58.00 -1.18 -28.35
C TYR C 771 57.11 0.02 -28.20
N LEU C 772 57.03 0.80 -29.27
CA LEU C 772 56.27 2.05 -29.29
C LEU C 772 55.62 2.15 -30.68
N LEU C 773 54.31 2.27 -30.71
CA LEU C 773 53.57 2.21 -31.96
C LEU C 773 53.06 3.59 -32.33
N ASN C 774 53.40 4.04 -33.54
CA ASN C 774 53.00 5.36 -34.03
C ASN C 774 51.91 5.23 -35.08
N ILE C 775 50.82 6.01 -34.93
CA ILE C 775 49.68 5.97 -35.86
C ILE C 775 49.27 7.38 -36.28
N GLU C 776 48.93 7.53 -37.56
CA GLU C 776 48.16 8.67 -38.04
C GLU C 776 47.13 8.17 -39.05
N SER C 777 46.03 8.92 -39.20
CA SER C 777 44.98 8.56 -40.15
C SER C 777 44.44 9.77 -40.86
N ASP C 778 44.04 9.57 -42.11
CA ASP C 778 43.46 10.65 -42.92
C ASP C 778 42.09 11.06 -42.37
N PHE C 779 41.09 10.20 -42.57
CA PHE C 779 39.74 10.46 -42.10
C PHE C 779 39.64 9.79 -40.71
N LEU C 780 38.50 9.99 -40.04
CA LEU C 780 38.24 9.30 -38.77
C LEU C 780 38.19 7.78 -38.96
N ALA C 781 39.23 7.11 -38.45
CA ALA C 781 39.23 5.66 -38.31
C ALA C 781 38.75 5.31 -36.91
N LEU C 782 37.94 4.24 -36.81
CA LEU C 782 37.31 3.85 -35.55
C LEU C 782 37.61 2.43 -35.12
N TRP C 783 38.02 2.32 -33.85
CA TRP C 783 38.23 1.05 -33.18
C TRP C 783 39.24 0.21 -33.96
N VAL C 784 40.41 0.80 -34.23
CA VAL C 784 41.47 0.03 -34.91
C VAL C 784 41.94 -1.02 -33.89
N SER C 785 42.32 -2.17 -34.41
CA SER C 785 42.43 -3.39 -33.65
C SER C 785 43.83 -3.94 -33.83
N LEU C 786 44.71 -3.58 -32.90
CA LEU C 786 46.11 -3.97 -32.99
C LEU C 786 46.32 -5.46 -32.61
N LYS C 787 46.45 -6.33 -33.62
CA LYS C 787 46.65 -7.80 -33.43
C LYS C 787 48.12 -8.24 -33.43
N LEU C 788 48.58 -8.87 -32.34
CA LEU C 788 49.96 -9.41 -32.26
C LEU C 788 50.05 -10.50 -31.17
N GLU C 789 50.48 -11.69 -31.58
CA GLU C 789 50.22 -12.94 -30.85
C GLU C 789 50.46 -12.95 -29.32
N ASN C 790 51.39 -12.18 -28.79
CA ASN C 790 51.59 -12.18 -27.33
C ASN C 790 51.84 -10.82 -26.71
N ALA C 791 51.26 -9.79 -27.30
CA ALA C 791 51.55 -8.43 -26.89
C ALA C 791 50.83 -8.03 -25.60
N GLU C 792 51.39 -7.04 -24.91
CA GLU C 792 50.79 -6.48 -23.71
C GLU C 792 50.57 -4.99 -24.00
N TRP C 793 49.52 -4.74 -24.77
CA TRP C 793 49.15 -3.39 -25.20
C TRP C 793 48.81 -2.47 -24.03
N GLU C 794 49.34 -1.24 -24.07
CA GLU C 794 49.02 -0.23 -23.06
C GLU C 794 47.70 0.43 -23.45
N ASP C 795 47.32 0.35 -24.73
CA ASP C 795 45.98 0.74 -25.18
C ASP C 795 45.65 0.09 -26.52
N ASN C 796 44.35 -0.05 -26.84
CA ASN C 796 43.91 -0.74 -28.07
C ASN C 796 42.45 -0.49 -28.44
N PHE C 797 41.99 -1.00 -29.60
CA PHE C 797 40.61 -0.79 -30.05
C PHE C 797 40.35 0.67 -29.97
N VAL C 798 41.18 1.43 -30.69
CA VAL C 798 41.26 2.88 -30.51
C VAL C 798 40.60 3.66 -31.64
N ASN C 799 40.05 4.82 -31.29
CA ASN C 799 39.67 5.83 -32.28
C ASN C 799 40.87 6.72 -32.60
N ILE C 800 41.05 7.01 -33.90
CA ILE C 800 42.12 7.88 -34.40
C ILE C 800 41.48 9.04 -35.13
N TYR C 801 41.71 10.26 -34.65
CA TYR C 801 41.17 11.44 -35.30
C TYR C 801 42.07 11.92 -36.45
N PRO C 802 41.47 12.59 -37.48
CA PRO C 802 42.21 13.34 -38.48
C PRO C 802 43.10 14.36 -37.77
N LYS C 803 44.26 14.70 -38.33
CA LYS C 803 45.17 15.75 -37.79
C LYS C 803 45.78 15.50 -36.38
N THR C 804 45.63 14.28 -35.84
CA THR C 804 46.41 13.83 -34.69
C THR C 804 47.26 12.60 -35.01
N LYS C 805 48.49 12.61 -34.49
CA LYS C 805 49.40 11.47 -34.50
C LYS C 805 49.43 10.86 -33.11
N TYR C 806 49.30 9.53 -33.04
CA TYR C 806 49.22 8.82 -31.77
C TYR C 806 50.47 7.97 -31.54
N SER C 807 51.03 8.08 -30.34
CA SER C 807 52.13 7.22 -29.90
C SER C 807 51.61 6.38 -28.74
N ILE C 808 51.05 5.21 -29.04
CA ILE C 808 50.50 4.33 -27.99
C ILE C 808 51.39 3.09 -27.81
N ARG C 809 52.02 2.99 -26.65
CA ARG C 809 53.12 2.05 -26.40
C ARG C 809 52.61 0.63 -26.15
N PHE C 810 53.46 -0.36 -26.40
CA PHE C 810 53.14 -1.74 -26.06
C PHE C 810 54.38 -2.52 -25.66
N LYS C 811 54.24 -3.83 -25.54
CA LYS C 811 55.40 -4.73 -25.55
C LYS C 811 55.01 -6.13 -26.04
N ALA C 812 56.03 -6.91 -26.39
CA ALA C 812 55.88 -8.27 -26.95
C ALA C 812 57.19 -9.05 -26.83
N PRO C 813 57.17 -10.39 -26.84
CA PRO C 813 58.42 -11.18 -26.80
C PRO C 813 59.24 -11.32 -28.08
N TYR C 814 58.81 -10.71 -29.19
CA TYR C 814 59.50 -10.96 -30.46
C TYR C 814 60.63 -10.03 -30.83
N THR C 815 61.43 -10.53 -31.77
CA THR C 815 62.44 -9.75 -32.48
C THR C 815 61.74 -8.64 -33.27
N LEU C 816 62.32 -7.43 -33.33
CA LEU C 816 61.63 -6.28 -33.96
C LEU C 816 61.26 -6.55 -35.40
N LYS C 817 62.17 -7.15 -36.16
CA LYS C 817 61.87 -7.53 -37.55
C LYS C 817 60.68 -8.50 -37.68
N GLU C 818 60.50 -9.40 -36.71
CA GLU C 818 59.32 -10.31 -36.70
C GLU C 818 58.09 -9.60 -36.16
N VAL C 819 58.28 -8.60 -35.31
CA VAL C 819 57.15 -7.82 -34.83
C VAL C 819 56.58 -7.06 -36.01
N GLU C 820 57.44 -6.40 -36.78
CA GLU C 820 56.93 -5.57 -37.89
C GLU C 820 56.35 -6.40 -39.05
N SER C 821 56.68 -7.67 -39.11
CA SER C 821 56.11 -8.61 -40.07
C SER C 821 54.95 -9.50 -39.59
N LYS C 822 54.57 -9.42 -38.31
CA LYS C 822 53.51 -10.28 -37.70
C LYS C 822 52.27 -9.39 -37.41
N LEU C 823 52.52 -8.22 -36.80
CA LEU C 823 51.48 -7.24 -36.53
C LEU C 823 50.47 -6.91 -37.64
N LYS C 824 49.24 -7.41 -37.50
CA LYS C 824 48.10 -6.99 -38.36
C LYS C 824 47.36 -5.82 -37.71
N LEU C 825 46.42 -5.22 -38.42
CA LEU C 825 45.41 -4.36 -37.81
C LEU C 825 44.12 -4.29 -38.61
N GLU C 826 43.00 -4.15 -37.91
CA GLU C 826 41.68 -4.00 -38.53
C GLU C 826 40.88 -2.89 -37.86
N GLY C 827 39.81 -2.44 -38.51
CA GLY C 827 38.89 -1.45 -37.91
C GLY C 827 37.57 -1.38 -38.61
N TYR C 828 36.63 -0.63 -38.04
CA TYR C 828 35.28 -0.46 -38.65
C TYR C 828 35.37 0.03 -40.12
N ASN C 829 36.47 0.70 -40.50
CA ASN C 829 36.58 1.39 -41.79
C ASN C 829 38.01 1.62 -42.30
N LEU C 830 38.55 0.68 -43.09
CA LEU C 830 40.02 0.63 -43.35
C LEU C 830 40.67 0.43 -44.79
N LYS C 831 41.83 1.08 -45.00
CA LYS C 831 43.01 0.50 -45.73
C LYS C 831 44.37 0.90 -45.03
N LYS C 832 45.36 0.00 -44.96
CA LYS C 832 46.54 0.20 -44.05
C LYS C 832 47.83 0.32 -44.80
N VAL C 833 48.79 1.07 -44.25
CA VAL C 833 50.08 1.36 -44.93
C VAL C 833 51.31 1.40 -43.97
N ILE C 834 52.47 1.05 -44.52
CA ILE C 834 53.65 0.58 -43.73
C ILE C 834 53.15 -0.59 -42.89
N MET D 24 -37.90 20.05 -47.49
CA MET D 24 -36.70 20.93 -47.36
C MET D 24 -35.69 20.67 -48.50
N GLU D 25 -35.15 21.74 -49.07
CA GLU D 25 -34.19 21.64 -50.18
C GLU D 25 -32.76 21.92 -49.69
N ILE D 26 -31.79 21.18 -50.24
CA ILE D 26 -30.37 21.26 -49.85
C ILE D 26 -29.50 21.71 -51.02
N LEU D 27 -29.00 22.94 -50.96
CA LEU D 27 -27.91 23.38 -51.83
C LEU D 27 -26.63 23.04 -51.11
N LYS D 28 -25.85 22.11 -51.66
CA LYS D 28 -24.60 21.72 -51.01
C LYS D 28 -23.37 22.38 -51.62
N LEU D 29 -22.55 22.97 -50.75
CA LEU D 29 -21.38 23.76 -51.17
C LEU D 29 -20.10 22.94 -51.30
N ASP D 30 -20.24 21.61 -51.42
CA ASP D 30 -19.13 20.73 -51.81
C ASP D 30 -18.71 21.11 -53.24
N GLY D 31 -17.50 20.72 -53.64
CA GLY D 31 -16.96 21.12 -54.94
C GLY D 31 -15.60 21.76 -54.81
N GLU D 32 -15.36 22.87 -55.50
CA GLU D 32 -14.06 23.55 -55.38
C GLU D 32 -14.20 24.88 -54.62
N TRP D 33 -13.24 25.13 -53.74
CA TRP D 33 -13.10 26.40 -53.01
C TRP D 33 -11.75 27.04 -53.35
N GLU D 34 -11.61 28.28 -52.97
CA GLU D 34 -10.35 28.99 -53.03
C GLU D 34 -9.78 29.01 -51.64
N PHE D 35 -8.45 29.01 -51.54
CA PHE D 35 -7.79 29.00 -50.22
C PHE D 35 -6.39 29.63 -50.25
N LYS D 36 -5.98 30.18 -49.11
CA LYS D 36 -4.64 30.76 -48.96
C LYS D 36 -4.20 30.78 -47.52
N ALA D 37 -2.90 30.95 -47.30
CA ALA D 37 -2.35 31.08 -45.95
C ALA D 37 -2.93 32.35 -45.37
N VAL D 38 -3.06 32.39 -44.05
CA VAL D 38 -3.71 33.53 -43.38
C VAL D 38 -3.25 34.84 -44.00
N LYS D 39 -1.96 34.94 -44.31
CA LYS D 39 -1.44 36.10 -45.03
C LYS D 39 -0.49 35.69 -46.16
N ASP D 40 -1.12 35.50 -47.32
CA ASP D 40 -0.47 35.42 -48.59
C ASP D 40 -1.42 36.16 -49.54
N LYS D 41 -0.97 36.46 -50.75
CA LYS D 41 -1.81 37.15 -51.73
C LYS D 41 -2.57 36.26 -52.67
N LYS D 42 -1.93 35.17 -53.14
CA LYS D 42 -2.54 34.26 -54.12
C LYS D 42 -3.68 33.47 -53.49
N TRP D 43 -4.79 33.37 -54.20
CA TRP D 43 -5.83 32.42 -53.87
C TRP D 43 -5.66 31.27 -54.84
N ARG D 44 -5.35 30.08 -54.31
CA ARG D 44 -5.24 28.88 -55.14
C ARG D 44 -6.50 28.00 -55.04
N LYS D 45 -6.64 27.05 -55.96
CA LYS D 45 -7.80 26.13 -56.01
C LYS D 45 -7.72 25.06 -54.93
N ALA D 46 -8.89 24.64 -54.43
CA ALA D 46 -9.00 23.67 -53.32
C ALA D 46 -10.27 22.82 -53.44
N LYS D 47 -10.25 21.64 -52.84
CA LYS D 47 -11.39 20.73 -52.86
C LYS D 47 -11.97 20.66 -51.45
N VAL D 48 -13.29 20.45 -51.35
CA VAL D 48 -14.05 20.89 -50.18
C VAL D 48 -14.13 19.96 -49.03
N PRO D 49 -14.56 18.71 -49.26
CA PRO D 49 -14.03 17.73 -48.33
C PRO D 49 -12.51 17.68 -48.58
N GLY D 50 -11.73 18.25 -47.66
CA GLY D 50 -10.32 18.52 -47.91
C GLY D 50 -9.42 18.59 -46.69
N CYS D 51 -8.12 18.64 -46.96
CA CYS D 51 -7.12 19.03 -45.98
C CYS D 51 -6.36 20.19 -46.58
N VAL D 52 -5.72 20.99 -45.71
CA VAL D 52 -4.73 21.93 -46.19
C VAL D 52 -3.66 21.15 -46.95
N HIS D 53 -3.12 20.11 -46.33
CA HIS D 53 -2.03 19.32 -46.94
C HIS D 53 -2.39 18.88 -48.36
N LEU D 54 -3.58 18.28 -48.50
CA LEU D 54 -4.12 17.82 -49.79
C LEU D 54 -4.06 18.89 -50.87
N ASP D 55 -4.55 20.08 -50.51
CA ASP D 55 -4.69 21.17 -51.46
C ASP D 55 -3.34 21.77 -51.80
N LEU D 56 -2.43 21.80 -50.83
CA LEU D 56 -1.02 22.15 -51.12
C LEU D 56 -0.31 21.11 -52.00
N MET D 57 -0.50 19.81 -51.70
CA MET D 57 -0.01 18.71 -52.56
C MET D 57 -0.51 18.90 -53.99
N GLU D 58 -1.83 18.99 -54.13
CA GLU D 58 -2.49 19.18 -55.43
C GLU D 58 -1.99 20.41 -56.21
N ASN D 59 -1.74 21.52 -55.53
CA ASN D 59 -1.15 22.70 -56.18
C ASN D 59 0.38 22.62 -56.36
N GLY D 60 1.02 21.55 -55.86
CA GLY D 60 2.43 21.32 -56.09
C GLY D 60 3.34 22.06 -55.12
N LEU D 61 2.75 22.67 -54.08
CA LEU D 61 3.51 23.53 -53.12
C LEU D 61 4.32 22.80 -52.04
N ILE D 62 4.13 21.48 -51.88
CA ILE D 62 4.84 20.65 -50.88
C ILE D 62 4.95 19.14 -51.29
N PRO D 63 6.03 18.44 -50.88
CA PRO D 63 6.26 17.08 -51.38
C PRO D 63 5.27 16.07 -50.80
N ASP D 64 5.26 14.85 -51.31
CA ASP D 64 4.43 13.77 -50.75
C ASP D 64 4.97 13.41 -49.33
N PRO D 65 4.22 13.75 -48.27
CA PRO D 65 4.78 13.58 -46.92
C PRO D 65 5.07 12.14 -46.58
N PHE D 66 4.31 11.24 -47.21
CA PHE D 66 4.51 9.79 -47.07
C PHE D 66 5.79 9.24 -47.68
N VAL D 67 6.46 10.00 -48.53
CA VAL D 67 7.74 9.54 -49.14
C VAL D 67 8.99 9.94 -48.34
N GLY D 68 9.83 8.96 -48.06
CA GLY D 68 11.14 9.18 -47.43
C GLY D 68 11.06 10.01 -46.17
N GLU D 69 11.88 11.05 -46.07
CA GLU D 69 11.86 11.94 -44.90
C GLU D 69 11.18 13.27 -45.19
N ASN D 70 10.09 13.23 -45.94
CA ASN D 70 9.35 14.45 -46.26
C ASN D 70 8.47 14.95 -45.13
N GLU D 71 8.00 14.05 -44.26
CA GLU D 71 7.35 14.45 -43.01
C GLU D 71 8.03 15.70 -42.44
N LEU D 72 9.36 15.66 -42.38
CA LEU D 72 10.17 16.76 -41.87
C LEU D 72 9.99 18.04 -42.68
N GLU D 73 10.07 17.96 -44.00
CA GLU D 73 9.84 19.11 -44.86
C GLU D 73 8.53 19.86 -44.51
N VAL D 74 7.45 19.13 -44.32
CA VAL D 74 6.11 19.73 -44.29
C VAL D 74 5.58 20.18 -42.90
N GLN D 75 6.44 20.27 -41.88
CA GLN D 75 6.00 20.66 -40.53
C GLN D 75 5.50 22.10 -40.41
N TRP D 76 5.91 22.98 -41.33
CA TRP D 76 5.48 24.38 -41.31
C TRP D 76 3.95 24.57 -41.55
N VAL D 77 3.35 23.69 -42.35
CA VAL D 77 1.90 23.74 -42.69
C VAL D 77 1.05 23.81 -41.41
N GLU D 78 1.35 22.86 -40.53
CA GLU D 78 0.80 22.75 -39.19
C GLU D 78 0.79 24.07 -38.44
N LYS D 79 1.89 24.83 -38.55
CA LYS D 79 2.10 26.07 -37.79
C LYS D 79 1.34 27.27 -38.34
N GLU D 80 1.02 27.28 -39.62
CA GLU D 80 0.33 28.40 -40.27
C GLU D 80 -1.19 28.35 -40.03
N ASP D 81 -1.79 29.55 -39.92
CA ASP D 81 -3.25 29.76 -40.01
C ASP D 81 -3.66 29.79 -41.49
N TRP D 82 -4.92 29.47 -41.76
CA TRP D 82 -5.42 29.18 -43.12
C TRP D 82 -6.78 29.81 -43.36
N ILE D 83 -7.04 30.17 -44.61
CA ILE D 83 -8.35 30.72 -44.97
C ILE D 83 -8.86 29.95 -46.17
N TYR D 84 -10.11 29.50 -46.05
CA TYR D 84 -10.82 28.88 -47.15
C TYR D 84 -12.00 29.78 -47.44
N ARG D 85 -12.39 29.86 -48.72
CA ARG D 85 -13.46 30.74 -49.16
C ARG D 85 -14.18 30.12 -50.33
N LYS D 86 -15.51 30.16 -50.30
CA LYS D 86 -16.33 29.85 -51.48
C LYS D 86 -17.30 30.97 -51.74
N LYS D 87 -17.51 31.22 -53.02
CA LYS D 87 -18.57 32.10 -53.50
C LYS D 87 -19.66 31.20 -54.11
N PHE D 88 -20.92 31.47 -53.78
CA PHE D 88 -22.02 30.65 -54.31
C PHE D 88 -23.23 31.48 -54.73
N GLN D 89 -24.04 30.88 -55.59
CA GLN D 89 -25.19 31.54 -56.22
C GLN D 89 -26.50 30.99 -55.61
N VAL D 90 -27.28 31.85 -54.95
CA VAL D 90 -28.60 31.45 -54.35
C VAL D 90 -29.85 32.12 -54.98
N GLY D 91 -30.85 31.29 -55.30
CA GLY D 91 -32.05 31.76 -55.99
C GLY D 91 -32.97 32.65 -55.17
N LYS D 92 -33.97 33.22 -55.82
CA LYS D 92 -35.07 33.91 -55.16
C LYS D 92 -36.06 32.86 -54.63
N GLU D 93 -36.27 31.81 -55.43
CA GLU D 93 -36.92 30.56 -55.00
C GLU D 93 -36.43 30.02 -53.64
N PHE D 94 -35.12 30.03 -53.45
CA PHE D 94 -34.51 29.41 -52.26
C PHE D 94 -34.69 30.20 -50.96
N LEU D 95 -34.62 31.53 -51.04
CA LEU D 95 -34.89 32.38 -49.86
C LEU D 95 -36.33 32.28 -49.36
N LYS D 96 -37.25 31.84 -50.24
CA LYS D 96 -38.68 31.57 -49.89
C LYS D 96 -38.82 30.72 -48.62
N TYR D 97 -37.90 29.76 -48.46
CA TYR D 97 -37.85 28.90 -47.28
C TYR D 97 -37.67 29.71 -45.99
N SER D 98 -38.56 29.49 -45.03
CA SER D 98 -38.72 30.40 -43.87
C SER D 98 -37.60 30.28 -42.86
N SER D 99 -36.84 29.18 -42.93
CA SER D 99 -35.57 29.07 -42.22
C SER D 99 -34.51 28.40 -43.03
N ILE D 100 -33.33 29.03 -43.04
CA ILE D 100 -32.14 28.51 -43.67
C ILE D 100 -31.03 28.39 -42.62
N TYR D 101 -30.51 27.17 -42.47
CA TYR D 101 -29.37 26.88 -41.60
C TYR D 101 -28.21 26.36 -42.46
N LEU D 102 -26.99 26.73 -42.10
CA LEU D 102 -25.79 26.25 -42.76
C LEU D 102 -25.17 25.18 -41.90
N GLU D 103 -24.78 24.06 -42.53
CA GLU D 103 -24.37 22.86 -41.82
C GLU D 103 -23.01 22.42 -42.29
N PHE D 104 -22.02 22.57 -41.41
CA PHE D 104 -20.71 21.98 -41.59
C PHE D 104 -20.76 20.59 -40.97
N GLU D 105 -20.79 19.56 -41.81
CA GLU D 105 -20.91 18.17 -41.33
C GLU D 105 -19.72 17.80 -40.47
N GLY D 106 -18.55 18.30 -40.85
CA GLY D 106 -17.32 18.11 -40.10
C GLY D 106 -16.33 19.18 -40.49
N ILE D 107 -15.51 19.59 -39.55
CA ILE D 107 -14.54 20.66 -39.77
C ILE D 107 -13.35 20.46 -38.84
N ASP D 108 -12.13 20.53 -39.37
CA ASP D 108 -10.96 20.13 -38.58
C ASP D 108 -10.60 21.21 -37.57
N THR D 109 -11.32 21.12 -36.46
CA THR D 109 -11.13 21.89 -35.25
C THR D 109 -11.42 23.36 -35.32
N PHE D 110 -10.38 24.18 -35.15
CA PHE D 110 -10.53 25.54 -34.65
C PHE D 110 -10.71 26.50 -35.78
N SER D 111 -11.90 27.10 -35.84
CA SER D 111 -12.27 27.94 -36.97
C SER D 111 -13.14 29.11 -36.59
N GLU D 112 -13.08 30.14 -37.43
CA GLU D 112 -13.94 31.31 -37.38
C GLU D 112 -14.60 31.32 -38.74
N ILE D 113 -15.91 31.48 -38.79
CA ILE D 113 -16.63 31.34 -40.08
C ILE D 113 -17.53 32.53 -40.37
N TYR D 114 -17.22 33.23 -41.46
CA TYR D 114 -17.89 34.46 -41.84
C TYR D 114 -18.77 34.25 -43.06
N LEU D 115 -19.99 34.79 -43.02
CA LEU D 115 -20.88 34.82 -44.18
C LEU D 115 -21.20 36.27 -44.58
N ASN D 116 -20.85 36.62 -45.82
CA ASN D 116 -20.88 38.00 -46.30
C ASN D 116 -20.19 38.97 -45.32
N GLY D 117 -18.94 38.65 -44.99
CA GLY D 117 -18.11 39.45 -44.08
C GLY D 117 -18.64 39.66 -42.66
N LYS D 118 -19.43 38.71 -42.15
CA LYS D 118 -20.01 38.80 -40.80
C LYS D 118 -19.91 37.44 -40.10
N LYS D 119 -19.39 37.44 -38.87
CA LYS D 119 -19.24 36.21 -38.08
C LYS D 119 -20.53 35.42 -37.88
N ILE D 120 -20.34 34.15 -37.56
CA ILE D 120 -21.42 33.20 -37.38
C ILE D 120 -21.16 32.26 -36.19
N GLY D 121 -19.90 31.82 -36.01
CA GLY D 121 -19.45 31.16 -34.75
C GLY D 121 -18.03 30.58 -34.76
N GLU D 122 -17.48 30.26 -33.60
CA GLU D 122 -16.28 29.45 -33.55
C GLU D 122 -16.71 27.96 -33.69
N THR D 123 -15.73 27.10 -34.00
CA THR D 123 -15.86 25.66 -33.84
C THR D 123 -14.67 25.12 -33.00
N ASP D 124 -15.00 24.33 -31.98
CA ASP D 124 -14.01 23.69 -31.10
C ASP D 124 -13.71 22.27 -31.53
N ASN D 125 -14.39 21.75 -32.56
CA ASN D 125 -14.55 20.29 -32.67
C ASN D 125 -14.68 19.63 -34.07
N MET D 126 -13.85 18.60 -34.25
CA MET D 126 -13.68 17.87 -35.50
C MET D 126 -14.70 16.74 -35.64
N PHE D 127 -15.05 16.19 -34.48
CA PHE D 127 -15.86 14.99 -34.38
C PHE D 127 -17.39 15.22 -34.48
N ILE D 128 -17.85 16.46 -34.60
CA ILE D 128 -19.29 16.75 -34.68
C ILE D 128 -19.65 17.76 -35.75
N ALA D 129 -20.95 17.74 -36.09
CA ALA D 129 -21.54 18.66 -37.03
C ALA D 129 -21.68 20.00 -36.35
N TRP D 130 -21.58 21.04 -37.14
CA TRP D 130 -21.79 22.40 -36.66
C TRP D 130 -22.79 23.06 -37.60
N GLU D 131 -23.79 23.67 -36.99
CA GLU D 131 -24.97 24.13 -37.70
C GLU D 131 -25.19 25.59 -37.33
N PHE D 132 -25.60 26.41 -38.30
CA PHE D 132 -25.67 27.87 -38.09
C PHE D 132 -26.84 28.52 -38.80
N ASN D 133 -27.55 29.37 -38.08
CA ASN D 133 -28.73 30.05 -38.60
C ASN D 133 -28.29 31.28 -39.37
N VAL D 134 -28.74 31.39 -40.62
CA VAL D 134 -28.21 32.40 -41.54
C VAL D 134 -29.22 33.19 -42.38
N LYS D 135 -30.52 32.85 -42.30
CA LYS D 135 -31.55 33.44 -43.17
C LYS D 135 -31.41 34.96 -43.37
N ASP D 136 -31.22 35.68 -42.25
CA ASP D 136 -31.04 37.14 -42.30
C ASP D 136 -29.75 37.58 -42.99
N LEU D 137 -28.62 36.93 -42.66
CA LEU D 137 -27.32 37.27 -43.29
C LEU D 137 -27.22 36.93 -44.79
N LEU D 138 -28.08 36.03 -45.27
CA LEU D 138 -28.10 35.65 -46.70
C LEU D 138 -28.68 36.76 -47.57
N VAL D 139 -28.08 36.93 -48.76
CA VAL D 139 -28.56 37.87 -49.80
C VAL D 139 -28.77 37.06 -51.07
N GLU D 140 -29.57 37.59 -52.01
CA GLU D 140 -29.83 36.91 -53.28
C GLU D 140 -28.64 37.05 -54.22
N GLY D 141 -28.43 36.03 -55.06
CA GLY D 141 -27.35 36.02 -56.03
C GLY D 141 -26.05 35.54 -55.42
N GLU D 142 -24.96 36.28 -55.66
CA GLU D 142 -23.63 35.88 -55.18
C GLU D 142 -23.52 36.06 -53.67
N ASN D 143 -22.89 35.08 -53.01
CA ASN D 143 -22.62 35.11 -51.57
C ASN D 143 -21.17 34.74 -51.28
N GLU D 144 -20.71 35.02 -50.07
CA GLU D 144 -19.31 34.74 -49.70
C GLU D 144 -19.20 34.08 -48.33
N LEU D 145 -18.86 32.79 -48.34
CA LEU D 145 -18.58 32.00 -47.15
C LEU D 145 -17.07 31.95 -46.96
N GLU D 146 -16.59 32.34 -45.77
CA GLU D 146 -15.17 32.42 -45.49
C GLU D 146 -14.91 31.69 -44.17
N VAL D 147 -13.96 30.75 -44.19
CA VAL D 147 -13.65 29.88 -43.04
C VAL D 147 -12.17 30.06 -42.66
N ARG D 148 -11.91 30.76 -41.56
CA ARG D 148 -10.54 31.00 -41.11
C ARG D 148 -10.19 29.83 -40.21
N LEU D 149 -9.21 29.03 -40.63
CA LEU D 149 -8.79 27.81 -39.92
C LEU D 149 -7.50 28.09 -39.16
N PHE D 150 -7.56 27.93 -37.86
CA PHE D 150 -6.43 28.29 -37.01
C PHE D 150 -5.47 27.11 -36.89
N SER D 151 -4.18 27.42 -36.94
CA SER D 151 -3.08 26.49 -36.60
C SER D 151 -3.39 25.79 -35.31
N PRO D 152 -3.57 24.45 -35.35
CA PRO D 152 -3.92 23.75 -34.13
C PRO D 152 -2.76 23.75 -33.14
N SER D 153 -1.53 23.66 -33.67
CA SER D 153 -0.33 23.68 -32.89
C SER D 153 -0.33 24.92 -31.99
N LYS D 154 -0.46 26.09 -32.62
CA LYS D 154 -0.47 27.40 -31.92
C LYS D 154 -1.64 27.52 -30.91
N VAL D 155 -2.85 27.24 -31.38
CA VAL D 155 -4.07 27.22 -30.53
C VAL D 155 -3.99 26.32 -29.30
N LEU D 156 -3.45 25.12 -29.43
CA LEU D 156 -3.40 24.18 -28.30
C LEU D 156 -2.36 24.55 -27.28
N GLU D 157 -1.17 24.92 -27.76
CA GLU D 157 -0.08 25.29 -26.87
C GLU D 157 -0.40 26.58 -26.08
N GLU D 158 -1.20 27.48 -26.68
CA GLU D 158 -1.86 28.59 -25.94
C GLU D 158 -2.76 28.06 -24.83
N ARG D 159 -3.68 27.17 -25.20
CA ARG D 159 -4.64 26.56 -24.28
C ARG D 159 -4.00 25.84 -23.09
N ALA D 160 -2.87 25.19 -23.34
CA ALA D 160 -2.10 24.51 -22.28
C ALA D 160 -1.36 25.50 -21.40
N LYS D 161 -0.77 26.54 -22.03
CA LYS D 161 -0.10 27.65 -21.31
C LYS D 161 -1.06 28.39 -20.35
N ASN D 162 -2.28 28.64 -20.81
CA ASN D 162 -3.35 29.22 -19.98
C ASN D 162 -3.81 28.35 -18.79
N TYR D 163 -3.54 27.05 -18.84
CA TYR D 163 -4.14 26.08 -17.91
C TYR D 163 -3.42 26.05 -16.55
N PRO D 164 -4.18 26.00 -15.43
CA PRO D 164 -3.64 25.85 -14.06
C PRO D 164 -2.45 24.90 -13.88
N TYR D 165 -2.55 23.68 -14.42
CA TYR D 165 -1.49 22.65 -14.33
C TYR D 165 -0.92 22.30 -15.71
N LYS D 166 0.28 21.70 -15.72
CA LYS D 166 0.81 21.04 -16.94
C LYS D 166 0.34 19.56 -16.95
N LEU D 167 -0.18 19.13 -18.10
CA LEU D 167 -0.71 17.77 -18.29
C LEU D 167 0.19 16.99 -19.25
N HIS D 168 0.47 15.72 -18.91
CA HIS D 168 1.41 14.87 -19.67
C HIS D 168 0.65 14.00 -20.68
N GLY D 169 0.88 14.28 -21.96
CA GLY D 169 0.40 13.44 -23.04
C GLY D 169 1.42 12.34 -23.32
N GLY D 170 1.89 12.28 -24.57
CA GLY D 170 2.84 11.26 -25.01
C GLY D 170 3.94 11.94 -25.79
N ASP D 171 3.97 11.72 -27.10
CA ASP D 171 4.80 12.51 -28.04
C ASP D 171 4.48 14.01 -27.84
N TYR D 172 3.20 14.33 -28.06
CA TYR D 172 2.70 15.70 -28.09
C TYR D 172 1.65 15.93 -26.97
N SER D 173 2.07 16.62 -25.90
CA SER D 173 1.23 16.87 -24.71
C SER D 173 -0.03 17.73 -24.93
N PRO D 174 0.09 18.92 -25.56
CA PRO D 174 -1.06 19.86 -25.65
C PRO D 174 -2.25 19.43 -26.53
N ARG D 175 -1.99 18.43 -27.36
CA ARG D 175 -2.99 17.52 -27.93
C ARG D 175 -4.30 17.39 -27.13
N VAL D 176 -4.15 17.20 -25.83
CA VAL D 176 -5.26 16.88 -24.96
C VAL D 176 -6.29 18.01 -24.83
N PHE D 177 -5.82 19.25 -24.94
CA PHE D 177 -6.67 20.44 -24.68
C PHE D 177 -7.63 20.79 -25.81
N GLY D 178 -7.58 20.05 -26.90
CA GLY D 178 -8.48 20.27 -28.01
C GLY D 178 -9.18 18.98 -28.36
N ARG D 179 -10.32 19.15 -29.02
CA ARG D 179 -11.06 18.04 -29.54
C ARG D 179 -10.66 17.81 -30.99
N LYS D 180 -9.54 17.12 -31.20
CA LYS D 180 -9.23 16.55 -32.53
C LYS D 180 -8.54 15.21 -32.52
N ALA D 181 -8.53 14.59 -33.69
CA ALA D 181 -8.01 13.27 -33.86
C ALA D 181 -6.59 13.18 -33.29
N GLN D 182 -6.47 12.44 -32.20
CA GLN D 182 -5.26 12.46 -31.38
C GLN D 182 -4.04 11.89 -32.10
N TYR D 183 -4.29 10.98 -33.05
CA TYR D 183 -3.23 10.41 -33.88
C TYR D 183 -2.59 11.43 -34.82
N SER D 184 -3.34 12.46 -35.26
CA SER D 184 -2.85 13.44 -36.27
C SER D 184 -1.54 14.10 -35.86
N PHE D 185 -1.30 14.30 -34.56
CA PHE D 185 -0.07 14.89 -34.05
C PHE D 185 1.10 13.91 -33.94
N GLY D 186 0.94 12.71 -34.49
CA GLY D 186 1.99 11.68 -34.48
C GLY D 186 1.69 10.62 -33.45
N TRP D 187 1.99 9.37 -33.80
CA TRP D 187 1.81 8.23 -32.90
C TRP D 187 2.98 7.22 -33.07
N ASP D 188 2.87 6.06 -32.40
CA ASP D 188 3.73 4.88 -32.60
C ASP D 188 3.86 4.39 -34.06
N TRP D 189 2.84 4.65 -34.87
CA TRP D 189 2.72 4.16 -36.25
C TRP D 189 2.35 5.26 -37.27
N GLY D 190 1.85 6.41 -36.77
CA GLY D 190 1.51 7.59 -37.57
C GLY D 190 2.64 8.62 -37.51
N PRO D 191 2.63 9.64 -38.42
CA PRO D 191 3.58 10.75 -38.33
C PRO D 191 2.91 12.07 -37.94
N ARG D 192 3.72 13.09 -37.69
CA ARG D 192 3.19 14.39 -37.33
C ARG D 192 2.71 15.15 -38.56
N LEU D 193 1.49 14.83 -38.99
CA LEU D 193 0.83 15.56 -40.05
C LEU D 193 -0.47 16.12 -39.48
N ALA D 194 -0.31 17.18 -38.68
CA ALA D 194 -1.40 17.75 -37.90
C ALA D 194 -2.26 18.65 -38.76
N THR D 195 -3.02 18.01 -39.63
CA THR D 195 -3.70 18.72 -40.69
C THR D 195 -4.91 19.46 -40.16
N SER D 196 -5.18 20.62 -40.75
CA SER D 196 -6.45 21.32 -40.64
C SER D 196 -7.19 21.12 -41.96
N GLY D 197 -8.43 21.56 -42.04
CA GLY D 197 -9.25 21.36 -43.25
C GLY D 197 -10.72 21.17 -42.97
N ILE D 198 -11.56 21.50 -43.95
CA ILE D 198 -13.02 21.31 -43.88
C ILE D 198 -13.24 19.84 -44.27
N TRP D 199 -13.03 18.93 -43.32
CA TRP D 199 -12.88 17.51 -43.65
C TRP D 199 -14.15 16.70 -43.97
N LYS D 200 -15.34 17.34 -43.95
CA LYS D 200 -16.59 16.69 -44.39
C LYS D 200 -17.52 17.71 -45.06
N SER D 201 -18.57 17.20 -45.70
CA SER D 201 -19.49 17.99 -46.52
C SER D 201 -19.93 19.28 -45.87
N VAL D 202 -20.20 20.29 -46.70
CA VAL D 202 -20.77 21.58 -46.25
C VAL D 202 -22.08 21.80 -47.01
N LYS D 203 -23.16 21.82 -46.24
CA LYS D 203 -24.52 21.87 -46.81
C LYS D 203 -25.16 23.15 -46.38
N LEU D 204 -25.87 23.78 -47.31
CA LEU D 204 -26.83 24.83 -46.98
C LEU D 204 -28.21 24.18 -47.00
N LYS D 205 -28.92 24.26 -45.87
CA LYS D 205 -30.23 23.62 -45.68
C LYS D 205 -31.31 24.66 -45.45
N GLY D 206 -32.38 24.58 -46.25
CA GLY D 206 -33.54 25.46 -46.12
C GLY D 206 -34.80 24.65 -45.96
N TRP D 207 -35.61 24.98 -44.94
CA TRP D 207 -36.87 24.30 -44.65
C TRP D 207 -37.88 25.24 -44.04
N ASN D 208 -39.16 24.93 -44.22
CA ASN D 208 -40.24 25.82 -43.78
C ASN D 208 -40.64 25.66 -42.31
N LYS D 209 -41.42 24.62 -42.01
CA LYS D 209 -42.20 24.58 -40.77
C LYS D 209 -41.58 23.75 -39.65
N ALA D 210 -41.18 22.53 -39.97
CA ALA D 210 -40.68 21.56 -38.98
C ALA D 210 -39.66 20.62 -39.61
N ARG D 211 -38.85 19.97 -38.79
CA ARG D 211 -37.86 19.00 -39.29
C ARG D 211 -37.59 17.85 -38.33
N LEU D 212 -37.59 16.62 -38.84
CA LEU D 212 -37.08 15.49 -38.09
C LEU D 212 -35.64 15.79 -37.75
N LEU D 213 -35.35 15.73 -36.47
CA LEU D 213 -34.09 16.19 -35.92
C LEU D 213 -33.21 14.99 -35.63
N ASP D 214 -33.80 13.95 -35.05
CA ASP D 214 -33.17 12.65 -34.92
C ASP D 214 -34.25 11.59 -35.07
N VAL D 215 -33.84 10.39 -35.50
CA VAL D 215 -34.70 9.19 -35.47
C VAL D 215 -33.89 7.97 -35.06
N TRP D 216 -34.50 7.13 -34.23
CA TRP D 216 -33.83 6.00 -33.59
C TRP D 216 -34.86 4.88 -33.46
N VAL D 217 -34.43 3.63 -33.56
CA VAL D 217 -35.35 2.50 -33.40
C VAL D 217 -34.85 1.45 -32.38
N PRO D 218 -34.94 1.75 -31.07
CA PRO D 218 -34.39 0.82 -30.09
C PRO D 218 -35.28 -0.39 -29.95
N VAL D 219 -34.69 -1.56 -29.79
CA VAL D 219 -35.43 -2.74 -29.36
C VAL D 219 -35.65 -2.61 -27.84
N ARG D 220 -36.91 -2.55 -27.41
CA ARG D 220 -37.25 -2.33 -25.99
C ARG D 220 -37.06 -3.61 -25.20
N SER D 221 -37.63 -4.69 -25.70
CA SER D 221 -37.37 -6.03 -25.17
C SER D 221 -37.75 -7.09 -26.19
N LEU D 222 -37.10 -8.25 -26.07
CA LEU D 222 -37.12 -9.28 -27.11
C LEU D 222 -37.59 -10.66 -26.61
N GLY D 223 -38.09 -11.46 -27.54
CA GLY D 223 -38.60 -12.81 -27.25
C GLY D 223 -39.12 -13.43 -28.52
N GLU D 224 -39.89 -14.53 -28.41
CA GLU D 224 -40.51 -15.16 -29.60
C GLU D 224 -41.18 -14.11 -30.49
N ASN D 225 -41.65 -13.03 -29.86
CA ASN D 225 -42.03 -11.82 -30.52
C ASN D 225 -41.18 -10.60 -30.05
N ALA D 226 -41.03 -9.59 -30.91
CA ALA D 226 -40.18 -8.41 -30.63
C ALA D 226 -40.92 -7.07 -30.42
N GLN D 227 -40.80 -6.51 -29.21
CA GLN D 227 -41.32 -5.16 -28.89
C GLN D 227 -40.27 -4.10 -29.22
N ILE D 228 -40.72 -2.99 -29.80
CA ILE D 228 -39.84 -1.95 -30.33
C ILE D 228 -40.46 -0.57 -30.14
N ASN D 229 -39.62 0.44 -29.92
CA ASN D 229 -40.06 1.84 -29.94
C ASN D 229 -39.49 2.53 -31.18
N ILE D 230 -40.05 3.68 -31.51
CA ILE D 230 -39.48 4.58 -32.50
C ILE D 230 -39.35 5.93 -31.80
N GLU D 231 -38.13 6.39 -31.59
CA GLU D 231 -37.92 7.62 -30.87
C GLU D 231 -37.69 8.75 -31.89
N LEU D 232 -38.64 9.69 -31.97
CA LEU D 232 -38.50 10.86 -32.80
C LEU D 232 -38.21 12.08 -31.95
N ASP D 233 -37.11 12.76 -32.28
CA ASP D 233 -36.99 14.22 -32.00
C ASP D 233 -37.66 14.91 -33.17
N ILE D 234 -38.30 16.06 -32.92
CA ILE D 234 -38.80 16.96 -33.97
C ILE D 234 -38.70 18.42 -33.52
N GLU D 235 -38.15 19.28 -34.38
CA GLU D 235 -38.02 20.72 -34.13
C GLU D 235 -39.06 21.50 -34.93
N LEU D 236 -40.16 21.88 -34.28
CA LEU D 236 -41.23 22.69 -34.86
C LEU D 236 -40.96 24.17 -34.61
N GLN D 237 -41.09 25.00 -35.66
CA GLN D 237 -40.93 26.46 -35.54
C GLN D 237 -42.25 27.16 -35.28
N GLU D 238 -43.29 26.77 -36.00
CA GLU D 238 -44.65 27.18 -35.66
C GLU D 238 -45.34 26.04 -34.90
N SER D 239 -46.28 26.37 -34.02
CA SER D 239 -47.15 25.35 -33.37
C SER D 239 -48.16 24.82 -34.39
N ILE D 240 -47.89 23.66 -34.98
CA ILE D 240 -48.70 23.18 -36.11
C ILE D 240 -49.10 21.69 -36.06
N PRO D 241 -50.26 21.35 -36.68
CA PRO D 241 -50.66 19.96 -36.85
C PRO D 241 -49.71 19.19 -37.78
N VAL D 242 -49.22 18.03 -37.33
CA VAL D 242 -48.35 17.14 -38.15
C VAL D 242 -48.89 15.72 -38.22
N ASP D 243 -48.59 15.06 -39.33
CA ASP D 243 -48.78 13.63 -39.50
C ASP D 243 -47.41 13.01 -39.64
N VAL D 244 -47.13 11.95 -38.88
CA VAL D 244 -45.96 11.10 -39.15
C VAL D 244 -46.52 9.80 -39.71
N ALA D 245 -45.92 9.34 -40.79
CA ALA D 245 -46.34 8.09 -41.41
C ALA D 245 -45.09 7.33 -41.76
N PHE D 246 -45.06 6.04 -41.43
CA PHE D 246 -43.88 5.18 -41.64
C PHE D 246 -44.19 3.80 -42.21
N ARG D 247 -43.18 3.17 -42.82
CA ARG D 247 -43.18 1.71 -43.14
C ARG D 247 -41.83 1.08 -42.79
N ILE D 248 -41.88 0.11 -41.87
CA ILE D 248 -40.74 -0.74 -41.58
C ILE D 248 -40.77 -1.88 -42.59
N SER D 249 -39.59 -2.18 -43.16
CA SER D 249 -39.48 -3.13 -44.27
C SER D 249 -38.25 -4.02 -44.09
N HIS D 250 -38.40 -5.32 -44.35
CA HIS D 250 -37.27 -6.24 -44.25
C HIS D 250 -36.69 -6.50 -45.62
N LYS D 251 -37.52 -7.12 -46.44
CA LYS D 251 -37.30 -7.43 -47.85
C LYS D 251 -38.61 -6.98 -48.52
N LYS D 252 -39.69 -7.55 -48.01
CA LYS D 252 -41.06 -7.12 -48.28
C LYS D 252 -41.55 -6.36 -47.04
N PRO D 253 -42.32 -5.28 -47.22
CA PRO D 253 -42.75 -4.45 -46.05
C PRO D 253 -43.56 -5.17 -44.96
N VAL D 254 -42.94 -5.44 -43.81
CA VAL D 254 -43.59 -6.14 -42.68
C VAL D 254 -44.62 -5.28 -41.94
N LEU D 255 -44.48 -3.96 -41.98
CA LEU D 255 -45.33 -3.09 -41.17
C LEU D 255 -45.45 -1.65 -41.71
N GLU D 256 -46.59 -1.02 -41.42
CA GLU D 256 -46.91 0.31 -41.91
C GLU D 256 -47.91 0.97 -40.99
N GLN D 257 -47.84 2.29 -40.87
CA GLN D 257 -48.70 3.03 -39.95
C GLN D 257 -48.60 4.53 -40.11
N ARG D 258 -49.70 5.19 -39.75
CA ARG D 258 -49.80 6.63 -39.77
C ARG D 258 -50.35 7.12 -38.43
N LEU D 259 -49.88 8.30 -38.04
CA LEU D 259 -50.21 8.89 -36.75
C LEU D 259 -50.28 10.37 -36.97
N ARG D 260 -50.94 11.06 -36.03
CA ARG D 260 -51.16 12.48 -36.17
C ARG D 260 -50.98 13.16 -34.84
N PHE D 261 -50.32 14.32 -34.86
CA PHE D 261 -50.05 15.11 -33.65
C PHE D 261 -50.34 16.59 -33.92
N THR D 262 -50.63 17.31 -32.84
CA THR D 262 -50.73 18.76 -32.89
C THR D 262 -49.83 19.23 -31.79
N LEU D 263 -48.67 19.69 -32.20
CA LEU D 263 -47.56 19.94 -31.30
C LEU D 263 -47.24 21.44 -31.24
N PRO D 264 -46.65 21.91 -30.12
CA PRO D 264 -46.32 23.32 -29.96
C PRO D 264 -44.89 23.62 -30.42
N GLU D 265 -44.55 24.88 -30.70
CA GLU D 265 -43.22 25.19 -31.22
C GLU D 265 -42.11 24.79 -30.23
N GLY D 266 -40.97 24.35 -30.76
CA GLY D 266 -39.83 23.86 -29.96
C GLY D 266 -39.46 22.44 -30.29
N ARG D 267 -38.60 21.84 -29.48
CA ARG D 267 -38.10 20.49 -29.73
C ARG D 267 -39.01 19.46 -29.08
N VAL D 268 -39.82 18.78 -29.87
CA VAL D 268 -40.73 17.74 -29.36
C VAL D 268 -40.10 16.36 -29.47
N PHE D 269 -40.39 15.46 -28.52
CA PHE D 269 -39.84 14.10 -28.54
C PHE D 269 -40.94 13.09 -28.31
N LEU D 270 -40.91 11.96 -29.04
CA LEU D 270 -41.95 10.91 -28.92
C LEU D 270 -41.41 9.50 -28.94
N LYS D 271 -41.87 8.64 -28.05
CA LYS D 271 -41.57 7.20 -28.14
C LYS D 271 -42.84 6.49 -28.57
N ILE D 272 -42.84 5.97 -29.79
CA ILE D 272 -44.03 5.36 -30.37
C ILE D 272 -43.84 3.84 -30.39
N PRO D 273 -44.56 3.11 -29.52
CA PRO D 273 -44.40 1.67 -29.49
C PRO D 273 -44.99 1.02 -30.68
N LEU D 274 -44.36 -0.08 -31.12
CA LEU D 274 -44.97 -0.98 -32.09
C LEU D 274 -44.33 -2.36 -31.99
N THR D 275 -44.87 -3.32 -32.72
CA THR D 275 -44.48 -4.72 -32.56
C THR D 275 -44.17 -5.32 -33.90
N ILE D 276 -43.14 -6.17 -33.90
CA ILE D 276 -42.73 -6.93 -35.10
C ILE D 276 -42.82 -8.41 -34.78
N LYS D 277 -43.70 -9.10 -35.50
CA LYS D 277 -43.98 -10.50 -35.21
C LYS D 277 -42.95 -11.32 -35.93
N ASN D 278 -42.42 -12.32 -35.21
CA ASN D 278 -41.36 -13.20 -35.68
C ASN D 278 -40.24 -12.38 -36.35
N PRO D 279 -39.46 -11.67 -35.54
CA PRO D 279 -38.45 -10.77 -36.03
C PRO D 279 -37.26 -11.55 -36.57
N LYS D 280 -36.76 -11.13 -37.73
CA LYS D 280 -35.59 -11.72 -38.34
C LYS D 280 -34.37 -10.96 -37.80
N LEU D 281 -33.53 -11.70 -37.10
CA LEU D 281 -32.73 -11.19 -36.00
C LEU D 281 -31.29 -11.02 -36.44
N TRP D 282 -30.68 -9.87 -36.15
CA TRP D 282 -29.27 -9.64 -36.53
C TRP D 282 -28.33 -10.47 -35.66
N PHE D 283 -27.35 -11.09 -36.30
CA PHE D 283 -26.28 -11.84 -35.65
C PHE D 283 -24.97 -11.44 -36.30
N PRO D 284 -23.84 -11.58 -35.60
CA PRO D 284 -22.53 -11.41 -36.23
C PRO D 284 -22.14 -12.59 -37.11
N ARG D 285 -21.21 -12.36 -38.05
CA ARG D 285 -20.79 -13.37 -39.01
C ARG D 285 -20.41 -14.64 -38.27
N GLY D 286 -20.92 -15.77 -38.74
CA GLY D 286 -20.58 -17.09 -38.18
C GLY D 286 -21.58 -17.67 -37.20
N TYR D 287 -22.39 -16.80 -36.59
CA TYR D 287 -23.37 -17.23 -35.61
C TYR D 287 -24.82 -16.94 -36.07
N GLY D 288 -25.04 -16.74 -37.36
CA GLY D 288 -26.39 -16.48 -37.86
C GLY D 288 -26.45 -15.63 -39.10
N GLU D 289 -27.56 -14.92 -39.28
CA GLU D 289 -27.79 -14.07 -40.46
C GLU D 289 -27.72 -12.59 -40.12
N GLN D 290 -27.31 -11.76 -41.08
CA GLN D 290 -27.26 -10.30 -40.88
C GLN D 290 -28.51 -9.62 -41.42
N ASN D 291 -29.66 -9.98 -40.84
CA ASN D 291 -30.92 -9.40 -41.21
C ASN D 291 -30.97 -7.94 -40.75
N LEU D 292 -31.37 -7.06 -41.67
CA LEU D 292 -31.50 -5.63 -41.39
C LEU D 292 -32.85 -5.14 -41.88
N TYR D 293 -33.64 -4.63 -40.95
CA TYR D 293 -34.86 -3.93 -41.28
C TYR D 293 -34.50 -2.51 -41.74
N THR D 294 -35.34 -1.95 -42.57
CA THR D 294 -35.28 -0.55 -42.96
C THR D 294 -36.53 0.16 -42.48
N LEU D 295 -36.34 1.34 -41.89
CA LEU D 295 -37.41 2.19 -41.44
C LEU D 295 -37.51 3.33 -42.45
N GLN D 296 -38.73 3.65 -42.87
CA GLN D 296 -39.00 4.74 -43.82
C GLN D 296 -40.09 5.58 -43.27
N LEU D 297 -39.80 6.86 -43.00
CA LEU D 297 -40.68 7.70 -42.19
C LEU D 297 -40.73 9.11 -42.75
N VAL D 298 -41.95 9.59 -42.98
CA VAL D 298 -42.19 10.89 -43.57
C VAL D 298 -42.95 11.73 -42.55
N LEU D 299 -42.32 12.83 -42.17
CA LEU D 299 -42.97 13.88 -41.39
C LEU D 299 -43.69 14.66 -42.41
N LEU D 300 -44.93 15.02 -42.10
CA LEU D 300 -45.68 15.85 -43.02
C LEU D 300 -46.86 16.61 -42.46
N ASP D 301 -47.16 17.61 -43.27
CA ASP D 301 -48.09 18.69 -43.01
C ASP D 301 -49.55 18.30 -42.91
N GLU D 302 -50.40 19.27 -42.53
CA GLU D 302 -51.86 19.27 -42.84
C GLU D 302 -52.17 19.08 -44.33
N LYS D 303 -51.23 19.45 -45.21
CA LYS D 303 -51.20 19.00 -46.63
C LYS D 303 -50.12 17.90 -47.00
N GLY D 304 -48.85 18.29 -47.23
CA GLY D 304 -47.75 17.32 -47.53
C GLY D 304 -46.30 17.59 -47.13
N GLU D 305 -45.46 16.55 -47.24
CA GLU D 305 -43.95 16.51 -47.41
C GLU D 305 -43.05 17.58 -46.76
N VAL D 306 -43.00 17.50 -45.45
CA VAL D 306 -42.28 18.47 -44.60
C VAL D 306 -40.84 18.02 -44.42
N LEU D 307 -40.69 16.77 -44.01
CA LEU D 307 -39.35 16.14 -44.03
C LEU D 307 -39.52 14.64 -44.21
N ASP D 308 -38.87 14.13 -45.24
CA ASP D 308 -39.00 12.76 -45.76
C ASP D 308 -37.66 12.14 -45.45
N LYS D 309 -36.92 12.78 -44.54
CA LYS D 309 -35.45 12.71 -44.50
C LYS D 309 -35.10 11.29 -44.25
N VAL D 310 -35.84 10.68 -43.35
CA VAL D 310 -35.34 9.51 -42.70
C VAL D 310 -35.69 8.23 -43.40
N GLU D 311 -34.75 7.79 -44.24
CA GLU D 311 -34.55 6.38 -44.47
C GLU D 311 -33.46 6.08 -43.41
N GLU D 312 -33.62 4.97 -42.70
CA GLU D 312 -32.71 4.62 -41.64
C GLU D 312 -32.80 3.11 -41.52
N ARG D 313 -31.65 2.47 -41.41
CA ARG D 313 -31.57 1.02 -41.34
C ARG D 313 -31.29 0.65 -39.92
N PHE D 314 -31.75 -0.53 -39.53
CA PHE D 314 -31.48 -1.04 -38.18
C PHE D 314 -31.63 -2.53 -38.12
N GLY D 315 -31.11 -3.10 -37.04
CA GLY D 315 -31.19 -4.53 -36.82
C GLY D 315 -31.99 -4.76 -35.57
N ILE D 316 -32.36 -6.02 -35.33
CA ILE D 316 -33.03 -6.40 -34.09
C ILE D 316 -32.15 -7.43 -33.39
N ARG D 317 -31.64 -7.08 -32.20
CA ARG D 317 -30.63 -7.88 -31.50
C ARG D 317 -30.50 -7.50 -30.02
N LYS D 318 -30.41 -8.48 -29.13
CA LYS D 318 -29.92 -8.23 -27.76
C LYS D 318 -28.42 -8.07 -27.83
N VAL D 319 -27.88 -7.31 -26.89
CA VAL D 319 -26.48 -7.41 -26.57
C VAL D 319 -26.36 -7.32 -25.05
N GLU D 320 -25.51 -8.18 -24.49
CA GLU D 320 -25.25 -8.19 -23.06
C GLU D 320 -23.77 -8.35 -22.91
N LEU D 321 -23.20 -7.69 -21.91
CA LEU D 321 -21.77 -7.82 -21.61
C LEU D 321 -21.63 -8.55 -20.30
N PHE D 322 -21.64 -9.87 -20.42
CA PHE D 322 -21.65 -10.80 -19.28
C PHE D 322 -20.42 -10.60 -18.39
N THR D 323 -20.66 -10.13 -17.16
CA THR D 323 -19.63 -9.66 -16.24
C THR D 323 -19.87 -10.31 -14.87
N GLN D 324 -19.84 -11.64 -14.85
CA GLN D 324 -20.20 -12.44 -13.67
C GLN D 324 -19.02 -13.15 -13.05
N GLU D 325 -18.88 -13.00 -11.74
CA GLU D 325 -17.74 -13.52 -10.98
C GLU D 325 -17.66 -15.03 -11.09
N ASP D 326 -16.44 -15.56 -10.98
CA ASP D 326 -16.19 -17.01 -10.99
C ASP D 326 -14.96 -17.30 -10.12
N ASN D 327 -14.27 -18.42 -10.34
CA ASN D 327 -13.13 -18.75 -9.49
C ASN D 327 -12.00 -17.75 -9.65
N LYS D 328 -11.37 -17.75 -10.84
CA LYS D 328 -10.32 -16.80 -11.18
C LYS D 328 -11.06 -15.56 -11.59
N GLY D 329 -11.17 -14.55 -10.75
CA GLY D 329 -11.76 -13.26 -11.17
C GLY D 329 -13.22 -13.09 -11.63
N GLU D 330 -13.40 -12.44 -12.78
CA GLU D 330 -14.73 -12.10 -13.31
C GLU D 330 -14.80 -12.24 -14.84
N SER D 331 -15.87 -12.81 -15.35
CA SER D 331 -16.04 -12.96 -16.81
C SER D 331 -15.99 -11.63 -17.54
N PHE D 332 -15.79 -11.71 -18.85
CA PHE D 332 -15.96 -10.55 -19.73
C PHE D 332 -16.24 -11.08 -21.13
N VAL D 333 -17.53 -11.25 -21.43
CA VAL D 333 -17.96 -11.99 -22.61
C VAL D 333 -19.13 -11.28 -23.27
N PHE D 334 -19.11 -11.20 -24.58
CA PHE D 334 -20.25 -10.65 -25.29
C PHE D 334 -21.25 -11.73 -25.52
N LYS D 335 -22.52 -11.39 -25.39
CA LYS D 335 -23.63 -12.29 -25.65
C LYS D 335 -24.68 -11.60 -26.53
N ILE D 336 -24.56 -11.81 -27.83
CA ILE D 336 -25.56 -11.33 -28.79
C ILE D 336 -26.69 -12.36 -28.84
N ASN D 337 -27.93 -11.89 -28.73
CA ASN D 337 -29.12 -12.79 -28.69
C ASN D 337 -28.97 -14.00 -27.76
N ASN D 338 -28.36 -13.77 -26.61
CA ASN D 338 -28.06 -14.81 -25.63
C ASN D 338 -26.99 -15.84 -25.99
N ILE D 339 -26.50 -15.87 -27.24
CA ILE D 339 -25.35 -16.76 -27.56
C ILE D 339 -24.03 -16.03 -27.29
N PRO D 340 -23.13 -16.65 -26.50
CA PRO D 340 -21.89 -15.98 -26.17
C PRO D 340 -20.89 -16.13 -27.29
N VAL D 341 -20.52 -15.03 -27.96
CA VAL D 341 -19.53 -15.08 -29.06
C VAL D 341 -18.11 -14.71 -28.60
N PHE D 342 -17.14 -15.58 -28.92
CA PHE D 342 -15.72 -15.26 -28.73
C PHE D 342 -15.43 -14.27 -29.82
N ALA D 343 -14.89 -13.11 -29.45
CA ALA D 343 -14.65 -12.03 -30.40
C ALA D 343 -13.32 -12.20 -31.07
N LYS D 344 -13.32 -12.82 -32.24
CA LYS D 344 -12.12 -12.83 -33.10
C LYS D 344 -12.06 -11.45 -33.75
N GLY D 345 -10.92 -10.78 -33.69
CA GLY D 345 -10.87 -9.39 -34.18
C GLY D 345 -9.58 -8.62 -34.36
N ALA D 346 -9.74 -7.29 -34.49
CA ALA D 346 -8.60 -6.39 -34.69
C ALA D 346 -8.96 -4.93 -34.43
N ASN D 347 -7.96 -4.17 -33.99
CA ASN D 347 -8.11 -2.76 -33.71
C ASN D 347 -8.06 -1.95 -35.02
N TRP D 348 -9.06 -1.09 -35.24
CA TRP D 348 -9.18 -0.29 -36.45
C TRP D 348 -8.72 1.16 -36.21
N ILE D 349 -7.96 1.70 -37.16
CA ILE D 349 -7.35 3.02 -37.01
C ILE D 349 -7.50 3.76 -38.33
N PRO D 350 -7.49 5.10 -38.31
CA PRO D 350 -7.88 5.82 -39.53
C PRO D 350 -7.07 5.40 -40.78
N ALA D 351 -7.71 5.26 -41.93
CA ALA D 351 -7.06 4.62 -43.08
C ALA D 351 -6.20 5.53 -43.95
N ASP D 352 -6.12 6.81 -43.57
CA ASP D 352 -5.22 7.76 -44.20
C ASP D 352 -4.92 8.84 -43.17
N SER D 353 -3.77 9.49 -43.29
CA SER D 353 -3.37 10.56 -42.35
C SER D 353 -4.15 11.80 -42.68
N PHE D 354 -4.53 11.92 -43.95
CA PHE D 354 -5.46 12.97 -44.39
C PHE D 354 -6.78 12.30 -44.74
N LEU D 355 -7.77 12.63 -43.94
CA LEU D 355 -8.96 11.82 -43.90
C LEU D 355 -9.81 11.92 -45.17
N PRO D 356 -9.96 13.11 -45.76
CA PRO D 356 -10.87 13.09 -46.91
C PRO D 356 -10.48 12.19 -48.12
N ARG D 357 -9.23 11.73 -48.27
CA ARG D 357 -8.90 10.80 -49.38
C ARG D 357 -9.52 9.41 -49.26
N ILE D 358 -9.71 8.92 -48.05
CA ILE D 358 -10.41 7.62 -47.90
C ILE D 358 -11.78 7.70 -48.60
N LYS D 359 -12.00 6.78 -49.52
CA LYS D 359 -13.19 6.71 -50.36
C LYS D 359 -13.93 5.43 -49.98
N GLU D 360 -15.23 5.34 -50.25
CA GLU D 360 -15.96 4.11 -49.86
C GLU D 360 -15.26 2.87 -50.39
N GLU D 361 -14.75 2.94 -51.60
CA GLU D 361 -13.83 1.92 -52.15
C GLU D 361 -12.89 1.33 -51.08
N ASP D 362 -12.17 2.21 -50.37
CA ASP D 362 -11.12 1.82 -49.41
C ASP D 362 -11.71 1.09 -48.22
N TYR D 363 -12.61 1.74 -47.51
CA TYR D 363 -13.34 1.08 -46.41
C TYR D 363 -13.89 -0.27 -46.82
N ARG D 364 -14.50 -0.33 -48.00
CA ARG D 364 -15.10 -1.57 -48.52
C ARG D 364 -14.07 -2.68 -48.65
N LEU D 365 -12.90 -2.34 -49.16
CA LEU D 365 -11.83 -3.31 -49.39
C LEU D 365 -11.23 -3.84 -48.09
N LEU D 366 -10.96 -2.94 -47.15
CA LEU D 366 -10.40 -3.34 -45.85
C LEU D 366 -11.37 -4.17 -45.01
N LEU D 367 -12.67 -3.87 -45.10
CA LEU D 367 -13.69 -4.55 -44.31
C LEU D 367 -14.11 -5.90 -44.90
N ILE D 368 -14.25 -5.98 -46.23
CA ILE D 368 -14.49 -7.30 -46.84
C ILE D 368 -13.28 -8.18 -46.58
N ARG D 369 -12.07 -7.62 -46.62
CA ARG D 369 -10.87 -8.43 -46.33
C ARG D 369 -10.85 -8.94 -44.90
N ALA D 370 -11.42 -8.14 -44.00
CA ALA D 370 -11.59 -8.58 -42.63
C ALA D 370 -12.60 -9.69 -42.57
N LYS D 371 -13.73 -9.50 -43.24
CA LYS D 371 -14.82 -10.48 -43.21
C LYS D 371 -14.30 -11.85 -43.53
N GLU D 372 -13.60 -11.94 -44.66
CA GLU D 372 -13.18 -13.23 -45.21
C GLU D 372 -11.95 -13.82 -44.52
N ALA D 373 -11.23 -12.99 -43.77
CA ALA D 373 -10.24 -13.47 -42.81
C ALA D 373 -10.92 -14.07 -41.58
N GLY D 374 -12.19 -13.75 -41.38
CA GLY D 374 -13.03 -14.45 -40.39
C GLY D 374 -13.17 -13.69 -39.08
N VAL D 375 -13.49 -12.42 -39.18
CA VAL D 375 -13.34 -11.46 -38.10
C VAL D 375 -14.70 -11.17 -37.51
N ASN D 376 -14.88 -11.46 -36.22
CA ASN D 376 -16.14 -11.12 -35.54
C ASN D 376 -16.24 -9.64 -35.27
N MET D 377 -15.12 -8.98 -34.97
CA MET D 377 -15.16 -7.67 -34.31
C MET D 377 -14.05 -6.72 -34.72
N LEU D 378 -14.37 -5.43 -34.72
CA LEU D 378 -13.38 -4.36 -34.86
C LEU D 378 -13.54 -3.32 -33.77
N ARG D 379 -12.46 -3.03 -33.06
CA ARG D 379 -12.47 -1.95 -32.09
C ARG D 379 -12.04 -0.68 -32.79
N VAL D 380 -12.97 0.24 -32.97
CA VAL D 380 -12.67 1.56 -33.52
C VAL D 380 -11.90 2.32 -32.46
N TRP D 381 -10.59 2.38 -32.64
CA TRP D 381 -9.66 2.81 -31.58
C TRP D 381 -9.82 4.29 -31.29
N GLY D 382 -9.93 4.61 -30.02
CA GLY D 382 -10.30 5.94 -29.58
C GLY D 382 -9.26 7.04 -29.72
N GLY D 383 -8.35 6.90 -30.66
CA GLY D 383 -7.37 7.95 -30.99
C GLY D 383 -7.38 8.40 -32.43
N GLY D 384 -8.05 7.66 -33.30
CA GLY D 384 -8.38 8.15 -34.63
C GLY D 384 -9.63 9.03 -34.65
N ILE D 385 -10.72 8.51 -35.19
CA ILE D 385 -12.01 9.23 -35.29
C ILE D 385 -13.22 8.33 -35.14
N TYR D 386 -14.37 8.95 -34.94
CA TYR D 386 -15.66 8.29 -35.14
C TYR D 386 -15.85 8.18 -36.66
N GLU D 387 -16.07 6.96 -37.16
CA GLU D 387 -15.94 6.71 -38.59
C GLU D 387 -17.05 7.27 -39.49
N ASN D 388 -16.75 7.22 -40.79
CA ASN D 388 -17.71 7.54 -41.80
C ASN D 388 -18.78 6.49 -41.78
N ASP D 389 -19.99 6.92 -42.13
CA ASP D 389 -21.15 6.06 -42.03
C ASP D 389 -20.92 4.77 -42.82
N ILE D 390 -20.23 4.90 -43.96
CA ILE D 390 -19.86 3.72 -44.76
C ILE D 390 -19.17 2.62 -43.94
N PHE D 391 -18.35 2.98 -42.95
CA PHE D 391 -17.69 1.97 -42.15
C PHE D 391 -18.76 1.23 -41.39
N TYR D 392 -19.53 1.96 -40.59
CA TYR D 392 -20.49 1.30 -39.71
C TYR D 392 -21.61 0.59 -40.51
N GLU D 393 -21.95 1.07 -41.71
CA GLU D 393 -22.97 0.37 -42.45
C GLU D 393 -22.47 -0.90 -43.16
N LEU D 394 -21.16 -1.03 -43.32
CA LEU D 394 -20.62 -2.30 -43.85
C LEU D 394 -20.48 -3.27 -42.70
N CYS D 395 -19.90 -2.80 -41.60
CA CYS D 395 -19.87 -3.61 -40.39
C CYS D 395 -21.26 -4.21 -40.09
N ASP D 396 -22.32 -3.41 -40.30
CA ASP D 396 -23.71 -3.86 -40.14
C ASP D 396 -24.08 -5.05 -41.05
N GLU D 397 -23.78 -4.89 -42.33
CA GLU D 397 -24.08 -5.88 -43.38
C GLU D 397 -23.26 -7.14 -43.26
N LEU D 398 -21.98 -6.98 -42.95
CA LEU D 398 -21.04 -8.08 -42.96
C LEU D 398 -20.97 -8.80 -41.63
N GLY D 399 -21.77 -8.36 -40.66
CA GLY D 399 -21.83 -9.04 -39.35
C GLY D 399 -20.62 -8.83 -38.44
N ILE D 400 -19.93 -7.72 -38.65
CA ILE D 400 -18.72 -7.40 -37.92
C ILE D 400 -19.11 -6.46 -36.79
N MET D 401 -19.26 -7.01 -35.58
CA MET D 401 -19.61 -6.20 -34.42
C MET D 401 -18.51 -5.19 -34.20
N VAL D 402 -18.83 -4.00 -33.68
CA VAL D 402 -17.79 -3.02 -33.35
C VAL D 402 -17.82 -2.62 -31.88
N TRP D 403 -16.63 -2.30 -31.40
CA TRP D 403 -16.34 -1.84 -30.05
C TRP D 403 -16.01 -0.38 -30.31
N GLN D 404 -16.95 0.52 -30.05
CA GLN D 404 -16.75 1.96 -30.30
C GLN D 404 -16.13 2.68 -29.11
N ASP D 405 -14.94 3.21 -29.30
CA ASP D 405 -14.29 4.03 -28.26
C ASP D 405 -14.80 5.40 -28.44
N PHE D 406 -14.94 6.11 -27.34
CA PHE D 406 -14.97 7.57 -27.38
C PHE D 406 -13.56 8.06 -27.57
N MET D 407 -13.41 9.12 -28.36
CA MET D 407 -12.12 9.57 -28.80
C MET D 407 -11.28 10.27 -27.69
N PHE D 408 -10.69 9.46 -26.81
CA PHE D 408 -9.68 9.85 -25.80
C PHE D 408 -8.66 8.71 -25.71
N ALA D 409 -7.34 9.01 -25.76
CA ALA D 409 -6.36 7.92 -25.76
C ALA D 409 -4.97 8.22 -25.19
N CYS D 410 -4.57 7.42 -24.20
CA CYS D 410 -3.21 7.41 -23.65
C CYS D 410 -2.71 8.81 -23.24
N ALA D 411 -3.53 9.54 -22.47
CA ALA D 411 -3.13 10.86 -21.92
C ALA D 411 -3.94 11.40 -20.71
N GLU D 412 -3.35 12.38 -20.04
CA GLU D 412 -4.04 13.12 -18.99
C GLU D 412 -4.88 14.20 -19.67
N TYR D 413 -6.22 14.02 -19.72
CA TYR D 413 -7.11 15.04 -20.33
C TYR D 413 -7.52 16.07 -19.31
N PRO D 414 -7.89 17.29 -19.75
CA PRO D 414 -8.47 18.27 -18.81
C PRO D 414 -9.81 17.81 -18.23
N ASP D 415 -10.13 18.27 -17.03
CA ASP D 415 -11.41 17.95 -16.42
C ASP D 415 -12.03 19.13 -15.63
N ASP D 416 -11.95 20.32 -16.21
CA ASP D 416 -12.71 21.49 -15.74
C ASP D 416 -14.11 21.53 -16.40
N GLU D 417 -15.04 22.24 -15.78
CA GLU D 417 -16.42 22.33 -16.29
C GLU D 417 -16.45 22.69 -17.76
N ASN D 418 -15.75 23.77 -18.12
CA ASN D 418 -15.73 24.28 -19.51
C ASN D 418 -15.48 23.16 -20.52
N PHE D 419 -14.51 22.30 -20.20
CA PHE D 419 -14.17 21.14 -21.02
C PHE D 419 -15.20 20.03 -20.97
N LEU D 420 -15.65 19.65 -19.78
CA LEU D 420 -16.64 18.59 -19.61
C LEU D 420 -17.93 18.84 -20.40
N ASN D 421 -18.35 20.10 -20.49
CA ASN D 421 -19.49 20.47 -21.35
C ASN D 421 -19.25 20.21 -22.83
N ASP D 422 -18.10 20.66 -23.34
CA ASP D 422 -17.69 20.35 -24.70
C ASP D 422 -17.75 18.83 -24.96
N VAL D 423 -17.19 18.05 -24.03
CA VAL D 423 -17.15 16.58 -24.12
C VAL D 423 -18.52 15.96 -24.13
N GLN D 424 -19.37 16.42 -23.23
CA GLN D 424 -20.74 15.89 -23.16
C GLN D 424 -21.55 16.26 -24.39
N LYS D 425 -21.31 17.46 -24.90
CA LYS D 425 -21.94 17.92 -26.14
C LYS D 425 -21.59 16.98 -27.29
N GLU D 426 -20.31 16.59 -27.38
CA GLU D 426 -19.86 15.67 -28.47
C GLU D 426 -20.38 14.26 -28.27
N ALA D 427 -20.41 13.79 -27.02
CA ALA D 427 -20.85 12.43 -26.73
C ALA D 427 -22.33 12.25 -27.10
N GLU D 428 -23.15 13.27 -26.81
CA GLU D 428 -24.57 13.31 -27.24
C GLU D 428 -24.70 13.11 -28.75
N PHE D 429 -23.94 13.90 -29.51
CA PHE D 429 -24.04 13.87 -30.96
C PHE D 429 -23.66 12.51 -31.52
N VAL D 430 -22.47 12.09 -31.14
CA VAL D 430 -21.86 10.84 -31.60
C VAL D 430 -22.78 9.67 -31.36
N ILE D 431 -23.26 9.52 -30.14
CA ILE D 431 -24.16 8.44 -29.83
C ILE D 431 -25.41 8.61 -30.67
N LYS D 432 -26.06 9.76 -30.59
CA LYS D 432 -27.30 10.00 -31.38
C LYS D 432 -27.14 9.59 -32.84
N ARG D 433 -25.95 9.77 -33.40
CA ARG D 433 -25.63 9.38 -34.78
C ARG D 433 -25.52 7.85 -34.97
N LEU D 434 -24.61 7.26 -34.24
CA LEU D 434 -24.29 5.84 -34.31
C LEU D 434 -25.27 4.84 -33.65
N ARG D 435 -26.17 5.29 -32.76
CA ARG D 435 -27.13 4.39 -32.05
C ARG D 435 -27.77 3.33 -32.94
N ASN D 436 -28.14 3.71 -34.16
CA ASN D 436 -28.94 2.82 -35.00
C ASN D 436 -28.22 1.59 -35.56
N HIS D 437 -26.89 1.59 -35.50
CA HIS D 437 -26.08 0.59 -36.16
C HIS D 437 -25.99 -0.66 -35.30
N PRO D 438 -26.62 -1.78 -35.73
CA PRO D 438 -26.60 -2.97 -34.89
C PRO D 438 -25.21 -3.57 -34.68
N SER D 439 -24.30 -3.29 -35.60
CA SER D 439 -22.90 -3.66 -35.44
C SER D 439 -22.32 -3.13 -34.15
N ILE D 440 -22.61 -1.86 -33.79
CA ILE D 440 -21.96 -1.26 -32.63
C ILE D 440 -22.43 -1.96 -31.38
N VAL D 441 -21.49 -2.57 -30.67
CA VAL D 441 -21.82 -3.48 -29.59
C VAL D 441 -21.43 -2.95 -28.21
N LEU D 442 -20.56 -1.94 -28.16
CA LEU D 442 -20.13 -1.39 -26.89
C LEU D 442 -19.62 0.05 -27.04
N TRP D 443 -19.82 0.83 -25.98
CA TRP D 443 -19.28 2.17 -25.86
C TRP D 443 -18.13 2.06 -24.86
N CYS D 444 -16.98 2.66 -25.19
CA CYS D 444 -15.81 2.57 -24.36
C CYS D 444 -15.29 3.94 -24.06
N GLY D 445 -14.87 4.16 -22.82
CA GLY D 445 -14.54 5.49 -22.36
C GLY D 445 -13.28 6.05 -22.98
N ASN D 446 -12.23 5.26 -23.01
CA ASN D 446 -10.90 5.74 -23.37
C ASN D 446 -10.02 4.59 -23.77
N ASN D 447 -8.80 4.91 -24.18
CA ASN D 447 -7.81 3.87 -24.41
C ASN D 447 -7.01 3.34 -23.19
N CYS D 448 -5.94 3.92 -22.74
CA CYS D 448 -5.11 3.14 -21.78
C CYS D 448 -5.01 4.02 -20.53
N ASN D 449 -5.96 4.94 -20.30
CA ASN D 449 -5.79 5.94 -19.24
C ASN D 449 -5.88 5.44 -17.81
N HIS D 450 -6.88 4.62 -17.52
CA HIS D 450 -7.00 3.99 -16.19
C HIS D 450 -5.78 3.12 -15.90
N TRP D 451 -5.37 2.32 -16.89
CA TRP D 451 -4.09 1.58 -16.83
C TRP D 451 -2.90 2.53 -16.62
N GLY D 452 -2.84 3.62 -17.38
CA GLY D 452 -1.76 4.60 -17.28
C GLY D 452 -1.56 5.23 -15.90
N TYR D 453 -2.63 5.77 -15.34
CA TYR D 453 -2.63 6.34 -13.97
C TYR D 453 -2.32 5.27 -12.92
N TYR D 454 -2.85 4.06 -13.11
CA TYR D 454 -2.56 2.95 -12.20
C TYR D 454 -1.13 2.46 -12.23
N ALA D 455 -0.58 2.40 -13.45
CA ALA D 455 0.83 2.11 -13.66
C ALA D 455 1.60 3.40 -13.37
N LYS D 456 2.91 3.40 -13.65
CA LYS D 456 3.74 4.54 -13.27
C LYS D 456 3.77 5.67 -14.31
N TRP D 457 3.48 5.40 -15.59
CA TRP D 457 3.65 6.45 -16.61
C TRP D 457 2.63 7.60 -16.35
N TRP D 458 3.12 8.84 -16.47
CA TRP D 458 2.58 10.09 -15.81
C TRP D 458 2.28 9.99 -14.29
N GLY D 459 2.87 9.00 -13.61
CA GLY D 459 2.45 8.55 -12.28
C GLY D 459 2.81 9.46 -11.13
N GLU D 460 2.50 8.97 -9.91
CA GLU D 460 2.61 9.71 -8.62
C GLU D 460 1.92 11.10 -8.66
N ARG D 461 0.75 11.04 -9.29
CA ARG D 461 -0.25 12.10 -9.27
C ARG D 461 -1.44 11.55 -8.51
N GLU D 462 -1.93 12.29 -7.51
CA GLU D 462 -3.16 11.91 -6.81
C GLU D 462 -4.38 12.04 -7.72
N LYS D 463 -4.50 13.17 -8.41
CA LYS D 463 -5.61 13.36 -9.36
C LYS D 463 -5.38 12.54 -10.63
N PHE D 464 -6.22 11.53 -10.86
CA PHE D 464 -6.32 10.89 -12.17
C PHE D 464 -6.99 11.90 -13.11
N TRP D 465 -6.20 12.50 -14.00
CA TRP D 465 -6.58 13.80 -14.65
C TRP D 465 -7.79 13.95 -15.60
N GLY D 466 -8.41 12.85 -16.01
CA GLY D 466 -9.67 12.90 -16.75
C GLY D 466 -10.75 12.03 -16.14
N GLU D 467 -10.54 11.52 -14.92
CA GLU D 467 -11.41 10.47 -14.32
C GLU D 467 -12.90 10.74 -14.46
N GLU D 468 -13.30 11.98 -14.22
CA GLU D 468 -14.69 12.39 -14.24
C GLU D 468 -15.37 12.21 -15.60
N ILE D 469 -14.61 12.38 -16.67
CA ILE D 469 -15.08 12.05 -18.05
C ILE D 469 -15.51 10.56 -18.14
N TYR D 470 -14.59 9.72 -17.71
CA TYR D 470 -14.79 8.28 -17.71
C TYR D 470 -15.82 7.79 -16.66
N SER D 471 -15.87 8.46 -15.49
CA SER D 471 -16.70 8.05 -14.34
C SER D 471 -18.12 8.57 -14.33
N ARG D 472 -18.29 9.87 -14.61
CA ARG D 472 -19.62 10.49 -14.65
C ARG D 472 -20.06 10.82 -16.08
N VAL D 473 -19.30 11.67 -16.77
CA VAL D 473 -19.83 12.40 -17.94
C VAL D 473 -20.42 11.47 -18.96
N LEU D 474 -19.57 10.54 -19.41
CA LEU D 474 -19.86 9.62 -20.52
C LEU D 474 -20.87 8.53 -20.17
N PRO D 475 -20.71 7.85 -19.02
CA PRO D 475 -21.71 6.85 -18.63
C PRO D 475 -23.13 7.40 -18.58
N ASP D 476 -23.25 8.64 -18.12
CA ASP D 476 -24.53 9.28 -17.92
C ASP D 476 -25.19 9.60 -19.27
N VAL D 477 -24.45 10.26 -20.16
CA VAL D 477 -24.91 10.48 -21.55
C VAL D 477 -25.21 9.17 -22.30
N CYS D 478 -24.38 8.14 -22.09
CA CYS D 478 -24.67 6.77 -22.60
C CYS D 478 -25.93 6.14 -22.00
N ALA D 479 -26.06 6.22 -20.68
CA ALA D 479 -27.24 5.70 -19.99
C ALA D 479 -28.48 6.44 -20.39
N ARG D 480 -28.30 7.73 -20.66
CA ARG D 480 -29.42 8.62 -21.00
C ARG D 480 -30.00 8.22 -22.35
N LEU D 481 -29.13 8.04 -23.34
CA LEU D 481 -29.55 7.96 -24.75
C LEU D 481 -29.54 6.58 -25.36
N ASP D 482 -28.95 5.61 -24.68
CA ASP D 482 -28.86 4.26 -25.25
C ASP D 482 -28.84 3.16 -24.19
N LEU D 483 -30.05 2.72 -23.83
CA LEU D 483 -30.22 1.53 -22.97
C LEU D 483 -29.85 0.22 -23.65
N THR D 484 -29.65 0.21 -24.98
CA THR D 484 -29.47 -1.02 -25.70
C THR D 484 -28.06 -1.63 -25.58
N ARG D 485 -27.07 -0.89 -25.08
CA ARG D 485 -25.66 -1.31 -25.12
C ARG D 485 -24.91 -1.03 -23.85
N PRO D 486 -23.94 -1.89 -23.52
CA PRO D 486 -23.16 -1.63 -22.30
C PRO D 486 -22.17 -0.51 -22.52
N TYR D 487 -21.99 0.32 -21.50
CA TYR D 487 -20.88 1.23 -21.48
C TYR D 487 -19.82 0.54 -20.67
N TRP D 488 -18.55 0.82 -20.98
CA TRP D 488 -17.41 0.23 -20.29
C TRP D 488 -16.28 1.27 -20.25
N PRO D 489 -15.82 1.61 -19.04
CA PRO D 489 -15.14 2.87 -18.90
C PRO D 489 -13.72 2.98 -19.42
N SER D 490 -13.06 1.88 -19.80
CA SER D 490 -11.65 1.96 -20.22
C SER D 490 -11.16 0.75 -21.02
N SER D 491 -10.34 1.00 -22.03
CA SER D 491 -9.94 -0.04 -22.98
C SER D 491 -9.13 -1.18 -22.43
N PRO D 492 -8.30 -0.92 -21.40
CA PRO D 492 -8.06 -1.92 -20.37
C PRO D 492 -8.77 -1.46 -19.10
N TYR D 493 -9.70 -2.26 -18.58
CA TYR D 493 -10.31 -2.02 -17.26
C TYR D 493 -10.58 -3.38 -16.55
N GLY D 494 -9.50 -4.06 -16.28
CA GLY D 494 -9.47 -5.32 -15.55
C GLY D 494 -9.27 -5.22 -14.04
N GLY D 495 -10.29 -4.87 -13.27
CA GLY D 495 -10.17 -4.92 -11.81
C GLY D 495 -9.11 -4.06 -11.15
N LYS D 496 -8.48 -4.61 -10.10
CA LYS D 496 -7.63 -3.79 -9.19
C LYS D 496 -6.47 -3.11 -9.93
N ASP D 497 -5.75 -3.87 -10.74
CA ASP D 497 -4.78 -3.34 -11.71
C ASP D 497 -5.49 -3.46 -13.04
N PRO D 498 -5.86 -2.33 -13.67
CA PRO D 498 -6.75 -2.38 -14.84
C PRO D 498 -6.33 -3.31 -15.95
N ASN D 499 -5.08 -3.76 -15.98
CA ASN D 499 -4.66 -4.72 -16.99
C ASN D 499 -4.66 -6.18 -16.51
N SER D 500 -5.47 -6.51 -15.50
CA SER D 500 -5.37 -7.82 -14.85
C SER D 500 -5.95 -8.90 -15.73
N GLN D 501 -5.43 -10.11 -15.54
CA GLN D 501 -5.94 -11.28 -16.27
C GLN D 501 -7.13 -11.92 -15.56
N GLU D 502 -7.36 -11.54 -14.31
CA GLU D 502 -8.49 -12.09 -13.53
C GLU D 502 -9.83 -11.47 -13.94
N VAL D 503 -9.85 -10.14 -14.08
CA VAL D 503 -11.07 -9.37 -14.35
C VAL D 503 -10.93 -8.58 -15.64
N GLY D 504 -12.08 -8.32 -16.25
CA GLY D 504 -12.18 -7.43 -17.40
C GLY D 504 -11.26 -7.79 -18.54
N ASP D 505 -11.06 -6.84 -19.43
CA ASP D 505 -10.17 -7.04 -20.58
C ASP D 505 -8.71 -6.68 -20.30
N ARG D 506 -7.87 -6.97 -21.28
CA ARG D 506 -6.44 -6.91 -21.13
C ARG D 506 -5.73 -6.49 -22.43
N HIS D 507 -4.66 -5.71 -22.25
CA HIS D 507 -3.75 -5.35 -23.31
C HIS D 507 -2.48 -6.10 -23.05
N ASN D 508 -2.10 -7.01 -23.96
CA ASN D 508 -0.82 -7.67 -23.81
C ASN D 508 0.29 -7.06 -24.67
N TRP D 509 1.00 -6.12 -24.07
CA TRP D 509 2.23 -5.58 -24.64
C TRP D 509 3.46 -6.09 -23.94
N GLU D 510 3.30 -7.12 -23.11
CA GLU D 510 4.44 -7.86 -22.61
C GLU D 510 5.25 -8.17 -23.83
N VAL D 511 4.60 -8.79 -24.82
CA VAL D 511 5.29 -9.40 -25.93
C VAL D 511 6.04 -8.43 -26.82
N TRP D 512 5.39 -7.43 -27.40
CA TRP D 512 6.13 -6.53 -28.32
C TRP D 512 6.94 -5.46 -27.56
N HIS D 513 6.27 -4.72 -26.67
CA HIS D 513 6.82 -3.49 -26.12
C HIS D 513 7.78 -3.79 -25.00
N GLY D 514 7.36 -4.61 -24.05
CA GLY D 514 8.32 -5.37 -23.22
C GLY D 514 8.86 -6.27 -24.29
N TRP D 515 10.00 -6.91 -24.11
CA TRP D 515 10.60 -7.63 -25.25
C TRP D 515 10.29 -9.12 -25.30
N ILE D 516 9.73 -9.63 -24.21
CA ILE D 516 9.43 -11.05 -24.01
C ILE D 516 9.06 -11.87 -25.22
N ASP D 517 9.64 -13.08 -25.31
CA ASP D 517 9.42 -13.97 -26.45
C ASP D 517 7.92 -14.22 -26.65
N PHE D 518 7.49 -14.27 -27.91
CA PHE D 518 6.05 -14.28 -28.21
C PHE D 518 5.32 -15.56 -27.76
N ASN D 519 6.07 -16.65 -27.57
CA ASN D 519 5.59 -17.83 -26.83
C ASN D 519 4.96 -17.51 -25.47
N GLY D 520 5.35 -16.40 -24.86
CA GLY D 520 4.79 -15.92 -23.61
C GLY D 520 3.31 -15.62 -23.59
N TYR D 521 2.71 -15.41 -24.76
CA TYR D 521 1.23 -15.28 -24.87
C TYR D 521 0.54 -16.52 -24.27
N LEU D 522 1.23 -17.67 -24.26
CA LEU D 522 0.68 -18.86 -23.65
C LEU D 522 0.42 -18.75 -22.15
N LYS D 523 1.18 -17.89 -21.47
CA LYS D 523 1.07 -17.71 -20.02
C LYS D 523 0.18 -16.55 -19.65
N ASP D 524 -0.55 -16.03 -20.64
CA ASP D 524 -1.52 -14.95 -20.41
C ASP D 524 -2.92 -15.53 -20.52
N ASN D 525 -3.66 -15.46 -19.42
CA ASN D 525 -5.01 -16.05 -19.36
C ASN D 525 -6.07 -14.99 -19.07
N GLY D 526 -5.91 -13.83 -19.71
CA GLY D 526 -6.77 -12.68 -19.46
C GLY D 526 -8.18 -12.91 -19.97
N ARG D 527 -9.17 -12.32 -19.31
CA ARG D 527 -10.55 -12.65 -19.62
C ARG D 527 -10.98 -12.15 -20.99
N PHE D 528 -10.24 -11.20 -21.56
CA PHE D 528 -10.52 -10.73 -22.93
C PHE D 528 -9.35 -9.89 -23.38
N ILE D 529 -8.59 -10.38 -24.37
CA ILE D 529 -7.44 -9.66 -24.91
C ILE D 529 -7.87 -8.69 -26.02
N SER D 530 -8.05 -7.42 -25.63
CA SER D 530 -8.53 -6.36 -26.52
C SER D 530 -7.39 -5.70 -27.30
N GLU D 531 -6.13 -6.05 -26.97
CA GLU D 531 -4.98 -5.48 -27.66
C GLU D 531 -3.76 -6.38 -27.47
N PHE D 532 -2.99 -6.51 -28.54
CA PHE D 532 -1.73 -7.26 -28.61
C PHE D 532 -1.29 -7.22 -30.08
N GLY D 533 0.00 -7.32 -30.34
CA GLY D 533 0.46 -7.32 -31.72
C GLY D 533 1.95 -7.48 -31.87
N MET D 534 2.39 -7.67 -33.12
CA MET D 534 3.83 -7.73 -33.48
C MET D 534 3.99 -6.94 -34.78
N GLN D 535 5.15 -6.30 -34.96
CA GLN D 535 5.39 -5.46 -36.12
C GLN D 535 5.94 -6.33 -37.23
N ALA D 536 5.88 -5.77 -38.43
CA ALA D 536 6.33 -6.44 -39.63
C ALA D 536 6.28 -5.43 -40.78
N PRO D 537 7.35 -5.32 -41.58
CA PRO D 537 7.45 -4.33 -42.64
C PRO D 537 6.55 -4.73 -43.80
N PRO D 538 6.04 -3.76 -44.57
CA PRO D 538 5.12 -4.18 -45.61
C PRO D 538 5.78 -4.96 -46.72
N VAL D 539 4.92 -5.49 -47.57
CA VAL D 539 5.26 -6.03 -48.87
C VAL D 539 6.29 -5.14 -49.65
N ALA D 540 7.19 -5.75 -50.41
CA ALA D 540 8.26 -5.00 -51.14
C ALA D 540 7.72 -3.90 -52.03
N GLU D 541 6.72 -4.25 -52.83
CA GLU D 541 6.00 -3.27 -53.66
C GLU D 541 5.71 -1.98 -52.87
N THR D 542 5.03 -2.12 -51.73
CA THR D 542 4.67 -1.02 -50.85
C THR D 542 5.92 -0.32 -50.36
N ILE D 543 6.87 -1.08 -49.83
CA ILE D 543 8.15 -0.50 -49.38
C ILE D 543 8.69 0.42 -50.46
N ARG D 544 8.80 -0.12 -51.67
CA ARG D 544 9.39 0.59 -52.81
C ARG D 544 8.74 1.93 -53.02
N LYS D 545 7.43 2.04 -52.78
CA LYS D 545 6.71 3.30 -52.98
C LYS D 545 7.16 4.47 -52.07
N PHE D 546 7.81 4.18 -50.92
CA PHE D 546 8.17 5.23 -49.95
C PHE D 546 9.64 5.43 -49.72
N ILE D 547 10.40 4.38 -49.91
CA ILE D 547 11.84 4.49 -49.93
C ILE D 547 12.17 5.32 -51.19
N THR D 548 13.21 6.16 -51.13
CA THR D 548 13.53 7.11 -52.21
C THR D 548 14.68 6.66 -53.09
N SER D 549 15.17 5.44 -52.87
CA SER D 549 16.41 4.99 -53.47
C SER D 549 16.53 3.48 -53.32
N GLU D 550 17.40 2.84 -54.10
CA GLU D 550 17.68 1.42 -53.89
C GLU D 550 18.75 1.23 -52.84
N LYS D 551 19.48 2.29 -52.53
CA LYS D 551 20.51 2.24 -51.48
C LYS D 551 19.95 2.25 -50.09
N GLU D 552 18.67 2.63 -49.94
CA GLU D 552 18.01 2.57 -48.64
C GLU D 552 17.24 1.26 -48.47
N TYR D 553 17.30 0.36 -49.46
CA TYR D 553 16.54 -0.89 -49.44
C TYR D 553 17.31 -1.95 -48.67
N TYR D 554 17.52 -1.68 -47.38
CA TYR D 554 18.13 -2.64 -46.47
C TYR D 554 17.54 -2.44 -45.06
N PRO D 555 17.30 -3.55 -44.31
CA PRO D 555 16.45 -3.54 -43.12
C PRO D 555 16.56 -2.37 -42.13
N GLN D 556 17.78 -1.85 -41.92
CA GLN D 556 18.02 -0.78 -40.96
C GLN D 556 18.52 0.51 -41.62
N SER D 557 17.95 0.84 -42.78
CA SER D 557 18.33 2.07 -43.47
C SER D 557 17.69 3.27 -42.79
N ARG D 558 18.19 4.48 -43.05
CA ARG D 558 17.58 5.70 -42.49
C ARG D 558 16.08 5.74 -42.81
N GLU D 559 15.73 5.47 -44.05
CA GLU D 559 14.33 5.58 -44.47
C GLU D 559 13.46 4.44 -43.93
N MET D 560 14.05 3.28 -43.64
CA MET D 560 13.31 2.17 -43.04
C MET D 560 12.98 2.41 -41.56
N GLU D 561 13.94 2.95 -40.82
CA GLU D 561 13.74 3.26 -39.42
C GLU D 561 12.90 4.54 -39.30
N PHE D 562 13.10 5.48 -40.23
CA PHE D 562 12.28 6.70 -40.22
C PHE D 562 10.83 6.37 -40.46
N HIS D 563 10.57 5.38 -41.30
CA HIS D 563 9.19 4.86 -41.48
C HIS D 563 8.88 3.70 -40.50
N ASN D 564 9.31 3.88 -39.25
CA ASN D 564 8.95 3.00 -38.14
C ASN D 564 8.91 3.85 -36.93
N LYS D 565 7.72 4.40 -36.65
CA LYS D 565 7.53 5.38 -35.57
C LYS D 565 7.50 4.78 -34.15
N ALA D 566 7.75 3.48 -34.01
CA ALA D 566 7.92 2.83 -32.69
C ALA D 566 9.35 3.00 -32.19
N ARG D 567 9.52 3.31 -30.93
CA ARG D 567 10.78 3.85 -30.45
C ARG D 567 11.97 3.05 -30.96
N GLU D 568 11.95 1.74 -30.76
CA GLU D 568 13.10 0.89 -31.15
C GLU D 568 12.59 -0.28 -32.00
N GLY D 569 11.71 0.05 -32.92
CA GLY D 569 10.92 -0.92 -33.67
C GLY D 569 11.75 -1.88 -34.47
N THR D 570 12.69 -1.35 -35.24
CA THR D 570 13.47 -2.19 -36.12
C THR D 570 14.26 -3.20 -35.24
N GLU D 571 15.09 -2.72 -34.34
CA GLU D 571 15.81 -3.63 -33.43
C GLU D 571 14.90 -4.60 -32.62
N ARG D 572 13.61 -4.27 -32.40
CA ARG D 572 12.66 -5.29 -31.86
C ARG D 572 12.37 -6.34 -32.88
N ILE D 573 12.02 -5.90 -34.09
CA ILE D 573 11.76 -6.84 -35.19
C ILE D 573 12.94 -7.81 -35.31
N ILE D 574 14.16 -7.26 -35.33
CA ILE D 574 15.39 -8.02 -35.53
C ILE D 574 15.65 -8.92 -34.34
N ARG D 575 15.20 -8.50 -33.16
CA ARG D 575 15.27 -9.37 -32.00
C ARG D 575 14.35 -10.61 -32.22
N TYR D 576 13.15 -10.39 -32.74
CA TYR D 576 12.15 -11.48 -32.83
C TYR D 576 12.48 -12.50 -33.88
N ILE D 577 12.92 -11.98 -35.01
CA ILE D 577 13.43 -12.78 -36.07
C ILE D 577 14.52 -13.65 -35.49
N ALA D 578 15.35 -13.09 -34.61
CA ALA D 578 16.52 -13.82 -34.08
C ALA D 578 16.18 -14.76 -32.95
N GLY D 579 14.90 -14.86 -32.58
CA GLY D 579 14.41 -15.87 -31.65
C GLY D 579 14.34 -17.21 -32.35
N HIS D 580 13.51 -17.26 -33.38
CA HIS D 580 13.29 -18.48 -34.16
C HIS D 580 14.26 -18.71 -35.37
N PHE D 581 15.00 -17.70 -35.82
CA PHE D 581 15.69 -17.80 -37.13
C PHE D 581 17.16 -17.36 -37.11
N LYS D 582 17.84 -17.67 -38.21
CA LYS D 582 19.16 -17.13 -38.50
C LYS D 582 18.98 -15.68 -38.95
N ILE D 583 19.70 -14.73 -38.35
CA ILE D 583 19.67 -13.35 -38.88
C ILE D 583 20.14 -13.29 -40.34
N THR D 584 19.61 -12.29 -41.05
CA THR D 584 19.97 -12.02 -42.44
C THR D 584 20.31 -10.55 -42.66
N GLU D 585 21.34 -10.27 -43.46
CA GLU D 585 21.59 -8.89 -43.89
C GLU D 585 20.83 -8.56 -45.16
N ASP D 586 20.25 -9.58 -45.81
CA ASP D 586 19.47 -9.38 -47.06
C ASP D 586 18.08 -8.78 -46.84
N MET D 587 17.81 -7.66 -47.50
CA MET D 587 16.51 -6.98 -47.36
C MET D 587 15.31 -7.88 -47.66
N ASN D 588 15.40 -8.64 -48.74
CA ASN D 588 14.27 -9.47 -49.14
C ASN D 588 14.04 -10.66 -48.22
N GLU D 589 15.12 -11.18 -47.64
CA GLU D 589 14.99 -12.30 -46.72
C GLU D 589 14.24 -11.75 -45.53
N TYR D 590 14.89 -10.80 -44.86
CA TYR D 590 14.35 -10.10 -43.70
C TYR D 590 12.84 -9.90 -43.81
N ILE D 591 12.36 -9.38 -44.93
CA ILE D 591 10.91 -9.17 -45.12
C ILE D 591 10.08 -10.47 -44.97
N TYR D 592 10.49 -11.53 -45.65
CA TYR D 592 9.79 -12.84 -45.58
C TYR D 592 9.83 -13.41 -44.13
N LEU D 593 11.04 -13.51 -43.59
CA LEU D 593 11.25 -13.95 -42.22
C LEU D 593 10.51 -13.14 -41.13
N SER D 594 10.54 -11.82 -41.24
CA SER D 594 9.99 -10.96 -40.18
C SER D 594 8.48 -11.00 -40.24
N GLN D 595 7.96 -11.14 -41.47
CA GLN D 595 6.54 -11.16 -41.67
C GLN D 595 5.94 -12.47 -41.24
N ILE D 596 6.73 -13.57 -41.29
CA ILE D 596 6.18 -14.84 -40.83
C ILE D 596 6.22 -14.84 -39.31
N ILE D 597 7.33 -14.35 -38.72
CA ILE D 597 7.38 -14.11 -37.27
C ILE D 597 6.06 -13.44 -36.82
N GLN D 598 5.66 -12.37 -37.50
CA GLN D 598 4.40 -11.69 -37.18
C GLN D 598 3.24 -12.68 -37.15
N GLY D 599 3.14 -13.49 -38.19
CA GLY D 599 2.15 -14.56 -38.23
C GLY D 599 2.20 -15.50 -37.02
N LEU D 600 3.41 -15.94 -36.66
CA LEU D 600 3.59 -16.87 -35.58
C LEU D 600 3.25 -16.24 -34.21
N ALA D 601 3.62 -14.97 -34.00
CA ALA D 601 3.28 -14.26 -32.77
C ALA D 601 1.77 -14.20 -32.65
N LEU D 602 1.14 -13.66 -33.68
CA LEU D 602 -0.32 -13.58 -33.73
C LEU D 602 -1.00 -14.94 -33.62
N LYS D 603 -0.58 -15.88 -34.47
CA LYS D 603 -1.09 -17.26 -34.42
C LYS D 603 -1.04 -17.80 -32.98
N THR D 604 0.15 -17.79 -32.40
CA THR D 604 0.41 -18.56 -31.19
C THR D 604 -0.33 -17.97 -30.00
N GLY D 605 -0.64 -16.66 -30.11
CA GLY D 605 -1.50 -15.95 -29.18
C GLY D 605 -2.94 -16.30 -29.48
N ILE D 606 -3.41 -15.94 -30.66
CA ILE D 606 -4.79 -16.15 -31.01
C ILE D 606 -5.20 -17.57 -30.65
N GLU D 607 -4.38 -18.55 -31.03
CA GLU D 607 -4.76 -19.95 -30.79
C GLU D 607 -4.96 -20.20 -29.31
N HIS D 608 -4.01 -19.74 -28.51
CA HIS D 608 -4.08 -19.96 -27.08
C HIS D 608 -5.34 -19.30 -26.45
N TRP D 609 -5.64 -18.07 -26.82
CA TRP D 609 -6.78 -17.39 -26.19
C TRP D 609 -8.06 -18.16 -26.49
N ARG D 610 -8.22 -18.60 -27.73
CA ARG D 610 -9.35 -19.45 -28.17
C ARG D 610 -9.43 -20.78 -27.42
N ASN D 611 -8.27 -21.35 -27.07
CA ASN D 611 -8.23 -22.61 -26.37
C ASN D 611 -8.84 -22.51 -24.99
N ASN D 612 -8.76 -21.32 -24.41
CA ASN D 612 -9.51 -20.97 -23.23
C ASN D 612 -10.73 -20.32 -23.89
N LYS D 613 -11.87 -20.91 -23.96
CA LYS D 613 -12.85 -20.34 -24.87
C LYS D 613 -13.67 -19.27 -24.28
N PHE D 614 -14.37 -19.53 -23.17
CA PHE D 614 -15.00 -18.44 -22.42
C PHE D 614 -14.34 -17.95 -21.12
N HIS D 615 -13.24 -18.60 -20.73
CA HIS D 615 -12.41 -18.04 -19.68
C HIS D 615 -11.79 -16.79 -20.25
N THR D 616 -11.35 -16.88 -21.52
CA THR D 616 -10.81 -15.75 -22.28
C THR D 616 -11.69 -15.64 -23.52
N SER D 617 -12.58 -14.68 -23.57
CA SER D 617 -13.65 -14.71 -24.57
C SER D 617 -13.47 -13.63 -25.63
N GLY D 618 -12.23 -13.50 -26.10
CA GLY D 618 -11.91 -12.40 -27.03
C GLY D 618 -10.43 -12.22 -27.31
N SER D 619 -10.10 -12.03 -28.58
CA SER D 619 -8.74 -11.64 -29.00
C SER D 619 -8.85 -10.56 -30.05
N LEU D 620 -8.37 -9.36 -29.75
CA LEU D 620 -8.35 -8.28 -30.73
C LEU D 620 -6.92 -7.90 -31.05
N ILE D 621 -6.51 -8.28 -32.25
CA ILE D 621 -5.20 -7.94 -32.84
C ILE D 621 -4.93 -6.44 -32.77
N TRP D 622 -3.70 -6.01 -32.48
CA TRP D 622 -3.47 -4.57 -32.35
C TRP D 622 -3.44 -3.83 -33.67
N GLN D 623 -3.17 -4.43 -34.82
CA GLN D 623 -3.39 -3.53 -35.92
C GLN D 623 -3.94 -4.11 -37.20
N TRP D 624 -5.15 -3.68 -37.52
CA TRP D 624 -5.74 -4.12 -38.78
C TRP D 624 -5.14 -3.37 -39.94
N ASN D 625 -5.14 -2.05 -39.88
CA ASN D 625 -4.70 -1.21 -41.02
C ASN D 625 -3.67 -0.16 -40.67
N ASP D 626 -3.16 0.50 -41.71
CA ASP D 626 -2.23 1.62 -41.56
C ASP D 626 -2.86 2.91 -42.11
N CYS D 627 -2.40 4.04 -41.61
CA CYS D 627 -2.78 5.35 -42.15
C CYS D 627 -1.74 5.97 -43.10
N TRP D 628 -0.66 5.23 -43.36
CA TRP D 628 0.39 5.61 -44.34
C TRP D 628 1.44 4.49 -44.49
N PRO D 629 2.31 4.59 -45.49
CA PRO D 629 3.18 3.49 -45.74
C PRO D 629 4.22 3.35 -44.64
N VAL D 630 4.02 2.39 -43.74
CA VAL D 630 4.87 2.32 -42.59
C VAL D 630 5.06 0.89 -42.08
N VAL D 631 6.20 0.71 -41.42
CA VAL D 631 6.62 -0.53 -40.79
C VAL D 631 5.99 -0.50 -39.41
N SER D 632 5.08 -1.43 -39.17
CA SER D 632 4.16 -1.36 -38.05
C SER D 632 3.39 -2.66 -37.89
N TRP D 633 2.52 -2.67 -36.89
CA TRP D 633 1.76 -3.85 -36.48
C TRP D 633 0.71 -4.30 -37.51
N SER D 634 0.29 -3.38 -38.39
CA SER D 634 -0.80 -3.62 -39.36
C SER D 634 -0.74 -4.97 -40.03
N ILE D 635 -1.90 -5.61 -40.20
CA ILE D 635 -1.95 -6.83 -41.05
C ILE D 635 -2.35 -6.55 -42.50
N ILE D 636 -2.71 -5.31 -42.83
CA ILE D 636 -2.92 -4.85 -44.21
C ILE D 636 -2.34 -3.42 -44.38
N ASP D 637 -1.37 -3.24 -45.28
CA ASP D 637 -0.62 -1.93 -45.36
C ASP D 637 -1.43 -0.76 -45.94
N TYR D 638 -0.86 0.45 -45.89
CA TYR D 638 -1.57 1.67 -46.29
C TYR D 638 -2.19 1.57 -47.67
N TYR D 639 -1.40 1.03 -48.59
CA TYR D 639 -1.86 0.75 -49.96
C TYR D 639 -2.65 -0.56 -50.11
N LYS D 640 -3.15 -1.10 -49.00
CA LYS D 640 -4.15 -2.19 -48.99
C LYS D 640 -3.61 -3.54 -49.50
N LYS D 641 -2.30 -3.69 -49.41
CA LYS D 641 -1.64 -4.90 -49.80
C LYS D 641 -1.42 -5.77 -48.56
N LEU D 642 -2.11 -6.90 -48.51
CA LEU D 642 -2.01 -7.91 -47.44
C LEU D 642 -0.59 -8.27 -47.03
N LYS D 643 -0.27 -8.08 -45.75
CA LYS D 643 0.94 -8.68 -45.19
C LYS D 643 0.69 -10.18 -45.19
N PRO D 644 1.76 -10.98 -45.05
CA PRO D 644 1.55 -12.44 -45.07
C PRO D 644 0.79 -12.86 -43.83
N SER D 645 1.06 -12.18 -42.73
CA SER D 645 0.34 -12.46 -41.49
C SER D 645 -1.18 -12.52 -41.63
N TYR D 646 -1.75 -11.84 -42.63
CA TYR D 646 -3.18 -11.91 -42.87
C TYR D 646 -3.62 -13.34 -43.03
N TYR D 647 -2.83 -14.12 -43.76
CA TYR D 647 -3.22 -15.51 -44.01
C TYR D 647 -3.08 -16.33 -42.73
N PHE D 648 -2.11 -15.98 -41.89
CA PHE D 648 -1.98 -16.63 -40.57
C PHE D 648 -3.19 -16.33 -39.71
N VAL D 649 -3.65 -15.10 -39.78
CA VAL D 649 -4.79 -14.63 -38.98
C VAL D 649 -6.08 -15.29 -39.44
N LYS D 650 -6.25 -15.43 -40.75
CA LYS D 650 -7.34 -16.24 -41.30
C LYS D 650 -7.31 -17.66 -40.74
N ARG D 651 -6.14 -18.26 -40.80
CA ARG D 651 -5.91 -19.60 -40.26
C ARG D 651 -6.19 -19.68 -38.77
N ALA D 652 -5.70 -18.69 -38.04
CA ALA D 652 -5.91 -18.66 -36.60
C ALA D 652 -7.36 -18.44 -36.24
N PHE D 653 -8.16 -17.91 -37.17
CA PHE D 653 -9.58 -17.68 -36.94
C PHE D 653 -10.52 -18.74 -37.48
N ARG D 654 -10.03 -19.67 -38.30
CA ARG D 654 -10.85 -20.78 -38.84
C ARG D 654 -11.93 -21.18 -37.82
N ASP D 655 -13.19 -21.00 -38.24
CA ASP D 655 -14.36 -21.19 -37.36
C ASP D 655 -14.27 -22.49 -36.56
N ILE D 656 -13.83 -23.57 -37.20
CA ILE D 656 -13.50 -24.84 -36.51
C ILE D 656 -12.02 -25.09 -36.64
N LYS D 657 -11.40 -25.43 -35.52
CA LYS D 657 -9.95 -25.45 -35.45
C LYS D 657 -9.34 -26.41 -34.43
N VAL D 658 -8.17 -26.95 -34.77
CA VAL D 658 -7.31 -27.73 -33.81
C VAL D 658 -5.98 -27.04 -33.52
N ASN D 659 -5.68 -26.90 -32.23
CA ASN D 659 -4.46 -26.24 -31.80
C ASN D 659 -3.66 -27.19 -30.91
N ILE D 660 -2.37 -26.91 -30.82
CA ILE D 660 -1.45 -27.67 -30.00
C ILE D 660 -1.01 -26.68 -28.91
N GLU D 661 -0.55 -27.19 -27.77
CA GLU D 661 -0.20 -26.33 -26.65
C GLU D 661 0.62 -27.13 -25.66
N PRO D 662 1.89 -26.75 -25.41
CA PRO D 662 2.69 -27.55 -24.50
C PRO D 662 2.23 -27.48 -23.07
N ARG D 663 2.67 -28.47 -22.30
CA ARG D 663 2.50 -28.61 -20.86
C ARG D 663 3.78 -29.32 -20.40
N ASN D 664 4.21 -29.14 -19.15
CA ASN D 664 5.52 -29.70 -18.75
C ASN D 664 5.71 -31.16 -19.17
N GLY D 665 6.49 -31.36 -20.24
CA GLY D 665 6.82 -32.68 -20.76
C GLY D 665 5.80 -33.37 -21.68
N LYS D 666 4.61 -32.78 -21.86
CA LYS D 666 3.52 -33.36 -22.65
C LYS D 666 2.91 -32.33 -23.59
N LEU D 667 2.64 -32.71 -24.84
CA LEU D 667 1.81 -31.86 -25.73
C LEU D 667 0.32 -32.17 -25.57
N LEU D 668 -0.49 -31.18 -25.93
CA LEU D 668 -1.88 -31.14 -25.50
C LEU D 668 -2.76 -30.46 -26.57
N VAL D 669 -3.29 -31.25 -27.50
CA VAL D 669 -4.11 -30.69 -28.61
C VAL D 669 -5.50 -30.23 -28.15
N PHE D 670 -6.09 -29.33 -28.93
CA PHE D 670 -7.36 -28.67 -28.56
C PHE D 670 -8.31 -28.63 -29.73
N GLY D 671 -9.58 -28.39 -29.42
CA GLY D 671 -10.64 -28.34 -30.46
C GLY D 671 -11.61 -27.22 -30.21
N VAL D 672 -11.87 -26.40 -31.22
CA VAL D 672 -12.59 -25.15 -31.00
C VAL D 672 -13.69 -24.94 -32.04
N ASN D 673 -14.92 -24.79 -31.59
CA ASN D 673 -16.07 -24.44 -32.44
C ASN D 673 -16.50 -22.98 -32.26
N ASP D 674 -16.46 -22.17 -33.31
CA ASP D 674 -17.03 -20.82 -33.29
C ASP D 674 -18.31 -20.84 -34.11
N THR D 675 -19.11 -21.87 -33.83
CA THR D 675 -20.22 -22.28 -34.68
C THR D 675 -21.34 -22.78 -33.78
N LEU D 676 -22.57 -22.64 -34.24
CA LEU D 676 -23.75 -22.98 -33.43
C LEU D 676 -24.18 -24.45 -33.50
N GLU D 677 -23.29 -25.32 -34.00
CA GLU D 677 -23.63 -26.72 -34.21
C GLU D 677 -22.43 -27.63 -34.00
N LYS D 678 -22.69 -28.76 -33.31
CA LYS D 678 -21.64 -29.66 -32.83
C LYS D 678 -20.99 -30.22 -34.04
N PHE D 679 -19.73 -30.57 -33.89
CA PHE D 679 -18.96 -31.04 -35.02
C PHE D 679 -18.43 -32.42 -34.69
N TYR D 680 -18.62 -33.32 -35.65
CA TYR D 680 -18.03 -34.64 -35.64
C TYR D 680 -17.01 -34.64 -36.76
N GLY D 681 -15.87 -35.26 -36.50
CA GLY D 681 -14.78 -35.35 -37.49
C GLY D 681 -13.54 -36.03 -36.96
N LYS D 682 -12.72 -36.54 -37.88
CA LYS D 682 -11.53 -37.34 -37.52
C LYS D 682 -10.34 -36.44 -37.35
N ILE D 683 -9.53 -36.74 -36.34
CA ILE D 683 -8.23 -36.11 -36.12
C ILE D 683 -7.11 -37.08 -36.31
N GLU D 684 -5.96 -36.60 -36.77
CA GLU D 684 -4.75 -37.40 -36.80
C GLU D 684 -3.78 -36.68 -35.93
N TYR D 685 -3.16 -37.37 -34.98
CA TYR D 685 -1.89 -36.86 -34.49
C TYR D 685 -0.74 -37.56 -35.24
N ALA D 686 0.49 -37.23 -34.89
CA ALA D 686 1.70 -37.82 -35.47
C ALA D 686 2.92 -37.24 -34.76
N ILE D 687 4.11 -37.70 -35.14
CA ILE D 687 5.36 -37.03 -34.75
C ILE D 687 6.46 -37.43 -35.72
N SER D 688 6.26 -36.97 -36.95
CA SER D 688 7.09 -37.40 -38.10
C SER D 688 8.46 -36.71 -38.11
N THR D 689 9.41 -37.27 -38.86
CA THR D 689 10.61 -36.53 -39.25
C THR D 689 10.24 -35.67 -40.44
N PHE D 690 11.16 -34.79 -40.83
CA PHE D 690 10.91 -33.90 -41.97
C PHE D 690 10.80 -34.66 -43.27
N ARG D 691 11.40 -35.86 -43.31
CA ARG D 691 11.16 -36.84 -44.38
C ARG D 691 10.01 -37.82 -44.00
N GLY D 692 10.09 -38.52 -42.87
CA GLY D 692 8.91 -39.38 -42.47
C GLY D 692 8.95 -40.29 -41.22
N LYS D 693 7.89 -40.32 -40.38
CA LYS D 693 7.93 -41.16 -39.11
C LYS D 693 6.53 -41.57 -38.58
N ARG D 694 6.57 -42.34 -37.52
CA ARG D 694 5.74 -43.51 -37.34
C ARG D 694 5.23 -43.62 -35.95
N ARG D 695 5.51 -42.64 -35.10
CA ARG D 695 5.59 -42.93 -33.72
C ARG D 695 4.34 -42.50 -32.98
N GLY D 696 3.33 -41.99 -33.69
CA GLY D 696 2.03 -41.65 -33.13
C GLY D 696 0.83 -42.32 -33.77
N LYS D 697 -0.34 -41.95 -33.23
CA LYS D 697 -1.67 -42.53 -33.55
C LYS D 697 -2.71 -41.66 -34.31
N LYS D 698 -2.93 -42.04 -35.57
CA LYS D 698 -4.17 -41.71 -36.31
C LYS D 698 -5.34 -42.09 -35.42
N GLU D 699 -6.32 -41.20 -35.30
CA GLU D 699 -7.45 -41.39 -34.39
C GLU D 699 -8.73 -41.59 -35.16
N VAL D 700 -9.71 -42.21 -34.52
CA VAL D 700 -11.05 -42.48 -35.09
C VAL D 700 -11.84 -41.11 -34.97
N ASP D 701 -13.17 -41.13 -35.07
CA ASP D 701 -14.02 -39.94 -34.85
C ASP D 701 -13.71 -39.20 -33.54
N ILE D 702 -13.67 -37.87 -33.58
CA ILE D 702 -13.83 -37.06 -32.35
C ILE D 702 -14.92 -36.00 -32.55
N GLU D 703 -15.57 -35.66 -31.44
CA GLU D 703 -16.62 -34.62 -31.40
C GLU D 703 -16.02 -33.34 -30.80
N ILE D 704 -16.35 -32.18 -31.38
CA ILE D 704 -16.15 -30.87 -30.75
C ILE D 704 -17.55 -30.30 -30.58
N PRO D 705 -18.00 -30.09 -29.32
CA PRO D 705 -19.37 -29.55 -29.07
C PRO D 705 -19.57 -28.13 -29.58
N ALA D 706 -20.83 -27.73 -29.77
CA ALA D 706 -21.15 -26.45 -30.41
C ALA D 706 -20.71 -25.29 -29.54
N ASN D 707 -20.16 -24.26 -30.17
CA ASN D 707 -19.65 -23.07 -29.52
C ASN D 707 -18.88 -23.30 -28.22
N SER D 708 -17.71 -23.93 -28.35
CA SER D 708 -16.89 -24.30 -27.18
C SER D 708 -15.50 -24.76 -27.56
N SER D 709 -14.56 -24.62 -26.64
CA SER D 709 -13.25 -25.28 -26.73
C SER D 709 -13.30 -26.56 -25.91
N VAL D 710 -12.72 -27.61 -26.45
CA VAL D 710 -12.62 -28.88 -25.77
C VAL D 710 -11.20 -29.41 -25.95
N ILE D 711 -10.68 -30.00 -24.89
CA ILE D 711 -9.40 -30.71 -24.94
C ILE D 711 -9.65 -32.05 -25.68
N LEU D 712 -8.91 -32.28 -26.76
CA LEU D 712 -9.14 -33.44 -27.65
C LEU D 712 -8.14 -34.57 -27.45
N GLY D 713 -6.90 -34.24 -27.12
CA GLY D 713 -5.86 -35.24 -26.97
C GLY D 713 -4.68 -34.74 -26.15
N GLU D 714 -3.99 -35.72 -25.57
CA GLU D 714 -2.71 -35.53 -24.90
C GLU D 714 -1.70 -36.33 -25.74
N PHE D 715 -0.41 -36.07 -25.58
CA PHE D 715 0.60 -36.88 -26.29
C PHE D 715 1.98 -36.70 -25.67
N ASN D 716 2.39 -37.67 -24.85
CA ASN D 716 3.66 -37.56 -24.13
C ASN D 716 4.88 -37.62 -25.04
N LEU D 717 5.89 -36.81 -24.73
CA LEU D 717 7.13 -36.73 -25.51
C LEU D 717 8.42 -36.73 -24.66
N GLU D 718 8.62 -37.75 -23.82
CA GLU D 718 9.81 -37.78 -22.97
C GLU D 718 11.08 -38.26 -23.70
N ASP D 719 11.00 -38.61 -24.99
CA ASP D 719 12.21 -38.78 -25.81
C ASP D 719 11.97 -38.41 -27.29
N VAL D 720 11.98 -37.11 -27.54
CA VAL D 720 11.83 -36.54 -28.90
C VAL D 720 13.12 -36.00 -29.44
N ASP D 721 13.39 -36.26 -30.71
CA ASP D 721 14.55 -35.67 -31.38
C ASP D 721 14.14 -34.27 -31.86
N LYS D 722 14.44 -33.28 -31.02
CA LYS D 722 13.98 -31.89 -31.20
C LYS D 722 14.40 -31.27 -32.54
N PHE D 723 15.54 -31.71 -33.07
CA PHE D 723 16.11 -31.17 -34.30
C PHE D 723 15.88 -31.97 -35.57
N LYS D 724 15.34 -33.17 -35.45
CA LYS D 724 14.93 -33.98 -36.63
C LYS D 724 13.41 -34.21 -36.76
N GLU D 725 12.65 -33.99 -35.68
CA GLU D 725 11.21 -34.32 -35.62
C GLU D 725 10.31 -33.12 -35.30
N PHE D 726 9.04 -33.29 -35.65
CA PHE D 726 8.01 -32.29 -35.35
C PHE D 726 6.64 -32.94 -35.19
N PHE D 727 5.95 -32.63 -34.08
CA PHE D 727 4.59 -33.14 -33.83
C PHE D 727 3.58 -32.39 -34.71
N TYR D 728 2.55 -33.09 -35.20
CA TYR D 728 1.53 -32.42 -36.01
C TYR D 728 0.15 -32.96 -35.80
N VAL D 729 -0.83 -32.22 -36.30
CA VAL D 729 -2.23 -32.59 -36.20
C VAL D 729 -2.97 -32.17 -37.45
N GLN D 730 -3.87 -33.02 -37.90
CA GLN D 730 -4.75 -32.67 -38.99
C GLN D 730 -6.16 -32.94 -38.58
N LEU D 731 -7.07 -32.08 -39.01
CA LEU D 731 -8.49 -32.19 -38.73
C LEU D 731 -9.24 -32.46 -40.01
N TYR D 732 -10.06 -33.51 -39.99
CA TYR D 732 -10.92 -33.87 -41.13
C TYR D 732 -12.42 -33.76 -40.78
N ASN D 733 -13.17 -33.13 -41.70
CA ASN D 733 -14.61 -32.95 -41.67
C ASN D 733 -15.22 -34.10 -42.38
N GLU D 734 -15.63 -35.16 -41.69
CA GLU D 734 -16.43 -36.19 -42.35
C GLU D 734 -15.73 -36.83 -43.67
N LYS D 735 -14.39 -36.93 -43.58
CA LYS D 735 -13.36 -37.21 -44.65
C LYS D 735 -12.67 -36.07 -45.44
N ASP D 736 -13.05 -34.82 -45.20
CA ASP D 736 -12.44 -33.68 -45.87
C ASP D 736 -11.10 -33.21 -45.29
N GLU D 737 -10.24 -32.78 -46.21
CA GLU D 737 -8.78 -32.70 -46.01
C GLU D 737 -8.25 -31.55 -45.19
N LEU D 738 -8.74 -30.37 -45.53
CA LEU D 738 -8.09 -29.16 -45.13
C LEU D 738 -8.71 -28.61 -43.85
N ILE D 739 -9.63 -29.24 -43.07
CA ILE D 739 -10.54 -28.18 -42.64
C ILE D 739 -9.63 -27.39 -41.70
N ASP D 740 -8.76 -28.09 -40.95
CA ASP D 740 -7.58 -27.46 -40.36
C ASP D 740 -6.45 -28.45 -40.04
N GLN D 741 -5.22 -27.95 -39.97
CA GLN D 741 -4.07 -28.70 -39.51
C GLN D 741 -3.22 -27.81 -38.62
N ASN D 742 -2.25 -28.41 -37.95
CA ASN D 742 -1.37 -27.66 -37.10
C ASN D 742 -0.15 -28.45 -36.73
N GLU D 743 0.88 -27.74 -36.32
CA GLU D 743 2.17 -28.34 -36.11
C GLU D 743 2.86 -27.72 -34.92
N TYR D 744 3.81 -28.46 -34.38
CA TYR D 744 4.66 -28.01 -33.29
C TYR D 744 6.11 -28.33 -33.60
N PHE D 745 7.02 -27.51 -33.10
CA PHE D 745 8.45 -27.74 -33.27
C PHE D 745 9.06 -27.57 -31.91
N PHE D 746 10.19 -28.23 -31.66
CA PHE D 746 10.75 -28.28 -30.30
C PHE D 746 12.06 -27.52 -30.14
N ALA D 747 12.40 -26.75 -31.16
CA ALA D 747 13.67 -26.02 -31.22
C ALA D 747 13.49 -24.92 -32.28
N PRO D 748 14.27 -23.83 -32.20
CA PRO D 748 14.09 -22.75 -33.19
C PRO D 748 14.47 -23.18 -34.61
N PHE D 749 13.63 -22.83 -35.59
CA PHE D 749 13.79 -23.24 -36.98
C PHE D 749 15.25 -23.33 -37.42
N ARG D 750 16.01 -22.25 -37.21
CA ARG D 750 17.43 -22.19 -37.58
C ARG D 750 18.27 -23.39 -37.18
N HIS D 751 17.94 -24.09 -36.09
CA HIS D 751 18.69 -25.31 -35.73
C HIS D 751 18.08 -26.64 -36.21
N LEU D 752 17.00 -26.62 -36.98
CA LEU D 752 16.34 -27.87 -37.37
C LEU D 752 17.00 -28.46 -38.56
N GLU D 753 17.59 -29.65 -38.41
CA GLU D 753 18.19 -30.39 -39.55
C GLU D 753 17.08 -30.69 -40.55
N LEU D 754 16.71 -29.66 -41.31
CA LEU D 754 15.49 -29.62 -42.11
C LEU D 754 15.91 -29.63 -43.58
N PRO D 755 15.65 -30.73 -44.29
CA PRO D 755 16.13 -30.77 -45.68
C PRO D 755 15.33 -29.80 -46.54
N ASN D 756 16.00 -29.17 -47.49
CA ASN D 756 15.31 -28.42 -48.54
C ASN D 756 14.37 -29.33 -49.28
N ALA D 757 13.11 -28.93 -49.36
CA ALA D 757 12.06 -29.74 -50.02
C ALA D 757 11.98 -29.44 -51.50
N VAL D 758 11.15 -30.22 -52.19
CA VAL D 758 10.83 -29.98 -53.60
C VAL D 758 9.32 -30.18 -53.74
N VAL D 759 8.64 -29.20 -54.31
CA VAL D 759 7.18 -29.13 -54.28
C VAL D 759 6.65 -29.30 -55.69
N VAL D 760 5.47 -29.88 -55.80
CA VAL D 760 4.95 -30.32 -57.09
C VAL D 760 3.48 -29.93 -57.26
N TYR D 761 3.31 -28.81 -57.93
CA TYR D 761 2.03 -28.12 -57.97
C TYR D 761 1.44 -28.16 -59.37
N SER D 762 0.10 -28.11 -59.44
CA SER D 762 -0.62 -27.97 -60.70
C SER D 762 -1.96 -27.30 -60.48
N VAL D 763 -2.49 -26.70 -61.54
CA VAL D 763 -3.53 -25.66 -61.45
C VAL D 763 -4.75 -26.04 -62.27
N LYS D 764 -5.83 -26.42 -61.58
CA LYS D 764 -7.12 -26.58 -62.23
C LYS D 764 -7.89 -25.24 -62.37
N GLU D 765 -9.03 -25.29 -63.05
CA GLU D 765 -9.92 -24.13 -63.20
C GLU D 765 -11.32 -24.56 -62.71
N ILE D 766 -11.87 -23.89 -61.73
CA ILE D 766 -13.23 -24.25 -61.26
C ILE D 766 -14.35 -23.56 -62.11
N GLU D 767 -14.22 -22.25 -62.30
CA GLU D 767 -15.19 -21.40 -62.99
C GLU D 767 -14.39 -20.31 -63.70
N GLU D 768 -15.03 -19.48 -64.50
CA GLU D 768 -14.31 -18.72 -65.53
C GLU D 768 -13.05 -18.01 -64.97
N ASN D 769 -13.17 -17.31 -63.86
CA ASN D 769 -11.98 -16.78 -63.20
C ASN D 769 -11.52 -17.47 -61.91
N SER D 770 -12.32 -18.36 -61.33
CA SER D 770 -11.88 -19.14 -60.17
C SER D 770 -10.92 -20.25 -60.55
N TYR D 771 -9.94 -20.51 -59.67
CA TYR D 771 -8.92 -21.53 -59.89
C TYR D 771 -8.78 -22.36 -58.65
N LEU D 772 -8.05 -23.47 -58.80
CA LEU D 772 -7.88 -24.46 -57.74
C LEU D 772 -6.44 -24.93 -57.83
N LEU D 773 -5.68 -24.76 -56.76
CA LEU D 773 -4.26 -25.02 -56.80
C LEU D 773 -3.97 -26.30 -56.04
N ASN D 774 -3.28 -27.23 -56.68
CA ASN D 774 -2.93 -28.53 -56.10
C ASN D 774 -1.45 -28.59 -55.76
N ILE D 775 -1.11 -29.01 -54.55
CA ILE D 775 0.28 -29.09 -54.08
C ILE D 775 0.55 -30.42 -53.41
N GLU D 776 1.73 -30.96 -53.67
CA GLU D 776 2.31 -32.00 -52.83
C GLU D 776 3.80 -31.72 -52.67
N SER D 777 4.39 -32.23 -51.59
CA SER D 777 5.80 -32.05 -51.31
C SER D 777 6.44 -33.31 -50.75
N ASP D 778 7.70 -33.53 -51.09
CA ASP D 778 8.46 -34.68 -50.56
C ASP D 778 8.71 -34.54 -49.07
N PHE D 779 9.62 -33.64 -48.68
CA PHE D 779 9.93 -33.40 -47.28
C PHE D 779 9.01 -32.25 -46.80
N LEU D 780 9.06 -31.93 -45.50
CA LEU D 780 8.33 -30.78 -44.95
C LEU D 780 8.81 -29.46 -45.57
N ALA D 781 7.97 -28.88 -46.40
CA ALA D 781 8.17 -27.53 -46.91
C ALA D 781 7.43 -26.58 -46.00
N LEU D 782 8.01 -25.42 -45.71
CA LEU D 782 7.42 -24.44 -44.79
C LEU D 782 7.19 -23.05 -45.38
N TRP D 783 5.97 -22.55 -45.16
CA TRP D 783 5.59 -21.20 -45.51
C TRP D 783 5.79 -20.94 -47.01
N VAL D 784 5.22 -21.81 -47.85
CA VAL D 784 5.35 -21.62 -49.30
C VAL D 784 4.52 -20.38 -49.60
N SER D 785 4.97 -19.61 -50.60
CA SER D 785 4.53 -18.24 -50.81
C SER D 785 4.00 -18.11 -52.21
N LEU D 786 2.69 -18.27 -52.34
CA LEU D 786 2.04 -18.24 -53.64
C LEU D 786 1.91 -16.81 -54.19
N LYS D 787 2.82 -16.45 -55.11
CA LYS D 787 2.84 -15.12 -55.72
C LYS D 787 2.15 -14.99 -57.09
N LEU D 788 1.13 -14.12 -57.20
CA LEU D 788 0.39 -13.88 -58.45
C LEU D 788 -0.30 -12.51 -58.45
N GLU D 789 0.03 -11.68 -59.43
CA GLU D 789 -0.16 -10.22 -59.36
C GLU D 789 -1.50 -9.68 -58.82
N ASN D 790 -2.62 -10.36 -59.03
CA ASN D 790 -3.89 -9.85 -58.50
C ASN D 790 -4.81 -10.90 -57.90
N ALA D 791 -4.21 -11.92 -57.31
CA ALA D 791 -5.00 -13.07 -56.88
C ALA D 791 -5.70 -12.80 -55.56
N GLU D 792 -6.77 -13.55 -55.32
CA GLU D 792 -7.52 -13.46 -54.06
C GLU D 792 -7.46 -14.85 -53.43
N TRP D 793 -6.29 -15.14 -52.85
CA TRP D 793 -6.01 -16.45 -52.28
C TRP D 793 -6.91 -16.77 -51.11
N GLU D 794 -7.44 -18.01 -51.09
CA GLU D 794 -8.27 -18.51 -50.01
C GLU D 794 -7.34 -18.90 -48.89
N ASP D 795 -6.09 -19.23 -49.22
CA ASP D 795 -5.04 -19.47 -48.20
C ASP D 795 -3.63 -19.32 -48.82
N ASN D 796 -2.60 -19.09 -48.02
CA ASN D 796 -1.18 -19.24 -48.46
C ASN D 796 -0.20 -18.95 -47.33
N PHE D 797 1.08 -18.76 -47.68
CA PHE D 797 2.17 -18.82 -46.69
C PHE D 797 1.93 -20.06 -45.89
N VAL D 798 1.84 -21.19 -46.60
CA VAL D 798 1.32 -22.44 -46.05
C VAL D 798 2.41 -23.52 -45.78
N ASN D 799 2.21 -24.31 -44.71
CA ASN D 799 3.04 -25.50 -44.46
C ASN D 799 2.46 -26.68 -45.21
N ILE D 800 3.34 -27.47 -45.84
CA ILE D 800 2.97 -28.67 -46.59
C ILE D 800 3.67 -29.85 -45.98
N TYR D 801 2.90 -30.81 -45.49
CA TYR D 801 3.49 -32.00 -44.92
C TYR D 801 3.81 -33.05 -45.99
N PRO D 802 4.81 -33.93 -45.72
CA PRO D 802 5.05 -35.14 -46.49
C PRO D 802 3.77 -35.98 -46.51
N LYS D 803 3.51 -36.74 -47.57
CA LYS D 803 2.35 -37.66 -47.69
C LYS D 803 0.94 -37.04 -47.65
N THR D 804 0.84 -35.71 -47.71
CA THR D 804 -0.43 -35.03 -47.95
C THR D 804 -0.40 -34.20 -49.22
N LYS D 805 -1.51 -34.26 -49.96
CA LYS D 805 -1.76 -33.43 -51.12
C LYS D 805 -2.82 -32.39 -50.78
N TYR D 806 -2.52 -31.13 -51.13
CA TYR D 806 -3.34 -29.99 -50.73
C TYR D 806 -4.05 -29.39 -51.91
N SER D 807 -5.35 -29.15 -51.79
CA SER D 807 -6.12 -28.44 -52.78
C SER D 807 -6.58 -27.13 -52.13
N ILE D 808 -5.78 -26.08 -52.27
CA ILE D 808 -6.13 -24.76 -51.70
C ILE D 808 -6.51 -23.77 -52.79
N ARG D 809 -7.78 -23.37 -52.79
CA ARG D 809 -8.38 -22.68 -53.92
C ARG D 809 -8.06 -21.18 -53.92
N PHE D 810 -8.12 -20.57 -55.09
CA PHE D 810 -7.91 -19.12 -55.21
C PHE D 810 -8.76 -18.53 -56.33
N LYS D 811 -8.53 -17.27 -56.66
CA LYS D 811 -9.01 -16.70 -57.93
C LYS D 811 -8.13 -15.54 -58.39
N ALA D 812 -8.28 -15.19 -59.67
CA ALA D 812 -7.46 -14.15 -60.36
C ALA D 812 -8.01 -13.60 -61.71
N PRO D 813 -7.68 -12.35 -62.11
CA PRO D 813 -8.14 -11.80 -63.40
C PRO D 813 -7.48 -12.31 -64.68
N TYR D 814 -6.67 -13.37 -64.61
CA TYR D 814 -6.07 -13.93 -65.82
C TYR D 814 -6.65 -15.29 -66.19
N THR D 815 -6.39 -15.71 -67.43
CA THR D 815 -6.81 -17.02 -67.94
C THR D 815 -5.94 -18.16 -67.40
N LEU D 816 -6.45 -19.39 -67.48
CA LEU D 816 -5.78 -20.55 -66.84
C LEU D 816 -4.37 -20.78 -67.32
N LYS D 817 -4.22 -20.78 -68.63
CA LYS D 817 -2.90 -20.87 -69.25
C LYS D 817 -2.02 -19.69 -68.88
N GLU D 818 -2.63 -18.53 -68.67
CA GLU D 818 -1.93 -17.31 -68.31
C GLU D 818 -1.62 -17.24 -66.82
N VAL D 819 -2.37 -17.96 -65.96
CA VAL D 819 -1.98 -18.03 -64.52
C VAL D 819 -0.74 -18.90 -64.41
N GLU D 820 -0.77 -20.09 -65.02
CA GLU D 820 0.29 -21.09 -64.75
C GLU D 820 1.65 -20.66 -65.32
N SER D 821 1.67 -19.68 -66.23
CA SER D 821 2.92 -19.01 -66.65
C SER D 821 3.10 -17.54 -66.21
N LYS D 822 2.56 -17.20 -65.03
CA LYS D 822 3.03 -16.07 -64.20
C LYS D 822 3.29 -16.46 -62.74
N LEU D 823 2.39 -17.26 -62.19
CA LEU D 823 2.52 -17.78 -60.84
C LEU D 823 3.89 -18.29 -60.42
N LYS D 824 4.59 -17.53 -59.57
CA LYS D 824 5.83 -18.00 -58.90
C LYS D 824 5.48 -18.65 -57.56
N LEU D 825 6.47 -19.23 -56.89
CA LEU D 825 6.36 -19.48 -55.47
C LEU D 825 7.70 -19.74 -54.75
N GLU D 826 7.75 -19.35 -53.47
CA GLU D 826 8.97 -19.40 -52.66
C GLU D 826 8.65 -19.97 -51.29
N GLY D 827 9.68 -20.39 -50.55
CA GLY D 827 9.51 -20.87 -49.17
C GLY D 827 10.81 -20.92 -48.40
N TYR D 828 10.73 -21.22 -47.09
CA TYR D 828 11.92 -21.32 -46.24
C TYR D 828 12.94 -22.34 -46.79
N ASN D 829 12.48 -23.31 -47.59
CA ASN D 829 13.31 -24.44 -48.02
C ASN D 829 12.84 -25.13 -49.34
N LEU D 830 13.36 -24.70 -50.51
CA LEU D 830 12.75 -25.00 -51.84
C LEU D 830 13.59 -25.56 -53.05
N LYS D 831 12.96 -26.46 -53.83
CA LYS D 831 13.03 -26.48 -55.33
C LYS D 831 11.66 -26.82 -55.97
N LYS D 832 11.19 -26.14 -57.04
CA LYS D 832 9.73 -26.25 -57.45
C LYS D 832 9.58 -26.88 -58.85
N VAL D 833 8.45 -27.56 -59.10
CA VAL D 833 8.23 -28.37 -60.34
C VAL D 833 6.77 -28.34 -60.86
N ILE D 834 6.62 -28.46 -62.18
CA ILE D 834 5.43 -27.99 -62.95
C ILE D 834 5.29 -26.50 -62.65
C1 BMA E . 2.53 4.18 26.73
C2 BMA E . 3.11 4.07 28.17
C3 BMA E . 2.60 5.23 29.13
C4 BMA E . 1.11 5.65 28.88
C5 BMA E . 0.41 4.62 28.01
C6 BMA E . -1.09 4.85 27.88
O2 BMA E . 4.58 4.03 28.11
O3 BMA E . 3.48 6.39 29.04
O4 BMA E . 0.42 5.75 30.13
O5 BMA E . 1.10 4.55 26.70
O6 BMA E . -1.40 5.43 26.59
C1 BMA F . -23.72 4.82 11.80
C2 BMA F . -24.81 5.98 11.80
C3 BMA F . -25.61 6.07 13.15
C4 BMA F . -24.84 5.41 14.35
C5 BMA F . -23.32 5.65 14.19
C6 BMA F . -22.53 5.69 15.52
O2 BMA F . -25.67 5.87 10.62
O3 BMA F . -26.91 5.49 13.03
O4 BMA F . -25.25 5.94 15.58
O5 BMA F . -22.86 4.76 13.08
O6 BMA F . -21.45 4.74 15.48
C1 BMA G . 21.62 -10.82 -11.50
C2 BMA G . 23.09 -10.83 -10.96
C3 BMA G . 23.94 -11.99 -11.54
C4 BMA G . 23.38 -12.45 -12.91
C5 BMA G . 22.82 -11.22 -13.65
C6 BMA G . 22.46 -11.48 -15.08
O2 BMA G . 23.11 -10.82 -9.53
O3 BMA G . 24.10 -13.11 -10.60
O4 BMA G . 24.41 -13.07 -13.65
O5 BMA G . 21.59 -10.78 -12.99
O6 BMA G . 21.32 -10.61 -15.24
C1 BMA H . -0.60 1.40 -27.02
C2 BMA H . -1.26 1.15 -28.39
C3 BMA H . -0.26 1.42 -29.59
C4 BMA H . 1.12 0.68 -29.44
C5 BMA H . 1.49 0.36 -27.98
C6 BMA H . 3.02 0.22 -27.87
O2 BMA H . -2.48 1.94 -28.52
O3 BMA H . -0.03 2.83 -29.80
O4 BMA H . 1.07 -0.54 -30.18
O5 BMA H . 0.89 1.37 -27.09
O6 BMA H . 3.38 0.05 -26.48
#